data_2GW6
#
_entry.id   2GW6
#
_cell.length_a   1.000
_cell.length_b   1.000
_cell.length_c   1.000
_cell.angle_alpha   90.00
_cell.angle_beta   90.00
_cell.angle_gamma   90.00
#
_symmetry.space_group_name_H-M   'P 1'
#
_entity_poly.entity_id   1
_entity_poly.type   'polypeptide(L)'
_entity_poly.pdbx_seq_one_letter_code
;SEDAWMGTHPKYLEMMELDIGDATQVYVAFLVYLDLMESKSWHEVNCVGLPELQLICLVGTEIEGEGLQTVVPTPITASL
SHNRIREILKASRKLQGDPDLPMSFTLAIVESDSTIVYYKLTD
;
_entity_poly.pdbx_strand_id   A,B
#
# COMPACT_ATOMS: atom_id res chain seq x y z
N SER A 1 15.30 27.80 20.86
CA SER A 1 15.32 26.45 20.39
C SER A 1 16.73 25.90 20.47
N GLU A 2 16.87 24.59 20.51
CA GLU A 2 18.18 23.94 20.58
C GLU A 2 18.19 22.71 19.69
N ASP A 3 17.24 22.61 18.83
CA ASP A 3 17.07 21.42 18.04
C ASP A 3 16.46 21.75 16.69
N ALA A 4 16.70 22.97 16.27
CA ALA A 4 16.14 23.52 15.05
C ALA A 4 17.25 23.89 14.11
N TRP A 5 18.41 23.36 14.40
CA TRP A 5 19.58 23.59 13.60
C TRP A 5 19.38 22.92 12.24
N MET A 6 18.85 21.72 12.30
CA MET A 6 18.66 20.90 11.11
C MET A 6 17.17 20.78 10.87
N GLY A 7 16.46 20.42 11.93
CA GLY A 7 15.04 20.32 11.89
C GLY A 7 14.41 21.34 12.81
N THR A 8 13.69 20.86 13.83
CA THR A 8 13.06 21.72 14.83
C THR A 8 12.20 20.92 15.84
N HIS A 9 12.19 19.63 15.68
CA HIS A 9 11.62 18.76 16.68
C HIS A 9 12.71 17.83 17.15
N PRO A 10 12.97 17.75 18.48
CA PRO A 10 14.03 16.92 19.05
C PRO A 10 13.93 15.46 18.59
N LYS A 11 12.72 14.92 18.66
CA LYS A 11 12.47 13.54 18.25
C LYS A 11 12.78 13.36 16.75
N TYR A 12 12.46 14.38 15.97
CA TYR A 12 12.76 14.38 14.55
C TYR A 12 14.27 14.50 14.32
N LEU A 13 14.90 15.43 15.03
CA LEU A 13 16.35 15.60 14.99
C LEU A 13 17.05 14.26 15.34
N GLU A 14 16.60 13.62 16.44
CA GLU A 14 17.10 12.28 16.86
C GLU A 14 17.09 11.32 15.69
N MET A 15 16.01 11.34 14.97
CA MET A 15 15.82 10.44 13.85
C MET A 15 16.74 10.73 12.66
N MET A 16 17.01 12.00 12.36
CA MET A 16 17.87 12.30 11.20
C MET A 16 19.35 12.08 11.46
N GLU A 17 19.74 12.00 12.72
CA GLU A 17 21.15 11.75 13.07
C GLU A 17 21.60 10.32 12.67
N LEU A 18 20.65 9.53 12.19
CA LEU A 18 20.95 8.20 11.65
C LEU A 18 21.94 8.30 10.48
N ASP A 19 22.78 7.30 10.37
CA ASP A 19 23.94 7.26 9.46
C ASP A 19 23.57 7.04 8.00
N ILE A 20 22.38 7.32 7.60
CA ILE A 20 22.04 6.96 6.26
C ILE A 20 21.99 8.15 5.37
N GLY A 21 21.23 9.13 5.73
CA GLY A 21 21.19 10.34 4.94
C GLY A 21 19.95 10.40 4.06
N ASP A 22 18.79 10.15 4.63
CA ASP A 22 17.56 10.19 3.83
C ASP A 22 16.45 11.02 4.47
N ALA A 23 16.07 12.09 3.79
CA ALA A 23 15.04 13.02 4.25
C ALA A 23 13.62 12.42 4.15
N THR A 24 13.44 11.45 3.27
CA THR A 24 12.14 10.83 3.09
C THR A 24 11.82 9.94 4.28
N GLN A 25 12.83 9.19 4.72
CA GLN A 25 12.72 8.31 5.86
C GLN A 25 12.39 9.09 7.09
N VAL A 26 13.14 10.15 7.34
CA VAL A 26 12.94 10.92 8.54
C VAL A 26 11.58 11.57 8.62
N TYR A 27 11.05 12.01 7.49
CA TYR A 27 9.76 12.61 7.47
C TYR A 27 8.68 11.57 7.73
N VAL A 28 8.65 10.55 6.91
CA VAL A 28 7.62 9.53 6.99
C VAL A 28 7.68 8.74 8.29
N ALA A 29 8.89 8.41 8.72
CA ALA A 29 9.06 7.67 9.95
C ALA A 29 8.63 8.48 11.16
N PHE A 30 8.84 9.81 11.10
CA PHE A 30 8.44 10.69 12.18
C PHE A 30 6.92 10.64 12.36
N LEU A 31 6.19 10.74 11.25
CA LEU A 31 4.73 10.67 11.32
C LEU A 31 4.23 9.36 11.91
N VAL A 32 4.80 8.24 11.48
CA VAL A 32 4.35 6.97 12.01
C VAL A 32 4.82 6.77 13.46
N TYR A 33 6.04 7.24 13.76
CA TYR A 33 6.60 7.23 15.12
C TYR A 33 5.61 7.90 16.11
N LEU A 34 5.13 9.07 15.74
CA LEU A 34 4.13 9.76 16.55
C LEU A 34 2.81 9.00 16.64
N ASP A 35 2.48 8.23 15.61
CA ASP A 35 1.23 7.46 15.68
C ASP A 35 1.41 6.30 16.63
N LEU A 36 2.48 5.55 16.42
CA LEU A 36 2.81 4.41 17.26
C LEU A 36 2.86 4.77 18.72
N MET A 37 3.53 5.84 19.02
CA MET A 37 3.67 6.28 20.40
C MET A 37 2.37 6.81 21.00
N GLU A 38 1.76 7.74 20.32
CA GLU A 38 0.65 8.49 20.87
C GLU A 38 -0.69 7.85 20.62
N SER A 39 -0.80 7.07 19.61
CA SER A 39 -2.05 6.49 19.27
C SER A 39 -2.06 4.98 19.50
N LYS A 40 -1.14 4.26 18.84
CA LYS A 40 -1.15 2.81 18.91
C LYS A 40 -0.56 2.29 20.23
N SER A 41 0.20 3.16 20.93
CA SER A 41 0.89 2.80 22.20
C SER A 41 1.81 1.54 22.10
N TRP A 42 3.11 1.74 22.06
CA TRP A 42 4.06 0.63 22.14
C TRP A 42 4.88 0.76 23.39
N HIS A 43 5.53 -0.32 23.76
CA HIS A 43 6.43 -0.31 24.89
C HIS A 43 7.82 0.20 24.49
N GLU A 44 8.18 0.00 23.27
CA GLU A 44 9.52 0.33 22.82
C GLU A 44 9.47 0.53 21.33
N VAL A 45 9.96 1.66 20.88
CA VAL A 45 9.96 1.98 19.48
C VAL A 45 11.36 2.38 19.12
N ASN A 46 11.97 1.69 18.19
CA ASN A 46 13.34 2.00 17.86
C ASN A 46 13.40 2.33 16.42
N CYS A 47 14.37 3.05 16.05
CA CYS A 47 14.54 3.45 14.71
C CYS A 47 15.88 2.91 14.30
N VAL A 48 15.90 2.05 13.31
CA VAL A 48 17.11 1.37 12.95
C VAL A 48 17.41 1.60 11.50
N GLY A 49 18.63 1.95 11.22
CA GLY A 49 19.03 2.20 9.88
C GLY A 49 19.83 1.05 9.30
N LEU A 50 19.37 0.57 8.17
CA LEU A 50 20.05 -0.45 7.42
C LEU A 50 20.62 0.14 6.15
N PRO A 51 21.87 0.65 6.21
CA PRO A 51 22.51 1.32 5.09
C PRO A 51 22.80 0.37 3.96
N GLU A 52 22.89 -0.91 4.30
CA GLU A 52 23.19 -1.96 3.34
C GLU A 52 22.05 -2.06 2.34
N LEU A 53 20.86 -2.03 2.88
CA LEU A 53 19.69 -2.18 2.07
C LEU A 53 19.08 -0.83 1.68
N GLN A 54 19.54 0.23 2.35
CA GLN A 54 19.12 1.63 2.07
C GLN A 54 17.67 1.87 2.64
N LEU A 55 17.32 1.10 3.65
CA LEU A 55 16.04 1.31 4.35
C LEU A 55 16.30 1.67 5.80
N ILE A 56 15.40 2.40 6.35
CA ILE A 56 15.36 2.68 7.77
C ILE A 56 14.03 2.14 8.24
N CYS A 57 13.94 1.64 9.43
CA CYS A 57 12.74 1.01 9.87
C CYS A 57 12.59 1.11 11.37
N LEU A 58 11.38 1.05 11.83
CA LEU A 58 11.10 1.06 13.25
C LEU A 58 10.79 -0.31 13.72
N VAL A 59 11.58 -0.79 14.64
CA VAL A 59 11.43 -2.09 15.19
C VAL A 59 11.52 -1.94 16.67
N GLY A 60 10.62 -2.52 17.38
CA GLY A 60 10.71 -2.50 18.80
C GLY A 60 9.81 -3.51 19.40
N THR A 61 9.41 -3.29 20.61
CA THR A 61 8.53 -4.18 21.24
C THR A 61 7.19 -3.53 21.41
N GLU A 62 6.20 -4.07 20.75
CA GLU A 62 4.87 -3.59 20.90
C GLU A 62 4.45 -3.88 22.33
N ILE A 63 4.90 -5.03 22.79
CA ILE A 63 4.75 -5.52 24.13
C ILE A 63 6.09 -6.14 24.48
N GLU A 64 6.75 -5.67 25.53
CA GLU A 64 7.99 -6.31 25.86
C GLU A 64 7.70 -7.66 26.52
N GLY A 65 8.09 -8.66 25.83
CA GLY A 65 7.91 -10.02 26.23
C GLY A 65 7.83 -10.80 24.96
N GLU A 66 7.26 -10.13 23.96
CA GLU A 66 7.29 -10.58 22.60
C GLU A 66 8.60 -10.06 22.01
N GLY A 67 8.67 -9.98 20.72
CA GLY A 67 9.85 -9.51 20.08
C GLY A 67 9.67 -9.51 18.61
N LEU A 68 8.44 -9.25 18.18
CA LEU A 68 8.09 -9.32 16.78
C LEU A 68 7.22 -8.15 16.42
N GLN A 69 7.84 -7.11 15.95
CA GLN A 69 7.12 -5.95 15.50
C GLN A 69 8.05 -5.17 14.59
N THR A 70 7.70 -5.04 13.35
CA THR A 70 8.45 -4.26 12.44
C THR A 70 7.54 -3.42 11.56
N VAL A 71 7.75 -2.14 11.61
CA VAL A 71 6.99 -1.22 10.84
C VAL A 71 7.93 -0.43 9.93
N VAL A 72 7.57 -0.30 8.66
CA VAL A 72 8.40 0.42 7.74
C VAL A 72 7.62 1.61 7.19
N PRO A 73 8.26 2.77 7.08
CA PRO A 73 7.62 3.95 6.57
C PRO A 73 7.43 3.89 5.05
N THR A 74 6.23 4.06 4.61
CA THR A 74 5.94 4.02 3.21
C THR A 74 4.91 5.13 2.86
N PRO A 75 5.34 6.18 2.13
CA PRO A 75 4.46 7.25 1.75
C PRO A 75 3.41 6.75 0.78
N ILE A 76 2.28 7.38 0.77
CA ILE A 76 1.15 6.99 -0.05
C ILE A 76 1.54 6.99 -1.57
N THR A 77 2.61 7.68 -1.94
CA THR A 77 3.03 7.76 -3.34
C THR A 77 4.29 6.86 -3.59
N ALA A 78 4.60 6.01 -2.62
CA ALA A 78 5.73 5.08 -2.77
C ALA A 78 5.26 3.87 -3.48
N SER A 79 6.16 3.19 -4.11
CA SER A 79 5.82 2.01 -4.79
C SER A 79 6.37 0.80 -4.04
N LEU A 80 5.51 -0.06 -3.64
CA LEU A 80 5.92 -1.26 -2.94
C LEU A 80 6.07 -2.35 -3.94
N SER A 81 7.18 -2.94 -4.00
CA SER A 81 7.41 -4.00 -4.93
C SER A 81 7.59 -5.29 -4.18
N HIS A 82 7.23 -6.44 -4.78
CA HIS A 82 7.46 -7.71 -4.10
C HIS A 82 8.95 -7.93 -3.91
N ASN A 83 9.72 -7.29 -4.77
CA ASN A 83 11.15 -7.32 -4.69
C ASN A 83 11.59 -6.65 -3.38
N ARG A 84 11.03 -5.46 -3.11
CA ARG A 84 11.38 -4.71 -1.92
C ARG A 84 11.00 -5.47 -0.67
N ILE A 85 9.83 -6.08 -0.66
CA ILE A 85 9.34 -6.74 0.54
C ILE A 85 10.20 -7.94 0.91
N ARG A 86 10.70 -8.69 -0.08
CA ARG A 86 11.58 -9.79 0.25
C ARG A 86 12.90 -9.26 0.81
N GLU A 87 13.28 -8.06 0.38
CA GLU A 87 14.44 -7.40 0.93
C GLU A 87 14.15 -6.93 2.36
N ILE A 88 12.93 -6.43 2.59
CA ILE A 88 12.53 -5.98 3.91
C ILE A 88 12.50 -7.17 4.88
N LEU A 89 11.93 -8.30 4.42
CA LEU A 89 11.96 -9.55 5.18
C LEU A 89 13.39 -9.89 5.56
N LYS A 90 14.30 -9.81 4.60
CA LYS A 90 15.71 -10.12 4.82
C LYS A 90 16.32 -9.18 5.88
N ALA A 91 15.95 -7.91 5.77
CA ALA A 91 16.39 -6.88 6.69
C ALA A 91 15.97 -7.19 8.12
N SER A 92 14.69 -7.46 8.30
CA SER A 92 14.13 -7.74 9.61
C SER A 92 14.64 -9.06 10.16
N ARG A 93 14.72 -10.05 9.30
CA ARG A 93 15.19 -11.37 9.69
C ARG A 93 16.64 -11.35 10.18
N LYS A 94 17.51 -10.53 9.56
CA LYS A 94 18.91 -10.46 10.00
C LYS A 94 18.99 -9.61 11.29
N LEU A 95 18.05 -8.70 11.44
CA LEU A 95 17.94 -7.77 12.57
C LEU A 95 17.57 -8.56 13.83
N GLN A 96 16.67 -9.50 13.67
CA GLN A 96 16.22 -10.32 14.78
C GLN A 96 17.02 -11.62 14.86
N GLY A 97 17.98 -11.71 13.97
CA GLY A 97 18.93 -12.82 13.93
C GLY A 97 18.36 -14.19 13.67
N ASP A 98 17.42 -14.28 12.76
CA ASP A 98 16.91 -15.58 12.34
C ASP A 98 16.81 -15.64 10.83
N PRO A 99 17.54 -16.55 10.19
CA PRO A 99 17.58 -16.67 8.76
C PRO A 99 16.46 -17.51 8.09
N ASP A 100 15.55 -18.14 8.84
CA ASP A 100 14.55 -18.98 8.14
C ASP A 100 13.11 -18.85 8.65
N LEU A 101 12.89 -18.09 9.68
CA LEU A 101 11.55 -17.92 10.21
C LEU A 101 10.71 -17.08 9.25
N PRO A 102 9.53 -17.59 8.81
CA PRO A 102 8.65 -16.85 7.95
C PRO A 102 7.94 -15.78 8.77
N MET A 103 8.28 -14.57 8.53
CA MET A 103 7.78 -13.49 9.31
C MET A 103 7.03 -12.47 8.43
N SER A 104 6.54 -11.45 9.04
CA SER A 104 5.75 -10.47 8.38
C SER A 104 6.06 -9.10 8.93
N PHE A 105 5.57 -8.07 8.30
CA PHE A 105 5.81 -6.72 8.73
C PHE A 105 4.66 -5.85 8.32
N THR A 106 4.48 -4.81 9.02
CA THR A 106 3.47 -3.89 8.70
C THR A 106 4.01 -2.77 7.80
N LEU A 107 3.18 -2.32 6.89
CA LEU A 107 3.44 -1.17 6.05
C LEU A 107 2.74 0.02 6.64
N ALA A 108 3.46 1.07 6.83
CA ALA A 108 2.88 2.27 7.35
C ALA A 108 2.73 3.24 6.23
N ILE A 109 1.52 3.31 5.74
CA ILE A 109 1.18 4.12 4.60
C ILE A 109 0.80 5.50 5.06
N VAL A 110 1.49 6.49 4.60
CA VAL A 110 1.18 7.83 5.02
C VAL A 110 0.69 8.70 3.87
N GLU A 111 -0.55 9.10 3.97
CA GLU A 111 -1.22 9.95 3.01
C GLU A 111 -0.67 11.38 3.17
N SER A 112 -0.84 12.24 2.16
CA SER A 112 -0.32 13.59 2.21
C SER A 112 -1.16 14.43 3.19
N ASP A 113 -2.31 13.90 3.59
CA ASP A 113 -3.18 14.52 4.57
C ASP A 113 -2.81 14.03 5.98
N SER A 114 -1.60 13.44 6.07
CA SER A 114 -1.00 12.96 7.32
C SER A 114 -1.80 11.77 7.89
N THR A 115 -2.40 11.01 7.00
CA THR A 115 -3.17 9.87 7.39
C THR A 115 -2.32 8.60 7.32
N ILE A 116 -2.01 8.03 8.48
CA ILE A 116 -1.22 6.81 8.53
C ILE A 116 -2.14 5.61 8.49
N VAL A 117 -1.96 4.77 7.50
CA VAL A 117 -2.77 3.59 7.32
C VAL A 117 -1.86 2.37 7.42
N TYR A 118 -2.07 1.59 8.45
CA TYR A 118 -1.28 0.40 8.66
C TYR A 118 -1.80 -0.76 7.85
N TYR A 119 -0.98 -1.23 6.94
CA TYR A 119 -1.34 -2.32 6.08
C TYR A 119 -0.42 -3.49 6.38
N LYS A 120 -0.98 -4.57 6.85
CA LYS A 120 -0.23 -5.66 7.30
C LYS A 120 0.05 -6.65 6.16
N LEU A 121 1.31 -6.82 5.87
CA LEU A 121 1.76 -7.66 4.78
C LEU A 121 2.41 -8.91 5.32
N THR A 122 2.14 -10.05 4.70
CA THR A 122 2.70 -11.26 5.19
C THR A 122 3.54 -11.92 4.10
N ASP A 123 4.54 -12.71 4.48
CA ASP A 123 5.39 -13.40 3.51
C ASP A 123 4.58 -14.44 2.75
N SER B 1 -25.96 5.08 1.11
CA SER B 1 -25.21 3.85 0.95
C SER B 1 -26.17 2.65 0.97
N GLU B 2 -27.46 2.97 0.83
CA GLU B 2 -28.51 1.98 0.86
C GLU B 2 -28.48 1.06 -0.35
N ASP B 3 -28.03 1.57 -1.46
CA ASP B 3 -27.84 0.74 -2.61
C ASP B 3 -26.46 0.79 -3.12
N ALA B 4 -25.80 -0.22 -2.82
CA ALA B 4 -24.51 -0.54 -3.32
C ALA B 4 -24.44 -2.03 -3.28
N TRP B 5 -25.64 -2.63 -3.34
CA TRP B 5 -25.79 -4.06 -3.12
C TRP B 5 -26.72 -4.64 -4.18
N MET B 6 -27.77 -3.91 -4.52
CA MET B 6 -28.81 -4.44 -5.39
C MET B 6 -28.53 -4.13 -6.84
N GLY B 7 -28.27 -2.88 -7.16
CA GLY B 7 -28.06 -2.54 -8.56
C GLY B 7 -28.92 -1.40 -9.03
N THR B 8 -29.16 -0.45 -8.15
CA THR B 8 -30.02 0.64 -8.46
C THR B 8 -29.24 1.75 -9.17
N HIS B 9 -27.99 1.89 -8.83
CA HIS B 9 -27.15 2.86 -9.51
C HIS B 9 -26.77 2.30 -10.86
N PRO B 10 -27.05 3.04 -11.97
CA PRO B 10 -26.78 2.56 -13.33
C PRO B 10 -25.32 2.15 -13.52
N LYS B 11 -24.42 2.98 -13.02
CA LYS B 11 -22.99 2.69 -13.12
C LYS B 11 -22.62 1.43 -12.34
N TYR B 12 -23.26 1.26 -11.20
CA TYR B 12 -23.09 0.08 -10.38
C TYR B 12 -23.66 -1.17 -11.08
N LEU B 13 -24.88 -1.05 -11.60
CA LEU B 13 -25.53 -2.13 -12.34
C LEU B 13 -24.64 -2.55 -13.54
N GLU B 14 -24.19 -1.54 -14.25
CA GLU B 14 -23.30 -1.61 -15.43
C GLU B 14 -22.08 -2.48 -15.08
N MET B 15 -21.58 -2.30 -13.88
CA MET B 15 -20.45 -3.05 -13.38
C MET B 15 -20.79 -4.49 -13.00
N MET B 16 -21.95 -4.70 -12.41
CA MET B 16 -22.29 -6.05 -11.93
C MET B 16 -22.72 -7.00 -13.05
N GLU B 17 -23.07 -6.44 -14.22
CA GLU B 17 -23.42 -7.25 -15.41
C GLU B 17 -22.20 -8.07 -15.93
N LEU B 18 -21.03 -7.81 -15.37
CA LEU B 18 -19.82 -8.57 -15.68
C LEU B 18 -20.01 -10.05 -15.40
N ASP B 19 -19.49 -10.83 -16.29
CA ASP B 19 -19.63 -12.28 -16.31
C ASP B 19 -18.78 -13.05 -15.31
N ILE B 20 -18.64 -12.54 -14.13
CA ILE B 20 -17.88 -13.26 -13.15
C ILE B 20 -18.75 -13.72 -12.01
N GLY B 21 -19.54 -12.83 -11.46
CA GLY B 21 -20.41 -13.23 -10.36
C GLY B 21 -19.81 -12.91 -8.98
N ASP B 22 -19.33 -11.68 -8.79
CA ASP B 22 -18.76 -11.32 -7.48
C ASP B 22 -19.26 -9.98 -6.95
N ALA B 23 -19.97 -10.04 -5.83
CA ALA B 23 -20.55 -8.87 -5.18
C ALA B 23 -19.50 -7.97 -4.50
N THR B 24 -18.40 -8.56 -4.11
CA THR B 24 -17.34 -7.83 -3.44
C THR B 24 -16.63 -6.91 -4.44
N GLN B 25 -16.38 -7.44 -5.63
CA GLN B 25 -15.76 -6.70 -6.71
C GLN B 25 -16.61 -5.51 -7.08
N VAL B 26 -17.87 -5.75 -7.32
CA VAL B 26 -18.77 -4.68 -7.74
C VAL B 26 -18.90 -3.57 -6.71
N TYR B 27 -18.92 -3.91 -5.42
CA TYR B 27 -18.99 -2.91 -4.38
C TYR B 27 -17.70 -2.10 -4.33
N VAL B 28 -16.59 -2.78 -4.14
CA VAL B 28 -15.31 -2.11 -3.95
C VAL B 28 -14.88 -1.37 -5.20
N ALA B 29 -15.08 -1.99 -6.36
CA ALA B 29 -14.71 -1.35 -7.60
C ALA B 29 -15.54 -0.12 -7.87
N PHE B 30 -16.81 -0.13 -7.43
CA PHE B 30 -17.69 1.02 -7.61
C PHE B 30 -17.14 2.22 -6.84
N LEU B 31 -16.76 2.00 -5.59
CA LEU B 31 -16.20 3.08 -4.77
C LEU B 31 -14.95 3.67 -5.40
N VAL B 32 -14.03 2.83 -5.88
CA VAL B 32 -12.80 3.37 -6.46
C VAL B 32 -13.08 3.99 -7.84
N TYR B 33 -14.00 3.39 -8.60
CA TYR B 33 -14.49 3.92 -9.88
C TYR B 33 -14.96 5.36 -9.72
N LEU B 34 -15.72 5.62 -8.66
CA LEU B 34 -16.18 6.97 -8.37
C LEU B 34 -15.06 7.87 -7.94
N ASP B 35 -14.02 7.33 -7.34
CA ASP B 35 -12.90 8.18 -6.98
C ASP B 35 -12.14 8.55 -8.23
N LEU B 36 -11.74 7.56 -9.00
CA LEU B 36 -11.00 7.76 -10.25
C LEU B 36 -11.65 8.79 -11.14
N MET B 37 -12.93 8.66 -11.33
CA MET B 37 -13.67 9.54 -12.22
C MET B 37 -13.87 10.93 -11.66
N GLU B 38 -14.21 11.03 -10.41
CA GLU B 38 -14.60 12.30 -9.83
C GLU B 38 -13.42 13.02 -9.17
N SER B 39 -12.28 12.35 -9.04
CA SER B 39 -11.13 12.97 -8.42
C SER B 39 -10.04 13.24 -9.47
N LYS B 40 -9.54 12.18 -10.15
CA LYS B 40 -8.47 12.37 -11.13
C LYS B 40 -8.98 12.49 -12.57
N SER B 41 -10.25 12.08 -12.80
CA SER B 41 -10.88 12.01 -14.15
C SER B 41 -9.89 11.76 -15.32
N TRP B 42 -9.51 10.52 -15.54
CA TRP B 42 -8.61 10.22 -16.65
C TRP B 42 -9.34 10.06 -17.95
N HIS B 43 -8.58 9.82 -19.01
CA HIS B 43 -9.13 9.66 -20.35
C HIS B 43 -10.06 8.47 -20.46
N GLU B 44 -9.71 7.39 -19.82
CA GLU B 44 -10.50 6.19 -19.98
C GLU B 44 -10.28 5.26 -18.81
N VAL B 45 -11.37 4.79 -18.24
CA VAL B 45 -11.34 3.83 -17.15
C VAL B 45 -12.31 2.71 -17.51
N ASN B 46 -11.86 1.46 -17.50
CA ASN B 46 -12.71 0.37 -17.89
C ASN B 46 -12.73 -0.62 -16.79
N CYS B 47 -13.67 -1.49 -16.82
CA CYS B 47 -13.78 -2.49 -15.83
C CYS B 47 -13.70 -3.81 -16.55
N VAL B 48 -12.68 -4.59 -16.28
CA VAL B 48 -12.43 -5.81 -17.04
C VAL B 48 -12.43 -6.97 -16.08
N GLY B 49 -13.16 -7.99 -16.42
CA GLY B 49 -13.20 -9.16 -15.59
C GLY B 49 -12.35 -10.28 -16.15
N LEU B 50 -11.49 -10.81 -15.30
CA LEU B 50 -10.68 -11.95 -15.67
C LEU B 50 -11.16 -13.18 -14.94
N PRO B 51 -12.02 -13.98 -15.59
CA PRO B 51 -12.62 -15.15 -14.96
C PRO B 51 -11.59 -16.23 -14.62
N GLU B 52 -10.61 -16.41 -15.48
CA GLU B 52 -9.59 -17.44 -15.27
C GLU B 52 -8.65 -17.19 -14.08
N LEU B 53 -8.22 -15.96 -13.87
CA LEU B 53 -7.52 -15.67 -12.60
C LEU B 53 -8.47 -15.27 -11.47
N GLN B 54 -9.75 -15.07 -11.84
CA GLN B 54 -10.90 -14.83 -10.91
C GLN B 54 -10.99 -13.36 -10.42
N LEU B 55 -10.28 -12.46 -11.05
CA LEU B 55 -10.36 -11.07 -10.66
C LEU B 55 -10.81 -10.07 -11.65
N ILE B 56 -11.43 -9.05 -11.12
CA ILE B 56 -11.92 -7.96 -11.89
C ILE B 56 -11.05 -6.77 -11.58
N CYS B 57 -10.85 -5.91 -12.52
CA CYS B 57 -9.94 -4.83 -12.34
C CYS B 57 -10.31 -3.68 -13.24
N LEU B 58 -9.83 -2.52 -12.91
CA LEU B 58 -10.05 -1.35 -13.72
C LEU B 58 -8.78 -0.97 -14.40
N VAL B 59 -8.83 -0.99 -15.70
CA VAL B 59 -7.69 -0.68 -16.53
C VAL B 59 -8.18 0.26 -17.59
N GLY B 60 -7.40 1.24 -17.87
CA GLY B 60 -7.76 2.14 -18.91
C GLY B 60 -6.59 2.89 -19.39
N THR B 61 -6.81 4.04 -19.90
CA THR B 61 -5.77 4.85 -20.39
C THR B 61 -5.75 6.14 -19.62
N GLU B 62 -4.63 6.39 -18.97
CA GLU B 62 -4.43 7.61 -18.24
C GLU B 62 -4.59 8.76 -19.20
N ILE B 63 -3.88 8.64 -20.30
CA ILE B 63 -3.89 9.59 -21.37
C ILE B 63 -3.98 8.77 -22.64
N GLU B 64 -4.91 9.11 -23.53
CA GLU B 64 -5.01 8.42 -24.82
C GLU B 64 -3.65 8.33 -25.53
N GLY B 65 -3.37 7.18 -26.08
CA GLY B 65 -2.06 6.93 -26.66
C GLY B 65 -1.20 6.15 -25.70
N GLU B 66 -1.36 6.44 -24.43
CA GLU B 66 -0.64 5.80 -23.35
C GLU B 66 -1.58 4.78 -22.67
N GLY B 67 -1.26 4.38 -21.45
CA GLY B 67 -2.10 3.46 -20.73
C GLY B 67 -1.70 3.44 -19.28
N LEU B 68 -0.81 2.50 -18.94
CA LEU B 68 -0.17 2.36 -17.61
C LEU B 68 -1.04 2.52 -16.36
N GLN B 69 -2.27 2.12 -16.45
CA GLN B 69 -3.09 2.19 -15.28
C GLN B 69 -3.90 0.98 -15.09
N THR B 70 -3.56 0.33 -14.05
CA THR B 70 -4.26 -0.77 -13.57
C THR B 70 -4.52 -0.55 -12.09
N VAL B 71 -5.76 -0.47 -11.74
CA VAL B 71 -6.17 -0.31 -10.38
C VAL B 71 -7.05 -1.49 -9.97
N VAL B 72 -6.74 -2.12 -8.87
CA VAL B 72 -7.49 -3.26 -8.42
C VAL B 72 -8.16 -2.93 -7.12
N PRO B 73 -9.39 -3.34 -6.97
CA PRO B 73 -10.15 -3.10 -5.76
C PRO B 73 -9.68 -4.01 -4.63
N THR B 74 -9.35 -3.44 -3.50
CA THR B 74 -8.90 -4.19 -2.37
C THR B 74 -9.43 -3.56 -1.05
N PRO B 75 -10.30 -4.28 -0.33
CA PRO B 75 -10.84 -3.81 0.97
C PRO B 75 -9.75 -3.86 2.05
N ILE B 76 -9.87 -3.04 3.13
CA ILE B 76 -8.88 -2.98 4.25
C ILE B 76 -8.62 -4.38 4.83
N THR B 77 -9.61 -5.23 4.76
CA THR B 77 -9.59 -6.52 5.37
C THR B 77 -8.64 -7.49 4.60
N ALA B 78 -8.26 -7.12 3.40
CA ALA B 78 -7.42 -7.96 2.59
C ALA B 78 -5.95 -7.69 2.88
N SER B 79 -5.33 -8.62 3.57
CA SER B 79 -3.87 -8.55 3.92
C SER B 79 -3.05 -8.79 2.64
N LEU B 80 -1.76 -8.51 2.65
CA LEU B 80 -1.03 -8.58 1.39
C LEU B 80 -0.28 -9.88 1.28
N SER B 81 -0.56 -10.62 0.22
CA SER B 81 0.13 -11.82 -0.06
C SER B 81 0.75 -11.74 -1.46
N HIS B 82 2.07 -11.90 -1.52
CA HIS B 82 2.81 -11.79 -2.79
C HIS B 82 2.31 -12.74 -3.88
N ASN B 83 1.68 -13.83 -3.48
CA ASN B 83 1.14 -14.80 -4.42
C ASN B 83 0.10 -14.14 -5.33
N ARG B 84 -0.78 -13.33 -4.73
CA ARG B 84 -1.84 -12.69 -5.49
C ARG B 84 -1.29 -11.67 -6.45
N ILE B 85 -0.33 -10.87 -6.02
CA ILE B 85 0.17 -9.77 -6.84
C ILE B 85 0.88 -10.31 -8.08
N ARG B 86 1.60 -11.40 -7.88
CA ARG B 86 2.20 -12.17 -8.96
C ARG B 86 1.13 -12.59 -9.98
N GLU B 87 -0.03 -13.01 -9.48
CA GLU B 87 -1.17 -13.34 -10.35
C GLU B 87 -1.76 -12.08 -10.99
N ILE B 88 -1.71 -10.96 -10.26
CA ILE B 88 -2.25 -9.71 -10.77
C ILE B 88 -1.37 -9.18 -11.91
N LEU B 89 -0.05 -9.20 -11.69
CA LEU B 89 0.92 -8.86 -12.74
C LEU B 89 0.63 -9.65 -14.00
N LYS B 90 0.50 -10.96 -13.85
CA LYS B 90 0.20 -11.86 -14.96
C LYS B 90 -1.10 -11.44 -15.67
N ALA B 91 -2.07 -11.04 -14.87
CA ALA B 91 -3.38 -10.60 -15.37
C ALA B 91 -3.24 -9.35 -16.23
N SER B 92 -2.52 -8.37 -15.72
CA SER B 92 -2.36 -7.10 -16.39
C SER B 92 -1.48 -7.24 -17.65
N ARG B 93 -0.37 -7.95 -17.50
CA ARG B 93 0.59 -8.17 -18.59
C ARG B 93 -0.07 -8.92 -19.74
N LYS B 94 -0.93 -9.84 -19.39
CA LYS B 94 -1.71 -10.55 -20.36
C LYS B 94 -2.71 -9.67 -21.09
N LEU B 95 -3.39 -8.77 -20.38
CA LEU B 95 -4.40 -8.00 -21.06
C LEU B 95 -3.77 -6.88 -21.88
N GLN B 96 -2.61 -6.41 -21.46
CA GLN B 96 -1.90 -5.40 -22.20
C GLN B 96 -1.02 -6.00 -23.29
N GLY B 97 -0.86 -7.31 -23.24
CA GLY B 97 -0.12 -8.09 -24.24
C GLY B 97 1.30 -7.59 -24.55
N ASP B 98 1.90 -6.82 -23.66
CA ASP B 98 3.24 -6.32 -23.88
C ASP B 98 4.27 -7.35 -23.51
N PRO B 99 5.32 -7.53 -24.33
CA PRO B 99 6.35 -8.54 -24.12
C PRO B 99 7.22 -8.31 -22.88
N ASP B 100 6.77 -8.92 -21.78
CA ASP B 100 7.44 -8.99 -20.45
C ASP B 100 8.18 -7.72 -20.05
N LEU B 101 7.44 -6.68 -19.86
CA LEU B 101 8.00 -5.40 -19.44
C LEU B 101 7.87 -5.25 -17.92
N PRO B 102 8.76 -4.49 -17.28
CA PRO B 102 8.64 -4.18 -15.86
C PRO B 102 7.50 -3.18 -15.66
N MET B 103 6.44 -3.63 -15.05
CA MET B 103 5.30 -2.80 -14.86
C MET B 103 4.84 -2.90 -13.39
N SER B 104 3.64 -2.48 -13.10
CA SER B 104 3.18 -2.35 -11.76
C SER B 104 1.69 -2.04 -11.75
N PHE B 105 1.11 -1.90 -10.57
CA PHE B 105 -0.29 -1.65 -10.42
C PHE B 105 -0.59 -0.94 -9.10
N THR B 106 -1.71 -0.28 -9.03
CA THR B 106 -2.06 0.45 -7.83
C THR B 106 -3.18 -0.25 -7.02
N LEU B 107 -2.90 -0.51 -5.78
CA LEU B 107 -3.86 -1.13 -4.89
C LEU B 107 -4.81 -0.09 -4.40
N ALA B 108 -6.06 -0.29 -4.66
CA ALA B 108 -7.05 0.61 -4.20
C ALA B 108 -7.64 0.06 -2.92
N ILE B 109 -7.18 0.61 -1.83
CA ILE B 109 -7.52 0.13 -0.52
C ILE B 109 -8.74 0.89 -0.02
N VAL B 110 -9.83 0.21 0.15
CA VAL B 110 -11.02 0.90 0.55
C VAL B 110 -11.52 0.48 1.91
N GLU B 111 -11.92 1.44 2.66
CA GLU B 111 -12.60 1.23 3.87
C GLU B 111 -14.06 1.16 3.48
N SER B 112 -14.85 0.39 4.19
CA SER B 112 -16.22 0.10 3.76
C SER B 112 -17.13 1.34 3.76
N ASP B 113 -16.66 2.42 4.36
CA ASP B 113 -17.45 3.64 4.42
C ASP B 113 -17.20 4.58 3.25
N SER B 114 -15.92 4.83 2.88
CA SER B 114 -15.63 5.83 1.82
C SER B 114 -14.12 6.10 1.60
N THR B 115 -13.27 5.75 2.53
CA THR B 115 -11.86 6.04 2.36
C THR B 115 -11.16 5.08 1.38
N ILE B 116 -10.78 5.61 0.23
CA ILE B 116 -9.97 4.87 -0.74
C ILE B 116 -8.52 5.34 -0.61
N VAL B 117 -7.62 4.42 -0.40
CA VAL B 117 -6.22 4.74 -0.25
C VAL B 117 -5.45 4.00 -1.35
N TYR B 118 -4.92 4.75 -2.26
CA TYR B 118 -4.16 4.17 -3.36
C TYR B 118 -2.75 3.84 -2.96
N TYR B 119 -2.44 2.58 -2.97
CA TYR B 119 -1.11 2.14 -2.61
C TYR B 119 -0.47 1.52 -3.83
N LYS B 120 0.59 2.12 -4.29
CA LYS B 120 1.15 1.77 -5.51
C LYS B 120 2.15 0.64 -5.30
N LEU B 121 1.93 -0.47 -5.99
CA LEU B 121 2.75 -1.64 -5.86
C LEU B 121 3.43 -1.96 -7.20
N THR B 122 4.69 -2.25 -7.14
CA THR B 122 5.50 -2.53 -8.29
C THR B 122 5.98 -4.00 -8.24
N ASP B 123 6.33 -4.54 -9.38
CA ASP B 123 7.00 -5.84 -9.48
C ASP B 123 8.29 -5.86 -8.62
N SER A 1 11.36 20.92 20.89
CA SER A 1 10.99 22.22 21.45
C SER A 1 12.16 23.19 21.41
N GLU A 2 13.10 23.03 22.34
CA GLU A 2 14.26 23.91 22.44
C GLU A 2 15.19 23.59 21.32
N ASP A 3 15.19 22.33 20.98
CA ASP A 3 16.05 21.73 19.97
C ASP A 3 15.63 22.07 18.54
N ALA A 4 14.78 23.07 18.41
CA ALA A 4 14.24 23.52 17.13
C ALA A 4 15.28 24.33 16.34
N TRP A 5 16.53 24.20 16.72
CA TRP A 5 17.61 24.88 16.04
C TRP A 5 17.84 24.15 14.72
N MET A 6 18.03 22.87 14.84
CA MET A 6 18.32 22.03 13.71
C MET A 6 17.02 21.48 13.20
N GLY A 7 16.33 20.76 14.07
CA GLY A 7 15.08 20.15 13.73
C GLY A 7 13.96 20.89 14.37
N THR A 8 13.18 20.19 15.18
CA THR A 8 12.02 20.80 15.79
C THR A 8 11.69 20.18 17.13
N HIS A 9 11.32 18.93 17.06
CA HIS A 9 10.90 18.16 18.19
C HIS A 9 11.95 17.11 18.47
N PRO A 10 12.22 16.79 19.77
CA PRO A 10 13.27 15.85 20.21
C PRO A 10 13.31 14.57 19.38
N LYS A 11 12.16 13.98 19.18
CA LYS A 11 12.07 12.72 18.45
C LYS A 11 12.25 12.88 16.95
N TYR A 12 11.81 14.00 16.40
CA TYR A 12 11.99 14.27 14.98
C TYR A 12 13.47 14.52 14.72
N LEU A 13 14.05 15.44 15.49
CA LEU A 13 15.46 15.74 15.42
C LEU A 13 16.32 14.47 15.59
N GLU A 14 16.01 13.73 16.63
CA GLU A 14 16.64 12.44 16.93
C GLU A 14 16.62 11.50 15.71
N MET A 15 15.54 11.54 14.98
CA MET A 15 15.39 10.70 13.79
C MET A 15 16.29 11.20 12.66
N MET A 16 16.48 12.50 12.57
CA MET A 16 17.37 13.03 11.56
C MET A 16 18.84 12.87 11.90
N GLU A 17 19.15 12.76 13.19
CA GLU A 17 20.52 12.47 13.61
C GLU A 17 20.94 11.03 13.25
N LEU A 18 19.98 10.12 13.26
CA LEU A 18 20.24 8.71 12.93
C LEU A 18 20.53 8.36 11.49
N ASP A 19 21.71 7.72 11.33
CA ASP A 19 22.33 7.07 10.12
C ASP A 19 22.20 7.73 8.73
N ILE A 20 21.28 8.60 8.53
CA ILE A 20 21.01 9.18 7.22
C ILE A 20 20.34 10.53 7.47
N GLY A 21 19.15 10.41 8.02
CA GLY A 21 18.34 11.56 8.34
C GLY A 21 17.81 12.23 7.07
N ASP A 22 16.99 11.50 6.41
CA ASP A 22 16.39 11.93 5.15
C ASP A 22 15.10 12.65 5.41
N ALA A 23 14.98 13.89 4.92
CA ALA A 23 13.81 14.75 5.19
C ALA A 23 12.47 14.07 4.92
N THR A 24 12.39 13.27 3.87
CA THR A 24 11.16 12.62 3.54
C THR A 24 10.93 11.43 4.48
N GLN A 25 11.99 10.66 4.71
CA GLN A 25 11.92 9.55 5.64
C GLN A 25 11.61 10.02 7.04
N VAL A 26 12.35 11.01 7.51
CA VAL A 26 12.16 11.56 8.84
C VAL A 26 10.74 12.05 9.04
N TYR A 27 10.21 12.79 8.09
CA TYR A 27 8.84 13.26 8.18
C TYR A 27 7.84 12.13 8.29
N VAL A 28 7.92 11.19 7.38
CA VAL A 28 6.95 10.12 7.34
C VAL A 28 7.13 9.15 8.51
N ALA A 29 8.36 8.79 8.78
CA ALA A 29 8.66 7.89 9.85
C ALA A 29 8.27 8.49 11.20
N PHE A 30 8.47 9.79 11.36
CA PHE A 30 8.08 10.51 12.58
C PHE A 30 6.59 10.35 12.82
N LEU A 31 5.81 10.49 11.76
CA LEU A 31 4.38 10.34 11.90
C LEU A 31 3.98 8.93 12.30
N VAL A 32 4.58 7.90 11.69
CA VAL A 32 4.19 6.54 12.05
C VAL A 32 4.76 6.15 13.43
N TYR A 33 5.99 6.58 13.72
CA TYR A 33 6.60 6.41 15.05
C TYR A 33 5.68 6.92 16.17
N LEU A 34 5.21 8.15 16.03
CA LEU A 34 4.25 8.70 16.97
C LEU A 34 2.95 7.94 16.96
N ASP A 35 2.62 7.32 15.86
CA ASP A 35 1.39 6.57 15.79
C ASP A 35 1.56 5.25 16.55
N LEU A 36 2.63 4.51 16.26
CA LEU A 36 2.96 3.26 16.96
C LEU A 36 2.98 3.43 18.47
N MET A 37 3.55 4.51 18.92
CA MET A 37 3.67 4.76 20.34
C MET A 37 2.36 5.25 20.98
N GLU A 38 1.77 6.25 20.38
CA GLU A 38 0.62 6.92 20.99
C GLU A 38 -0.71 6.33 20.61
N SER A 39 -0.76 5.60 19.53
CA SER A 39 -2.00 5.03 19.10
C SER A 39 -1.93 3.52 19.23
N LYS A 40 -0.97 2.89 18.55
CA LYS A 40 -0.84 1.43 18.58
C LYS A 40 -0.36 0.93 19.92
N SER A 41 0.16 1.85 20.75
CA SER A 41 0.57 1.52 22.11
C SER A 41 1.58 0.36 22.17
N TRP A 42 2.59 0.37 21.30
CA TRP A 42 3.57 -0.69 21.36
C TRP A 42 4.58 -0.47 22.48
N HIS A 43 5.07 -1.56 23.01
CA HIS A 43 6.00 -1.53 24.11
C HIS A 43 7.40 -1.13 23.69
N GLU A 44 7.82 -1.60 22.56
CA GLU A 44 9.19 -1.35 22.09
C GLU A 44 9.20 -0.96 20.65
N VAL A 45 9.68 0.23 20.40
CA VAL A 45 9.79 0.75 19.06
C VAL A 45 11.00 1.68 18.99
N ASN A 46 11.82 1.50 18.00
CA ASN A 46 13.04 2.27 17.88
C ASN A 46 13.11 2.83 16.50
N CYS A 47 13.93 3.83 16.32
CA CYS A 47 14.05 4.49 15.03
C CYS A 47 15.37 4.10 14.47
N VAL A 48 15.38 3.46 13.34
CA VAL A 48 16.65 2.95 12.81
C VAL A 48 16.80 3.34 11.35
N GLY A 49 17.98 3.78 10.99
CA GLY A 49 18.26 4.14 9.62
C GLY A 49 19.09 3.07 8.91
N LEU A 50 18.61 2.66 7.74
CA LEU A 50 19.31 1.66 6.94
C LEU A 50 19.74 2.21 5.61
N PRO A 51 21.02 2.57 5.49
CA PRO A 51 21.62 3.06 4.24
C PRO A 51 21.52 2.02 3.10
N GLU A 52 21.34 0.75 3.49
CA GLU A 52 21.18 -0.38 2.56
C GLU A 52 20.01 -0.10 1.60
N LEU A 53 18.94 0.43 2.16
CA LEU A 53 17.76 0.78 1.37
C LEU A 53 17.49 2.27 1.36
N GLN A 54 18.40 3.04 1.96
CA GLN A 54 18.32 4.52 1.98
C GLN A 54 17.09 4.97 2.81
N LEU A 55 16.65 4.12 3.72
CA LEU A 55 15.44 4.38 4.45
C LEU A 55 15.61 4.43 5.95
N ILE A 56 14.57 4.85 6.60
CA ILE A 56 14.48 4.86 8.03
C ILE A 56 13.33 3.93 8.34
N CYS A 57 13.42 3.19 9.39
CA CYS A 57 12.39 2.24 9.70
C CYS A 57 12.33 2.06 11.21
N LEU A 58 11.18 1.72 11.68
CA LEU A 58 10.94 1.54 13.09
C LEU A 58 10.90 0.09 13.46
N VAL A 59 11.79 -0.35 14.33
CA VAL A 59 11.89 -1.75 14.68
C VAL A 59 11.94 -1.86 16.22
N GLY A 60 11.12 -2.72 16.78
CA GLY A 60 11.16 -2.99 18.21
C GLY A 60 10.42 -4.26 18.55
N THR A 61 9.92 -4.35 19.78
CA THR A 61 9.16 -5.49 20.18
C THR A 61 7.72 -5.02 20.41
N GLU A 62 6.83 -5.53 19.56
CA GLU A 62 5.41 -5.18 19.59
C GLU A 62 4.89 -5.48 20.96
N ILE A 63 5.03 -6.72 21.32
CA ILE A 63 4.60 -7.26 22.56
C ILE A 63 5.66 -8.22 22.96
N GLU A 64 6.12 -8.09 24.17
CA GLU A 64 7.06 -9.07 24.76
C GLU A 64 6.55 -10.49 24.54
N GLY A 65 7.42 -11.37 24.16
CA GLY A 65 7.03 -12.70 23.77
C GLY A 65 7.09 -12.84 22.28
N GLU A 66 6.75 -11.75 21.60
CA GLU A 66 6.88 -11.64 20.19
C GLU A 66 8.19 -10.94 19.88
N GLY A 67 8.34 -10.49 18.68
CA GLY A 67 9.55 -9.86 18.26
C GLY A 67 9.72 -10.09 16.80
N LEU A 68 8.73 -9.70 16.07
CA LEU A 68 8.70 -9.90 14.66
C LEU A 68 7.95 -8.73 14.11
N GLN A 69 8.68 -7.64 13.95
CA GLN A 69 8.12 -6.42 13.51
C GLN A 69 9.18 -5.45 13.10
N THR A 70 9.12 -5.14 11.90
CA THR A 70 9.83 -4.11 11.28
C THR A 70 8.75 -3.25 10.68
N VAL A 71 8.70 -2.02 11.02
CA VAL A 71 7.72 -1.19 10.43
C VAL A 71 8.43 -0.23 9.54
N VAL A 72 8.01 -0.11 8.32
CA VAL A 72 8.69 0.75 7.42
C VAL A 72 7.69 1.76 6.87
N PRO A 73 7.99 3.04 6.97
CA PRO A 73 7.13 4.09 6.44
C PRO A 73 7.01 3.98 4.93
N THR A 74 5.81 3.97 4.47
CA THR A 74 5.53 3.79 3.09
C THR A 74 4.40 4.74 2.70
N PRO A 75 4.66 5.73 1.83
CA PRO A 75 3.64 6.67 1.40
C PRO A 75 2.60 5.97 0.59
N ILE A 76 1.44 6.52 0.55
CA ILE A 76 0.31 6.00 -0.15
C ILE A 76 0.64 5.85 -1.70
N THR A 77 1.73 6.48 -2.15
CA THR A 77 2.09 6.41 -3.55
C THR A 77 3.41 5.61 -3.76
N ALA A 78 3.94 4.99 -2.70
CA ALA A 78 5.17 4.22 -2.85
C ALA A 78 4.87 2.85 -3.31
N SER A 79 5.90 2.16 -3.65
CA SER A 79 5.76 0.89 -4.15
C SER A 79 6.04 -0.23 -3.12
N LEU A 80 5.08 -1.05 -3.03
CA LEU A 80 5.09 -2.29 -2.36
C LEU A 80 5.50 -3.25 -3.42
N SER A 81 6.04 -4.39 -3.08
CA SER A 81 6.40 -5.38 -4.06
C SER A 81 6.87 -6.65 -3.40
N HIS A 82 6.89 -7.74 -4.13
CA HIS A 82 7.55 -8.92 -3.59
C HIS A 82 9.07 -8.70 -3.53
N ASN A 83 9.54 -7.70 -4.27
CA ASN A 83 10.95 -7.30 -4.22
C ASN A 83 11.20 -6.62 -2.90
N ARG A 84 10.26 -5.75 -2.55
CA ARG A 84 10.28 -4.92 -1.38
C ARG A 84 10.45 -5.77 -0.11
N ILE A 85 9.76 -6.90 -0.04
CA ILE A 85 9.95 -7.80 1.10
C ILE A 85 11.38 -8.35 1.16
N ARG A 86 11.86 -8.86 0.04
CA ARG A 86 13.18 -9.47 -0.09
C ARG A 86 14.31 -8.50 0.37
N GLU A 87 14.20 -7.24 0.01
CA GLU A 87 15.21 -6.26 0.35
C GLU A 87 15.13 -5.88 1.83
N ILE A 88 13.91 -5.66 2.31
CA ILE A 88 13.69 -5.31 3.70
C ILE A 88 14.06 -6.48 4.61
N LEU A 89 13.81 -7.71 4.16
CA LEU A 89 14.25 -8.90 4.89
C LEU A 89 15.73 -8.82 5.15
N LYS A 90 16.55 -8.66 4.09
CA LYS A 90 18.00 -8.58 4.25
C LYS A 90 18.40 -7.46 5.24
N ALA A 91 17.72 -6.33 5.15
CA ALA A 91 17.97 -5.22 6.05
C ALA A 91 17.65 -5.60 7.49
N SER A 92 16.50 -6.18 7.69
CA SER A 92 16.09 -6.65 8.98
C SER A 92 17.01 -7.75 9.53
N ARG A 93 17.44 -8.67 8.68
CA ARG A 93 18.35 -9.74 9.12
C ARG A 93 19.73 -9.20 9.37
N LYS A 94 19.98 -8.03 8.87
CA LYS A 94 21.20 -7.34 9.09
C LYS A 94 21.15 -6.72 10.49
N LEU A 95 19.99 -6.13 10.85
CA LEU A 95 19.85 -5.41 12.09
C LEU A 95 19.54 -6.35 13.25
N GLN A 96 18.67 -7.31 13.01
CA GLN A 96 18.27 -8.25 14.04
C GLN A 96 19.16 -9.49 14.06
N GLY A 97 20.01 -9.56 13.05
CA GLY A 97 20.95 -10.66 12.88
C GLY A 97 20.35 -12.06 12.88
N ASP A 98 19.15 -12.19 12.35
CA ASP A 98 18.53 -13.52 12.24
C ASP A 98 18.75 -14.09 10.86
N PRO A 99 19.64 -15.06 10.72
CA PRO A 99 19.86 -15.72 9.45
C PRO A 99 18.82 -16.80 9.24
N ASP A 100 17.99 -16.62 8.21
CA ASP A 100 16.88 -17.53 7.89
C ASP A 100 15.91 -17.84 8.97
N LEU A 101 14.86 -17.07 8.96
CA LEU A 101 13.84 -17.09 9.94
C LEU A 101 12.63 -16.52 9.23
N PRO A 102 11.46 -17.19 9.26
CA PRO A 102 10.25 -16.67 8.59
C PRO A 102 9.91 -15.28 9.09
N MET A 103 10.10 -14.30 8.23
CA MET A 103 9.89 -12.94 8.60
C MET A 103 8.87 -12.24 7.71
N SER A 104 8.37 -11.18 8.26
CA SER A 104 7.37 -10.34 7.69
C SER A 104 7.47 -8.98 8.40
N PHE A 105 6.86 -7.97 7.87
CA PHE A 105 6.97 -6.66 8.43
C PHE A 105 5.71 -5.85 8.19
N THR A 106 5.51 -4.89 9.01
CA THR A 106 4.37 -4.04 8.94
C THR A 106 4.64 -2.80 8.05
N LEU A 107 3.77 -2.64 7.09
CA LEU A 107 3.78 -1.51 6.22
C LEU A 107 2.98 -0.40 6.83
N ALA A 108 3.55 0.76 6.89
CA ALA A 108 2.86 1.89 7.40
C ALA A 108 2.54 2.83 6.27
N ILE A 109 1.31 2.79 5.81
CA ILE A 109 0.89 3.55 4.66
C ILE A 109 0.45 4.94 5.13
N VAL A 110 1.04 5.94 4.54
CA VAL A 110 0.70 7.29 4.92
C VAL A 110 0.11 8.08 3.78
N GLU A 111 -1.05 8.60 4.02
CA GLU A 111 -1.73 9.46 3.12
C GLU A 111 -1.11 10.85 3.28
N SER A 112 -1.04 11.61 2.21
CA SER A 112 -0.30 12.87 2.15
C SER A 112 -0.68 13.85 3.26
N ASP A 113 -1.94 13.89 3.59
CA ASP A 113 -2.44 14.81 4.57
C ASP A 113 -2.13 14.39 6.00
N SER A 114 -2.34 13.08 6.35
CA SER A 114 -2.20 12.55 7.74
C SER A 114 -2.58 11.06 7.88
N THR A 115 -3.63 10.62 7.18
CA THR A 115 -4.18 9.26 7.35
C THR A 115 -3.11 8.13 7.25
N ILE A 116 -2.80 7.54 8.40
CA ILE A 116 -1.85 6.45 8.48
C ILE A 116 -2.61 5.14 8.58
N VAL A 117 -2.31 4.22 7.70
CA VAL A 117 -2.99 2.95 7.64
C VAL A 117 -1.95 1.84 7.59
N TYR A 118 -1.92 1.07 8.64
CA TYR A 118 -1.01 -0.05 8.71
C TYR A 118 -1.53 -1.25 7.97
N TYR A 119 -0.64 -1.94 7.34
CA TYR A 119 -0.99 -3.10 6.57
C TYR A 119 0.11 -4.10 6.80
N LYS A 120 -0.23 -5.28 7.23
CA LYS A 120 0.73 -6.22 7.63
C LYS A 120 1.00 -7.20 6.47
N LEU A 121 2.23 -7.21 6.02
CA LEU A 121 2.65 -8.03 4.92
C LEU A 121 3.25 -9.30 5.43
N THR A 122 2.88 -10.44 4.83
CA THR A 122 3.41 -11.68 5.32
C THR A 122 3.98 -12.51 4.16
N ASP A 123 4.88 -13.42 4.48
CA ASP A 123 5.47 -14.33 3.52
C ASP A 123 5.85 -15.62 4.19
N SER B 1 -34.05 8.97 -11.15
CA SER B 1 -33.51 9.76 -10.07
C SER B 1 -33.76 9.06 -8.74
N GLU B 2 -34.97 8.53 -8.57
CA GLU B 2 -35.34 7.81 -7.34
C GLU B 2 -34.54 6.57 -7.29
N ASP B 3 -34.43 5.95 -8.42
CA ASP B 3 -33.80 4.68 -8.59
C ASP B 3 -32.29 4.69 -8.29
N ALA B 4 -31.73 5.87 -8.06
CA ALA B 4 -30.30 6.04 -7.83
C ALA B 4 -29.77 5.17 -6.69
N TRP B 5 -30.57 5.04 -5.62
CA TRP B 5 -30.16 4.27 -4.45
C TRP B 5 -29.96 2.77 -4.71
N MET B 6 -30.59 2.23 -5.75
CA MET B 6 -30.45 0.80 -6.00
C MET B 6 -29.25 0.50 -6.89
N GLY B 7 -28.58 1.55 -7.31
CA GLY B 7 -27.39 1.37 -8.11
C GLY B 7 -27.63 1.54 -9.58
N THR B 8 -28.34 2.58 -9.93
CA THR B 8 -28.62 2.81 -11.33
C THR B 8 -27.74 3.87 -11.88
N HIS B 9 -26.75 4.27 -11.08
CA HIS B 9 -25.80 5.26 -11.56
C HIS B 9 -25.11 4.67 -12.75
N PRO B 10 -25.09 5.41 -13.88
CA PRO B 10 -24.57 4.94 -15.18
C PRO B 10 -23.31 4.09 -15.07
N LYS B 11 -22.39 4.54 -14.26
CA LYS B 11 -21.13 3.85 -14.11
C LYS B 11 -21.21 2.62 -13.20
N TYR B 12 -22.07 2.67 -12.19
CA TYR B 12 -22.26 1.51 -11.31
C TYR B 12 -22.94 0.39 -12.11
N LEU B 13 -24.05 0.74 -12.73
CA LEU B 13 -24.81 -0.16 -13.57
C LEU B 13 -23.92 -0.73 -14.71
N GLU B 14 -23.15 0.17 -15.32
CA GLU B 14 -22.15 -0.18 -16.36
C GLU B 14 -21.26 -1.32 -15.84
N MET B 15 -20.87 -1.19 -14.58
CA MET B 15 -19.98 -2.13 -13.96
C MET B 15 -20.69 -3.48 -13.68
N MET B 16 -21.98 -3.42 -13.39
CA MET B 16 -22.79 -4.63 -13.15
C MET B 16 -22.89 -5.41 -14.46
N GLU B 17 -23.08 -4.67 -15.56
CA GLU B 17 -23.27 -5.24 -16.90
C GLU B 17 -22.03 -5.92 -17.44
N LEU B 18 -20.87 -5.56 -16.91
CA LEU B 18 -19.60 -6.17 -17.34
C LEU B 18 -19.66 -7.70 -17.11
N ASP B 19 -18.63 -8.37 -17.59
CA ASP B 19 -18.44 -9.87 -17.60
C ASP B 19 -18.84 -10.69 -16.35
N ILE B 20 -19.25 -10.09 -15.25
CA ILE B 20 -19.62 -10.83 -14.05
C ILE B 20 -20.62 -9.95 -13.33
N GLY B 21 -20.10 -8.80 -12.98
CA GLY B 21 -20.82 -7.80 -12.23
C GLY B 21 -21.32 -8.36 -10.93
N ASP B 22 -20.45 -8.44 -9.95
CA ASP B 22 -20.80 -9.01 -8.65
C ASP B 22 -21.03 -7.89 -7.68
N ALA B 23 -22.08 -7.98 -6.90
CA ALA B 23 -22.49 -6.93 -5.94
C ALA B 23 -21.35 -6.39 -5.06
N THR B 24 -20.47 -7.26 -4.59
CA THR B 24 -19.39 -6.84 -3.72
C THR B 24 -18.32 -6.12 -4.57
N GLN B 25 -17.93 -6.76 -5.67
CA GLN B 25 -16.97 -6.19 -6.57
C GLN B 25 -17.42 -4.86 -7.14
N VAL B 26 -18.64 -4.83 -7.65
CA VAL B 26 -19.20 -3.62 -8.24
C VAL B 26 -19.15 -2.47 -7.24
N TYR B 27 -19.65 -2.70 -6.04
CA TYR B 27 -19.63 -1.69 -5.00
C TYR B 27 -18.23 -1.16 -4.73
N VAL B 28 -17.31 -2.03 -4.42
CA VAL B 28 -15.97 -1.59 -4.04
C VAL B 28 -15.25 -0.99 -5.23
N ALA B 29 -15.36 -1.64 -6.36
CA ALA B 29 -14.71 -1.17 -7.56
C ALA B 29 -15.26 0.18 -8.00
N PHE B 30 -16.57 0.37 -7.84
CA PHE B 30 -17.22 1.65 -8.17
C PHE B 30 -16.60 2.78 -7.37
N LEU B 31 -16.39 2.53 -6.09
CA LEU B 31 -15.78 3.52 -5.24
C LEU B 31 -14.35 3.84 -5.67
N VAL B 32 -13.53 2.84 -5.98
CA VAL B 32 -12.16 3.16 -6.37
C VAL B 32 -12.12 3.75 -7.80
N TYR B 33 -12.98 3.26 -8.69
CA TYR B 33 -13.15 3.81 -10.03
C TYR B 33 -13.43 5.31 -9.99
N LEU B 34 -14.37 5.72 -9.14
CA LEU B 34 -14.65 7.15 -8.97
C LEU B 34 -13.51 7.87 -8.32
N ASP B 35 -12.72 7.15 -7.55
CA ASP B 35 -11.59 7.77 -6.90
C ASP B 35 -10.49 8.00 -7.94
N LEU B 36 -10.13 6.98 -8.70
CA LEU B 36 -9.15 7.08 -9.78
C LEU B 36 -9.48 8.19 -10.79
N MET B 37 -10.75 8.40 -11.03
CA MET B 37 -11.17 9.38 -12.01
C MET B 37 -11.23 10.78 -11.40
N GLU B 38 -11.83 10.89 -10.23
CA GLU B 38 -12.13 12.19 -9.64
C GLU B 38 -11.10 12.63 -8.61
N SER B 39 -10.27 11.73 -8.15
CA SER B 39 -9.27 12.08 -7.18
C SER B 39 -7.88 11.96 -7.81
N LYS B 40 -7.53 10.74 -8.30
CA LYS B 40 -6.25 10.53 -9.03
C LYS B 40 -6.25 11.22 -10.39
N SER B 41 -7.44 11.52 -10.92
CA SER B 41 -7.58 12.18 -12.21
C SER B 41 -6.78 11.49 -13.36
N TRP B 42 -6.70 10.15 -13.36
CA TRP B 42 -5.96 9.45 -14.42
C TRP B 42 -6.51 9.71 -15.81
N HIS B 43 -5.67 9.47 -16.80
CA HIS B 43 -6.02 9.69 -18.18
C HIS B 43 -7.04 8.68 -18.69
N GLU B 44 -6.90 7.46 -18.28
CA GLU B 44 -7.78 6.44 -18.78
C GLU B 44 -7.95 5.35 -17.77
N VAL B 45 -9.19 5.08 -17.42
CA VAL B 45 -9.52 4.06 -16.46
C VAL B 45 -10.73 3.28 -17.01
N ASN B 46 -10.62 1.97 -17.09
CA ASN B 46 -11.70 1.16 -17.64
C ASN B 46 -12.10 0.16 -16.62
N CYS B 47 -13.30 -0.35 -16.71
CA CYS B 47 -13.81 -1.28 -15.73
C CYS B 47 -13.82 -2.63 -16.37
N VAL B 48 -12.99 -3.52 -15.94
CA VAL B 48 -12.91 -4.82 -16.59
C VAL B 48 -13.12 -5.95 -15.61
N GLY B 49 -14.01 -6.84 -15.94
CA GLY B 49 -14.23 -7.99 -15.13
C GLY B 49 -13.49 -9.20 -15.64
N LEU B 50 -12.90 -9.94 -14.75
CA LEU B 50 -12.18 -11.15 -15.12
C LEU B 50 -12.84 -12.34 -14.48
N PRO B 51 -13.69 -13.07 -15.24
CA PRO B 51 -14.40 -14.29 -14.75
C PRO B 51 -13.45 -15.35 -14.21
N GLU B 52 -12.25 -15.44 -14.79
CA GLU B 52 -11.23 -16.40 -14.33
C GLU B 52 -10.78 -16.10 -12.89
N LEU B 53 -10.58 -14.83 -12.59
CA LEU B 53 -10.18 -14.45 -11.22
C LEU B 53 -11.42 -14.22 -10.41
N GLN B 54 -12.48 -14.11 -11.14
CA GLN B 54 -13.80 -13.81 -10.66
C GLN B 54 -13.82 -12.54 -9.80
N LEU B 55 -13.25 -11.49 -10.39
CA LEU B 55 -13.19 -10.17 -9.81
C LEU B 55 -13.44 -9.10 -10.85
N ILE B 56 -13.46 -7.88 -10.41
CA ILE B 56 -13.58 -6.74 -11.26
C ILE B 56 -12.34 -5.92 -10.97
N CYS B 57 -11.81 -5.28 -11.96
CA CYS B 57 -10.59 -4.54 -11.79
C CYS B 57 -10.58 -3.38 -12.76
N LEU B 58 -9.82 -2.39 -12.45
CA LEU B 58 -9.76 -1.20 -13.25
C LEU B 58 -8.44 -1.11 -13.93
N VAL B 59 -8.44 -1.21 -15.23
CA VAL B 59 -7.23 -1.19 -16.01
C VAL B 59 -7.37 -0.11 -17.06
N GLY B 60 -6.38 0.71 -17.19
CA GLY B 60 -6.43 1.73 -18.18
C GLY B 60 -5.08 2.29 -18.47
N THR B 61 -5.05 3.43 -19.05
CA THR B 61 -3.84 4.04 -19.39
C THR B 61 -3.57 5.16 -18.39
N GLU B 62 -2.60 4.90 -17.51
CA GLU B 62 -2.16 5.84 -16.48
C GLU B 62 -1.96 7.22 -17.09
N ILE B 63 -1.09 7.27 -18.08
CA ILE B 63 -0.76 8.46 -18.82
C ILE B 63 -0.70 8.05 -20.28
N GLU B 64 -1.37 8.78 -21.17
CA GLU B 64 -1.30 8.45 -22.60
C GLU B 64 0.14 8.48 -23.08
N GLY B 65 0.51 7.49 -23.83
CA GLY B 65 1.86 7.34 -24.29
C GLY B 65 2.44 6.12 -23.66
N GLU B 66 1.96 5.85 -22.48
CA GLU B 66 2.27 4.68 -21.73
C GLU B 66 1.09 3.72 -21.89
N GLY B 67 0.97 2.76 -21.01
CA GLY B 67 -0.13 1.83 -21.11
C GLY B 67 0.00 0.69 -20.15
N LEU B 68 -0.13 0.99 -18.88
CA LEU B 68 0.01 0.00 -17.85
C LEU B 68 -0.57 0.51 -16.56
N GLN B 69 -1.65 -0.10 -16.14
CA GLN B 69 -2.24 0.19 -14.85
C GLN B 69 -3.28 -0.86 -14.55
N THR B 70 -3.05 -1.65 -13.54
CA THR B 70 -4.04 -2.56 -13.06
C THR B 70 -4.36 -2.19 -11.65
N VAL B 71 -5.55 -1.78 -11.41
CA VAL B 71 -5.94 -1.47 -10.09
C VAL B 71 -7.00 -2.45 -9.70
N VAL B 72 -6.84 -3.10 -8.58
CA VAL B 72 -7.77 -4.07 -8.17
C VAL B 72 -8.31 -3.72 -6.79
N PRO B 73 -9.63 -3.64 -6.65
CA PRO B 73 -10.28 -3.35 -5.39
C PRO B 73 -9.97 -4.41 -4.34
N THR B 74 -9.50 -3.97 -3.20
CA THR B 74 -9.10 -4.84 -2.14
C THR B 74 -9.57 -4.25 -0.78
N PRO B 75 -10.36 -5.00 0.00
CA PRO B 75 -10.85 -4.55 1.34
C PRO B 75 -9.71 -4.45 2.38
N ILE B 76 -9.86 -3.58 3.39
CA ILE B 76 -8.87 -3.42 4.52
C ILE B 76 -8.59 -4.74 5.26
N THR B 77 -9.61 -5.58 5.36
CA THR B 77 -9.57 -6.81 6.19
C THR B 77 -8.63 -7.91 5.62
N ALA B 78 -7.85 -7.55 4.65
CA ALA B 78 -6.92 -8.46 4.06
C ALA B 78 -5.51 -8.25 4.66
N SER B 79 -4.57 -8.87 4.05
CA SER B 79 -3.12 -8.78 4.39
C SER B 79 -2.39 -9.10 3.09
N LEU B 80 -1.10 -8.87 3.00
CA LEU B 80 -0.51 -9.05 1.67
C LEU B 80 0.03 -10.43 1.44
N SER B 81 -0.27 -11.01 0.23
CA SER B 81 0.25 -12.29 -0.09
C SER B 81 0.88 -12.29 -1.47
N HIS B 82 2.04 -12.92 -1.59
CA HIS B 82 2.68 -13.06 -2.93
C HIS B 82 1.83 -13.87 -3.95
N ASN B 83 0.92 -14.70 -3.45
CA ASN B 83 -0.04 -15.45 -4.30
C ASN B 83 -0.84 -14.50 -5.20
N ARG B 84 -1.29 -13.40 -4.61
CA ARG B 84 -2.04 -12.35 -5.31
C ARG B 84 -1.38 -11.87 -6.56
N ILE B 85 -0.10 -11.55 -6.47
CA ILE B 85 0.56 -10.98 -7.61
C ILE B 85 0.57 -11.91 -8.82
N ARG B 86 1.01 -13.16 -8.64
CA ARG B 86 1.11 -14.06 -9.79
C ARG B 86 -0.26 -14.34 -10.46
N GLU B 87 -1.33 -14.39 -9.65
CA GLU B 87 -2.67 -14.65 -10.22
C GLU B 87 -3.18 -13.42 -10.99
N ILE B 88 -2.90 -12.24 -10.46
CA ILE B 88 -3.34 -11.01 -11.08
C ILE B 88 -2.48 -10.71 -12.30
N LEU B 89 -1.20 -11.05 -12.23
CA LEU B 89 -0.32 -11.01 -13.39
C LEU B 89 -0.92 -11.75 -14.57
N LYS B 90 -1.23 -13.04 -14.37
CA LYS B 90 -1.79 -13.88 -15.44
C LYS B 90 -3.07 -13.26 -16.02
N ALA B 91 -3.84 -12.64 -15.16
CA ALA B 91 -5.07 -11.98 -15.55
C ALA B 91 -4.79 -10.73 -16.37
N SER B 92 -3.85 -9.94 -15.92
CA SER B 92 -3.50 -8.71 -16.59
C SER B 92 -2.84 -9.00 -17.94
N ARG B 93 -1.89 -9.94 -17.99
CA ARG B 93 -1.28 -10.31 -19.26
C ARG B 93 -2.22 -11.06 -20.18
N LYS B 94 -3.29 -11.57 -19.61
CA LYS B 94 -4.40 -12.12 -20.40
C LYS B 94 -5.10 -10.97 -21.14
N LEU B 95 -5.36 -9.88 -20.42
CA LEU B 95 -6.11 -8.74 -20.94
C LEU B 95 -5.24 -7.80 -21.79
N GLN B 96 -4.03 -7.55 -21.34
CA GLN B 96 -3.11 -6.65 -22.02
C GLN B 96 -2.31 -7.38 -23.09
N GLY B 97 -2.19 -8.69 -22.93
CA GLY B 97 -1.50 -9.53 -23.89
C GLY B 97 0.00 -9.29 -24.01
N ASP B 98 0.65 -9.02 -22.90
CA ASP B 98 2.10 -8.83 -22.91
C ASP B 98 2.83 -10.10 -22.58
N PRO B 99 3.74 -10.56 -23.47
CA PRO B 99 4.51 -11.80 -23.27
C PRO B 99 5.45 -11.79 -22.04
N ASP B 100 4.95 -12.41 -20.97
CA ASP B 100 5.66 -12.70 -19.68
C ASP B 100 6.71 -11.65 -19.23
N LEU B 101 6.34 -10.39 -19.27
CA LEU B 101 7.23 -9.35 -18.78
C LEU B 101 7.00 -9.08 -17.28
N PRO B 102 8.04 -8.60 -16.55
CA PRO B 102 7.89 -8.27 -15.12
C PRO B 102 6.96 -7.09 -14.97
N MET B 103 5.79 -7.34 -14.44
CA MET B 103 4.80 -6.30 -14.37
C MET B 103 4.40 -6.02 -12.90
N SER B 104 3.30 -5.31 -12.70
CA SER B 104 2.90 -4.85 -11.38
C SER B 104 1.44 -4.32 -11.41
N PHE B 105 0.93 -3.89 -10.24
CA PHE B 105 -0.43 -3.38 -10.13
C PHE B 105 -0.64 -2.57 -8.84
N THR B 106 -1.66 -1.78 -8.83
CA THR B 106 -1.97 -0.94 -7.71
C THR B 106 -3.12 -1.55 -6.89
N LEU B 107 -2.88 -1.73 -5.62
CA LEU B 107 -3.88 -2.22 -4.69
C LEU B 107 -4.73 -1.05 -4.25
N ALA B 108 -6.00 -1.22 -4.30
CA ALA B 108 -6.92 -0.22 -3.86
C ALA B 108 -7.57 -0.71 -2.60
N ILE B 109 -7.13 -0.20 -1.48
CA ILE B 109 -7.56 -0.68 -0.20
C ILE B 109 -8.76 0.15 0.28
N VAL B 110 -9.87 -0.50 0.46
CA VAL B 110 -11.07 0.20 0.87
C VAL B 110 -11.51 -0.14 2.28
N GLU B 111 -11.86 0.88 3.02
CA GLU B 111 -12.40 0.75 4.33
C GLU B 111 -13.92 0.72 4.21
N SER B 112 -14.60 0.20 5.20
CA SER B 112 -16.06 0.05 5.15
C SER B 112 -16.76 1.43 5.20
N ASP B 113 -16.01 2.46 5.57
CA ASP B 113 -16.50 3.83 5.64
C ASP B 113 -16.23 4.54 4.34
N SER B 114 -15.78 3.75 3.37
CA SER B 114 -15.52 4.18 2.00
C SER B 114 -14.20 4.95 1.89
N THR B 115 -13.34 4.85 2.92
CA THR B 115 -12.03 5.44 2.86
C THR B 115 -11.18 4.59 1.93
N ILE B 116 -10.52 5.21 1.01
CA ILE B 116 -9.75 4.48 0.02
C ILE B 116 -8.29 4.83 0.11
N VAL B 117 -7.47 3.81 0.23
CA VAL B 117 -6.05 3.97 0.36
C VAL B 117 -5.36 3.07 -0.68
N TYR B 118 -4.74 3.69 -1.62
CA TYR B 118 -4.01 2.97 -2.66
C TYR B 118 -2.67 2.54 -2.19
N TYR B 119 -2.21 1.45 -2.68
CA TYR B 119 -0.94 0.97 -2.31
C TYR B 119 -0.38 0.21 -3.52
N LYS B 120 0.68 0.69 -4.08
CA LYS B 120 1.15 0.20 -5.33
C LYS B 120 2.07 -0.99 -5.16
N LEU B 121 1.69 -2.14 -5.67
CA LEU B 121 2.50 -3.36 -5.55
C LEU B 121 3.27 -3.62 -6.84
N THR B 122 4.54 -3.87 -6.71
CA THR B 122 5.42 -4.07 -7.82
C THR B 122 5.99 -5.48 -7.79
N ASP B 123 6.54 -5.90 -8.90
CA ASP B 123 7.39 -7.08 -8.95
C ASP B 123 8.47 -6.95 -7.87
N SER A 1 13.16 21.41 23.73
CA SER A 1 13.74 21.85 24.99
C SER A 1 15.26 22.03 24.80
N GLU A 2 15.88 21.06 24.17
CA GLU A 2 17.32 21.11 23.86
C GLU A 2 17.43 20.82 22.40
N ASP A 3 16.76 19.77 22.07
CA ASP A 3 16.57 19.10 20.78
C ASP A 3 16.06 20.00 19.62
N ALA A 4 16.42 21.23 19.62
CA ALA A 4 15.96 22.21 18.65
C ALA A 4 17.14 22.75 17.87
N TRP A 5 18.26 22.08 17.97
CA TRP A 5 19.48 22.50 17.29
C TRP A 5 19.26 22.30 15.79
N MET A 6 18.80 21.12 15.44
CA MET A 6 18.56 20.76 14.06
C MET A 6 17.06 20.76 13.84
N GLY A 7 16.35 20.06 14.71
CA GLY A 7 14.91 19.98 14.62
C GLY A 7 14.24 20.74 15.73
N THR A 8 13.43 20.05 16.53
CA THR A 8 12.73 20.65 17.68
C THR A 8 11.77 19.64 18.37
N HIS A 9 11.64 18.49 17.79
CA HIS A 9 10.99 17.40 18.44
C HIS A 9 12.05 16.38 18.79
N PRO A 10 12.18 16.01 20.10
CA PRO A 10 13.24 15.10 20.56
C PRO A 10 13.21 13.77 19.83
N LYS A 11 12.02 13.29 19.59
CA LYS A 11 11.84 12.02 18.92
C LYS A 11 12.16 12.13 17.42
N TYR A 12 11.84 13.28 16.85
CA TYR A 12 12.19 13.56 15.46
C TYR A 12 13.70 13.66 15.32
N LEU A 13 14.31 14.45 16.21
CA LEU A 13 15.77 14.57 16.24
C LEU A 13 16.44 13.19 16.46
N GLU A 14 15.88 12.41 17.38
CA GLU A 14 16.31 11.01 17.67
C GLU A 14 16.32 10.19 16.35
N MET A 15 15.34 10.43 15.50
CA MET A 15 15.21 9.76 14.19
C MET A 15 16.26 10.34 13.21
N MET A 16 16.48 11.62 13.33
CA MET A 16 17.41 12.38 12.49
C MET A 16 18.84 11.86 12.68
N GLU A 17 19.12 11.35 13.86
CA GLU A 17 20.39 10.72 14.20
C GLU A 17 20.68 9.46 13.37
N LEU A 18 19.66 8.94 12.69
CA LEU A 18 19.86 7.75 11.84
C LEU A 18 20.92 8.02 10.77
N ASP A 19 21.64 6.97 10.40
CA ASP A 19 22.86 7.01 9.55
C ASP A 19 22.63 7.39 8.07
N ILE A 20 21.70 8.28 7.80
CA ILE A 20 21.40 8.79 6.46
C ILE A 20 20.59 10.06 6.64
N GLY A 21 19.47 9.88 7.28
CA GLY A 21 18.59 10.97 7.59
C GLY A 21 18.00 11.56 6.32
N ASP A 22 17.00 10.89 5.86
CA ASP A 22 16.32 11.30 4.66
C ASP A 22 15.11 12.06 5.07
N ALA A 23 15.10 13.36 4.81
CA ALA A 23 14.01 14.25 5.21
C ALA A 23 12.63 13.73 4.83
N THR A 24 12.53 13.07 3.70
CA THR A 24 11.27 12.55 3.27
C THR A 24 10.91 11.31 4.12
N GLN A 25 11.88 10.41 4.34
CA GLN A 25 11.69 9.27 5.20
C GLN A 25 11.42 9.68 6.61
N VAL A 26 12.26 10.56 7.14
CA VAL A 26 12.14 11.05 8.49
C VAL A 26 10.77 11.68 8.74
N TYR A 27 10.28 12.44 7.77
CA TYR A 27 8.94 13.02 7.87
C TYR A 27 7.86 11.93 7.95
N VAL A 28 7.93 10.95 7.06
CA VAL A 28 6.93 9.89 7.01
C VAL A 28 7.07 8.96 8.21
N ALA A 29 8.30 8.64 8.55
CA ALA A 29 8.60 7.80 9.69
C ALA A 29 8.12 8.44 10.98
N PHE A 30 8.29 9.74 11.08
CA PHE A 30 7.84 10.50 12.23
C PHE A 30 6.31 10.40 12.34
N LEU A 31 5.65 10.50 11.18
CA LEU A 31 4.19 10.39 11.13
C LEU A 31 3.71 9.05 11.67
N VAL A 32 4.28 7.95 11.16
CA VAL A 32 3.85 6.64 11.58
C VAL A 32 4.29 6.35 13.04
N TYR A 33 5.51 6.78 13.39
CA TYR A 33 6.04 6.67 14.76
C TYR A 33 5.06 7.28 15.78
N LEU A 34 4.59 8.49 15.50
CA LEU A 34 3.61 9.12 16.38
C LEU A 34 2.28 8.41 16.37
N ASP A 35 1.95 7.74 15.27
CA ASP A 35 0.70 7.01 15.26
C ASP A 35 0.84 5.76 16.08
N LEU A 36 1.90 5.00 15.85
CA LEU A 36 2.19 3.81 16.63
C LEU A 36 2.24 4.09 18.12
N MET A 37 2.81 5.20 18.49
CA MET A 37 2.83 5.60 19.91
C MET A 37 1.46 5.92 20.45
N GLU A 38 0.80 6.82 19.82
CA GLU A 38 -0.38 7.41 20.38
C GLU A 38 -1.67 6.69 20.00
N SER A 39 -1.62 5.87 18.97
CA SER A 39 -2.80 5.17 18.54
C SER A 39 -2.62 3.68 18.81
N LYS A 40 -1.56 3.12 18.24
CA LYS A 40 -1.28 1.69 18.32
C LYS A 40 -0.77 1.27 19.71
N SER A 41 -0.15 2.22 20.42
CA SER A 41 0.50 1.99 21.71
C SER A 41 1.25 0.63 21.86
N TRP A 42 2.41 0.50 21.21
CA TRP A 42 3.25 -0.71 21.34
C TRP A 42 3.95 -0.77 22.68
N HIS A 43 4.52 -1.94 22.95
CA HIS A 43 5.36 -2.14 24.10
C HIS A 43 6.73 -1.48 23.87
N GLU A 44 7.14 -1.45 22.63
CA GLU A 44 8.42 -0.84 22.26
C GLU A 44 8.41 -0.49 20.79
N VAL A 45 8.91 0.70 20.45
CA VAL A 45 9.03 1.16 19.06
C VAL A 45 10.43 1.70 18.87
N ASN A 46 11.17 1.24 17.86
CA ASN A 46 12.55 1.70 17.68
C ASN A 46 12.72 2.17 16.27
N CYS A 47 13.71 3.01 16.06
CA CYS A 47 13.97 3.54 14.75
C CYS A 47 15.24 2.93 14.23
N VAL A 48 15.20 2.37 13.05
CA VAL A 48 16.40 1.77 12.49
C VAL A 48 16.62 2.30 11.09
N GLY A 49 17.80 2.81 10.84
CA GLY A 49 18.13 3.29 9.54
C GLY A 49 19.00 2.33 8.77
N LEU A 50 18.58 2.03 7.56
CA LEU A 50 19.34 1.16 6.67
C LEU A 50 19.93 2.01 5.55
N PRO A 51 21.19 2.44 5.71
CA PRO A 51 21.86 3.37 4.79
C PRO A 51 21.95 2.89 3.34
N GLU A 52 22.19 1.62 3.15
CA GLU A 52 22.39 1.10 1.78
C GLU A 52 21.08 0.99 1.05
N LEU A 53 20.05 0.75 1.80
CA LEU A 53 18.73 0.62 1.24
C LEU A 53 18.05 2.00 1.21
N GLN A 54 18.72 3.00 1.85
CA GLN A 54 18.22 4.39 1.92
C GLN A 54 16.87 4.44 2.68
N LEU A 55 16.60 3.39 3.40
CA LEU A 55 15.30 3.20 3.98
C LEU A 55 15.33 3.32 5.49
N ILE A 56 14.28 3.90 6.03
CA ILE A 56 14.09 4.01 7.45
C ILE A 56 12.96 3.06 7.82
N CYS A 57 13.09 2.34 8.90
CA CYS A 57 12.11 1.37 9.27
C CYS A 57 12.06 1.27 10.79
N LEU A 58 10.88 1.06 11.33
CA LEU A 58 10.70 0.97 12.75
C LEU A 58 10.44 -0.45 13.14
N VAL A 59 11.16 -0.92 14.10
CA VAL A 59 11.00 -2.24 14.60
C VAL A 59 10.96 -2.15 16.08
N GLY A 60 9.96 -2.65 16.65
CA GLY A 60 9.90 -2.69 18.06
C GLY A 60 9.26 -3.93 18.51
N THR A 61 8.97 -4.00 19.74
CA THR A 61 8.34 -5.13 20.24
C THR A 61 6.91 -4.79 20.54
N GLU A 62 6.02 -5.33 19.76
CA GLU A 62 4.63 -5.14 20.02
C GLU A 62 4.31 -5.96 21.24
N ILE A 63 4.98 -7.08 21.34
CA ILE A 63 4.94 -7.97 22.46
C ILE A 63 6.38 -8.48 22.63
N GLU A 64 7.10 -7.93 23.59
CA GLU A 64 8.46 -8.38 23.89
C GLU A 64 8.50 -9.88 24.19
N GLY A 65 9.60 -10.53 23.89
CA GLY A 65 9.68 -11.97 24.00
C GLY A 65 9.36 -12.61 22.68
N GLU A 66 8.23 -12.27 22.14
CA GLU A 66 7.79 -12.79 20.87
C GLU A 66 8.04 -11.75 19.78
N GLY A 67 9.14 -10.98 19.96
CA GLY A 67 9.52 -9.93 19.04
C GLY A 67 9.51 -10.33 17.58
N LEU A 68 8.49 -9.89 16.91
CA LEU A 68 8.27 -10.09 15.50
C LEU A 68 7.38 -8.96 15.08
N GLN A 69 7.99 -7.89 14.64
CA GLN A 69 7.26 -6.73 14.23
C GLN A 69 8.16 -5.80 13.44
N THR A 70 7.84 -5.59 12.22
CA THR A 70 8.56 -4.65 11.41
C THR A 70 7.56 -3.77 10.63
N VAL A 71 7.67 -2.47 10.82
CA VAL A 71 6.85 -1.51 10.09
C VAL A 71 7.74 -0.55 9.37
N VAL A 72 7.46 -0.26 8.14
CA VAL A 72 8.29 0.63 7.42
C VAL A 72 7.47 1.67 6.68
N PRO A 73 7.75 2.96 6.98
CA PRO A 73 7.05 4.08 6.37
C PRO A 73 7.22 4.10 4.86
N THR A 74 6.15 4.31 4.19
CA THR A 74 6.13 4.33 2.77
C THR A 74 5.06 5.35 2.30
N PRO A 75 5.46 6.35 1.51
CA PRO A 75 4.54 7.38 1.03
C PRO A 75 3.59 6.84 -0.02
N ILE A 76 2.46 7.47 -0.16
CA ILE A 76 1.42 7.06 -1.10
C ILE A 76 1.96 7.24 -2.56
N THR A 77 2.99 8.05 -2.69
CA THR A 77 3.55 8.39 -3.98
C THR A 77 4.80 7.50 -4.31
N ALA A 78 5.01 6.44 -3.54
CA ALA A 78 6.12 5.53 -3.79
C ALA A 78 5.61 4.25 -4.42
N SER A 79 6.51 3.42 -4.85
CA SER A 79 6.16 2.18 -5.43
C SER A 79 6.76 1.05 -4.62
N LEU A 80 5.97 0.03 -4.37
CA LEU A 80 6.46 -1.13 -3.73
C LEU A 80 6.93 -2.02 -4.86
N SER A 81 7.63 -3.05 -4.55
CA SER A 81 8.06 -3.98 -5.55
C SER A 81 8.48 -5.26 -4.88
N HIS A 82 8.36 -6.38 -5.59
CA HIS A 82 8.80 -7.66 -5.07
C HIS A 82 10.27 -7.65 -4.67
N ASN A 83 11.07 -6.93 -5.40
CA ASN A 83 12.46 -6.84 -5.02
C ASN A 83 12.64 -6.04 -3.75
N ARG A 84 11.96 -4.89 -3.64
CA ARG A 84 12.20 -4.04 -2.50
C ARG A 84 11.67 -4.68 -1.22
N ILE A 85 10.54 -5.42 -1.30
CA ILE A 85 10.04 -6.14 -0.11
C ILE A 85 10.98 -7.25 0.31
N ARG A 86 11.48 -7.98 -0.67
CA ARG A 86 12.46 -9.04 -0.45
C ARG A 86 13.67 -8.49 0.32
N GLU A 87 14.09 -7.28 -0.01
CA GLU A 87 15.16 -6.66 0.71
C GLU A 87 14.73 -6.04 2.04
N ILE A 88 13.46 -5.66 2.16
CA ILE A 88 12.94 -5.21 3.47
C ILE A 88 13.05 -6.40 4.43
N LEU A 89 12.63 -7.59 3.96
CA LEU A 89 12.83 -8.82 4.73
C LEU A 89 14.27 -8.99 5.13
N LYS A 90 15.17 -8.70 4.20
CA LYS A 90 16.60 -8.76 4.45
C LYS A 90 16.99 -7.82 5.59
N ALA A 91 16.47 -6.61 5.53
CA ALA A 91 16.71 -5.60 6.54
C ALA A 91 16.21 -6.09 7.89
N SER A 92 14.98 -6.56 7.91
CA SER A 92 14.34 -7.01 9.12
C SER A 92 15.03 -8.26 9.70
N ARG A 93 15.24 -9.30 8.87
CA ARG A 93 15.85 -10.57 9.35
C ARG A 93 17.22 -10.32 9.94
N LYS A 94 17.90 -9.33 9.39
CA LYS A 94 19.19 -8.92 9.84
C LYS A 94 19.11 -8.38 11.26
N LEU A 95 18.16 -7.50 11.49
CA LEU A 95 18.03 -6.87 12.79
C LEU A 95 17.29 -7.71 13.83
N GLN A 96 16.49 -8.69 13.39
CA GLN A 96 15.76 -9.51 14.33
C GLN A 96 16.31 -10.90 14.57
N GLY A 97 17.33 -11.28 13.83
CA GLY A 97 18.01 -12.53 14.08
C GLY A 97 17.32 -13.75 13.51
N ASP A 98 16.64 -13.57 12.42
CA ASP A 98 16.06 -14.69 11.69
C ASP A 98 16.74 -14.88 10.37
N PRO A 99 16.87 -16.12 9.90
CA PRO A 99 17.52 -16.40 8.65
C PRO A 99 16.68 -15.99 7.42
N ASP A 100 17.34 -16.04 6.27
CA ASP A 100 16.79 -15.79 4.88
C ASP A 100 15.46 -16.56 4.49
N LEU A 101 14.59 -16.73 5.44
CA LEU A 101 13.30 -17.36 5.26
C LEU A 101 12.16 -16.31 5.03
N PRO A 102 10.96 -16.74 4.51
CA PRO A 102 9.83 -15.83 4.25
C PRO A 102 9.17 -15.31 5.55
N MET A 103 9.36 -14.04 5.80
CA MET A 103 8.81 -13.40 7.00
C MET A 103 7.71 -12.36 6.62
N SER A 104 7.28 -11.51 7.55
CA SER A 104 6.21 -10.56 7.32
C SER A 104 6.57 -9.21 7.92
N PHE A 105 5.95 -8.15 7.42
CA PHE A 105 6.14 -6.81 7.89
C PHE A 105 4.93 -5.98 7.49
N THR A 106 4.71 -4.91 8.18
CA THR A 106 3.61 -4.06 7.88
C THR A 106 4.09 -2.75 7.23
N LEU A 107 3.54 -2.49 6.08
CA LEU A 107 3.79 -1.26 5.38
C LEU A 107 2.89 -0.18 5.92
N ALA A 108 3.42 1.00 6.01
CA ALA A 108 2.67 2.11 6.51
C ALA A 108 2.61 3.16 5.43
N ILE A 109 1.44 3.30 4.84
CA ILE A 109 1.27 4.19 3.73
C ILE A 109 0.76 5.52 4.23
N VAL A 110 1.38 6.56 3.79
CA VAL A 110 0.91 7.87 4.14
C VAL A 110 0.26 8.53 2.98
N GLU A 111 -1.01 8.79 3.14
CA GLU A 111 -1.86 9.38 2.16
C GLU A 111 -1.54 10.89 2.09
N SER A 112 -1.92 11.51 1.00
CA SER A 112 -1.54 12.88 0.68
C SER A 112 -1.95 13.91 1.76
N ASP A 113 -3.06 13.67 2.43
CA ASP A 113 -3.53 14.59 3.46
C ASP A 113 -2.67 14.54 4.71
N SER A 114 -2.54 13.34 5.31
CA SER A 114 -1.88 13.14 6.62
C SER A 114 -2.33 11.78 7.18
N THR A 115 -2.89 10.93 6.34
CA THR A 115 -3.49 9.72 6.84
C THR A 115 -2.48 8.56 6.79
N ILE A 116 -2.26 7.96 7.94
CA ILE A 116 -1.39 6.79 8.01
C ILE A 116 -2.26 5.56 7.86
N VAL A 117 -1.97 4.74 6.88
CA VAL A 117 -2.75 3.53 6.64
C VAL A 117 -1.81 2.33 6.60
N TYR A 118 -1.99 1.46 7.54
CA TYR A 118 -1.19 0.26 7.65
C TYR A 118 -1.72 -0.84 6.78
N TYR A 119 -0.82 -1.51 6.12
CA TYR A 119 -1.18 -2.62 5.29
C TYR A 119 -0.13 -3.71 5.47
N LYS A 120 -0.54 -4.88 5.88
CA LYS A 120 0.42 -5.92 6.16
C LYS A 120 0.73 -6.78 4.96
N LEU A 121 1.99 -7.05 4.77
CA LEU A 121 2.44 -7.88 3.73
C LEU A 121 3.13 -9.08 4.36
N THR A 122 2.73 -10.24 3.95
CA THR A 122 3.26 -11.45 4.49
C THR A 122 3.87 -12.26 3.32
N ASP A 123 5.17 -12.47 3.38
CA ASP A 123 5.86 -13.20 2.29
C ASP A 123 6.14 -14.63 2.69
N SER B 1 -26.07 8.78 -4.27
CA SER B 1 -26.09 8.41 -2.87
C SER B 1 -27.50 7.93 -2.47
N GLU B 2 -28.50 8.52 -3.14
CA GLU B 2 -29.92 8.23 -2.92
C GLU B 2 -30.17 6.75 -3.03
N ASP B 3 -29.64 6.17 -4.07
CA ASP B 3 -29.71 4.77 -4.25
C ASP B 3 -28.38 4.28 -4.75
N ALA B 4 -27.43 4.40 -3.90
CA ALA B 4 -26.10 3.96 -4.19
C ALA B 4 -25.93 2.50 -3.82
N TRP B 5 -26.52 2.15 -2.70
CA TRP B 5 -26.38 0.83 -2.13
C TRP B 5 -27.16 -0.25 -2.91
N MET B 6 -28.34 0.07 -3.42
CA MET B 6 -29.05 -0.92 -4.21
C MET B 6 -28.56 -0.95 -5.64
N GLY B 7 -28.25 0.20 -6.19
CA GLY B 7 -27.59 0.21 -7.47
C GLY B 7 -28.39 0.76 -8.62
N THR B 8 -28.60 2.04 -8.62
CA THR B 8 -29.25 2.69 -9.75
C THR B 8 -28.28 3.63 -10.44
N HIS B 9 -27.02 3.47 -10.11
CA HIS B 9 -25.96 4.23 -10.72
C HIS B 9 -25.54 3.49 -11.97
N PRO B 10 -25.61 4.14 -13.15
CA PRO B 10 -25.28 3.49 -14.44
C PRO B 10 -23.91 2.86 -14.45
N LYS B 11 -22.96 3.53 -13.84
CA LYS B 11 -21.59 3.04 -13.80
C LYS B 11 -21.45 1.86 -12.83
N TYR B 12 -22.21 1.90 -11.75
CA TYR B 12 -22.26 0.78 -10.81
C TYR B 12 -22.88 -0.43 -11.51
N LEU B 13 -24.02 -0.21 -12.16
CA LEU B 13 -24.72 -1.25 -12.90
C LEU B 13 -23.82 -1.83 -14.03
N GLU B 14 -23.10 -0.93 -14.69
CA GLU B 14 -22.11 -1.27 -15.73
C GLU B 14 -21.09 -2.26 -15.13
N MET B 15 -20.74 -2.03 -13.86
CA MET B 15 -19.83 -2.89 -13.14
C MET B 15 -20.52 -4.20 -12.72
N MET B 16 -21.81 -4.14 -12.38
CA MET B 16 -22.57 -5.36 -12.00
C MET B 16 -22.55 -6.37 -13.12
N GLU B 17 -22.57 -5.86 -14.35
CA GLU B 17 -22.53 -6.67 -15.57
C GLU B 17 -21.31 -7.59 -15.65
N LEU B 18 -20.31 -7.35 -14.81
CA LEU B 18 -19.14 -8.20 -14.74
C LEU B 18 -19.54 -9.64 -14.40
N ASP B 19 -18.79 -10.57 -14.94
CA ASP B 19 -19.10 -12.02 -14.96
C ASP B 19 -18.98 -12.73 -13.61
N ILE B 20 -19.40 -12.09 -12.53
CA ILE B 20 -19.39 -12.60 -11.16
C ILE B 20 -20.16 -11.61 -10.34
N GLY B 21 -19.71 -10.39 -10.45
CA GLY B 21 -20.31 -9.26 -9.79
C GLY B 21 -20.48 -9.51 -8.32
N ASP B 22 -19.44 -9.40 -7.56
CA ASP B 22 -19.50 -9.66 -6.13
C ASP B 22 -19.78 -8.34 -5.45
N ALA B 23 -20.83 -8.29 -4.64
CA ALA B 23 -21.27 -7.07 -3.96
C ALA B 23 -20.16 -6.36 -3.17
N THR B 24 -19.23 -7.12 -2.62
CA THR B 24 -18.17 -6.53 -1.84
C THR B 24 -17.15 -5.89 -2.78
N GLN B 25 -16.75 -6.63 -3.81
CA GLN B 25 -15.85 -6.11 -4.83
C GLN B 25 -16.45 -4.94 -5.56
N VAL B 26 -17.68 -5.09 -6.03
CA VAL B 26 -18.37 -4.04 -6.76
C VAL B 26 -18.42 -2.76 -5.93
N TYR B 27 -18.73 -2.87 -4.65
CA TYR B 27 -18.76 -1.71 -3.75
C TYR B 27 -17.41 -1.01 -3.68
N VAL B 28 -16.35 -1.79 -3.49
CA VAL B 28 -15.02 -1.23 -3.35
C VAL B 28 -14.51 -0.71 -4.69
N ALA B 29 -14.77 -1.47 -5.72
CA ALA B 29 -14.39 -1.10 -7.06
C ALA B 29 -15.08 0.17 -7.49
N PHE B 30 -16.34 0.30 -7.13
CA PHE B 30 -17.12 1.51 -7.41
C PHE B 30 -16.48 2.70 -6.72
N LEU B 31 -16.05 2.49 -5.48
CA LEU B 31 -15.40 3.54 -4.70
C LEU B 31 -14.15 4.03 -5.40
N VAL B 32 -13.27 3.12 -5.80
CA VAL B 32 -12.02 3.53 -6.42
C VAL B 32 -12.26 4.08 -7.84
N TYR B 33 -13.19 3.44 -8.57
CA TYR B 33 -13.61 3.90 -9.89
C TYR B 33 -14.03 5.36 -9.86
N LEU B 34 -14.85 5.74 -8.87
CA LEU B 34 -15.26 7.13 -8.74
C LEU B 34 -14.11 8.03 -8.32
N ASP B 35 -13.15 7.48 -7.63
CA ASP B 35 -12.02 8.28 -7.22
C ASP B 35 -11.13 8.58 -8.40
N LEU B 36 -10.69 7.55 -9.10
CA LEU B 36 -9.85 7.68 -10.30
C LEU B 36 -10.47 8.59 -11.31
N MET B 37 -11.77 8.55 -11.38
CA MET B 37 -12.51 9.27 -12.36
C MET B 37 -12.59 10.75 -11.97
N GLU B 38 -12.87 11.01 -10.69
CA GLU B 38 -13.16 12.39 -10.23
C GLU B 38 -12.03 13.09 -9.45
N SER B 39 -10.99 12.40 -9.03
CA SER B 39 -9.96 13.10 -8.28
C SER B 39 -8.75 13.27 -9.13
N LYS B 40 -8.22 12.18 -9.66
CA LYS B 40 -7.07 12.22 -10.50
C LYS B 40 -7.46 12.22 -11.94
N SER B 41 -8.77 12.08 -12.18
CA SER B 41 -9.38 12.06 -13.50
C SER B 41 -8.52 11.35 -14.55
N TRP B 42 -8.47 10.04 -14.48
CA TRP B 42 -7.76 9.29 -15.48
C TRP B 42 -8.43 9.37 -16.82
N HIS B 43 -7.64 9.32 -17.84
CA HIS B 43 -8.13 9.34 -19.20
C HIS B 43 -8.97 8.12 -19.50
N GLU B 44 -8.62 7.01 -18.94
CA GLU B 44 -9.26 5.80 -19.28
C GLU B 44 -9.29 4.85 -18.10
N VAL B 45 -10.48 4.44 -17.72
CA VAL B 45 -10.64 3.44 -16.68
C VAL B 45 -11.68 2.43 -17.16
N ASN B 46 -11.34 1.14 -17.15
CA ASN B 46 -12.29 0.11 -17.59
C ASN B 46 -12.47 -0.86 -16.49
N CYS B 47 -13.55 -1.60 -16.49
CA CYS B 47 -13.82 -2.54 -15.45
C CYS B 47 -13.65 -3.93 -15.98
N VAL B 48 -12.80 -4.73 -15.38
CA VAL B 48 -12.62 -6.09 -15.84
C VAL B 48 -12.82 -7.05 -14.68
N GLY B 49 -13.70 -8.00 -14.87
CA GLY B 49 -13.91 -9.00 -13.87
C GLY B 49 -13.19 -10.28 -14.23
N LEU B 50 -12.55 -10.86 -13.25
CA LEU B 50 -11.85 -12.11 -13.43
C LEU B 50 -12.53 -13.17 -12.59
N PRO B 51 -13.49 -13.91 -13.18
CA PRO B 51 -14.24 -14.96 -12.49
C PRO B 51 -13.33 -16.04 -11.91
N GLU B 52 -12.25 -16.34 -12.62
CA GLU B 52 -11.26 -17.33 -12.18
C GLU B 52 -10.68 -16.91 -10.81
N LEU B 53 -10.46 -15.63 -10.67
CA LEU B 53 -9.83 -15.08 -9.48
C LEU B 53 -10.87 -14.55 -8.50
N GLN B 54 -12.11 -14.45 -8.99
CA GLN B 54 -13.25 -13.89 -8.24
C GLN B 54 -12.93 -12.41 -7.89
N LEU B 55 -12.08 -11.83 -8.70
CA LEU B 55 -11.55 -10.51 -8.46
C LEU B 55 -12.02 -9.54 -9.51
N ILE B 56 -12.20 -8.31 -9.10
CA ILE B 56 -12.57 -7.23 -9.98
C ILE B 56 -11.37 -6.29 -10.04
N CYS B 57 -11.05 -5.79 -11.20
CA CYS B 57 -9.89 -4.96 -11.37
C CYS B 57 -10.15 -3.95 -12.50
N LEU B 58 -9.56 -2.78 -12.39
CA LEU B 58 -9.77 -1.73 -13.38
C LEU B 58 -8.47 -1.47 -14.10
N VAL B 59 -8.53 -1.40 -15.40
CA VAL B 59 -7.35 -1.17 -16.21
C VAL B 59 -7.61 -0.03 -17.21
N GLY B 60 -6.68 0.91 -17.30
CA GLY B 60 -6.78 2.00 -18.24
C GLY B 60 -5.51 2.85 -18.27
N THR B 61 -5.63 4.11 -18.68
CA THR B 61 -4.50 5.01 -18.81
C THR B 61 -4.61 6.17 -17.86
N GLU B 62 -3.51 6.50 -17.22
CA GLU B 62 -3.44 7.66 -16.34
C GLU B 62 -3.67 8.90 -17.17
N ILE B 63 -3.00 8.93 -18.29
CA ILE B 63 -3.05 9.99 -19.23
C ILE B 63 -3.04 9.34 -20.59
N GLU B 64 -3.82 9.86 -21.50
CA GLU B 64 -3.82 9.42 -22.88
C GLU B 64 -2.39 9.37 -23.44
N GLY B 65 -2.01 8.24 -23.97
CA GLY B 65 -0.69 8.06 -24.52
C GLY B 65 0.29 7.48 -23.52
N GLU B 66 0.11 7.76 -22.23
CA GLU B 66 0.99 7.26 -21.18
C GLU B 66 0.74 5.75 -21.00
N GLY B 67 1.53 5.08 -20.18
CA GLY B 67 1.41 3.66 -20.01
C GLY B 67 0.19 3.24 -19.22
N LEU B 68 0.05 1.97 -19.06
CA LEU B 68 -1.10 1.42 -18.40
C LEU B 68 -0.84 1.09 -16.96
N GLN B 69 -1.76 1.46 -16.12
CA GLN B 69 -1.72 1.07 -14.75
C GLN B 69 -2.87 0.14 -14.51
N THR B 70 -2.63 -0.84 -13.75
CA THR B 70 -3.62 -1.78 -13.38
C THR B 70 -3.96 -1.55 -11.93
N VAL B 71 -5.18 -1.21 -11.65
CA VAL B 71 -5.59 -0.96 -10.30
C VAL B 71 -6.61 -1.96 -9.87
N VAL B 72 -6.44 -2.51 -8.74
CA VAL B 72 -7.38 -3.45 -8.26
C VAL B 72 -7.80 -3.12 -6.83
N PRO B 73 -9.11 -2.96 -6.64
CA PRO B 73 -9.70 -2.65 -5.34
C PRO B 73 -9.40 -3.74 -4.31
N THR B 74 -9.06 -3.31 -3.11
CA THR B 74 -8.71 -4.19 -2.04
C THR B 74 -9.08 -3.52 -0.66
N PRO B 75 -9.86 -4.21 0.17
CA PRO B 75 -10.31 -3.69 1.50
C PRO B 75 -9.18 -3.74 2.59
N ILE B 76 -9.29 -2.88 3.66
CA ILE B 76 -8.31 -2.87 4.79
C ILE B 76 -8.25 -4.24 5.49
N THR B 77 -9.34 -4.96 5.40
CA THR B 77 -9.52 -6.22 6.11
C THR B 77 -8.71 -7.38 5.51
N ALA B 78 -7.86 -7.07 4.57
CA ALA B 78 -7.03 -8.04 3.95
C ALA B 78 -5.57 -7.85 4.32
N SER B 79 -4.76 -8.67 3.78
CA SER B 79 -3.32 -8.61 3.95
C SER B 79 -2.75 -9.04 2.61
N LEU B 80 -1.50 -8.81 2.37
CA LEU B 80 -1.03 -9.04 1.04
C LEU B 80 -0.20 -10.31 0.96
N SER B 81 -0.51 -11.11 -0.04
CA SER B 81 0.19 -12.34 -0.24
C SER B 81 0.84 -12.39 -1.61
N HIS B 82 2.07 -12.88 -1.63
CA HIS B 82 2.86 -13.05 -2.85
C HIS B 82 2.17 -13.89 -3.93
N ASN B 83 1.45 -14.92 -3.56
CA ASN B 83 0.73 -15.71 -4.56
C ASN B 83 -0.37 -14.87 -5.23
N ARG B 84 -1.09 -14.15 -4.43
CA ARG B 84 -2.22 -13.34 -4.85
C ARG B 84 -1.78 -12.27 -5.84
N ILE B 85 -0.67 -11.59 -5.57
CA ILE B 85 -0.18 -10.57 -6.50
C ILE B 85 0.35 -11.19 -7.79
N ARG B 86 1.06 -12.31 -7.67
CA ARG B 86 1.56 -13.07 -8.82
C ARG B 86 0.40 -13.39 -9.77
N GLU B 87 -0.74 -13.79 -9.23
CA GLU B 87 -1.90 -14.03 -10.05
C GLU B 87 -2.59 -12.76 -10.53
N ILE B 88 -2.43 -11.66 -9.79
CA ILE B 88 -2.95 -10.36 -10.28
C ILE B 88 -2.18 -10.01 -11.55
N LEU B 89 -0.84 -10.14 -11.51
CA LEU B 89 -0.03 -9.98 -12.72
C LEU B 89 -0.52 -10.85 -13.84
N LYS B 90 -0.85 -12.08 -13.52
CA LYS B 90 -1.40 -13.03 -14.47
C LYS B 90 -2.68 -12.46 -15.12
N ALA B 91 -3.50 -11.85 -14.30
CA ALA B 91 -4.76 -11.25 -14.74
C ALA B 91 -4.46 -10.09 -15.68
N SER B 92 -3.54 -9.23 -15.28
CA SER B 92 -3.18 -8.09 -16.05
C SER B 92 -2.44 -8.44 -17.33
N ARG B 93 -1.39 -9.25 -17.27
CA ARG B 93 -0.62 -9.62 -18.49
C ARG B 93 -1.54 -10.23 -19.54
N LYS B 94 -2.53 -10.97 -19.07
CA LYS B 94 -3.57 -11.58 -19.89
C LYS B 94 -4.31 -10.48 -20.68
N LEU B 95 -4.78 -9.47 -19.98
CA LEU B 95 -5.54 -8.39 -20.61
C LEU B 95 -4.67 -7.28 -21.28
N GLN B 96 -3.39 -7.18 -20.91
CA GLN B 96 -2.49 -6.14 -21.47
C GLN B 96 -1.83 -6.64 -22.75
N GLY B 97 -1.54 -7.92 -22.77
CA GLY B 97 -0.81 -8.52 -23.88
C GLY B 97 0.63 -7.97 -24.02
N ASP B 98 1.16 -7.33 -22.99
CA ASP B 98 2.49 -6.72 -23.09
C ASP B 98 3.54 -7.58 -22.42
N PRO B 99 4.52 -8.08 -23.18
CA PRO B 99 5.61 -8.88 -22.63
C PRO B 99 6.99 -8.14 -22.48
N ASP B 100 7.15 -6.94 -23.08
CA ASP B 100 8.47 -6.31 -23.05
C ASP B 100 8.63 -5.10 -22.15
N LEU B 101 7.55 -4.51 -21.71
CA LEU B 101 7.67 -3.38 -20.81
C LEU B 101 7.42 -3.78 -19.37
N PRO B 102 8.40 -3.60 -18.46
CA PRO B 102 8.22 -3.90 -17.04
C PRO B 102 7.20 -2.94 -16.47
N MET B 103 6.14 -3.45 -15.92
CA MET B 103 5.05 -2.58 -15.57
C MET B 103 4.70 -2.82 -14.11
N SER B 104 3.49 -2.57 -13.72
CA SER B 104 3.19 -2.55 -12.32
C SER B 104 1.69 -2.52 -12.12
N PHE B 105 1.27 -2.58 -10.89
CA PHE B 105 -0.12 -2.50 -10.59
C PHE B 105 -0.27 -1.78 -9.29
N THR B 106 -1.31 -1.10 -9.16
CA THR B 106 -1.53 -0.34 -8.00
C THR B 106 -2.72 -0.89 -7.23
N LEU B 107 -2.48 -1.20 -5.99
CA LEU B 107 -3.51 -1.65 -5.10
C LEU B 107 -4.25 -0.46 -4.57
N ALA B 108 -5.52 -0.61 -4.43
CA ALA B 108 -6.33 0.43 -3.92
C ALA B 108 -6.98 -0.04 -2.65
N ILE B 109 -6.54 0.50 -1.55
CA ILE B 109 -6.98 0.03 -0.26
C ILE B 109 -8.09 0.95 0.25
N VAL B 110 -9.19 0.34 0.66
CA VAL B 110 -10.31 1.14 1.16
C VAL B 110 -10.69 0.80 2.55
N GLU B 111 -11.14 1.80 3.25
CA GLU B 111 -11.71 1.62 4.54
C GLU B 111 -13.25 1.66 4.32
N SER B 112 -14.05 1.60 5.34
CA SER B 112 -15.50 1.57 5.12
C SER B 112 -16.07 2.96 4.76
N ASP B 113 -15.60 3.99 5.45
CA ASP B 113 -16.16 5.34 5.34
C ASP B 113 -16.18 5.93 3.92
N SER B 114 -15.01 5.92 3.25
CA SER B 114 -14.77 6.58 1.92
C SER B 114 -13.28 6.73 1.64
N THR B 115 -12.44 6.25 2.53
CA THR B 115 -11.02 6.39 2.37
C THR B 115 -10.46 5.40 1.32
N ILE B 116 -10.07 5.93 0.16
CA ILE B 116 -9.37 5.16 -0.85
C ILE B 116 -7.90 5.53 -0.78
N VAL B 117 -7.02 4.56 -0.60
CA VAL B 117 -5.60 4.83 -0.54
C VAL B 117 -4.87 3.92 -1.51
N TYR B 118 -4.25 4.52 -2.47
CA TYR B 118 -3.51 3.79 -3.47
C TYR B 118 -2.15 3.39 -2.99
N TYR B 119 -1.69 2.27 -3.41
CA TYR B 119 -0.39 1.84 -3.07
C TYR B 119 0.11 0.98 -4.20
N LYS B 120 1.20 1.37 -4.80
CA LYS B 120 1.69 0.68 -5.96
C LYS B 120 2.60 -0.46 -5.59
N LEU B 121 2.45 -1.56 -6.29
CA LEU B 121 3.30 -2.70 -6.14
C LEU B 121 3.83 -3.07 -7.51
N THR B 122 5.12 -3.13 -7.62
CA THR B 122 5.78 -3.30 -8.86
C THR B 122 6.48 -4.67 -8.92
N ASP B 123 6.44 -5.28 -10.07
CA ASP B 123 7.11 -6.54 -10.28
C ASP B 123 8.44 -6.26 -10.93
N SER A 1 12.06 19.92 26.65
CA SER A 1 12.83 19.78 25.43
C SER A 1 13.74 20.99 25.23
N GLU A 2 15.04 20.75 25.28
CA GLU A 2 16.03 21.80 25.14
C GLU A 2 16.53 21.89 23.69
N ASP A 3 16.76 20.76 23.06
CA ASP A 3 17.28 20.75 21.72
C ASP A 3 16.16 20.81 20.73
N ALA A 4 15.81 22.00 20.34
CA ALA A 4 14.75 22.19 19.40
C ALA A 4 15.23 23.02 18.24
N TRP A 5 16.51 23.03 18.07
CA TRP A 5 17.12 23.88 17.08
C TRP A 5 17.18 23.15 15.74
N MET A 6 17.90 22.06 15.71
CA MET A 6 18.02 21.26 14.53
C MET A 6 17.05 20.08 14.58
N GLY A 7 15.93 20.24 13.97
CA GLY A 7 14.95 19.17 13.91
C GLY A 7 13.77 19.58 14.70
N THR A 8 14.06 19.93 15.92
CA THR A 8 13.19 20.66 16.79
C THR A 8 12.49 19.76 17.75
N HIS A 9 11.99 18.74 17.25
CA HIS A 9 11.45 17.74 18.06
C HIS A 9 12.54 16.80 18.45
N PRO A 10 12.79 16.61 19.75
CA PRO A 10 13.81 15.67 20.25
C PRO A 10 13.67 14.29 19.59
N LYS A 11 12.45 13.85 19.39
CA LYS A 11 12.22 12.57 18.73
C LYS A 11 12.55 12.62 17.25
N TYR A 12 12.28 13.75 16.63
CA TYR A 12 12.64 13.96 15.24
C TYR A 12 14.17 14.01 15.15
N LEU A 13 14.78 14.74 16.08
CA LEU A 13 16.23 14.81 16.23
C LEU A 13 16.84 13.37 16.37
N GLU A 14 16.21 12.55 17.21
CA GLU A 14 16.55 11.11 17.37
C GLU A 14 16.62 10.42 16.00
N MET A 15 15.67 10.76 15.17
CA MET A 15 15.56 10.18 13.84
C MET A 15 16.63 10.79 12.91
N MET A 16 16.89 12.08 13.05
CA MET A 16 17.90 12.79 12.22
C MET A 16 19.26 12.15 12.35
N GLU A 17 19.53 11.67 13.53
CA GLU A 17 20.77 11.02 13.89
C GLU A 17 20.98 9.66 13.13
N LEU A 18 19.95 9.20 12.40
CA LEU A 18 20.06 7.98 11.57
C LEU A 18 21.24 8.01 10.59
N ASP A 19 21.62 6.84 10.13
CA ASP A 19 22.74 6.64 9.19
C ASP A 19 22.37 7.06 7.81
N ILE A 20 21.23 7.69 7.64
CA ILE A 20 20.72 8.05 6.36
C ILE A 20 19.88 9.26 6.61
N GLY A 21 20.41 10.32 6.35
CA GLY A 21 19.71 11.57 6.56
C GLY A 21 18.83 11.92 5.37
N ASP A 22 17.64 11.35 5.34
CA ASP A 22 16.71 11.64 4.26
C ASP A 22 15.48 12.36 4.76
N ALA A 23 15.25 13.55 4.25
CA ALA A 23 14.14 14.41 4.66
C ALA A 23 12.78 13.76 4.49
N THR A 24 12.65 12.93 3.48
CA THR A 24 11.40 12.26 3.22
C THR A 24 11.20 11.13 4.25
N GLN A 25 12.24 10.34 4.46
CA GLN A 25 12.20 9.27 5.44
C GLN A 25 11.98 9.77 6.83
N VAL A 26 12.79 10.74 7.24
CA VAL A 26 12.66 11.31 8.57
C VAL A 26 11.26 11.88 8.81
N TYR A 27 10.65 12.48 7.79
CA TYR A 27 9.31 13.02 7.90
C TYR A 27 8.27 11.92 8.04
N VAL A 28 8.29 10.96 7.14
CA VAL A 28 7.28 9.89 7.13
C VAL A 28 7.43 8.99 8.35
N ALA A 29 8.66 8.68 8.70
CA ALA A 29 8.93 7.86 9.85
C ALA A 29 8.50 8.57 11.12
N PHE A 30 8.66 9.89 11.16
CA PHE A 30 8.24 10.71 12.30
C PHE A 30 6.74 10.56 12.52
N LEU A 31 5.97 10.67 11.44
CA LEU A 31 4.52 10.53 11.52
C LEU A 31 4.10 9.17 12.07
N VAL A 32 4.68 8.08 11.55
CA VAL A 32 4.28 6.77 12.03
C VAL A 32 4.79 6.51 13.45
N TYR A 33 6.02 6.95 13.73
CA TYR A 33 6.60 6.87 15.07
C TYR A 33 5.67 7.49 16.12
N LEU A 34 5.19 8.70 15.85
CA LEU A 34 4.22 9.34 16.75
C LEU A 34 2.91 8.57 16.84
N ASP A 35 2.53 7.89 15.77
CA ASP A 35 1.30 7.14 15.82
C ASP A 35 1.49 5.88 16.65
N LEU A 36 2.56 5.13 16.38
CA LEU A 36 2.91 3.95 17.16
C LEU A 36 2.95 4.24 18.65
N MET A 37 3.54 5.34 19.00
CA MET A 37 3.61 5.81 20.37
C MET A 37 2.26 6.22 20.95
N GLU A 38 1.61 7.13 20.31
CA GLU A 38 0.46 7.79 20.91
C GLU A 38 -0.87 7.19 20.51
N SER A 39 -0.91 6.45 19.46
CA SER A 39 -2.14 5.91 19.00
C SER A 39 -2.12 4.42 19.23
N LYS A 40 -1.09 3.77 18.67
CA LYS A 40 -0.98 2.34 18.71
C LYS A 40 -0.44 1.85 20.09
N SER A 41 0.13 2.78 20.89
CA SER A 41 0.65 2.45 22.23
C SER A 41 1.71 1.31 22.24
N TRP A 42 2.70 1.39 21.36
CA TRP A 42 3.80 0.40 21.31
C TRP A 42 4.73 0.53 22.50
N HIS A 43 5.19 -0.60 23.03
CA HIS A 43 6.15 -0.62 24.12
C HIS A 43 7.51 -0.05 23.71
N GLU A 44 7.91 -0.38 22.53
CA GLU A 44 9.24 -0.06 22.05
C GLU A 44 9.23 -0.07 20.55
N VAL A 45 9.83 0.91 20.00
CA VAL A 45 9.94 1.05 18.58
C VAL A 45 11.33 1.59 18.31
N ASN A 46 12.01 1.06 17.34
CA ASN A 46 13.33 1.52 17.09
C ASN A 46 13.41 1.91 15.69
N CYS A 47 14.30 2.77 15.38
CA CYS A 47 14.42 3.25 14.06
C CYS A 47 15.82 2.93 13.60
N VAL A 48 15.95 2.29 12.48
CA VAL A 48 17.25 1.86 12.02
C VAL A 48 17.48 2.34 10.60
N GLY A 49 18.66 2.86 10.35
CA GLY A 49 19.02 3.31 9.04
C GLY A 49 19.98 2.35 8.35
N LEU A 50 19.52 1.75 7.28
CA LEU A 50 20.35 0.82 6.51
C LEU A 50 20.72 1.41 5.15
N PRO A 51 21.93 2.01 5.04
CA PRO A 51 22.42 2.70 3.81
C PRO A 51 22.50 1.81 2.55
N GLU A 52 22.52 0.51 2.75
CA GLU A 52 22.61 -0.49 1.67
C GLU A 52 21.38 -0.41 0.77
N LEU A 53 20.27 -0.28 1.42
CA LEU A 53 18.99 -0.14 0.75
C LEU A 53 18.56 1.30 0.78
N GLN A 54 19.26 2.07 1.61
CA GLN A 54 18.93 3.46 1.92
C GLN A 54 17.55 3.50 2.51
N LEU A 55 17.25 2.46 3.25
CA LEU A 55 15.97 2.27 3.82
C LEU A 55 16.04 2.40 5.33
N ILE A 56 15.07 3.08 5.87
CA ILE A 56 14.91 3.19 7.29
C ILE A 56 13.80 2.24 7.67
N CYS A 57 13.94 1.54 8.76
CA CYS A 57 12.98 0.54 9.13
C CYS A 57 12.79 0.60 10.64
N LEU A 58 11.55 0.47 11.08
CA LEU A 58 11.23 0.47 12.49
C LEU A 58 10.90 -0.91 12.97
N VAL A 59 11.64 -1.37 13.94
CA VAL A 59 11.43 -2.67 14.53
C VAL A 59 11.56 -2.48 16.01
N GLY A 60 10.64 -2.96 16.76
CA GLY A 60 10.78 -2.87 18.19
C GLY A 60 10.08 -3.97 18.89
N THR A 61 9.73 -3.72 20.12
CA THR A 61 9.01 -4.67 20.87
C THR A 61 7.66 -4.08 21.19
N GLU A 62 6.63 -4.66 20.61
CA GLU A 62 5.29 -4.21 20.87
C GLU A 62 5.04 -4.56 22.33
N ILE A 63 5.57 -5.70 22.74
CA ILE A 63 5.61 -6.15 24.11
C ILE A 63 7.05 -6.58 24.39
N GLU A 64 7.68 -5.95 25.36
CA GLU A 64 9.04 -6.30 25.80
C GLU A 64 9.14 -7.81 26.13
N GLY A 65 10.29 -8.38 25.91
CA GLY A 65 10.42 -9.81 26.05
C GLY A 65 10.31 -10.49 24.72
N GLU A 66 9.31 -10.07 23.95
CA GLU A 66 9.08 -10.55 22.62
C GLU A 66 9.92 -9.70 21.67
N GLY A 67 9.58 -9.62 20.41
CA GLY A 67 10.40 -8.85 19.49
C GLY A 67 10.24 -9.32 18.07
N LEU A 68 9.00 -9.44 17.65
CA LEU A 68 8.67 -9.94 16.32
C LEU A 68 7.60 -9.08 15.74
N GLN A 69 8.03 -7.94 15.26
CA GLN A 69 7.17 -6.92 14.68
C GLN A 69 8.01 -5.90 13.92
N THR A 70 7.75 -5.79 12.66
CA THR A 70 8.38 -4.83 11.81
C THR A 70 7.29 -3.89 11.25
N VAL A 71 7.59 -2.61 11.20
CA VAL A 71 6.70 -1.61 10.68
C VAL A 71 7.51 -0.64 9.85
N VAL A 72 7.13 -0.39 8.64
CA VAL A 72 7.95 0.44 7.84
C VAL A 72 7.11 1.59 7.26
N PRO A 73 7.55 2.83 7.48
CA PRO A 73 6.87 4.03 6.96
C PRO A 73 6.87 4.03 5.42
N THR A 74 5.72 4.24 4.82
CA THR A 74 5.61 4.21 3.38
C THR A 74 4.54 5.24 2.88
N PRO A 75 4.97 6.28 2.15
CA PRO A 75 4.06 7.31 1.60
C PRO A 75 3.19 6.78 0.45
N ILE A 76 2.03 7.43 0.21
CA ILE A 76 1.09 7.10 -0.88
C ILE A 76 1.78 7.05 -2.26
N THR A 77 2.85 7.78 -2.38
CA THR A 77 3.50 7.93 -3.65
C THR A 77 4.64 6.90 -3.82
N ALA A 78 4.90 6.10 -2.78
CA ALA A 78 5.96 5.12 -2.85
C ALA A 78 5.47 3.86 -3.52
N SER A 79 6.38 3.17 -4.12
CA SER A 79 6.07 1.98 -4.82
C SER A 79 6.57 0.76 -4.07
N LEU A 80 5.67 -0.14 -3.76
CA LEU A 80 6.04 -1.36 -3.11
C LEU A 80 6.16 -2.41 -4.15
N SER A 81 7.25 -3.01 -4.26
CA SER A 81 7.38 -4.08 -5.18
C SER A 81 7.58 -5.33 -4.42
N HIS A 82 7.29 -6.47 -5.01
CA HIS A 82 7.59 -7.70 -4.33
C HIS A 82 9.10 -7.91 -4.17
N ASN A 83 9.87 -7.17 -4.94
CA ASN A 83 11.31 -7.17 -4.80
C ASN A 83 11.65 -6.31 -3.57
N ARG A 84 10.96 -5.17 -3.42
CA ARG A 84 11.13 -4.34 -2.23
C ARG A 84 10.83 -5.10 -0.96
N ILE A 85 9.67 -5.77 -0.90
CA ILE A 85 9.27 -6.46 0.33
C ILE A 85 10.29 -7.49 0.70
N ARG A 86 10.84 -8.12 -0.32
CA ARG A 86 11.88 -9.08 -0.16
C ARG A 86 13.06 -8.44 0.60
N GLU A 87 13.40 -7.23 0.25
CA GLU A 87 14.49 -6.51 0.91
C GLU A 87 14.10 -5.88 2.23
N ILE A 88 12.83 -5.51 2.38
CA ILE A 88 12.36 -5.08 3.70
C ILE A 88 12.52 -6.23 4.70
N LEU A 89 12.05 -7.42 4.31
CA LEU A 89 12.21 -8.63 5.10
C LEU A 89 13.67 -8.91 5.41
N LYS A 90 14.54 -8.64 4.46
CA LYS A 90 15.97 -8.89 4.61
C LYS A 90 16.55 -7.94 5.66
N ALA A 91 16.07 -6.71 5.62
CA ALA A 91 16.47 -5.69 6.59
C ALA A 91 16.15 -6.18 8.00
N SER A 92 14.94 -6.64 8.19
CA SER A 92 14.53 -7.15 9.45
C SER A 92 15.19 -8.46 9.78
N ARG A 93 15.42 -9.32 8.78
CA ARG A 93 16.04 -10.60 9.07
C ARG A 93 17.45 -10.37 9.58
N LYS A 94 18.08 -9.31 9.09
CA LYS A 94 19.40 -8.91 9.53
C LYS A 94 19.38 -8.42 10.97
N LEU A 95 18.29 -7.79 11.36
CA LEU A 95 18.14 -7.32 12.73
C LEU A 95 17.69 -8.47 13.68
N GLN A 96 16.85 -9.36 13.16
CA GLN A 96 16.29 -10.48 13.94
C GLN A 96 17.30 -11.61 14.09
N GLY A 97 18.22 -11.68 13.16
CA GLY A 97 19.15 -12.79 13.12
C GLY A 97 18.56 -14.09 12.57
N ASP A 98 17.71 -13.97 11.56
CA ASP A 98 17.18 -15.17 10.85
C ASP A 98 18.14 -15.44 9.70
N PRO A 99 18.34 -16.75 9.30
CA PRO A 99 19.20 -17.14 8.17
C PRO A 99 19.18 -16.12 7.02
N ASP A 100 18.03 -16.00 6.31
CA ASP A 100 17.83 -14.95 5.28
C ASP A 100 16.41 -15.15 4.71
N LEU A 101 15.50 -15.62 5.55
CA LEU A 101 14.15 -16.01 5.10
C LEU A 101 13.13 -14.86 5.16
N PRO A 102 12.03 -14.98 4.38
CA PRO A 102 10.94 -14.00 4.37
C PRO A 102 10.05 -14.09 5.65
N MET A 103 9.62 -12.95 6.15
CA MET A 103 8.87 -12.85 7.40
C MET A 103 7.63 -11.90 7.14
N SER A 104 7.16 -11.16 8.12
CA SER A 104 5.99 -10.29 7.91
C SER A 104 6.23 -8.89 8.51
N PHE A 105 5.55 -7.87 7.99
CA PHE A 105 5.71 -6.49 8.47
C PHE A 105 4.46 -5.67 8.16
N THR A 106 4.24 -4.64 8.92
CA THR A 106 3.13 -3.78 8.68
C THR A 106 3.56 -2.54 7.90
N LEU A 107 2.90 -2.31 6.80
CA LEU A 107 3.10 -1.15 5.99
C LEU A 107 2.30 -0.02 6.57
N ALA A 108 2.95 1.08 6.73
CA ALA A 108 2.29 2.24 7.20
C ALA A 108 2.15 3.19 6.04
N ILE A 109 0.98 3.23 5.46
CA ILE A 109 0.74 4.04 4.30
C ILE A 109 0.40 5.43 4.76
N VAL A 110 1.16 6.38 4.36
CA VAL A 110 0.89 7.73 4.81
C VAL A 110 0.42 8.65 3.75
N GLU A 111 -0.57 9.40 4.09
CA GLU A 111 -0.99 10.47 3.31
C GLU A 111 -0.16 11.64 3.81
N SER A 112 0.34 12.46 2.90
CA SER A 112 1.32 13.48 3.26
C SER A 112 0.74 14.47 4.26
N ASP A 113 -0.58 14.60 4.24
CA ASP A 113 -1.32 15.47 5.15
C ASP A 113 -0.95 15.22 6.61
N SER A 114 -1.07 13.94 7.05
CA SER A 114 -0.83 13.53 8.46
C SER A 114 -1.51 12.16 8.75
N THR A 115 -2.10 11.53 7.74
CA THR A 115 -2.85 10.30 7.97
C THR A 115 -1.97 9.05 7.79
N ILE A 116 -2.01 8.17 8.78
CA ILE A 116 -1.28 6.91 8.74
C ILE A 116 -2.29 5.75 8.58
N VAL A 117 -2.08 4.91 7.58
CA VAL A 117 -2.96 3.77 7.31
C VAL A 117 -2.15 2.47 7.44
N TYR A 118 -2.46 1.70 8.44
CA TYR A 118 -1.76 0.45 8.68
C TYR A 118 -2.30 -0.69 7.81
N TYR A 119 -1.44 -1.23 7.00
CA TYR A 119 -1.78 -2.31 6.13
C TYR A 119 -0.76 -3.43 6.32
N LYS A 120 -1.20 -4.60 6.68
CA LYS A 120 -0.29 -5.68 6.97
C LYS A 120 0.10 -6.45 5.73
N LEU A 121 1.37 -6.69 5.60
CA LEU A 121 1.87 -7.48 4.54
C LEU A 121 2.51 -8.70 5.14
N THR A 122 2.15 -9.84 4.63
CA THR A 122 2.63 -11.06 5.12
C THR A 122 3.24 -11.83 3.97
N ASP A 123 4.23 -12.63 4.25
CA ASP A 123 4.84 -13.45 3.23
C ASP A 123 3.95 -14.64 2.84
N SER B 1 -24.82 5.42 -1.08
CA SER B 1 -25.77 5.56 -2.16
C SER B 1 -27.20 5.29 -1.69
N GLU B 2 -28.16 6.05 -2.21
CA GLU B 2 -29.57 5.91 -1.82
C GLU B 2 -30.17 4.65 -2.40
N ASP B 3 -29.62 4.20 -3.48
CA ASP B 3 -30.12 3.09 -4.25
C ASP B 3 -29.28 1.85 -4.01
N ALA B 4 -28.55 1.86 -2.91
CA ALA B 4 -27.60 0.78 -2.54
C ALA B 4 -28.27 -0.60 -2.38
N TRP B 5 -29.59 -0.60 -2.41
CA TRP B 5 -30.39 -1.80 -2.24
C TRP B 5 -30.34 -2.62 -3.55
N MET B 6 -30.18 -1.91 -4.65
CA MET B 6 -30.22 -2.50 -5.98
C MET B 6 -29.00 -2.13 -6.78
N GLY B 7 -28.72 -0.84 -6.81
CA GLY B 7 -27.64 -0.35 -7.61
C GLY B 7 -28.15 0.15 -8.93
N THR B 8 -28.84 1.26 -8.91
CA THR B 8 -29.44 1.82 -10.10
C THR B 8 -28.53 2.88 -10.70
N HIS B 9 -27.34 2.96 -10.16
CA HIS B 9 -26.31 3.81 -10.71
C HIS B 9 -25.86 3.20 -12.01
N PRO B 10 -26.00 3.93 -13.14
CA PRO B 10 -25.60 3.44 -14.46
C PRO B 10 -24.18 2.87 -14.48
N LYS B 11 -23.29 3.52 -13.77
CA LYS B 11 -21.90 3.08 -13.67
C LYS B 11 -21.78 1.79 -12.85
N TYR B 12 -22.56 1.70 -11.79
CA TYR B 12 -22.60 0.50 -10.96
C TYR B 12 -23.20 -0.65 -11.79
N LEU B 13 -24.26 -0.33 -12.51
CA LEU B 13 -24.94 -1.24 -13.42
C LEU B 13 -23.93 -1.80 -14.46
N GLU B 14 -23.12 -0.89 -15.01
CA GLU B 14 -21.99 -1.23 -15.92
C GLU B 14 -21.11 -2.32 -15.28
N MET B 15 -20.83 -2.13 -14.01
CA MET B 15 -19.99 -3.04 -13.25
C MET B 15 -20.73 -4.32 -12.90
N MET B 16 -22.00 -4.20 -12.68
CA MET B 16 -22.86 -5.30 -12.33
C MET B 16 -22.89 -6.32 -13.49
N GLU B 17 -22.80 -5.79 -14.70
CA GLU B 17 -22.75 -6.54 -15.97
C GLU B 17 -21.46 -7.43 -16.12
N LEU B 18 -20.55 -7.35 -15.15
CA LEU B 18 -19.32 -8.15 -15.16
C LEU B 18 -19.57 -9.65 -15.19
N ASP B 19 -18.56 -10.38 -15.63
CA ASP B 19 -18.59 -11.85 -15.80
C ASP B 19 -18.54 -12.60 -14.47
N ILE B 20 -18.75 -11.93 -13.35
CA ILE B 20 -18.64 -12.57 -12.04
C ILE B 20 -19.76 -12.02 -11.18
N GLY B 21 -19.74 -10.74 -11.10
CA GLY B 21 -20.72 -9.96 -10.39
C GLY B 21 -20.84 -10.36 -8.92
N ASP B 22 -19.86 -10.00 -8.12
CA ASP B 22 -19.88 -10.28 -6.70
C ASP B 22 -20.14 -8.98 -5.98
N ALA B 23 -21.05 -9.00 -5.03
CA ALA B 23 -21.47 -7.81 -4.28
C ALA B 23 -20.31 -7.07 -3.60
N THR B 24 -19.31 -7.79 -3.15
CA THR B 24 -18.19 -7.17 -2.49
C THR B 24 -17.31 -6.45 -3.52
N GLN B 25 -16.98 -7.16 -4.60
CA GLN B 25 -16.19 -6.58 -5.68
C GLN B 25 -16.86 -5.40 -6.33
N VAL B 26 -18.13 -5.56 -6.71
CA VAL B 26 -18.89 -4.47 -7.34
C VAL B 26 -18.95 -3.23 -6.45
N TYR B 27 -19.02 -3.43 -5.14
CA TYR B 27 -19.06 -2.32 -4.22
C TYR B 27 -17.70 -1.63 -4.12
N VAL B 28 -16.65 -2.40 -3.88
CA VAL B 28 -15.33 -1.82 -3.69
C VAL B 28 -14.82 -1.20 -4.98
N ALA B 29 -15.04 -1.90 -6.06
CA ALA B 29 -14.63 -1.41 -7.36
C ALA B 29 -15.37 -0.14 -7.73
N PHE B 30 -16.63 -0.04 -7.33
CA PHE B 30 -17.44 1.16 -7.56
C PHE B 30 -16.80 2.37 -6.87
N LEU B 31 -16.40 2.18 -5.61
CA LEU B 31 -15.75 3.26 -4.86
C LEU B 31 -14.48 3.74 -5.52
N VAL B 32 -13.60 2.83 -5.95
CA VAL B 32 -12.36 3.27 -6.57
C VAL B 32 -12.62 3.84 -7.97
N TYR B 33 -13.54 3.22 -8.72
CA TYR B 33 -13.96 3.70 -10.03
C TYR B 33 -14.39 5.18 -9.96
N LEU B 34 -15.20 5.51 -8.96
CA LEU B 34 -15.62 6.89 -8.77
C LEU B 34 -14.47 7.78 -8.35
N ASP B 35 -13.50 7.23 -7.66
CA ASP B 35 -12.38 8.03 -7.23
C ASP B 35 -11.47 8.29 -8.43
N LEU B 36 -11.16 7.24 -9.19
CA LEU B 36 -10.38 7.35 -10.42
C LEU B 36 -10.96 8.38 -11.37
N MET B 37 -12.28 8.39 -11.49
CA MET B 37 -12.95 9.34 -12.37
C MET B 37 -12.93 10.77 -11.82
N GLU B 38 -13.33 10.92 -10.59
CA GLU B 38 -13.59 12.25 -10.06
C GLU B 38 -12.44 12.84 -9.26
N SER B 39 -11.50 12.02 -8.82
CA SER B 39 -10.41 12.54 -8.05
C SER B 39 -9.12 12.40 -8.83
N LYS B 40 -8.73 11.16 -9.19
CA LYS B 40 -7.51 10.90 -9.97
C LYS B 40 -7.62 11.39 -11.40
N SER B 41 -8.86 11.61 -11.87
CA SER B 41 -9.10 12.09 -13.23
C SER B 41 -8.46 11.15 -14.28
N TRP B 42 -8.46 9.82 -14.02
CA TRP B 42 -7.92 8.86 -14.96
C TRP B 42 -8.63 8.96 -16.28
N HIS B 43 -7.86 9.04 -17.32
CA HIS B 43 -8.36 9.15 -18.67
C HIS B 43 -9.17 7.93 -19.10
N GLU B 44 -8.74 6.79 -18.69
CA GLU B 44 -9.35 5.59 -19.16
C GLU B 44 -9.27 4.54 -18.09
N VAL B 45 -10.41 4.09 -17.66
CA VAL B 45 -10.49 3.07 -16.62
C VAL B 45 -11.48 2.01 -17.09
N ASN B 46 -11.06 0.76 -17.15
CA ASN B 46 -11.93 -0.30 -17.60
C ASN B 46 -12.05 -1.28 -16.53
N CYS B 47 -13.10 -2.00 -16.53
CA CYS B 47 -13.41 -2.93 -15.51
C CYS B 47 -13.61 -4.30 -16.15
N VAL B 48 -12.75 -5.22 -15.78
CA VAL B 48 -12.77 -6.54 -16.40
C VAL B 48 -12.97 -7.60 -15.33
N GLY B 49 -13.87 -8.52 -15.59
CA GLY B 49 -14.07 -9.61 -14.71
C GLY B 49 -13.41 -10.84 -15.27
N LEU B 50 -12.63 -11.48 -14.45
CA LEU B 50 -11.94 -12.68 -14.87
C LEU B 50 -12.38 -13.86 -14.06
N PRO B 51 -13.37 -14.63 -14.57
CA PRO B 51 -13.91 -15.83 -13.91
C PRO B 51 -12.83 -16.87 -13.64
N GLU B 52 -11.83 -16.94 -14.53
CA GLU B 52 -10.70 -17.86 -14.41
C GLU B 52 -9.92 -17.59 -13.12
N LEU B 53 -9.73 -16.33 -12.85
CA LEU B 53 -8.98 -15.89 -11.69
C LEU B 53 -9.92 -15.50 -10.56
N GLN B 54 -11.20 -15.49 -10.88
CA GLN B 54 -12.30 -15.13 -9.97
C GLN B 54 -12.12 -13.66 -9.44
N LEU B 55 -11.39 -12.86 -10.19
CA LEU B 55 -11.00 -11.51 -9.78
C LEU B 55 -11.50 -10.45 -10.78
N ILE B 56 -11.74 -9.25 -10.27
CA ILE B 56 -12.10 -8.11 -11.07
C ILE B 56 -10.90 -7.17 -11.07
N CYS B 57 -10.59 -6.61 -12.19
CA CYS B 57 -9.41 -5.79 -12.31
C CYS B 57 -9.72 -4.58 -13.19
N LEU B 58 -9.14 -3.44 -12.84
CA LEU B 58 -9.32 -2.22 -13.59
C LEU B 58 -8.03 -1.83 -14.26
N VAL B 59 -8.07 -1.72 -15.57
CA VAL B 59 -6.89 -1.36 -16.34
C VAL B 59 -7.25 -0.27 -17.33
N GLY B 60 -6.39 0.73 -17.41
CA GLY B 60 -6.60 1.79 -18.34
C GLY B 60 -5.43 2.73 -18.37
N THR B 61 -5.66 3.96 -18.74
CA THR B 61 -4.61 4.90 -18.89
C THR B 61 -4.83 6.04 -17.93
N GLU B 62 -3.80 6.37 -17.18
CA GLU B 62 -3.85 7.47 -16.26
C GLU B 62 -3.93 8.75 -17.07
N ILE B 63 -3.25 8.72 -18.20
CA ILE B 63 -3.23 9.76 -19.18
C ILE B 63 -3.29 9.05 -20.53
N GLU B 64 -4.09 9.59 -21.46
CA GLU B 64 -4.23 9.10 -22.85
C GLU B 64 -2.88 8.63 -23.41
N GLY B 65 -2.82 7.34 -23.75
CA GLY B 65 -1.64 6.72 -24.34
C GLY B 65 -0.41 6.58 -23.44
N GLU B 66 -0.22 7.47 -22.48
CA GLU B 66 1.01 7.54 -21.71
C GLU B 66 1.21 6.49 -20.62
N GLY B 67 1.42 5.29 -21.03
CA GLY B 67 1.92 4.29 -20.13
C GLY B 67 1.10 3.06 -20.06
N LEU B 68 -0.14 3.20 -19.54
CA LEU B 68 -1.08 2.08 -19.31
C LEU B 68 -0.75 1.36 -18.00
N GLN B 69 -1.67 1.49 -17.04
CA GLN B 69 -1.46 0.98 -15.70
C GLN B 69 -2.61 0.12 -15.26
N THR B 70 -2.38 -0.61 -14.22
CA THR B 70 -3.36 -1.45 -13.61
C THR B 70 -3.68 -0.91 -12.19
N VAL B 71 -4.94 -0.97 -11.81
CA VAL B 71 -5.40 -0.54 -10.50
C VAL B 71 -6.41 -1.56 -10.02
N VAL B 72 -6.23 -2.08 -8.85
CA VAL B 72 -7.12 -3.11 -8.41
C VAL B 72 -7.73 -2.74 -7.07
N PRO B 73 -9.07 -2.75 -6.97
CA PRO B 73 -9.78 -2.49 -5.71
C PRO B 73 -9.45 -3.56 -4.65
N THR B 74 -9.11 -3.14 -3.45
CA THR B 74 -8.73 -4.06 -2.39
C THR B 74 -9.19 -3.54 -1.00
N PRO B 75 -10.15 -4.22 -0.35
CA PRO B 75 -10.59 -3.86 1.00
C PRO B 75 -9.45 -4.06 2.01
N ILE B 76 -9.39 -3.23 3.03
CA ILE B 76 -8.28 -3.25 3.95
C ILE B 76 -8.36 -4.51 4.89
N THR B 77 -9.51 -5.17 4.89
CA THR B 77 -9.73 -6.33 5.73
C THR B 77 -9.09 -7.63 5.09
N ALA B 78 -8.28 -7.45 4.07
CA ALA B 78 -7.69 -8.59 3.38
C ALA B 78 -6.30 -8.98 3.93
N SER B 79 -5.30 -8.13 3.62
CA SER B 79 -3.82 -8.28 3.91
C SER B 79 -3.16 -8.87 2.65
N LEU B 80 -1.90 -8.60 2.42
CA LEU B 80 -1.32 -8.89 1.12
C LEU B 80 -0.48 -10.17 1.07
N SER B 81 -0.65 -10.97 -0.02
CA SER B 81 0.20 -12.12 -0.22
C SER B 81 0.87 -12.01 -1.60
N HIS B 82 2.14 -12.33 -1.67
CA HIS B 82 2.87 -12.26 -2.94
C HIS B 82 2.34 -13.21 -4.06
N ASN B 83 1.67 -14.29 -3.68
CA ASN B 83 1.05 -15.20 -4.67
C ASN B 83 -0.13 -14.49 -5.37
N ARG B 84 -0.89 -13.73 -4.58
CA ARG B 84 -2.00 -12.89 -5.08
C ARG B 84 -1.52 -11.93 -6.16
N ILE B 85 -0.44 -11.21 -5.87
CA ILE B 85 0.05 -10.18 -6.78
C ILE B 85 0.54 -10.81 -8.07
N ARG B 86 1.17 -11.99 -7.95
CA ARG B 86 1.60 -12.76 -9.09
C ARG B 86 0.44 -12.98 -10.06
N GLU B 87 -0.67 -13.41 -9.53
CA GLU B 87 -1.86 -13.58 -10.35
C GLU B 87 -2.50 -12.27 -10.80
N ILE B 88 -2.33 -11.18 -10.03
CA ILE B 88 -2.87 -9.88 -10.45
C ILE B 88 -2.13 -9.43 -11.71
N LEU B 89 -0.80 -9.49 -11.64
CA LEU B 89 0.03 -9.21 -12.80
C LEU B 89 -0.37 -10.08 -13.97
N LYS B 90 -0.56 -11.37 -13.71
CA LYS B 90 -0.96 -12.35 -14.73
C LYS B 90 -2.28 -11.91 -15.42
N ALA B 91 -3.16 -11.33 -14.62
CA ALA B 91 -4.44 -10.85 -15.08
C ALA B 91 -4.24 -9.70 -16.09
N SER B 92 -3.37 -8.77 -15.74
CA SER B 92 -3.13 -7.64 -16.57
C SER B 92 -2.28 -8.06 -17.76
N ARG B 93 -1.32 -8.95 -17.51
CA ARG B 93 -0.46 -9.59 -18.53
C ARG B 93 -1.36 -10.17 -19.63
N LYS B 94 -2.39 -10.89 -19.20
CA LYS B 94 -3.41 -11.43 -20.09
C LYS B 94 -4.05 -10.33 -20.94
N LEU B 95 -4.34 -9.21 -20.33
CA LEU B 95 -4.98 -8.10 -21.03
C LEU B 95 -3.98 -7.33 -21.92
N GLN B 96 -2.78 -7.13 -21.41
CA GLN B 96 -1.75 -6.35 -22.10
C GLN B 96 -1.17 -7.11 -23.26
N GLY B 97 -1.06 -8.41 -23.09
CA GLY B 97 -0.34 -9.24 -24.07
C GLY B 97 1.09 -8.78 -24.10
N ASP B 98 1.56 -8.39 -22.92
CA ASP B 98 2.82 -7.68 -22.70
C ASP B 98 4.07 -8.43 -23.13
N PRO B 99 4.77 -7.87 -24.12
CA PRO B 99 6.07 -8.36 -24.50
C PRO B 99 7.16 -7.73 -23.66
N ASP B 100 7.26 -6.42 -23.73
CA ASP B 100 8.22 -5.71 -22.94
C ASP B 100 7.70 -4.37 -22.55
N LEU B 101 7.23 -4.29 -21.35
CA LEU B 101 6.80 -3.04 -20.76
C LEU B 101 6.82 -3.18 -19.25
N PRO B 102 7.60 -2.37 -18.57
CA PRO B 102 7.66 -2.41 -17.13
C PRO B 102 6.42 -1.74 -16.54
N MET B 103 5.60 -2.50 -15.84
CA MET B 103 4.36 -1.92 -15.38
C MET B 103 4.31 -2.15 -13.87
N SER B 104 3.13 -2.09 -13.35
CA SER B 104 2.88 -2.20 -11.96
C SER B 104 1.40 -2.15 -11.77
N PHE B 105 0.97 -2.11 -10.56
CA PHE B 105 -0.40 -1.94 -10.31
C PHE B 105 -0.58 -1.19 -9.03
N THR B 106 -1.58 -0.42 -8.98
CA THR B 106 -1.80 0.33 -7.81
C THR B 106 -2.88 -0.36 -7.00
N LEU B 107 -2.57 -0.62 -5.77
CA LEU B 107 -3.50 -1.18 -4.85
C LEU B 107 -4.36 -0.10 -4.33
N ALA B 108 -5.61 -0.33 -4.36
CA ALA B 108 -6.51 0.62 -3.83
C ALA B 108 -7.07 0.07 -2.56
N ILE B 109 -6.54 0.54 -1.47
CA ILE B 109 -6.92 0.07 -0.15
C ILE B 109 -8.15 0.81 0.26
N VAL B 110 -9.20 0.11 0.45
CA VAL B 110 -10.37 0.76 0.92
C VAL B 110 -10.52 0.56 2.40
N GLU B 111 -10.24 1.62 3.11
CA GLU B 111 -10.25 1.64 4.54
C GLU B 111 -11.67 1.87 4.97
N SER B 112 -12.13 1.12 5.98
CA SER B 112 -13.56 1.00 6.32
C SER B 112 -14.46 0.84 5.08
N ASP B 113 -13.87 0.40 3.94
CA ASP B 113 -14.57 0.36 2.64
C ASP B 113 -15.22 1.72 2.39
N SER B 114 -14.44 2.74 2.65
CA SER B 114 -14.90 4.12 2.61
C SER B 114 -13.81 5.02 2.05
N THR B 115 -12.64 4.96 2.65
CA THR B 115 -11.54 5.76 2.21
C THR B 115 -10.74 5.00 1.16
N ILE B 116 -10.47 5.61 0.04
CA ILE B 116 -9.68 4.97 -0.98
C ILE B 116 -8.23 5.41 -0.79
N VAL B 117 -7.37 4.47 -0.49
CA VAL B 117 -5.98 4.74 -0.24
C VAL B 117 -5.14 4.09 -1.33
N TYR B 118 -4.57 4.88 -2.18
CA TYR B 118 -3.75 4.38 -3.28
C TYR B 118 -2.35 4.04 -2.83
N TYR B 119 -2.00 2.80 -3.00
CA TYR B 119 -0.70 2.34 -2.65
C TYR B 119 -0.14 1.55 -3.83
N LYS B 120 0.97 2.00 -4.37
CA LYS B 120 1.52 1.39 -5.55
C LYS B 120 2.28 0.12 -5.24
N LEU B 121 2.03 -0.90 -6.03
CA LEU B 121 2.78 -2.11 -5.95
C LEU B 121 3.41 -2.37 -7.31
N THR B 122 4.69 -2.49 -7.33
CA THR B 122 5.47 -2.61 -8.50
C THR B 122 6.04 -4.02 -8.69
N ASP B 123 6.18 -4.44 -9.92
CA ASP B 123 6.87 -5.65 -10.23
C ASP B 123 8.28 -5.30 -10.67
N SER A 1 5.84 21.70 25.62
CA SER A 1 5.81 21.57 24.18
C SER A 1 5.60 22.93 23.53
N GLU A 2 6.57 23.30 22.72
CA GLU A 2 6.60 24.57 22.03
C GLU A 2 7.62 24.54 20.91
N ASP A 3 8.85 24.25 21.23
CA ASP A 3 9.86 24.20 20.20
C ASP A 3 9.77 22.89 19.42
N ALA A 4 8.94 22.92 18.40
CA ALA A 4 8.67 21.76 17.57
C ALA A 4 8.82 22.10 16.12
N TRP A 5 8.17 23.19 15.72
CA TRP A 5 8.09 23.68 14.34
C TRP A 5 9.42 24.08 13.67
N MET A 6 10.54 23.77 14.28
CA MET A 6 11.83 24.00 13.65
C MET A 6 12.81 22.84 13.84
N GLY A 7 12.30 21.73 14.38
CA GLY A 7 13.09 20.51 14.49
C GLY A 7 13.95 20.41 15.72
N THR A 8 13.36 20.52 16.89
CA THR A 8 14.10 20.38 18.13
C THR A 8 13.44 19.41 19.12
N HIS A 9 12.49 18.62 18.64
CA HIS A 9 11.89 17.59 19.48
C HIS A 9 12.95 16.56 19.82
N PRO A 10 13.14 16.22 21.11
CA PRO A 10 14.13 15.23 21.56
C PRO A 10 14.14 13.97 20.70
N LYS A 11 12.95 13.41 20.50
CA LYS A 11 12.80 12.18 19.73
C LYS A 11 13.15 12.40 18.28
N TYR A 12 12.71 13.54 17.75
CA TYR A 12 12.97 13.92 16.36
C TYR A 12 14.47 14.08 16.11
N LEU A 13 15.11 14.89 16.95
CA LEU A 13 16.56 15.14 16.85
C LEU A 13 17.33 13.80 16.94
N GLU A 14 16.95 12.99 17.93
CA GLU A 14 17.49 11.62 18.09
C GLU A 14 17.31 10.81 16.83
N MET A 15 16.18 11.02 16.16
CA MET A 15 15.87 10.31 14.94
C MET A 15 16.71 10.79 13.79
N MET A 16 16.80 12.10 13.59
CA MET A 16 17.56 12.66 12.47
C MET A 16 19.04 12.38 12.48
N GLU A 17 19.56 12.03 13.62
CA GLU A 17 20.96 11.63 13.71
C GLU A 17 21.20 10.17 13.15
N LEU A 18 20.14 9.57 12.62
CA LEU A 18 20.19 8.22 12.01
C LEU A 18 21.14 8.13 10.78
N ASP A 19 21.26 6.93 10.24
CA ASP A 19 22.21 6.59 9.16
C ASP A 19 21.84 7.10 7.79
N ILE A 20 20.77 7.74 7.63
CA ILE A 20 20.32 8.18 6.33
C ILE A 20 19.59 9.44 6.60
N GLY A 21 20.28 10.45 6.52
CA GLY A 21 19.75 11.74 6.84
C GLY A 21 18.84 12.29 5.75
N ASP A 22 17.56 11.92 5.79
CA ASP A 22 16.63 12.48 4.85
C ASP A 22 15.51 13.17 5.60
N ALA A 23 15.44 14.51 5.47
CA ALA A 23 14.45 15.34 6.18
C ALA A 23 13.01 14.91 5.92
N THR A 24 12.74 14.39 4.75
CA THR A 24 11.41 13.97 4.42
C THR A 24 11.14 12.60 5.05
N GLN A 25 12.15 11.73 4.98
CA GLN A 25 12.09 10.40 5.55
C GLN A 25 11.85 10.52 7.03
N VAL A 26 12.67 11.34 7.69
CA VAL A 26 12.54 11.58 9.11
C VAL A 26 11.19 12.15 9.47
N TYR A 27 10.62 13.00 8.59
CA TYR A 27 9.30 13.54 8.83
C TYR A 27 8.26 12.41 8.89
N VAL A 28 8.36 11.48 7.96
CA VAL A 28 7.42 10.39 7.88
C VAL A 28 7.66 9.39 8.99
N ALA A 29 8.91 9.06 9.22
CA ALA A 29 9.28 8.16 10.26
C ALA A 29 8.85 8.69 11.62
N PHE A 30 8.99 9.99 11.81
CA PHE A 30 8.56 10.66 13.05
C PHE A 30 7.06 10.50 13.24
N LEU A 31 6.31 10.62 12.15
CA LEU A 31 4.86 10.49 12.20
C LEU A 31 4.47 9.11 12.70
N VAL A 32 5.05 8.05 12.11
CA VAL A 32 4.70 6.70 12.49
C VAL A 32 5.27 6.36 13.89
N TYR A 33 6.48 6.85 14.18
CA TYR A 33 7.12 6.70 15.49
C TYR A 33 6.18 7.18 16.61
N LEU A 34 5.65 8.40 16.46
CA LEU A 34 4.70 8.94 17.41
C LEU A 34 3.40 8.18 17.41
N ASP A 35 3.07 7.59 16.28
CA ASP A 35 1.85 6.83 16.19
C ASP A 35 2.01 5.54 16.98
N LEU A 36 3.05 4.80 16.69
CA LEU A 36 3.36 3.54 17.36
C LEU A 36 3.49 3.67 18.85
N MET A 37 4.03 4.76 19.32
CA MET A 37 4.27 4.88 20.72
C MET A 37 3.16 5.57 21.46
N GLU A 38 2.59 6.60 20.87
CA GLU A 38 1.59 7.40 21.57
C GLU A 38 0.16 7.03 21.17
N SER A 39 0.02 6.28 20.10
CA SER A 39 -1.29 5.87 19.65
C SER A 39 -1.43 4.35 19.82
N LYS A 40 -0.47 3.60 19.26
CA LYS A 40 -0.46 2.14 19.35
C LYS A 40 0.22 1.68 20.65
N SER A 41 0.92 2.61 21.31
CA SER A 41 1.66 2.38 22.56
C SER A 41 2.36 1.01 22.72
N TRP A 42 3.55 0.85 22.13
CA TRP A 42 4.32 -0.37 22.35
C TRP A 42 5.35 -0.19 23.45
N HIS A 43 5.95 -1.32 23.86
CA HIS A 43 6.96 -1.32 24.90
C HIS A 43 8.26 -0.63 24.47
N GLU A 44 8.66 -0.84 23.25
CA GLU A 44 9.92 -0.29 22.80
C GLU A 44 9.93 -0.18 21.31
N VAL A 45 10.37 0.94 20.82
CA VAL A 45 10.43 1.23 19.41
C VAL A 45 11.73 1.99 19.16
N ASN A 46 12.44 1.62 18.13
CA ASN A 46 13.67 2.27 17.77
C ASN A 46 13.77 2.42 16.30
N CYS A 47 14.74 3.16 15.85
CA CYS A 47 14.86 3.44 14.47
C CYS A 47 16.22 3.01 14.02
N VAL A 48 16.28 2.35 12.90
CA VAL A 48 17.53 1.86 12.39
C VAL A 48 17.62 2.26 10.93
N GLY A 49 18.74 2.82 10.56
CA GLY A 49 18.93 3.20 9.19
C GLY A 49 19.77 2.19 8.44
N LEU A 50 19.34 1.87 7.25
CA LEU A 50 20.05 0.92 6.40
C LEU A 50 20.51 1.59 5.13
N PRO A 51 21.74 2.10 5.11
CA PRO A 51 22.30 2.76 3.93
C PRO A 51 22.41 1.81 2.73
N GLU A 52 22.48 0.51 3.04
CA GLU A 52 22.57 -0.56 2.03
C GLU A 52 21.36 -0.52 1.11
N LEU A 53 20.23 -0.30 1.72
CA LEU A 53 18.97 -0.29 1.00
C LEU A 53 18.51 1.12 0.73
N GLN A 54 19.11 2.07 1.45
CA GLN A 54 18.74 3.49 1.42
C GLN A 54 17.33 3.64 2.08
N LEU A 55 17.02 2.68 2.95
CA LEU A 55 15.76 2.60 3.69
C LEU A 55 16.01 2.65 5.20
N ILE A 56 15.03 3.11 5.92
CA ILE A 56 15.08 3.15 7.37
C ILE A 56 13.93 2.32 7.87
N CYS A 57 14.06 1.69 9.01
CA CYS A 57 13.02 0.84 9.46
C CYS A 57 12.99 0.92 10.99
N LEU A 58 11.82 0.83 11.53
CA LEU A 58 11.62 0.87 12.97
C LEU A 58 11.44 -0.50 13.50
N VAL A 59 12.26 -0.85 14.43
CA VAL A 59 12.27 -2.12 15.04
C VAL A 59 12.26 -1.92 16.53
N GLY A 60 11.46 -2.63 17.22
CA GLY A 60 11.54 -2.58 18.65
C GLY A 60 10.98 -3.79 19.30
N THR A 61 10.80 -3.71 20.59
CA THR A 61 10.22 -4.78 21.29
C THR A 61 8.78 -4.44 21.56
N GLU A 62 7.91 -5.06 20.79
CA GLU A 62 6.50 -4.88 20.97
C GLU A 62 6.15 -5.39 22.35
N ILE A 63 6.75 -6.51 22.68
CA ILE A 63 6.69 -7.12 23.96
C ILE A 63 8.12 -7.49 24.28
N GLU A 64 8.70 -6.89 25.30
CA GLU A 64 10.06 -7.24 25.68
C GLU A 64 10.13 -8.72 26.08
N GLY A 65 11.25 -9.33 25.85
CA GLY A 65 11.35 -10.76 25.95
C GLY A 65 11.46 -11.33 24.56
N GLU A 66 10.77 -10.67 23.66
CA GLU A 66 10.80 -10.96 22.25
C GLU A 66 11.66 -9.92 21.53
N GLY A 67 11.46 -9.79 20.25
CA GLY A 67 12.27 -8.91 19.45
C GLY A 67 11.81 -9.02 18.04
N LEU A 68 10.53 -8.78 17.85
CA LEU A 68 9.88 -8.95 16.57
C LEU A 68 8.93 -7.80 16.38
N GLN A 69 9.38 -6.78 15.75
CA GLN A 69 8.56 -5.70 15.28
C GLN A 69 9.25 -5.11 14.10
N THR A 70 8.65 -5.20 12.97
CA THR A 70 9.18 -4.54 11.86
C THR A 70 8.11 -3.68 11.21
N VAL A 71 8.26 -2.41 11.38
CA VAL A 71 7.40 -1.44 10.78
C VAL A 71 8.26 -0.49 9.99
N VAL A 72 7.89 -0.21 8.79
CA VAL A 72 8.67 0.70 7.99
C VAL A 72 7.80 1.73 7.31
N PRO A 73 8.15 3.01 7.51
CA PRO A 73 7.43 4.12 6.90
C PRO A 73 7.48 4.04 5.39
N THR A 74 6.34 4.18 4.82
CA THR A 74 6.20 4.12 3.41
C THR A 74 5.14 5.16 2.99
N PRO A 75 5.49 6.06 2.07
CA PRO A 75 4.56 7.08 1.58
C PRO A 75 3.41 6.41 0.87
N ILE A 76 2.24 7.04 0.88
CA ILE A 76 1.06 6.51 0.22
C ILE A 76 1.33 6.36 -1.29
N THR A 77 2.35 7.03 -1.77
CA THR A 77 2.72 6.91 -3.12
C THR A 77 3.66 5.73 -3.31
N ALA A 78 4.97 6.01 -3.37
CA ALA A 78 6.04 5.00 -3.59
C ALA A 78 5.66 3.97 -4.65
N SER A 79 6.40 2.91 -4.71
CA SER A 79 6.02 1.77 -5.42
C SER A 79 6.65 0.57 -4.72
N LEU A 80 5.83 -0.28 -4.18
CA LEU A 80 6.29 -1.45 -3.47
C LEU A 80 6.52 -2.55 -4.49
N SER A 81 7.09 -3.65 -4.09
CA SER A 81 7.33 -4.77 -4.96
C SER A 81 7.70 -5.96 -4.14
N HIS A 82 7.55 -7.17 -4.69
CA HIS A 82 8.00 -8.37 -3.96
C HIS A 82 9.52 -8.30 -3.70
N ASN A 83 10.19 -7.51 -4.52
CA ASN A 83 11.62 -7.26 -4.40
C ASN A 83 11.88 -6.32 -3.24
N ARG A 84 11.10 -5.25 -3.17
CA ARG A 84 11.24 -4.22 -2.14
C ARG A 84 11.01 -4.83 -0.76
N ILE A 85 9.99 -5.67 -0.64
CA ILE A 85 9.68 -6.32 0.63
C ILE A 85 10.77 -7.30 1.06
N ARG A 86 11.32 -7.97 0.08
CA ARG A 86 12.38 -8.95 0.26
C ARG A 86 13.62 -8.24 0.87
N GLU A 87 13.81 -6.99 0.48
CA GLU A 87 14.90 -6.17 0.96
C GLU A 87 14.63 -5.74 2.39
N ILE A 88 13.37 -5.47 2.70
CA ILE A 88 12.95 -5.08 4.03
C ILE A 88 13.27 -6.21 5.02
N LEU A 89 12.92 -7.44 4.61
CA LEU A 89 13.24 -8.66 5.37
C LEU A 89 14.70 -8.68 5.75
N LYS A 90 15.56 -8.43 4.76
CA LYS A 90 17.00 -8.42 5.00
C LYS A 90 17.37 -7.42 6.09
N ALA A 91 16.77 -6.25 6.01
CA ALA A 91 17.05 -5.18 6.95
C ALA A 91 16.72 -5.60 8.37
N SER A 92 15.50 -6.00 8.57
CA SER A 92 15.01 -6.34 9.86
C SER A 92 15.65 -7.61 10.42
N ARG A 93 15.91 -8.61 9.56
CA ARG A 93 16.45 -9.87 10.05
C ARG A 93 17.87 -9.68 10.56
N LYS A 94 18.57 -8.77 9.94
CA LYS A 94 19.93 -8.49 10.26
C LYS A 94 20.03 -7.70 11.57
N LEU A 95 19.03 -6.88 11.86
CA LEU A 95 18.95 -6.22 13.18
C LEU A 95 18.32 -7.12 14.27
N GLN A 96 17.30 -7.86 13.90
CA GLN A 96 16.54 -8.66 14.87
C GLN A 96 17.10 -10.06 15.16
N GLY A 97 17.76 -10.68 14.21
CA GLY A 97 18.26 -12.02 14.47
C GLY A 97 17.52 -13.14 13.75
N ASP A 98 17.45 -13.06 12.43
CA ASP A 98 16.99 -14.21 11.58
C ASP A 98 17.82 -14.43 10.35
N PRO A 99 17.91 -15.69 9.89
CA PRO A 99 18.57 -16.05 8.65
C PRO A 99 17.59 -16.01 7.43
N ASP A 100 17.94 -16.75 6.41
CA ASP A 100 17.18 -16.83 5.13
C ASP A 100 15.75 -17.42 5.26
N LEU A 101 14.88 -16.69 5.94
CA LEU A 101 13.47 -17.05 5.91
C LEU A 101 12.59 -15.82 5.79
N PRO A 102 11.48 -15.93 5.05
CA PRO A 102 10.54 -14.83 4.90
C PRO A 102 9.87 -14.48 6.25
N MET A 103 10.21 -13.33 6.74
CA MET A 103 9.63 -12.80 7.95
C MET A 103 8.45 -11.87 7.54
N SER A 104 7.92 -11.13 8.45
CA SER A 104 6.78 -10.30 8.16
C SER A 104 6.96 -8.95 8.77
N PHE A 105 6.24 -7.98 8.27
CA PHE A 105 6.37 -6.64 8.71
C PHE A 105 5.11 -5.90 8.38
N THR A 106 4.95 -4.80 9.00
CA THR A 106 3.85 -3.97 8.76
C THR A 106 4.26 -2.72 7.97
N LEU A 107 3.53 -2.47 6.92
CA LEU A 107 3.69 -1.29 6.12
C LEU A 107 2.98 -0.16 6.77
N ALA A 108 3.70 0.89 7.01
CA ALA A 108 3.09 2.06 7.52
C ALA A 108 2.88 2.98 6.35
N ILE A 109 1.67 2.99 5.87
CA ILE A 109 1.31 3.74 4.71
C ILE A 109 0.81 5.09 5.14
N VAL A 110 1.52 6.11 4.79
CA VAL A 110 1.12 7.42 5.21
C VAL A 110 0.52 8.20 4.07
N GLU A 111 -0.74 8.47 4.21
CA GLU A 111 -1.52 9.17 3.26
C GLU A 111 -1.16 10.65 3.35
N SER A 112 -1.34 11.38 2.27
CA SER A 112 -0.88 12.75 2.13
C SER A 112 -1.38 13.69 3.24
N ASP A 113 -2.62 13.51 3.68
CA ASP A 113 -3.19 14.35 4.72
C ASP A 113 -2.54 14.14 6.07
N SER A 114 -2.39 12.87 6.47
CA SER A 114 -1.90 12.53 7.82
C SER A 114 -2.21 11.06 8.11
N THR A 115 -3.25 10.56 7.46
CA THR A 115 -3.78 9.23 7.67
C THR A 115 -2.70 8.14 7.54
N ILE A 116 -2.39 7.49 8.64
CA ILE A 116 -1.44 6.41 8.63
C ILE A 116 -2.21 5.11 8.58
N VAL A 117 -1.92 4.27 7.62
CA VAL A 117 -2.61 3.03 7.44
C VAL A 117 -1.63 1.88 7.57
N TYR A 118 -1.75 1.13 8.62
CA TYR A 118 -0.91 -0.03 8.83
C TYR A 118 -1.46 -1.24 8.09
N TYR A 119 -0.66 -1.75 7.18
CA TYR A 119 -1.07 -2.86 6.36
C TYR A 119 -0.04 -4.00 6.50
N LYS A 120 -0.52 -5.17 6.83
CA LYS A 120 0.34 -6.32 7.03
C LYS A 120 0.64 -7.05 5.77
N LEU A 121 1.87 -7.28 5.56
CA LEU A 121 2.31 -8.04 4.46
C LEU A 121 3.21 -9.10 4.95
N THR A 122 3.06 -10.26 4.41
CA THR A 122 3.95 -11.30 4.77
C THR A 122 4.37 -12.01 3.49
N ASP A 123 5.52 -12.57 3.49
CA ASP A 123 6.09 -13.15 2.31
C ASP A 123 6.29 -14.64 2.44
N SER B 1 -22.95 8.23 -6.67
CA SER B 1 -23.00 7.29 -5.58
C SER B 1 -24.20 7.55 -4.69
N GLU B 2 -24.97 8.57 -5.05
CA GLU B 2 -26.16 8.95 -4.31
C GLU B 2 -27.15 7.83 -4.32
N ASP B 3 -27.49 7.36 -5.48
CA ASP B 3 -28.46 6.32 -5.58
C ASP B 3 -27.84 5.04 -5.98
N ALA B 4 -26.97 4.57 -5.13
CA ALA B 4 -26.32 3.29 -5.33
C ALA B 4 -27.25 2.19 -4.86
N TRP B 5 -28.02 2.51 -3.84
CA TRP B 5 -29.02 1.61 -3.24
C TRP B 5 -30.09 1.23 -4.27
N MET B 6 -30.29 2.14 -5.21
CA MET B 6 -31.29 2.00 -6.23
C MET B 6 -30.75 1.16 -7.38
N GLY B 7 -29.43 1.05 -7.44
CA GLY B 7 -28.79 0.32 -8.53
C GLY B 7 -29.07 0.95 -9.87
N THR B 8 -29.31 2.25 -9.89
CA THR B 8 -29.67 2.90 -11.10
C THR B 8 -28.72 4.03 -11.45
N HIS B 9 -27.56 3.61 -11.78
CA HIS B 9 -26.54 4.43 -12.35
C HIS B 9 -26.08 3.75 -13.60
N PRO B 10 -26.15 4.43 -14.77
CA PRO B 10 -25.70 3.87 -16.05
C PRO B 10 -24.39 3.11 -15.94
N LYS B 11 -23.41 3.73 -15.31
CA LYS B 11 -22.14 3.05 -15.18
C LYS B 11 -22.10 1.96 -14.14
N TYR B 12 -22.94 2.04 -13.12
CA TYR B 12 -23.07 0.97 -12.15
C TYR B 12 -23.70 -0.28 -12.80
N LEU B 13 -24.84 -0.08 -13.45
CA LEU B 13 -25.54 -1.17 -14.16
C LEU B 13 -24.60 -1.83 -15.19
N GLU B 14 -23.89 -0.98 -15.94
CA GLU B 14 -22.85 -1.40 -16.91
C GLU B 14 -21.77 -2.23 -16.21
N MET B 15 -21.48 -1.88 -14.98
CA MET B 15 -20.51 -2.60 -14.20
C MET B 15 -21.06 -3.95 -13.79
N MET B 16 -22.30 -3.97 -13.25
CA MET B 16 -22.92 -5.21 -12.66
C MET B 16 -23.01 -6.33 -13.68
N GLU B 17 -23.19 -5.94 -14.93
CA GLU B 17 -23.29 -6.87 -16.06
C GLU B 17 -21.94 -7.62 -16.30
N LEU B 18 -20.90 -7.25 -15.52
CA LEU B 18 -19.56 -7.87 -15.63
C LEU B 18 -19.59 -9.37 -15.34
N ASP B 19 -18.46 -9.99 -15.50
CA ASP B 19 -18.27 -11.37 -15.15
C ASP B 19 -18.28 -11.42 -13.63
N ILE B 20 -18.34 -12.55 -13.03
CA ILE B 20 -18.47 -12.70 -11.53
C ILE B 20 -19.76 -12.06 -10.85
N GLY B 21 -20.06 -10.88 -11.25
CA GLY B 21 -21.22 -10.10 -10.76
C GLY B 21 -21.51 -10.22 -9.26
N ASP B 22 -20.65 -9.72 -8.39
CA ASP B 22 -20.93 -9.75 -6.95
C ASP B 22 -21.31 -8.35 -6.47
N ALA B 23 -22.43 -8.24 -5.75
CA ALA B 23 -22.98 -6.96 -5.27
C ALA B 23 -22.00 -6.17 -4.39
N THR B 24 -21.19 -6.84 -3.61
CA THR B 24 -20.30 -6.15 -2.73
C THR B 24 -19.08 -5.69 -3.52
N GLN B 25 -18.57 -6.59 -4.35
CA GLN B 25 -17.45 -6.28 -5.19
C GLN B 25 -17.78 -5.10 -6.12
N VAL B 26 -18.91 -5.17 -6.80
CA VAL B 26 -19.37 -4.06 -7.66
C VAL B 26 -19.47 -2.76 -6.90
N TYR B 27 -19.86 -2.81 -5.63
CA TYR B 27 -19.93 -1.61 -4.80
C TYR B 27 -18.56 -0.98 -4.64
N VAL B 28 -17.56 -1.81 -4.39
CA VAL B 28 -16.20 -1.35 -4.17
C VAL B 28 -15.60 -0.90 -5.46
N ALA B 29 -15.81 -1.70 -6.49
CA ALA B 29 -15.31 -1.38 -7.81
C ALA B 29 -15.90 -0.07 -8.31
N PHE B 30 -17.18 0.14 -8.05
CA PHE B 30 -17.87 1.38 -8.41
C PHE B 30 -17.23 2.56 -7.72
N LEU B 31 -16.87 2.37 -6.44
CA LEU B 31 -16.24 3.43 -5.67
C LEU B 31 -14.93 3.85 -6.30
N VAL B 32 -14.07 2.89 -6.65
CA VAL B 32 -12.78 3.25 -7.22
C VAL B 32 -12.94 3.75 -8.66
N TYR B 33 -13.87 3.15 -9.40
CA TYR B 33 -14.21 3.56 -10.77
C TYR B 33 -14.56 5.05 -10.81
N LEU B 34 -15.39 5.51 -9.89
CA LEU B 34 -15.74 6.92 -9.79
C LEU B 34 -14.59 7.76 -9.30
N ASP B 35 -13.70 7.16 -8.54
CA ASP B 35 -12.55 7.88 -8.04
C ASP B 35 -11.62 8.16 -9.19
N LEU B 36 -11.21 7.09 -9.87
CA LEU B 36 -10.32 7.17 -11.02
C LEU B 36 -10.79 8.10 -12.09
N MET B 37 -12.06 8.16 -12.33
CA MET B 37 -12.53 8.95 -13.45
C MET B 37 -12.92 10.36 -13.06
N GLU B 38 -13.54 10.52 -11.92
CA GLU B 38 -14.11 11.82 -11.58
C GLU B 38 -13.27 12.60 -10.59
N SER B 39 -12.38 11.94 -9.91
CA SER B 39 -11.59 12.58 -8.91
C SER B 39 -10.14 12.64 -9.36
N LYS B 40 -9.59 11.49 -9.67
CA LYS B 40 -8.22 11.36 -10.14
C LYS B 40 -8.15 11.59 -11.65
N SER B 41 -9.34 11.57 -12.28
CA SER B 41 -9.54 11.79 -13.71
C SER B 41 -8.58 11.00 -14.65
N TRP B 42 -8.98 9.82 -15.05
CA TRP B 42 -8.28 9.10 -16.08
C TRP B 42 -9.04 9.27 -17.36
N HIS B 43 -8.37 9.07 -18.47
CA HIS B 43 -8.99 9.15 -19.78
C HIS B 43 -10.01 8.03 -19.97
N GLU B 44 -9.71 6.87 -19.45
CA GLU B 44 -10.49 5.69 -19.72
C GLU B 44 -10.26 4.68 -18.64
N VAL B 45 -11.32 4.12 -18.15
CA VAL B 45 -11.26 3.10 -17.13
C VAL B 45 -12.29 2.03 -17.50
N ASN B 46 -11.89 0.78 -17.57
CA ASN B 46 -12.79 -0.28 -17.98
C ASN B 46 -12.79 -1.26 -16.88
N CYS B 47 -13.74 -2.13 -16.91
CA CYS B 47 -13.86 -3.14 -15.94
C CYS B 47 -13.83 -4.50 -16.61
N VAL B 48 -12.96 -5.35 -16.14
CA VAL B 48 -12.90 -6.69 -16.65
C VAL B 48 -12.93 -7.67 -15.51
N GLY B 49 -13.82 -8.63 -15.60
CA GLY B 49 -13.91 -9.62 -14.59
C GLY B 49 -13.17 -10.87 -15.00
N LEU B 50 -12.56 -11.49 -14.05
CA LEU B 50 -11.82 -12.70 -14.31
C LEU B 50 -12.43 -13.85 -13.53
N PRO B 51 -13.31 -14.64 -14.19
CA PRO B 51 -13.98 -15.79 -13.55
C PRO B 51 -13.01 -16.94 -13.31
N GLU B 52 -11.96 -16.93 -14.09
CA GLU B 52 -10.82 -17.82 -13.95
C GLU B 52 -10.16 -17.62 -12.58
N LEU B 53 -10.23 -16.39 -12.12
CA LEU B 53 -9.53 -15.97 -10.92
C LEU B 53 -10.44 -15.55 -9.75
N GLN B 54 -11.74 -15.30 -10.01
CA GLN B 54 -12.68 -14.78 -8.97
C GLN B 54 -12.35 -13.33 -8.58
N LEU B 55 -11.61 -12.67 -9.44
CA LEU B 55 -11.22 -11.26 -9.21
C LEU B 55 -11.63 -10.40 -10.36
N ILE B 56 -11.76 -9.14 -10.10
CA ILE B 56 -12.13 -8.17 -11.11
C ILE B 56 -11.05 -7.10 -11.12
N CYS B 57 -10.80 -6.54 -12.25
CA CYS B 57 -9.77 -5.57 -12.40
C CYS B 57 -10.17 -4.48 -13.34
N LEU B 58 -9.68 -3.31 -13.07
CA LEU B 58 -9.94 -2.17 -13.88
C LEU B 58 -8.73 -1.85 -14.67
N VAL B 59 -8.87 -1.93 -15.93
CA VAL B 59 -7.82 -1.68 -16.85
C VAL B 59 -8.27 -0.57 -17.72
N GLY B 60 -7.56 0.48 -17.72
CA GLY B 60 -7.93 1.58 -18.53
C GLY B 60 -6.74 2.25 -19.08
N THR B 61 -6.96 3.39 -19.64
CA THR B 61 -5.94 4.15 -20.19
C THR B 61 -5.87 5.45 -19.36
N GLU B 62 -4.77 5.63 -18.59
CA GLU B 62 -4.62 6.83 -17.74
C GLU B 62 -4.82 8.06 -18.58
N ILE B 63 -4.17 8.05 -19.73
CA ILE B 63 -4.28 9.07 -20.75
C ILE B 63 -4.06 8.39 -22.08
N GLU B 64 -4.92 8.71 -23.04
CA GLU B 64 -4.90 8.07 -24.36
C GLU B 64 -3.49 8.13 -25.00
N GLY B 65 -3.06 7.01 -25.54
CA GLY B 65 -1.71 6.88 -26.06
C GLY B 65 -0.82 6.14 -25.07
N GLU B 66 -1.08 6.38 -23.80
CA GLU B 66 -0.40 5.74 -22.71
C GLU B 66 -1.38 4.62 -22.24
N GLY B 67 -1.23 4.07 -21.07
CA GLY B 67 -2.19 3.07 -20.63
C GLY B 67 -1.53 1.80 -20.19
N LEU B 68 -1.01 1.81 -18.99
CA LEU B 68 -0.30 0.66 -18.43
C LEU B 68 -0.52 0.56 -16.93
N GLN B 69 -1.54 1.21 -16.44
CA GLN B 69 -1.87 1.15 -15.04
C GLN B 69 -2.97 0.13 -14.84
N THR B 70 -2.73 -0.80 -14.01
CA THR B 70 -3.70 -1.77 -13.62
C THR B 70 -4.16 -1.42 -12.21
N VAL B 71 -5.43 -1.26 -12.03
CA VAL B 71 -5.97 -0.95 -10.72
C VAL B 71 -6.98 -1.98 -10.32
N VAL B 72 -6.85 -2.49 -9.14
CA VAL B 72 -7.78 -3.47 -8.67
C VAL B 72 -8.29 -3.15 -7.28
N PRO B 73 -9.64 -3.12 -7.12
CA PRO B 73 -10.28 -2.86 -5.85
C PRO B 73 -9.92 -3.92 -4.82
N THR B 74 -9.58 -3.48 -3.66
CA THR B 74 -9.18 -4.35 -2.60
C THR B 74 -9.61 -3.74 -1.24
N PRO B 75 -10.36 -4.51 -0.41
CA PRO B 75 -10.83 -4.04 0.91
C PRO B 75 -9.62 -3.83 1.84
N ILE B 76 -9.70 -2.86 2.75
CA ILE B 76 -8.57 -2.54 3.62
C ILE B 76 -8.36 -3.68 4.66
N THR B 77 -9.41 -4.45 4.94
CA THR B 77 -9.38 -5.51 5.96
C THR B 77 -8.64 -6.79 5.42
N ALA B 78 -7.81 -6.60 4.44
CA ALA B 78 -7.04 -7.66 3.86
C ALA B 78 -5.59 -7.62 4.38
N SER B 79 -4.80 -8.51 3.85
CA SER B 79 -3.36 -8.62 4.11
C SER B 79 -2.77 -9.17 2.84
N LEU B 80 -1.55 -8.82 2.52
CA LEU B 80 -1.07 -9.12 1.20
C LEU B 80 -0.11 -10.28 1.13
N SER B 81 -0.30 -11.07 0.06
CA SER B 81 0.51 -12.20 -0.23
C SER B 81 1.05 -12.10 -1.67
N HIS B 82 2.33 -12.42 -1.83
CA HIS B 82 2.99 -12.38 -3.14
C HIS B 82 2.28 -13.24 -4.20
N ASN B 83 1.59 -14.29 -3.79
CA ASN B 83 0.91 -15.13 -4.78
C ASN B 83 -0.31 -14.42 -5.34
N ARG B 84 -0.98 -13.63 -4.50
CA ARG B 84 -2.21 -12.91 -4.88
C ARG B 84 -1.85 -11.92 -5.98
N ILE B 85 -0.73 -11.22 -5.79
CA ILE B 85 -0.28 -10.25 -6.77
C ILE B 85 0.13 -10.88 -8.12
N ARG B 86 0.81 -12.05 -8.06
CA ARG B 86 1.13 -12.84 -9.29
C ARG B 86 -0.12 -13.12 -10.11
N GLU B 87 -1.20 -13.39 -9.41
CA GLU B 87 -2.47 -13.70 -10.03
C GLU B 87 -3.04 -12.46 -10.68
N ILE B 88 -2.79 -11.31 -10.08
CA ILE B 88 -3.29 -10.05 -10.60
C ILE B 88 -2.58 -9.75 -11.91
N LEU B 89 -1.26 -9.91 -11.92
CA LEU B 89 -0.45 -9.79 -13.13
C LEU B 89 -1.05 -10.59 -14.26
N LYS B 90 -1.31 -11.87 -14.01
CA LYS B 90 -1.91 -12.77 -15.00
C LYS B 90 -3.21 -12.20 -15.59
N ALA B 91 -3.97 -11.56 -14.75
CA ALA B 91 -5.24 -10.96 -15.13
C ALA B 91 -5.01 -9.80 -16.11
N SER B 92 -4.23 -8.84 -15.71
CA SER B 92 -4.02 -7.65 -16.48
C SER B 92 -3.23 -7.95 -17.74
N ARG B 93 -2.24 -8.79 -17.59
CA ARG B 93 -1.39 -9.25 -18.68
C ARG B 93 -2.19 -9.81 -19.85
N LYS B 94 -3.08 -10.77 -19.58
CA LYS B 94 -3.84 -11.33 -20.68
C LYS B 94 -4.88 -10.37 -21.27
N LEU B 95 -5.29 -9.35 -20.50
CA LEU B 95 -6.17 -8.30 -21.08
C LEU B 95 -5.40 -7.22 -21.85
N GLN B 96 -4.24 -6.82 -21.37
CA GLN B 96 -3.55 -5.70 -21.99
C GLN B 96 -2.55 -6.12 -23.03
N GLY B 97 -1.90 -7.24 -22.81
CA GLY B 97 -0.71 -7.52 -23.56
C GLY B 97 0.41 -6.65 -23.00
N ASP B 98 1.59 -6.77 -23.45
CA ASP B 98 2.66 -5.92 -22.92
C ASP B 98 3.79 -5.71 -23.88
N PRO B 99 4.55 -4.64 -23.68
CA PRO B 99 5.77 -4.44 -24.38
C PRO B 99 6.93 -4.97 -23.51
N ASP B 100 8.14 -4.65 -23.91
CA ASP B 100 9.38 -5.02 -23.17
C ASP B 100 9.48 -4.30 -21.81
N LEU B 101 8.37 -4.06 -21.16
CA LEU B 101 8.33 -3.26 -19.98
C LEU B 101 7.86 -4.10 -18.81
N PRO B 102 8.67 -4.21 -17.75
CA PRO B 102 8.27 -4.88 -16.51
C PRO B 102 7.24 -4.01 -15.80
N MET B 103 6.00 -4.46 -15.76
CA MET B 103 4.92 -3.58 -15.36
C MET B 103 4.52 -3.83 -13.88
N SER B 104 3.27 -3.53 -13.52
CA SER B 104 2.86 -3.49 -12.12
C SER B 104 1.37 -3.14 -12.03
N PHE B 105 0.92 -2.72 -10.84
CA PHE B 105 -0.44 -2.37 -10.62
C PHE B 105 -0.58 -1.54 -9.37
N THR B 106 -1.68 -0.92 -9.23
CA THR B 106 -1.97 -0.14 -8.09
C THR B 106 -3.10 -0.79 -7.29
N LEU B 107 -2.87 -0.93 -6.02
CA LEU B 107 -3.84 -1.43 -5.10
C LEU B 107 -4.77 -0.33 -4.72
N ALA B 108 -6.02 -0.54 -4.93
CA ALA B 108 -6.99 0.39 -4.49
C ALA B 108 -7.52 -0.12 -3.19
N ILE B 109 -7.03 0.46 -2.13
CA ILE B 109 -7.34 -0.01 -0.81
C ILE B 109 -8.47 0.83 -0.27
N VAL B 110 -9.59 0.21 -0.11
CA VAL B 110 -10.73 0.95 0.36
C VAL B 110 -11.08 0.60 1.77
N GLU B 111 -11.16 1.60 2.58
CA GLU B 111 -11.56 1.43 3.93
C GLU B 111 -13.07 1.25 3.93
N SER B 112 -13.59 0.62 4.95
CA SER B 112 -14.96 0.17 4.98
C SER B 112 -16.02 1.28 4.72
N ASP B 113 -15.74 2.52 5.05
CA ASP B 113 -16.77 3.55 4.89
C ASP B 113 -16.62 4.46 3.68
N SER B 114 -15.39 4.66 3.15
CA SER B 114 -15.23 5.63 2.05
C SER B 114 -13.77 5.80 1.55
N THR B 115 -12.81 5.86 2.47
CA THR B 115 -11.44 6.21 2.14
C THR B 115 -10.76 5.23 1.18
N ILE B 116 -10.33 5.75 0.05
CA ILE B 116 -9.62 4.98 -0.93
C ILE B 116 -8.14 5.38 -0.92
N VAL B 117 -7.29 4.40 -0.76
CA VAL B 117 -5.86 4.59 -0.65
C VAL B 117 -5.17 3.80 -1.78
N TYR B 118 -4.65 4.51 -2.74
CA TYR B 118 -3.94 3.89 -3.85
C TYR B 118 -2.49 3.62 -3.50
N TYR B 119 -2.15 2.36 -3.47
CA TYR B 119 -0.82 1.96 -3.10
C TYR B 119 -0.19 1.13 -4.23
N LYS B 120 0.97 1.53 -4.68
CA LYS B 120 1.64 0.88 -5.78
C LYS B 120 2.42 -0.30 -5.34
N LEU B 121 2.29 -1.35 -6.09
CA LEU B 121 3.04 -2.54 -5.91
C LEU B 121 3.42 -3.05 -7.28
N THR B 122 4.65 -3.33 -7.43
CA THR B 122 5.14 -3.86 -8.64
C THR B 122 5.69 -5.24 -8.39
N ASP B 123 5.66 -6.04 -9.38
CA ASP B 123 6.14 -7.38 -9.27
C ASP B 123 7.66 -7.37 -9.23
N SER A 1 5.25 18.75 24.67
CA SER A 1 4.95 19.29 23.36
C SER A 1 4.60 20.77 23.44
N GLU A 2 5.57 21.59 23.18
CA GLU A 2 5.47 23.02 23.29
C GLU A 2 6.25 23.69 22.16
N ASP A 3 7.47 23.27 21.99
CA ASP A 3 8.34 23.76 20.92
C ASP A 3 8.99 22.58 20.26
N ALA A 4 8.24 21.57 20.08
CA ALA A 4 8.75 20.33 19.55
C ALA A 4 7.80 19.79 18.51
N TRP A 5 7.13 20.66 17.83
CA TRP A 5 6.17 20.24 16.84
C TRP A 5 6.90 19.90 15.56
N MET A 6 7.58 20.89 15.03
CA MET A 6 8.29 20.75 13.80
C MET A 6 9.77 21.03 13.96
N GLY A 7 10.55 19.98 13.91
CA GLY A 7 12.00 20.11 13.83
C GLY A 7 12.72 20.23 15.16
N THR A 8 12.18 21.00 16.07
CA THR A 8 12.83 21.31 17.33
C THR A 8 12.41 20.30 18.40
N HIS A 9 12.11 19.13 17.93
CA HIS A 9 11.66 18.05 18.73
C HIS A 9 12.89 17.16 18.99
N PRO A 10 13.28 16.98 20.25
CA PRO A 10 14.48 16.18 20.64
C PRO A 10 14.58 14.83 19.91
N LYS A 11 13.47 14.10 19.91
CA LYS A 11 13.43 12.80 19.25
C LYS A 11 13.56 12.92 17.73
N TYR A 12 13.14 14.07 17.20
CA TYR A 12 13.29 14.35 15.78
C TYR A 12 14.77 14.60 15.49
N LEU A 13 15.44 15.40 16.36
CA LEU A 13 16.91 15.58 16.24
C LEU A 13 17.62 14.24 16.23
N GLU A 14 17.22 13.39 17.16
CA GLU A 14 17.76 12.03 17.24
C GLU A 14 17.60 11.31 15.90
N MET A 15 16.50 11.57 15.24
CA MET A 15 16.21 10.99 13.94
C MET A 15 17.07 11.64 12.82
N MET A 16 17.36 12.91 12.96
CA MET A 16 18.21 13.63 11.98
C MET A 16 19.62 13.07 11.98
N GLU A 17 20.06 12.61 13.15
CA GLU A 17 21.40 12.00 13.31
C GLU A 17 21.55 10.66 12.62
N LEU A 18 20.47 10.07 12.26
CA LEU A 18 20.50 8.79 11.62
C LEU A 18 19.63 8.75 10.41
N ASP A 19 19.31 7.52 10.03
CA ASP A 19 18.44 7.21 8.94
C ASP A 19 18.80 7.89 7.73
N ILE A 20 19.82 7.47 7.12
CA ILE A 20 20.28 8.00 5.83
C ILE A 20 20.48 9.54 5.62
N GLY A 21 19.76 10.40 6.24
CA GLY A 21 19.92 11.80 5.99
C GLY A 21 18.93 12.30 4.95
N ASP A 22 17.65 11.94 5.12
CA ASP A 22 16.66 12.43 4.17
C ASP A 22 15.53 13.17 4.88
N ALA A 23 15.29 14.43 4.46
CA ALA A 23 14.31 15.31 5.11
C ALA A 23 12.87 14.83 4.91
N THR A 24 12.62 14.22 3.78
CA THR A 24 11.31 13.73 3.48
C THR A 24 11.07 12.46 4.30
N GLN A 25 12.09 11.61 4.32
CA GLN A 25 12.09 10.34 5.02
C GLN A 25 11.83 10.57 6.50
N VAL A 26 12.62 11.46 7.09
CA VAL A 26 12.46 11.81 8.50
C VAL A 26 11.07 12.35 8.80
N TYR A 27 10.48 13.09 7.85
CA TYR A 27 9.13 13.57 8.01
C TYR A 27 8.15 12.40 8.18
N VAL A 28 8.22 11.45 7.26
CA VAL A 28 7.29 10.32 7.27
C VAL A 28 7.55 9.42 8.48
N ALA A 29 8.82 9.17 8.76
CA ALA A 29 9.22 8.37 9.90
C ALA A 29 8.72 9.02 11.20
N PHE A 30 8.85 10.34 11.30
CA PHE A 30 8.38 11.10 12.47
C PHE A 30 6.88 10.88 12.70
N LEU A 31 6.12 10.93 11.61
CA LEU A 31 4.69 10.71 11.65
C LEU A 31 4.33 9.34 12.21
N VAL A 32 4.94 8.28 11.69
CA VAL A 32 4.60 6.93 12.16
C VAL A 32 5.22 6.67 13.56
N TYR A 33 6.40 7.25 13.83
CA TYR A 33 7.07 7.17 15.14
C TYR A 33 6.12 7.62 16.25
N LEU A 34 5.56 8.81 16.09
CA LEU A 34 4.56 9.31 17.03
C LEU A 34 3.28 8.50 16.99
N ASP A 35 2.99 7.94 15.83
CA ASP A 35 1.75 7.17 15.68
C ASP A 35 1.82 5.90 16.49
N LEU A 36 2.87 5.10 16.30
CA LEU A 36 3.10 3.88 17.08
C LEU A 36 3.11 4.18 18.56
N MET A 37 3.87 5.18 18.93
CA MET A 37 4.01 5.57 20.33
C MET A 37 2.67 5.95 20.97
N GLU A 38 1.93 6.79 20.29
CA GLU A 38 0.71 7.35 20.84
C GLU A 38 -0.52 6.49 20.60
N SER A 39 -0.48 5.57 19.68
CA SER A 39 -1.63 4.78 19.39
C SER A 39 -1.40 3.32 19.86
N LYS A 40 -0.32 2.70 19.42
CA LYS A 40 -0.04 1.30 19.80
C LYS A 40 0.66 1.24 21.14
N SER A 41 1.18 2.37 21.60
CA SER A 41 2.01 2.43 22.78
C SER A 41 3.14 1.39 22.79
N TRP A 42 4.09 1.61 21.90
CA TRP A 42 5.26 0.75 21.81
C TRP A 42 6.17 0.94 22.99
N HIS A 43 6.63 -0.16 23.54
CA HIS A 43 7.57 -0.17 24.64
C HIS A 43 8.91 0.47 24.25
N GLU A 44 9.22 0.36 23.01
CA GLU A 44 10.48 0.79 22.49
C GLU A 44 10.32 0.98 21.02
N VAL A 45 10.84 2.03 20.50
CA VAL A 45 10.78 2.27 19.09
C VAL A 45 12.16 2.67 18.64
N ASN A 46 12.80 1.85 17.84
CA ASN A 46 14.13 2.20 17.37
C ASN A 46 13.98 2.39 15.91
N CYS A 47 14.87 3.09 15.34
CA CYS A 47 14.81 3.32 13.94
C CYS A 47 16.18 3.08 13.41
N VAL A 48 16.26 2.45 12.27
CA VAL A 48 17.55 2.05 11.72
C VAL A 48 17.60 2.39 10.24
N GLY A 49 18.70 2.97 9.83
CA GLY A 49 18.87 3.35 8.47
C GLY A 49 19.74 2.36 7.76
N LEU A 50 19.31 1.93 6.61
CA LEU A 50 20.07 1.00 5.81
C LEU A 50 20.42 1.61 4.47
N PRO A 51 21.63 2.18 4.36
CA PRO A 51 22.11 2.86 3.12
C PRO A 51 22.23 1.88 1.96
N GLU A 52 22.32 0.61 2.29
CA GLU A 52 22.53 -0.45 1.31
C GLU A 52 21.31 -0.58 0.41
N LEU A 53 20.16 -0.51 1.02
CA LEU A 53 18.90 -0.62 0.32
C LEU A 53 18.23 0.73 0.14
N GLN A 54 18.89 1.79 0.67
CA GLN A 54 18.35 3.17 0.62
C GLN A 54 17.06 3.23 1.47
N LEU A 55 16.93 2.26 2.35
CA LEU A 55 15.72 2.05 3.10
C LEU A 55 15.93 2.29 4.57
N ILE A 56 14.98 2.93 5.18
CA ILE A 56 14.94 3.08 6.60
C ILE A 56 13.97 2.06 7.12
N CYS A 57 14.30 1.43 8.20
CA CYS A 57 13.49 0.41 8.74
C CYS A 57 13.34 0.65 10.24
N LEU A 58 12.11 0.79 10.66
CA LEU A 58 11.80 1.09 12.03
C LEU A 58 11.51 -0.19 12.79
N VAL A 59 12.36 -0.54 13.74
CA VAL A 59 12.19 -1.76 14.50
C VAL A 59 12.27 -1.45 15.99
N GLY A 60 11.23 -1.75 16.69
CA GLY A 60 11.23 -1.56 18.12
C GLY A 60 10.48 -2.66 18.78
N THR A 61 10.35 -2.59 20.06
CA THR A 61 9.65 -3.61 20.74
C THR A 61 8.32 -3.08 21.18
N GLU A 62 7.26 -3.62 20.61
CA GLU A 62 5.93 -3.21 20.99
C GLU A 62 5.72 -3.65 22.42
N ILE A 63 6.23 -4.82 22.68
CA ILE A 63 6.31 -5.42 23.98
C ILE A 63 7.71 -5.99 24.03
N GLU A 64 8.49 -5.55 24.98
CA GLU A 64 9.83 -6.05 25.15
C GLU A 64 9.81 -7.58 25.33
N GLY A 65 10.83 -8.25 24.85
CA GLY A 65 10.83 -9.70 24.84
C GLY A 65 10.27 -10.27 23.55
N GLU A 66 9.19 -9.67 23.05
CA GLU A 66 8.56 -10.12 21.81
C GLU A 66 9.06 -9.19 20.69
N GLY A 67 10.25 -8.70 20.89
CA GLY A 67 10.93 -7.90 19.91
C GLY A 67 11.25 -8.68 18.66
N LEU A 68 10.37 -8.56 17.70
CA LEU A 68 10.52 -9.24 16.44
C LEU A 68 9.63 -8.51 15.42
N GLN A 69 9.29 -7.25 15.69
CA GLN A 69 8.51 -6.51 14.72
C GLN A 69 9.37 -5.60 13.94
N THR A 70 9.04 -5.50 12.72
CA THR A 70 9.61 -4.61 11.81
C THR A 70 8.46 -3.85 11.16
N VAL A 71 8.58 -2.56 11.07
CA VAL A 71 7.54 -1.74 10.48
C VAL A 71 8.23 -0.73 9.61
N VAL A 72 7.77 -0.52 8.42
CA VAL A 72 8.51 0.34 7.55
C VAL A 72 7.56 1.37 6.96
N PRO A 73 7.89 2.67 7.08
CA PRO A 73 7.07 3.76 6.55
C PRO A 73 6.88 3.61 5.05
N THR A 74 5.66 3.67 4.64
CA THR A 74 5.33 3.51 3.28
C THR A 74 4.26 4.55 2.86
N PRO A 75 4.61 5.49 2.00
CA PRO A 75 3.72 6.55 1.55
C PRO A 75 2.67 6.04 0.63
N ILE A 76 1.59 6.75 0.57
CA ILE A 76 0.47 6.49 -0.29
C ILE A 76 0.91 6.50 -1.81
N THR A 77 2.08 7.08 -2.10
CA THR A 77 2.51 7.21 -3.48
C THR A 77 3.85 6.47 -3.79
N ALA A 78 4.37 5.69 -2.84
CA ALA A 78 5.61 4.92 -3.13
C ALA A 78 5.29 3.48 -3.10
N SER A 79 6.21 2.67 -3.46
CA SER A 79 5.86 1.34 -3.69
C SER A 79 6.30 0.33 -2.68
N LEU A 80 5.49 -0.67 -2.63
CA LEU A 80 5.73 -1.91 -2.03
C LEU A 80 5.72 -2.84 -3.23
N SER A 81 6.18 -4.04 -3.12
CA SER A 81 6.17 -5.03 -4.20
C SER A 81 6.65 -6.30 -3.71
N HIS A 82 6.59 -7.33 -4.53
CA HIS A 82 7.26 -8.58 -4.22
C HIS A 82 8.76 -8.31 -4.10
N ASN A 83 9.26 -7.42 -4.90
CA ASN A 83 10.67 -7.06 -4.85
C ASN A 83 10.97 -6.16 -3.66
N ARG A 84 10.14 -5.17 -3.43
CA ARG A 84 10.34 -4.23 -2.33
C ARG A 84 10.21 -4.95 -0.99
N ILE A 85 9.25 -5.91 -0.89
CA ILE A 85 9.14 -6.72 0.33
C ILE A 85 10.33 -7.65 0.49
N ARG A 86 10.82 -8.20 -0.63
CA ARG A 86 12.08 -8.99 -0.62
C ARG A 86 13.20 -8.21 0.01
N GLU A 87 13.31 -6.96 -0.36
CA GLU A 87 14.36 -6.10 0.12
C GLU A 87 14.11 -5.78 1.60
N ILE A 88 12.85 -5.58 1.95
CA ILE A 88 12.47 -5.31 3.35
C ILE A 88 12.81 -6.53 4.21
N LEU A 89 12.39 -7.70 3.77
CA LEU A 89 12.70 -8.94 4.46
C LEU A 89 14.17 -9.07 4.69
N LYS A 90 14.94 -8.84 3.63
CA LYS A 90 16.40 -8.96 3.66
C LYS A 90 16.93 -8.02 4.70
N ALA A 91 16.45 -6.78 4.61
CA ALA A 91 16.83 -5.69 5.50
C ALA A 91 16.62 -6.08 6.94
N SER A 92 15.44 -6.50 7.25
CA SER A 92 15.05 -6.83 8.59
C SER A 92 15.79 -8.08 9.10
N ARG A 93 15.93 -9.11 8.24
CA ARG A 93 16.62 -10.31 8.66
C ARG A 93 18.10 -10.09 8.93
N LYS A 94 18.75 -9.24 8.16
CA LYS A 94 20.15 -8.95 8.39
C LYS A 94 20.34 -7.93 9.52
N LEU A 95 19.26 -7.20 9.83
CA LEU A 95 19.24 -6.27 10.93
C LEU A 95 19.09 -7.03 12.25
N GLN A 96 18.26 -8.05 12.24
CA GLN A 96 18.07 -8.95 13.38
C GLN A 96 19.22 -9.98 13.46
N GLY A 97 20.16 -9.86 12.54
CA GLY A 97 21.33 -10.74 12.49
C GLY A 97 21.06 -12.19 12.12
N ASP A 98 19.94 -12.47 11.51
CA ASP A 98 19.62 -13.86 11.13
C ASP A 98 19.03 -13.85 9.74
N PRO A 99 19.84 -14.13 8.74
CA PRO A 99 19.43 -14.03 7.32
C PRO A 99 18.50 -15.16 6.84
N ASP A 100 17.93 -15.91 7.76
CA ASP A 100 17.07 -17.02 7.39
C ASP A 100 15.61 -16.87 7.87
N LEU A 101 15.38 -16.09 8.92
CA LEU A 101 14.03 -15.94 9.51
C LEU A 101 12.98 -15.36 8.55
N PRO A 102 11.86 -16.10 8.32
CA PRO A 102 10.76 -15.60 7.51
C PRO A 102 9.97 -14.54 8.26
N MET A 103 10.10 -13.33 7.81
CA MET A 103 9.51 -12.22 8.48
C MET A 103 8.20 -11.71 7.93
N SER A 104 7.60 -10.94 8.77
CA SER A 104 6.38 -10.25 8.54
C SER A 104 6.57 -8.86 9.10
N PHE A 105 5.94 -7.90 8.52
CA PHE A 105 6.18 -6.53 8.90
C PHE A 105 4.97 -5.71 8.66
N THR A 106 4.81 -4.71 9.46
CA THR A 106 3.69 -3.85 9.32
C THR A 106 4.03 -2.67 8.44
N LEU A 107 3.27 -2.52 7.43
CA LEU A 107 3.38 -1.43 6.53
C LEU A 107 2.66 -0.26 7.11
N ALA A 108 3.34 0.84 7.19
CA ALA A 108 2.74 2.02 7.70
C ALA A 108 2.38 2.88 6.53
N ILE A 109 1.13 2.85 6.17
CA ILE A 109 0.62 3.55 5.02
C ILE A 109 0.32 4.98 5.41
N VAL A 110 1.03 5.89 4.83
CA VAL A 110 0.79 7.29 5.13
C VAL A 110 0.07 8.00 4.01
N GLU A 111 -1.16 8.33 4.28
CA GLU A 111 -1.99 9.05 3.35
C GLU A 111 -1.75 10.56 3.57
N SER A 112 -2.13 11.38 2.61
CA SER A 112 -1.77 12.80 2.56
C SER A 112 -2.36 13.63 3.73
N ASP A 113 -3.44 13.18 4.30
CA ASP A 113 -4.08 13.85 5.44
C ASP A 113 -3.38 13.45 6.76
N SER A 114 -2.18 12.82 6.63
CA SER A 114 -1.37 12.37 7.76
C SER A 114 -2.07 11.19 8.44
N THR A 115 -2.73 10.41 7.62
CA THR A 115 -3.45 9.29 8.11
C THR A 115 -2.55 8.07 8.02
N ILE A 116 -2.15 7.55 9.15
CA ILE A 116 -1.33 6.36 9.18
C ILE A 116 -2.27 5.16 9.23
N VAL A 117 -2.13 4.27 8.29
CA VAL A 117 -2.92 3.07 8.25
C VAL A 117 -1.99 1.88 8.26
N TYR A 118 -2.12 1.02 9.25
CA TYR A 118 -1.29 -0.15 9.33
C TYR A 118 -1.83 -1.23 8.43
N TYR A 119 -0.97 -1.89 7.73
CA TYR A 119 -1.37 -3.02 6.95
C TYR A 119 -0.34 -4.12 7.13
N LYS A 120 -0.77 -5.28 7.55
CA LYS A 120 0.12 -6.39 7.79
C LYS A 120 0.44 -7.13 6.49
N LEU A 121 1.68 -7.14 6.12
CA LEU A 121 2.10 -7.96 5.04
C LEU A 121 2.95 -9.05 5.56
N THR A 122 2.71 -10.24 5.08
CA THR A 122 3.43 -11.34 5.57
C THR A 122 3.95 -12.14 4.39
N ASP A 123 5.19 -12.52 4.42
CA ASP A 123 5.73 -13.27 3.29
C ASP A 123 6.28 -14.63 3.71
N SER B 1 -39.88 -2.84 -14.96
CA SER B 1 -38.75 -2.34 -14.21
C SER B 1 -38.15 -1.14 -14.93
N GLU B 2 -37.48 -0.31 -14.17
CA GLU B 2 -36.72 0.77 -14.69
C GLU B 2 -35.30 0.56 -14.22
N ASP B 3 -34.38 1.30 -14.74
CA ASP B 3 -33.03 1.18 -14.24
C ASP B 3 -32.95 1.78 -12.85
N ALA B 4 -32.74 0.91 -11.89
CA ALA B 4 -32.64 1.26 -10.48
C ALA B 4 -32.21 0.03 -9.72
N TRP B 5 -32.91 -1.06 -9.95
CA TRP B 5 -32.61 -2.36 -9.32
C TRP B 5 -31.25 -2.89 -9.81
N MET B 6 -30.88 -2.51 -11.03
CA MET B 6 -29.57 -2.85 -11.60
C MET B 6 -28.67 -1.67 -11.47
N GLY B 7 -29.15 -0.68 -10.80
CA GLY B 7 -28.45 0.54 -10.71
C GLY B 7 -28.92 1.49 -11.77
N THR B 8 -29.29 2.64 -11.37
CA THR B 8 -29.78 3.66 -12.26
C THR B 8 -28.61 4.54 -12.74
N HIS B 9 -27.44 4.28 -12.21
CA HIS B 9 -26.28 5.01 -12.58
C HIS B 9 -25.73 4.38 -13.86
N PRO B 10 -25.79 5.13 -14.99
CA PRO B 10 -25.38 4.63 -16.34
C PRO B 10 -24.05 3.85 -16.34
N LYS B 11 -23.07 4.39 -15.66
CA LYS B 11 -21.74 3.76 -15.62
C LYS B 11 -21.74 2.50 -14.75
N TYR B 12 -22.61 2.45 -13.75
CA TYR B 12 -22.75 1.27 -12.89
C TYR B 12 -23.41 0.18 -13.72
N LEU B 13 -24.43 0.58 -14.42
CA LEU B 13 -25.17 -0.27 -15.33
C LEU B 13 -24.20 -0.87 -16.39
N GLU B 14 -23.28 -0.04 -16.86
CA GLU B 14 -22.18 -0.49 -17.73
C GLU B 14 -21.33 -1.55 -17.05
N MET B 15 -21.17 -1.40 -15.75
CA MET B 15 -20.39 -2.31 -14.94
C MET B 15 -21.15 -3.63 -14.69
N MET B 16 -22.46 -3.54 -14.58
CA MET B 16 -23.31 -4.76 -14.42
C MET B 16 -23.21 -5.64 -15.66
N GLU B 17 -23.05 -4.98 -16.77
CA GLU B 17 -22.94 -5.58 -18.09
C GLU B 17 -21.64 -6.44 -18.21
N LEU B 18 -20.70 -6.22 -17.32
CA LEU B 18 -19.39 -6.87 -17.43
C LEU B 18 -18.85 -7.46 -16.12
N ASP B 19 -17.51 -7.59 -16.09
CA ASP B 19 -16.72 -8.11 -15.03
C ASP B 19 -16.86 -9.58 -14.84
N ILE B 20 -17.61 -9.92 -13.93
CA ILE B 20 -17.98 -11.23 -13.52
C ILE B 20 -19.14 -10.87 -12.72
N GLY B 21 -20.31 -11.10 -13.25
CA GLY B 21 -21.56 -10.54 -12.74
C GLY B 21 -21.82 -10.72 -11.25
N ASP B 22 -21.10 -10.00 -10.37
CA ASP B 22 -21.34 -10.12 -8.92
C ASP B 22 -21.71 -8.78 -8.32
N ALA B 23 -22.78 -8.77 -7.54
CA ALA B 23 -23.33 -7.56 -6.93
C ALA B 23 -22.42 -6.94 -5.86
N THR B 24 -21.65 -7.75 -5.16
CA THR B 24 -20.80 -7.23 -4.12
C THR B 24 -19.55 -6.64 -4.73
N GLN B 25 -19.02 -7.34 -5.71
CA GLN B 25 -17.87 -6.90 -6.44
C GLN B 25 -18.14 -5.55 -7.14
N VAL B 26 -19.25 -5.48 -7.90
CA VAL B 26 -19.63 -4.23 -8.56
C VAL B 26 -19.77 -3.08 -7.58
N TYR B 27 -20.29 -3.37 -6.38
CA TYR B 27 -20.34 -2.38 -5.33
C TYR B 27 -18.96 -1.80 -5.02
N VAL B 28 -17.98 -2.66 -4.78
CA VAL B 28 -16.66 -2.20 -4.40
C VAL B 28 -15.99 -1.51 -5.58
N ALA B 29 -16.15 -2.10 -6.74
CA ALA B 29 -15.61 -1.52 -7.96
C ALA B 29 -16.16 -0.13 -8.22
N PHE B 30 -17.47 0.05 -8.04
CA PHE B 30 -18.15 1.33 -8.19
C PHE B 30 -17.52 2.38 -7.27
N LEU B 31 -17.29 1.98 -6.03
CA LEU B 31 -16.66 2.84 -5.06
C LEU B 31 -15.30 3.34 -5.50
N VAL B 32 -14.41 2.45 -5.94
CA VAL B 32 -13.10 2.94 -6.34
C VAL B 32 -13.15 3.63 -7.73
N TYR B 33 -14.05 3.17 -8.61
CA TYR B 33 -14.29 3.78 -9.92
C TYR B 33 -14.56 5.29 -9.77
N LEU B 34 -15.47 5.63 -8.87
CA LEU B 34 -15.76 7.04 -8.58
C LEU B 34 -14.63 7.67 -7.82
N ASP B 35 -13.90 6.88 -7.08
CA ASP B 35 -12.82 7.42 -6.30
C ASP B 35 -11.70 7.88 -7.21
N LEU B 36 -11.15 6.98 -8.03
CA LEU B 36 -10.11 7.35 -9.03
C LEU B 36 -10.51 8.54 -9.85
N MET B 37 -11.73 8.47 -10.36
CA MET B 37 -12.26 9.53 -11.19
C MET B 37 -12.28 10.87 -10.46
N GLU B 38 -12.71 10.87 -9.21
CA GLU B 38 -12.89 12.13 -8.54
C GLU B 38 -11.82 12.46 -7.48
N SER B 39 -10.86 11.58 -7.27
CA SER B 39 -9.84 11.83 -6.26
C SER B 39 -8.54 12.22 -6.93
N LYS B 40 -7.98 11.31 -7.75
CA LYS B 40 -6.78 11.65 -8.50
C LYS B 40 -7.11 12.18 -9.86
N SER B 41 -8.41 12.14 -10.23
CA SER B 41 -8.84 12.45 -11.58
C SER B 41 -8.02 11.72 -12.65
N TRP B 42 -8.43 10.50 -12.94
CA TRP B 42 -7.72 9.67 -13.89
C TRP B 42 -8.00 10.06 -15.31
N HIS B 43 -7.00 9.86 -16.12
CA HIS B 43 -7.10 10.10 -17.54
C HIS B 43 -8.03 9.10 -18.20
N GLU B 44 -7.90 7.88 -17.81
CA GLU B 44 -8.59 6.82 -18.46
C GLU B 44 -8.83 5.68 -17.49
N VAL B 45 -10.09 5.32 -17.29
CA VAL B 45 -10.43 4.24 -16.38
C VAL B 45 -11.36 3.23 -17.08
N ASN B 46 -10.89 2.01 -17.24
CA ASN B 46 -11.71 0.91 -17.76
C ASN B 46 -11.62 -0.28 -16.85
N CYS B 47 -12.60 -1.16 -16.90
CA CYS B 47 -12.66 -2.24 -15.96
C CYS B 47 -12.77 -3.53 -16.71
N VAL B 48 -11.97 -4.49 -16.34
CA VAL B 48 -11.93 -5.76 -17.03
C VAL B 48 -12.10 -6.91 -16.05
N GLY B 49 -13.01 -7.79 -16.35
CA GLY B 49 -13.22 -8.91 -15.53
C GLY B 49 -12.54 -10.09 -16.09
N LEU B 50 -11.88 -10.80 -15.26
CA LEU B 50 -11.22 -11.97 -15.66
C LEU B 50 -11.87 -13.17 -15.08
N PRO B 51 -12.77 -13.80 -15.84
CA PRO B 51 -13.53 -14.96 -15.40
C PRO B 51 -12.60 -16.13 -15.09
N GLU B 52 -11.60 -16.30 -15.93
CA GLU B 52 -10.56 -17.31 -15.79
C GLU B 52 -9.82 -17.15 -14.44
N LEU B 53 -9.55 -15.92 -14.13
CA LEU B 53 -8.80 -15.57 -12.94
C LEU B 53 -9.78 -15.38 -11.75
N GLN B 54 -11.08 -15.28 -12.08
CA GLN B 54 -12.16 -14.98 -11.10
C GLN B 54 -11.91 -13.67 -10.34
N LEU B 55 -11.13 -12.83 -10.97
CA LEU B 55 -10.74 -11.56 -10.44
C LEU B 55 -11.15 -10.47 -11.39
N ILE B 56 -11.44 -9.33 -10.84
CA ILE B 56 -11.73 -8.17 -11.62
C ILE B 56 -10.54 -7.27 -11.51
N CYS B 57 -10.19 -6.65 -12.57
CA CYS B 57 -9.05 -5.85 -12.63
C CYS B 57 -9.41 -4.55 -13.33
N LEU B 58 -9.09 -3.46 -12.70
CA LEU B 58 -9.46 -2.17 -13.20
C LEU B 58 -8.20 -1.54 -13.78
N VAL B 59 -8.19 -1.26 -15.06
CA VAL B 59 -7.01 -0.79 -15.75
C VAL B 59 -7.28 0.47 -16.56
N GLY B 60 -6.33 1.35 -16.57
CA GLY B 60 -6.40 2.51 -17.41
C GLY B 60 -5.11 3.24 -17.36
N THR B 61 -5.15 4.50 -17.63
CA THR B 61 -4.00 5.32 -17.55
C THR B 61 -4.29 6.43 -16.58
N GLU B 62 -3.51 6.47 -15.54
CA GLU B 62 -3.68 7.45 -14.50
C GLU B 62 -3.41 8.83 -15.07
N ILE B 63 -2.42 8.92 -15.94
CA ILE B 63 -2.06 10.12 -16.68
C ILE B 63 -1.87 9.71 -18.14
N GLU B 64 -2.42 10.47 -19.07
CA GLU B 64 -2.18 10.24 -20.49
C GLU B 64 -0.68 10.18 -20.80
N GLY B 65 -0.27 9.10 -21.43
CA GLY B 65 1.12 8.95 -21.78
C GLY B 65 1.85 8.09 -20.80
N GLU B 66 1.39 8.13 -19.57
CA GLU B 66 1.93 7.32 -18.50
C GLU B 66 1.50 5.85 -18.79
N GLY B 67 2.09 4.91 -18.13
CA GLY B 67 1.83 3.53 -18.44
C GLY B 67 0.52 3.01 -17.92
N LEU B 68 0.28 1.74 -18.17
CA LEU B 68 -0.93 1.10 -17.76
C LEU B 68 -0.96 0.91 -16.30
N GLN B 69 -1.92 1.52 -15.69
CA GLN B 69 -2.09 1.42 -14.31
C GLN B 69 -3.12 0.39 -14.02
N THR B 70 -2.69 -0.60 -13.35
CA THR B 70 -3.52 -1.65 -12.94
C THR B 70 -3.87 -1.37 -11.50
N VAL B 71 -5.11 -1.39 -11.16
CA VAL B 71 -5.55 -1.15 -9.83
C VAL B 71 -6.62 -2.15 -9.53
N VAL B 72 -6.53 -2.80 -8.43
CA VAL B 72 -7.50 -3.83 -8.18
C VAL B 72 -8.16 -3.57 -6.83
N PRO B 73 -9.51 -3.54 -6.80
CA PRO B 73 -10.26 -3.35 -5.56
C PRO B 73 -9.95 -4.44 -4.54
N THR B 74 -9.65 -4.03 -3.35
CA THR B 74 -9.27 -4.92 -2.30
C THR B 74 -9.91 -4.48 -0.96
N PRO B 75 -10.67 -5.36 -0.30
CA PRO B 75 -11.29 -5.07 1.01
C PRO B 75 -10.21 -4.91 2.06
N ILE B 76 -10.36 -3.95 2.98
CA ILE B 76 -9.30 -3.65 3.95
C ILE B 76 -9.12 -4.77 5.01
N THR B 77 -10.15 -5.60 5.20
CA THR B 77 -10.13 -6.68 6.21
C THR B 77 -9.15 -7.84 5.84
N ALA B 78 -8.32 -7.61 4.85
CA ALA B 78 -7.37 -8.59 4.41
C ALA B 78 -5.94 -8.33 4.97
N SER B 79 -5.00 -9.03 4.38
CA SER B 79 -3.53 -8.93 4.65
C SER B 79 -2.89 -9.10 3.29
N LEU B 80 -1.61 -9.02 3.18
CA LEU B 80 -1.07 -9.09 1.84
C LEU B 80 -0.35 -10.38 1.65
N SER B 81 -0.71 -11.10 0.53
CA SER B 81 -0.09 -12.32 0.25
C SER B 81 0.55 -12.34 -1.12
N HIS B 82 1.68 -12.96 -1.15
CA HIS B 82 2.45 -13.23 -2.34
C HIS B 82 1.67 -13.96 -3.46
N ASN B 83 0.81 -14.88 -3.10
CA ASN B 83 0.06 -15.65 -4.11
C ASN B 83 -1.00 -14.81 -4.79
N ARG B 84 -1.71 -13.99 -4.03
CA ARG B 84 -2.78 -13.17 -4.58
C ARG B 84 -2.21 -12.14 -5.56
N ILE B 85 -1.06 -11.54 -5.21
CA ILE B 85 -0.41 -10.56 -6.11
C ILE B 85 0.14 -11.26 -7.35
N ARG B 86 0.72 -12.43 -7.16
CA ARG B 86 1.20 -13.28 -8.24
C ARG B 86 0.07 -13.53 -9.28
N GLU B 87 -1.13 -13.76 -8.79
CA GLU B 87 -2.29 -13.94 -9.67
C GLU B 87 -2.69 -12.61 -10.31
N ILE B 88 -2.44 -11.49 -9.61
CA ILE B 88 -2.81 -10.17 -10.12
C ILE B 88 -1.88 -9.79 -11.23
N LEU B 89 -0.57 -9.96 -11.00
CA LEU B 89 0.42 -9.76 -12.03
C LEU B 89 0.08 -10.52 -13.28
N LYS B 90 -0.08 -11.83 -13.16
CA LYS B 90 -0.46 -12.68 -14.29
C LYS B 90 -1.70 -12.14 -15.00
N ALA B 91 -2.65 -11.70 -14.19
CA ALA B 91 -3.92 -11.16 -14.66
C ALA B 91 -3.67 -9.93 -15.54
N SER B 92 -2.85 -9.03 -15.05
CA SER B 92 -2.58 -7.80 -15.75
C SER B 92 -1.61 -7.97 -16.91
N ARG B 93 -0.68 -8.93 -16.79
CA ARG B 93 0.28 -9.18 -17.87
C ARG B 93 -0.45 -9.66 -19.09
N LYS B 94 -1.27 -10.70 -18.91
CA LYS B 94 -2.01 -11.27 -20.00
C LYS B 94 -3.04 -10.28 -20.53
N LEU B 95 -3.50 -9.38 -19.66
CA LEU B 95 -4.45 -8.37 -20.05
C LEU B 95 -3.80 -7.32 -20.96
N GLN B 96 -2.56 -6.94 -20.65
CA GLN B 96 -1.87 -5.97 -21.50
C GLN B 96 -1.31 -6.68 -22.74
N GLY B 97 -1.32 -7.98 -22.68
CA GLY B 97 -0.80 -8.80 -23.77
C GLY B 97 0.70 -9.00 -23.72
N ASP B 98 1.27 -8.85 -22.55
CA ASP B 98 2.71 -9.03 -22.36
C ASP B 98 2.95 -9.94 -21.20
N PRO B 99 3.48 -11.15 -21.43
CA PRO B 99 3.68 -12.15 -20.37
C PRO B 99 4.82 -11.79 -19.43
N ASP B 100 5.52 -10.76 -19.76
CA ASP B 100 6.60 -10.28 -18.97
C ASP B 100 6.79 -8.83 -19.27
N LEU B 101 6.59 -8.02 -18.28
CA LEU B 101 6.74 -6.58 -18.42
C LEU B 101 6.96 -6.03 -17.03
N PRO B 102 7.67 -4.92 -16.86
CA PRO B 102 7.79 -4.30 -15.58
C PRO B 102 6.67 -3.29 -15.39
N MET B 103 5.73 -3.63 -14.53
CA MET B 103 4.62 -2.74 -14.27
C MET B 103 4.26 -2.85 -12.77
N SER B 104 3.08 -2.47 -12.38
CA SER B 104 2.76 -2.42 -10.96
C SER B 104 1.28 -2.21 -10.77
N PHE B 105 0.84 -2.21 -9.54
CA PHE B 105 -0.55 -2.06 -9.33
C PHE B 105 -0.84 -1.34 -8.05
N THR B 106 -1.93 -0.71 -8.01
CA THR B 106 -2.30 -0.02 -6.85
C THR B 106 -3.44 -0.76 -6.19
N LEU B 107 -3.26 -1.08 -4.97
CA LEU B 107 -4.24 -1.74 -4.18
C LEU B 107 -5.21 -0.72 -3.68
N ALA B 108 -6.44 -0.89 -4.01
CA ALA B 108 -7.45 -0.02 -3.51
C ALA B 108 -8.05 -0.64 -2.28
N ILE B 109 -7.67 -0.13 -1.14
CA ILE B 109 -8.05 -0.67 0.14
C ILE B 109 -9.34 -0.04 0.54
N VAL B 110 -10.40 -0.81 0.48
CA VAL B 110 -11.68 -0.27 0.83
C VAL B 110 -12.10 -0.66 2.21
N GLU B 111 -12.48 0.33 2.92
CA GLU B 111 -13.08 0.20 4.17
C GLU B 111 -14.52 -0.17 3.85
N SER B 112 -15.07 -1.13 4.56
CA SER B 112 -16.36 -1.74 4.22
C SER B 112 -17.51 -0.76 4.11
N ASP B 113 -17.43 0.36 4.79
CA ASP B 113 -18.47 1.33 4.72
C ASP B 113 -18.35 2.25 3.50
N SER B 114 -17.09 2.64 3.12
CA SER B 114 -16.94 3.69 2.08
C SER B 114 -15.48 4.19 1.82
N THR B 115 -14.57 4.05 2.76
CA THR B 115 -13.24 4.68 2.60
C THR B 115 -12.30 3.91 1.64
N ILE B 116 -11.69 4.64 0.70
CA ILE B 116 -10.70 4.07 -0.22
C ILE B 116 -9.31 4.58 0.15
N VAL B 117 -8.37 3.69 0.32
CA VAL B 117 -7.00 4.03 0.60
C VAL B 117 -6.13 3.32 -0.44
N TYR B 118 -5.39 4.07 -1.21
CA TYR B 118 -4.51 3.47 -2.19
C TYR B 118 -3.28 2.94 -1.51
N TYR B 119 -2.73 1.89 -2.06
CA TYR B 119 -1.49 1.39 -1.58
C TYR B 119 -0.76 0.72 -2.75
N LYS B 120 0.43 1.14 -3.02
CA LYS B 120 1.16 0.68 -4.15
C LYS B 120 1.92 -0.58 -3.88
N LEU B 121 1.55 -1.61 -4.58
CA LEU B 121 2.31 -2.81 -4.58
C LEU B 121 2.71 -3.09 -6.01
N THR B 122 3.94 -3.19 -6.19
CA THR B 122 4.55 -3.31 -7.45
C THR B 122 4.94 -4.79 -7.76
N ASP B 123 5.07 -5.13 -9.05
CA ASP B 123 5.58 -6.44 -9.50
C ASP B 123 6.86 -6.81 -8.76
N SER A 1 17.44 23.29 26.86
CA SER A 1 16.89 22.81 25.60
C SER A 1 17.97 22.70 24.55
N GLU A 2 18.38 21.47 24.26
CA GLU A 2 19.47 21.19 23.31
C GLU A 2 18.89 20.86 21.99
N ASP A 3 17.87 20.07 22.08
CA ASP A 3 17.25 19.31 21.02
C ASP A 3 16.67 20.08 19.81
N ALA A 4 17.09 21.28 19.58
CA ALA A 4 16.61 22.08 18.47
C ALA A 4 17.77 22.71 17.75
N TRP A 5 18.96 22.24 18.08
CA TRP A 5 20.19 22.75 17.51
C TRP A 5 20.42 22.22 16.10
N MET A 6 19.63 21.25 15.72
CA MET A 6 19.70 20.63 14.40
C MET A 6 18.31 20.27 13.99
N GLY A 7 17.60 19.66 14.90
CA GLY A 7 16.22 19.34 14.68
C GLY A 7 15.36 20.28 15.47
N THR A 8 14.47 19.74 16.26
CA THR A 8 13.57 20.53 17.08
C THR A 8 12.77 19.69 18.05
N HIS A 9 12.31 18.56 17.62
CA HIS A 9 11.73 17.63 18.54
C HIS A 9 12.80 16.66 18.98
N PRO A 10 12.99 16.50 20.31
CA PRO A 10 13.98 15.57 20.87
C PRO A 10 13.91 14.20 20.24
N LYS A 11 12.69 13.65 20.18
CA LYS A 11 12.46 12.30 19.64
C LYS A 11 12.93 12.25 18.17
N TYR A 12 12.66 13.33 17.45
CA TYR A 12 13.06 13.47 16.04
C TYR A 12 14.56 13.57 15.95
N LEU A 13 15.16 14.43 16.78
CA LEU A 13 16.60 14.54 16.87
C LEU A 13 17.26 13.17 17.17
N GLU A 14 16.71 12.46 18.18
CA GLU A 14 17.13 11.07 18.55
C GLU A 14 17.15 10.18 17.31
N MET A 15 16.17 10.40 16.44
CA MET A 15 16.08 9.65 15.20
C MET A 15 17.14 10.12 14.22
N MET A 16 17.26 11.44 14.02
CA MET A 16 18.22 12.07 13.05
C MET A 16 19.65 11.59 13.29
N GLU A 17 19.96 11.38 14.55
CA GLU A 17 21.28 10.96 15.02
C GLU A 17 21.79 9.67 14.31
N LEU A 18 20.88 8.91 13.72
CA LEU A 18 21.23 7.67 13.04
C LEU A 18 22.20 7.91 11.84
N ASP A 19 22.73 6.85 11.32
CA ASP A 19 23.83 6.89 10.32
C ASP A 19 23.38 7.15 8.88
N ILE A 20 22.28 7.83 8.68
CA ILE A 20 21.73 8.11 7.35
C ILE A 20 20.75 9.25 7.47
N GLY A 21 19.52 8.89 7.71
CA GLY A 21 18.45 9.82 7.97
C GLY A 21 18.31 10.91 6.94
N ASP A 22 17.49 10.70 5.97
CA ASP A 22 17.24 11.69 4.97
C ASP A 22 16.05 12.47 5.47
N ALA A 23 16.09 13.80 5.38
CA ALA A 23 15.02 14.69 5.92
C ALA A 23 13.60 14.25 5.53
N THR A 24 13.42 13.70 4.36
CA THR A 24 12.11 13.30 3.92
C THR A 24 11.72 11.98 4.64
N GLN A 25 12.64 11.01 4.61
CA GLN A 25 12.42 9.69 5.20
C GLN A 25 12.16 9.85 6.70
N VAL A 26 13.05 10.58 7.38
CA VAL A 26 12.90 10.83 8.81
C VAL A 26 11.59 11.50 9.17
N TYR A 27 11.10 12.39 8.31
CA TYR A 27 9.80 13.01 8.52
C TYR A 27 8.70 11.97 8.58
N VAL A 28 8.71 11.05 7.64
CA VAL A 28 7.67 10.03 7.57
C VAL A 28 7.82 9.05 8.72
N ALA A 29 9.05 8.68 9.01
CA ALA A 29 9.35 7.79 10.11
C ALA A 29 8.90 8.40 11.44
N PHE A 30 9.12 9.70 11.60
CA PHE A 30 8.71 10.44 12.80
C PHE A 30 7.21 10.36 12.97
N LEU A 31 6.48 10.58 11.89
CA LEU A 31 5.03 10.51 11.90
C LEU A 31 4.52 9.16 12.36
N VAL A 32 5.07 8.07 11.82
CA VAL A 32 4.59 6.75 12.20
C VAL A 32 5.10 6.36 13.60
N TYR A 33 6.33 6.78 13.94
CA TYR A 33 6.89 6.59 15.27
C TYR A 33 5.97 7.16 16.34
N LEU A 34 5.51 8.39 16.12
CA LEU A 34 4.55 9.01 17.03
C LEU A 34 3.20 8.33 16.99
N ASP A 35 2.87 7.73 15.88
CA ASP A 35 1.61 7.04 15.76
C ASP A 35 1.66 5.77 16.60
N LEU A 36 2.69 4.93 16.38
CA LEU A 36 2.86 3.73 17.17
C LEU A 36 2.92 4.02 18.65
N MET A 37 3.63 5.06 19.03
CA MET A 37 3.72 5.44 20.43
C MET A 37 2.40 5.92 20.99
N GLU A 38 1.85 6.93 20.37
CA GLU A 38 0.75 7.63 21.00
C GLU A 38 -0.60 7.11 20.60
N SER A 39 -0.66 6.22 19.66
CA SER A 39 -1.91 5.65 19.27
C SER A 39 -1.94 4.19 19.71
N LYS A 40 -1.00 3.39 19.19
CA LYS A 40 -0.95 1.96 19.49
C LYS A 40 -0.34 1.65 20.84
N SER A 41 0.46 2.58 21.39
CA SER A 41 1.24 2.36 22.59
C SER A 41 1.91 0.95 22.64
N TRP A 42 2.95 0.74 21.86
CA TRP A 42 3.65 -0.54 21.90
C TRP A 42 4.69 -0.60 22.98
N HIS A 43 5.03 -1.82 23.36
CA HIS A 43 6.03 -2.08 24.37
C HIS A 43 7.39 -1.52 23.98
N GLU A 44 7.74 -1.66 22.73
CA GLU A 44 9.05 -1.24 22.32
C GLU A 44 9.07 -0.97 20.82
N VAL A 45 9.52 0.21 20.46
CA VAL A 45 9.66 0.63 19.07
C VAL A 45 10.97 1.39 18.94
N ASN A 46 11.78 1.01 17.99
CA ASN A 46 13.06 1.65 17.79
C ASN A 46 13.25 2.02 16.36
N CYS A 47 14.11 2.98 16.11
CA CYS A 47 14.23 3.51 14.79
C CYS A 47 15.44 2.88 14.17
N VAL A 48 15.25 2.23 13.07
CA VAL A 48 16.33 1.51 12.43
C VAL A 48 16.55 2.06 11.03
N GLY A 49 17.69 2.65 10.81
CA GLY A 49 18.01 3.16 9.50
C GLY A 49 18.90 2.17 8.80
N LEU A 50 18.41 1.60 7.72
CA LEU A 50 19.11 0.53 7.03
C LEU A 50 19.83 1.08 5.78
N PRO A 51 21.16 1.36 5.89
CA PRO A 51 21.99 1.95 4.81
C PRO A 51 21.98 1.23 3.43
N GLU A 52 21.92 -0.12 3.39
CA GLU A 52 21.90 -0.84 2.07
C GLU A 52 20.74 -0.37 1.20
N LEU A 53 19.66 -0.13 1.84
CA LEU A 53 18.42 0.24 1.18
C LEU A 53 18.18 1.73 1.33
N GLN A 54 18.92 2.32 2.26
CA GLN A 54 18.81 3.71 2.66
C GLN A 54 17.41 4.05 3.09
N LEU A 55 16.78 3.09 3.73
CA LEU A 55 15.47 3.28 4.22
C LEU A 55 15.50 3.32 5.71
N ILE A 56 14.48 3.85 6.27
CA ILE A 56 14.38 3.93 7.69
C ILE A 56 13.16 3.08 8.00
N CYS A 57 13.18 2.42 9.10
CA CYS A 57 12.13 1.51 9.44
C CYS A 57 12.06 1.40 10.95
N LEU A 58 10.92 1.05 11.46
CA LEU A 58 10.75 0.91 12.88
C LEU A 58 10.57 -0.52 13.26
N VAL A 59 11.39 -0.99 14.16
CA VAL A 59 11.41 -2.35 14.59
C VAL A 59 11.39 -2.39 16.12
N GLY A 60 10.71 -3.35 16.69
CA GLY A 60 10.81 -3.56 18.11
C GLY A 60 9.99 -4.73 18.57
N THR A 61 9.48 -4.63 19.76
CA THR A 61 8.66 -5.64 20.31
C THR A 61 7.26 -5.12 20.49
N GLU A 62 6.35 -5.66 19.72
CA GLU A 62 4.96 -5.30 19.81
C GLU A 62 4.46 -5.66 21.20
N ILE A 63 4.89 -6.83 21.66
CA ILE A 63 4.58 -7.32 22.97
C ILE A 63 5.89 -7.84 23.58
N GLU A 64 6.22 -7.41 24.79
CA GLU A 64 7.35 -7.97 25.55
C GLU A 64 7.20 -9.50 25.62
N GLY A 65 8.28 -10.20 25.38
CA GLY A 65 8.23 -11.64 25.32
C GLY A 65 8.36 -12.11 23.90
N GLU A 66 7.81 -11.33 23.00
CA GLU A 66 7.89 -11.59 21.58
C GLU A 66 9.19 -11.04 21.03
N GLY A 67 9.30 -10.99 19.74
CA GLY A 67 10.51 -10.51 19.15
C GLY A 67 10.35 -10.23 17.68
N LEU A 68 9.35 -9.42 17.33
CA LEU A 68 9.08 -9.06 15.97
C LEU A 68 8.03 -7.96 15.85
N GLN A 69 8.45 -6.88 15.28
CA GLN A 69 7.62 -5.79 14.87
C GLN A 69 8.42 -5.03 13.87
N THR A 70 7.95 -4.95 12.68
CA THR A 70 8.59 -4.15 11.69
C THR A 70 7.55 -3.40 10.90
N VAL A 71 7.63 -2.11 10.96
CA VAL A 71 6.77 -1.27 10.19
C VAL A 71 7.65 -0.36 9.36
N VAL A 72 7.35 -0.19 8.12
CA VAL A 72 8.16 0.65 7.31
C VAL A 72 7.36 1.87 6.89
N PRO A 73 7.86 3.06 7.20
CA PRO A 73 7.24 4.31 6.79
C PRO A 73 7.23 4.43 5.28
N THR A 74 6.06 4.55 4.71
CA THR A 74 5.90 4.54 3.29
C THR A 74 4.86 5.62 2.85
N PRO A 75 5.31 6.67 2.16
CA PRO A 75 4.41 7.74 1.63
C PRO A 75 3.63 7.25 0.41
N ILE A 76 2.48 7.88 0.12
CA ILE A 76 1.63 7.53 -1.04
C ILE A 76 2.41 7.63 -2.36
N THR A 77 3.50 8.36 -2.36
CA THR A 77 4.25 8.60 -3.57
C THR A 77 5.35 7.53 -3.75
N ALA A 78 5.52 6.65 -2.78
CA ALA A 78 6.53 5.62 -2.87
C ALA A 78 5.89 4.35 -3.38
N SER A 79 6.69 3.48 -3.91
CA SER A 79 6.18 2.28 -4.49
C SER A 79 6.44 1.08 -3.59
N LEU A 80 5.77 0.02 -3.87
CA LEU A 80 5.98 -1.24 -3.25
C LEU A 80 6.22 -2.16 -4.38
N SER A 81 7.05 -3.10 -4.22
CA SER A 81 7.31 -4.05 -5.24
C SER A 81 7.62 -5.32 -4.53
N HIS A 82 7.42 -6.47 -5.12
CA HIS A 82 7.83 -7.68 -4.40
C HIS A 82 9.34 -7.78 -4.30
N ASN A 83 10.04 -7.06 -5.16
CA ASN A 83 11.48 -6.95 -5.05
C ASN A 83 11.80 -6.12 -3.80
N ARG A 84 11.00 -5.06 -3.62
CA ARG A 84 11.05 -4.20 -2.44
C ARG A 84 10.80 -4.99 -1.13
N ILE A 85 9.78 -5.83 -1.10
CA ILE A 85 9.46 -6.60 0.12
C ILE A 85 10.59 -7.54 0.47
N ARG A 86 11.19 -8.11 -0.57
CA ARG A 86 12.36 -8.98 -0.45
C ARG A 86 13.49 -8.22 0.26
N GLU A 87 13.62 -6.93 -0.07
CA GLU A 87 14.64 -6.09 0.53
C GLU A 87 14.31 -5.86 2.00
N ILE A 88 13.05 -5.62 2.27
CA ILE A 88 12.60 -5.33 3.62
C ILE A 88 12.72 -6.56 4.50
N LEU A 89 12.33 -7.72 3.97
CA LEU A 89 12.53 -9.00 4.66
C LEU A 89 14.00 -9.16 5.04
N LYS A 90 14.88 -8.88 4.10
CA LYS A 90 16.29 -8.97 4.36
C LYS A 90 16.69 -7.99 5.48
N ALA A 91 16.22 -6.77 5.36
CA ALA A 91 16.52 -5.69 6.30
C ALA A 91 16.04 -6.02 7.71
N SER A 92 14.77 -6.31 7.83
CA SER A 92 14.15 -6.57 9.10
C SER A 92 14.75 -7.80 9.77
N ARG A 93 14.93 -8.86 8.98
CA ARG A 93 15.50 -10.09 9.49
C ARG A 93 16.96 -9.93 9.87
N LYS A 94 17.64 -9.02 9.18
CA LYS A 94 19.04 -8.71 9.49
C LYS A 94 19.14 -8.21 10.93
N LEU A 95 18.22 -7.32 11.30
CA LEU A 95 18.21 -6.80 12.67
C LEU A 95 17.50 -7.74 13.62
N GLN A 96 16.75 -8.66 13.08
CA GLN A 96 15.91 -9.51 13.89
C GLN A 96 16.68 -10.71 14.44
N GLY A 97 17.78 -11.10 13.78
CA GLY A 97 18.58 -12.20 14.31
C GLY A 97 19.11 -13.15 13.26
N ASP A 98 18.38 -13.31 12.17
CA ASP A 98 18.83 -14.16 11.05
C ASP A 98 18.17 -13.63 9.78
N PRO A 99 18.86 -13.63 8.64
CA PRO A 99 18.35 -12.99 7.43
C PRO A 99 17.46 -13.86 6.50
N ASP A 100 16.90 -15.00 6.94
CA ASP A 100 16.11 -15.79 5.95
C ASP A 100 14.88 -16.53 6.48
N LEU A 101 14.54 -16.41 7.75
CA LEU A 101 13.36 -17.13 8.24
C LEU A 101 12.08 -16.43 7.73
N PRO A 102 10.97 -17.15 7.58
CA PRO A 102 9.70 -16.53 7.18
C PRO A 102 9.18 -15.50 8.22
N MET A 103 9.23 -14.23 7.84
CA MET A 103 8.67 -13.15 8.65
C MET A 103 7.83 -12.20 7.72
N SER A 104 7.45 -11.05 8.23
CA SER A 104 6.56 -10.09 7.54
C SER A 104 6.65 -8.72 8.20
N PHE A 105 5.93 -7.72 7.64
CA PHE A 105 6.02 -6.35 8.12
C PHE A 105 4.77 -5.56 7.77
N THR A 106 4.53 -4.53 8.49
CA THR A 106 3.38 -3.71 8.24
C THR A 106 3.79 -2.40 7.55
N LEU A 107 3.11 -2.08 6.48
CA LEU A 107 3.35 -0.86 5.75
C LEU A 107 2.63 0.27 6.42
N ALA A 108 3.35 1.29 6.74
CA ALA A 108 2.76 2.45 7.27
C ALA A 108 2.64 3.43 6.14
N ILE A 109 1.46 3.52 5.59
CA ILE A 109 1.22 4.30 4.42
C ILE A 109 0.76 5.68 4.83
N VAL A 110 1.48 6.69 4.42
CA VAL A 110 1.12 8.01 4.85
C VAL A 110 0.81 8.93 3.73
N GLU A 111 -0.14 9.74 3.98
CA GLU A 111 -0.53 10.79 3.15
C GLU A 111 0.37 11.95 3.54
N SER A 112 0.77 12.80 2.60
CA SER A 112 1.71 13.88 2.89
C SER A 112 1.09 14.95 3.78
N ASP A 113 -0.20 14.81 4.02
CA ASP A 113 -0.92 15.71 4.89
C ASP A 113 -0.80 15.29 6.35
N SER A 114 -1.06 14.00 6.65
CA SER A 114 -1.09 13.52 8.04
C SER A 114 -1.60 12.06 8.16
N THR A 115 -2.51 11.68 7.27
CA THR A 115 -3.19 10.38 7.34
C THR A 115 -2.22 9.19 7.27
N ILE A 116 -2.28 8.32 8.27
CA ILE A 116 -1.43 7.14 8.36
C ILE A 116 -2.29 5.88 8.32
N VAL A 117 -2.02 5.01 7.36
CA VAL A 117 -2.79 3.80 7.17
C VAL A 117 -1.86 2.59 7.26
N TYR A 118 -2.08 1.77 8.24
CA TYR A 118 -1.30 0.54 8.40
C TYR A 118 -1.85 -0.58 7.57
N TYR A 119 -1.06 -1.05 6.65
CA TYR A 119 -1.44 -2.12 5.77
C TYR A 119 -0.50 -3.29 5.98
N LYS A 120 -1.04 -4.41 6.35
CA LYS A 120 -0.31 -5.55 6.76
C LYS A 120 0.16 -6.36 5.52
N LEU A 121 1.46 -6.48 5.34
CA LEU A 121 2.01 -7.21 4.23
C LEU A 121 2.70 -8.47 4.75
N THR A 122 2.36 -9.60 4.17
CA THR A 122 2.90 -10.85 4.60
C THR A 122 3.63 -11.50 3.42
N ASP A 123 4.70 -12.20 3.69
CA ASP A 123 5.42 -12.91 2.64
C ASP A 123 5.04 -14.38 2.59
N SER B 1 -29.19 6.49 -4.39
CA SER B 1 -28.11 5.56 -4.14
C SER B 1 -28.44 4.76 -2.89
N GLU B 2 -29.69 4.89 -2.46
CA GLU B 2 -30.16 4.18 -1.29
C GLU B 2 -30.09 2.69 -1.53
N ASP B 3 -30.48 2.26 -2.72
CA ASP B 3 -30.36 0.86 -3.06
C ASP B 3 -29.07 0.57 -3.77
N ALA B 4 -27.99 0.76 -3.05
CA ALA B 4 -26.67 0.44 -3.55
C ALA B 4 -26.39 -1.03 -3.30
N TRP B 5 -27.26 -1.62 -2.48
CA TRP B 5 -27.17 -3.02 -2.09
C TRP B 5 -27.37 -3.87 -3.33
N MET B 6 -28.32 -3.45 -4.14
CA MET B 6 -28.65 -4.12 -5.36
C MET B 6 -27.88 -3.51 -6.51
N GLY B 7 -28.13 -2.23 -6.78
CA GLY B 7 -27.46 -1.57 -7.84
C GLY B 7 -28.38 -0.68 -8.61
N THR B 8 -28.45 0.57 -8.21
CA THR B 8 -29.34 1.49 -8.86
C THR B 8 -28.59 2.50 -9.78
N HIS B 9 -27.27 2.57 -9.66
CA HIS B 9 -26.50 3.48 -10.52
C HIS B 9 -26.20 2.82 -11.84
N PRO B 10 -26.47 3.52 -12.97
CA PRO B 10 -26.22 3.01 -14.34
C PRO B 10 -24.80 2.44 -14.49
N LYS B 11 -23.82 3.22 -14.10
CA LYS B 11 -22.43 2.82 -14.18
C LYS B 11 -22.08 1.62 -13.29
N TYR B 12 -22.76 1.51 -12.15
CA TYR B 12 -22.63 0.34 -11.27
C TYR B 12 -23.29 -0.86 -11.96
N LEU B 13 -24.48 -0.64 -12.49
CA LEU B 13 -25.22 -1.66 -13.24
C LEU B 13 -24.37 -2.18 -14.43
N GLU B 14 -23.79 -1.24 -15.18
CA GLU B 14 -22.87 -1.58 -16.28
C GLU B 14 -21.74 -2.46 -15.81
N MET B 15 -21.30 -2.22 -14.59
CA MET B 15 -20.27 -3.04 -14.00
C MET B 15 -20.83 -4.42 -13.66
N MET B 16 -22.00 -4.45 -12.99
CA MET B 16 -22.67 -5.71 -12.52
C MET B 16 -22.89 -6.70 -13.64
N GLU B 17 -23.17 -6.16 -14.81
CA GLU B 17 -23.44 -6.92 -16.04
C GLU B 17 -22.33 -7.94 -16.38
N LEU B 18 -21.14 -7.73 -15.81
CA LEU B 18 -20.01 -8.60 -16.07
C LEU B 18 -20.28 -10.06 -15.62
N ASP B 19 -19.44 -10.95 -16.05
CA ASP B 19 -19.63 -12.41 -15.90
C ASP B 19 -19.37 -12.96 -14.51
N ILE B 20 -19.47 -12.16 -13.47
CA ILE B 20 -19.15 -12.58 -12.11
C ILE B 20 -19.79 -11.63 -11.13
N GLY B 21 -19.05 -10.64 -10.77
CA GLY B 21 -19.48 -9.55 -9.96
C GLY B 21 -20.12 -9.94 -8.65
N ASP B 22 -19.37 -9.95 -7.61
CA ASP B 22 -19.92 -10.15 -6.27
C ASP B 22 -20.27 -8.82 -5.74
N ALA B 23 -21.39 -8.72 -5.07
CA ALA B 23 -21.91 -7.45 -4.53
C ALA B 23 -20.89 -6.66 -3.72
N THR B 24 -20.03 -7.34 -3.01
CA THR B 24 -19.04 -6.68 -2.19
C THR B 24 -17.86 -6.21 -3.05
N GLN B 25 -17.37 -7.10 -3.89
CA GLN B 25 -16.28 -6.81 -4.82
C GLN B 25 -16.67 -5.67 -5.80
N VAL B 26 -17.85 -5.77 -6.42
CA VAL B 26 -18.35 -4.69 -7.27
C VAL B 26 -18.51 -3.36 -6.53
N TYR B 27 -18.90 -3.41 -5.25
CA TYR B 27 -18.99 -2.20 -4.44
C TYR B 27 -17.65 -1.50 -4.35
N VAL B 28 -16.61 -2.25 -4.09
CA VAL B 28 -15.30 -1.65 -3.92
C VAL B 28 -14.79 -1.17 -5.27
N ALA B 29 -15.04 -1.98 -6.30
CA ALA B 29 -14.66 -1.62 -7.65
C ALA B 29 -15.35 -0.34 -8.09
N PHE B 30 -16.62 -0.20 -7.74
CA PHE B 30 -17.41 0.99 -8.04
C PHE B 30 -16.78 2.22 -7.41
N LEU B 31 -16.43 2.09 -6.14
CA LEU B 31 -15.80 3.19 -5.41
C LEU B 31 -14.52 3.66 -6.07
N VAL B 32 -13.64 2.74 -6.46
CA VAL B 32 -12.40 3.18 -7.08
C VAL B 32 -12.62 3.63 -8.53
N TYR B 33 -13.56 2.99 -9.24
CA TYR B 33 -13.97 3.39 -10.59
C TYR B 33 -14.38 4.87 -10.60
N LEU B 34 -15.19 5.27 -9.62
CA LEU B 34 -15.58 6.66 -9.50
C LEU B 34 -14.42 7.54 -9.06
N ASP B 35 -13.49 6.98 -8.34
CA ASP B 35 -12.35 7.76 -7.91
C ASP B 35 -11.47 8.09 -9.10
N LEU B 36 -11.06 7.07 -9.86
CA LEU B 36 -10.26 7.24 -11.07
C LEU B 36 -10.93 8.13 -12.09
N MET B 37 -12.23 8.11 -12.11
CA MET B 37 -12.97 8.82 -13.13
C MET B 37 -13.19 10.28 -12.73
N GLU B 38 -13.64 10.50 -11.51
CA GLU B 38 -14.07 11.84 -11.06
C GLU B 38 -12.93 12.60 -10.39
N SER B 39 -11.93 11.90 -9.90
CA SER B 39 -10.91 12.56 -9.16
C SER B 39 -9.60 12.52 -9.92
N LYS B 40 -9.10 11.32 -10.24
CA LYS B 40 -7.85 11.17 -10.98
C LYS B 40 -8.08 11.48 -12.45
N SER B 41 -9.36 11.42 -12.84
CA SER B 41 -9.81 11.59 -14.20
C SER B 41 -8.91 10.90 -15.25
N TRP B 42 -8.88 9.58 -15.22
CA TRP B 42 -8.19 8.80 -16.24
C TRP B 42 -8.83 8.98 -17.58
N HIS B 43 -8.06 8.75 -18.60
CA HIS B 43 -8.56 8.78 -19.95
C HIS B 43 -9.49 7.60 -20.19
N GLU B 44 -9.15 6.49 -19.63
CA GLU B 44 -9.91 5.31 -19.91
C GLU B 44 -9.79 4.32 -18.77
N VAL B 45 -10.91 3.88 -18.28
CA VAL B 45 -10.98 2.90 -17.21
C VAL B 45 -12.02 1.87 -17.59
N ASN B 46 -11.68 0.61 -17.55
CA ASN B 46 -12.64 -0.42 -17.89
C ASN B 46 -12.77 -1.31 -16.70
N CYS B 47 -13.87 -1.98 -16.57
CA CYS B 47 -14.08 -2.86 -15.47
C CYS B 47 -13.88 -4.26 -15.92
N VAL B 48 -12.85 -4.89 -15.42
CA VAL B 48 -12.50 -6.22 -15.86
C VAL B 48 -12.71 -7.20 -14.73
N GLY B 49 -13.61 -8.12 -14.93
CA GLY B 49 -13.78 -9.16 -13.99
C GLY B 49 -12.96 -10.34 -14.40
N LEU B 50 -12.16 -10.83 -13.52
CA LEU B 50 -11.30 -11.92 -13.85
C LEU B 50 -11.75 -13.13 -13.06
N PRO B 51 -12.58 -13.99 -13.67
CA PRO B 51 -13.16 -15.15 -12.98
C PRO B 51 -12.11 -16.18 -12.54
N GLU B 52 -11.03 -16.37 -13.33
CA GLU B 52 -9.96 -17.35 -12.99
C GLU B 52 -9.32 -17.05 -11.62
N LEU B 53 -9.40 -15.81 -11.23
CA LEU B 53 -8.88 -15.35 -9.95
C LEU B 53 -9.99 -14.95 -9.02
N GLN B 54 -11.17 -14.91 -9.60
CA GLN B 54 -12.42 -14.61 -8.91
C GLN B 54 -12.44 -13.13 -8.41
N LEU B 55 -11.69 -12.26 -9.08
CA LEU B 55 -11.53 -10.84 -8.65
C LEU B 55 -11.99 -9.89 -9.71
N ILE B 56 -12.10 -8.63 -9.34
CA ILE B 56 -12.47 -7.61 -10.26
C ILE B 56 -11.45 -6.52 -10.20
N CYS B 57 -11.15 -5.93 -11.31
CA CYS B 57 -10.06 -5.02 -11.42
C CYS B 57 -10.33 -4.02 -12.53
N LEU B 58 -9.67 -2.90 -12.48
CA LEU B 58 -9.87 -1.86 -13.48
C LEU B 58 -8.61 -1.70 -14.30
N VAL B 59 -8.75 -1.83 -15.61
CA VAL B 59 -7.63 -1.72 -16.52
C VAL B 59 -7.96 -0.68 -17.59
N GLY B 60 -7.07 0.26 -17.81
CA GLY B 60 -7.29 1.25 -18.84
C GLY B 60 -6.06 2.10 -19.11
N THR B 61 -6.27 3.30 -19.62
CA THR B 61 -5.20 4.17 -19.93
C THR B 61 -5.11 5.36 -19.03
N GLU B 62 -3.98 5.46 -18.39
CA GLU B 62 -3.61 6.65 -17.75
C GLU B 62 -2.79 7.35 -18.81
N ILE B 63 -3.38 8.36 -19.40
CA ILE B 63 -2.89 9.03 -20.58
C ILE B 63 -2.91 8.12 -21.81
N GLU B 64 -3.85 8.37 -22.73
CA GLU B 64 -3.83 7.65 -23.99
C GLU B 64 -2.49 7.96 -24.69
N GLY B 65 -1.96 7.01 -25.40
CA GLY B 65 -0.61 7.14 -25.91
C GLY B 65 0.33 6.42 -24.99
N GLU B 66 0.12 6.65 -23.72
CA GLU B 66 0.79 5.96 -22.65
C GLU B 66 -0.25 5.00 -22.08
N GLY B 67 -0.26 4.82 -20.79
CA GLY B 67 -1.26 4.04 -20.20
C GLY B 67 -0.88 2.62 -20.09
N LEU B 68 -1.90 1.79 -19.93
CA LEU B 68 -1.77 0.34 -19.77
C LEU B 68 -1.44 0.09 -18.35
N GLN B 69 -2.40 0.46 -17.52
CA GLN B 69 -2.29 0.43 -16.09
C GLN B 69 -3.40 -0.42 -15.56
N THR B 70 -3.14 -1.06 -14.49
CA THR B 70 -4.11 -1.87 -13.81
C THR B 70 -4.22 -1.45 -12.34
N VAL B 71 -5.42 -1.28 -11.86
CA VAL B 71 -5.65 -0.99 -10.46
C VAL B 71 -6.59 -2.04 -9.91
N VAL B 72 -6.30 -2.57 -8.77
CA VAL B 72 -7.15 -3.57 -8.21
C VAL B 72 -7.79 -3.08 -6.92
N PRO B 73 -9.13 -3.05 -6.88
CA PRO B 73 -9.85 -2.67 -5.68
C PRO B 73 -9.55 -3.64 -4.55
N THR B 74 -9.08 -3.11 -3.45
CA THR B 74 -8.64 -3.91 -2.35
C THR B 74 -9.04 -3.25 -1.02
N PRO B 75 -9.95 -3.88 -0.26
CA PRO B 75 -10.38 -3.36 1.05
C PRO B 75 -9.22 -3.42 2.05
N ILE B 76 -9.17 -2.50 3.00
CA ILE B 76 -8.04 -2.38 3.90
C ILE B 76 -8.12 -3.49 4.98
N THR B 77 -9.26 -4.16 5.07
CA THR B 77 -9.44 -5.25 6.04
C THR B 77 -8.77 -6.54 5.50
N ALA B 78 -8.09 -6.42 4.39
CA ALA B 78 -7.39 -7.51 3.77
C ALA B 78 -5.89 -7.34 4.00
N SER B 79 -5.13 -8.22 3.42
CA SER B 79 -3.69 -8.18 3.55
C SER B 79 -3.04 -8.55 2.21
N LEU B 80 -1.74 -8.40 2.11
CA LEU B 80 -1.07 -8.60 0.84
C LEU B 80 -0.15 -9.82 0.86
N SER B 81 -0.06 -10.51 -0.27
CA SER B 81 0.81 -11.65 -0.45
C SER B 81 1.43 -11.64 -1.85
N HIS B 82 2.69 -12.03 -1.98
CA HIS B 82 3.31 -12.07 -3.30
C HIS B 82 2.71 -13.16 -4.22
N ASN B 83 2.07 -14.16 -3.63
CA ASN B 83 1.34 -15.16 -4.43
C ASN B 83 0.23 -14.42 -5.16
N ARG B 84 -0.47 -13.58 -4.40
CA ARG B 84 -1.53 -12.71 -4.89
C ARG B 84 -1.08 -11.84 -6.07
N ILE B 85 0.05 -11.18 -5.95
CA ILE B 85 0.49 -10.30 -7.02
C ILE B 85 0.82 -11.08 -8.29
N ARG B 86 1.40 -12.26 -8.12
CA ARG B 86 1.66 -13.18 -9.21
C ARG B 86 0.36 -13.46 -9.97
N GLU B 87 -0.72 -13.60 -9.23
CA GLU B 87 -2.04 -13.82 -9.81
C GLU B 87 -2.47 -12.60 -10.60
N ILE B 88 -2.24 -11.42 -10.02
CA ILE B 88 -2.69 -10.18 -10.61
C ILE B 88 -1.91 -9.89 -11.88
N LEU B 89 -0.58 -10.07 -11.82
CA LEU B 89 0.25 -9.99 -13.01
C LEU B 89 -0.29 -10.87 -14.13
N LYS B 90 -0.65 -12.10 -13.79
CA LYS B 90 -1.24 -13.03 -14.74
C LYS B 90 -2.55 -12.47 -15.30
N ALA B 91 -3.34 -11.91 -14.42
CA ALA B 91 -4.65 -11.38 -14.77
C ALA B 91 -4.53 -10.18 -15.69
N SER B 92 -3.77 -9.20 -15.26
CA SER B 92 -3.63 -7.97 -15.98
C SER B 92 -2.96 -8.18 -17.32
N ARG B 93 -1.91 -8.98 -17.34
CA ARG B 93 -1.19 -9.27 -18.57
C ARG B 93 -2.02 -10.10 -19.53
N LYS B 94 -2.89 -10.95 -18.99
CA LYS B 94 -3.82 -11.75 -19.78
C LYS B 94 -4.69 -10.81 -20.62
N LEU B 95 -5.21 -9.77 -20.00
CA LEU B 95 -6.01 -8.78 -20.74
C LEU B 95 -5.14 -7.76 -21.46
N GLN B 96 -3.90 -7.64 -21.04
CA GLN B 96 -3.06 -6.61 -21.60
C GLN B 96 -2.49 -7.04 -22.96
N GLY B 97 -2.41 -8.35 -23.19
CA GLY B 97 -2.05 -8.84 -24.51
C GLY B 97 -0.57 -8.96 -24.84
N ASP B 98 0.29 -8.17 -24.22
CA ASP B 98 1.69 -8.10 -24.66
C ASP B 98 2.65 -8.25 -23.50
N PRO B 99 3.44 -9.32 -23.46
CA PRO B 99 4.37 -9.57 -22.38
C PRO B 99 5.76 -8.95 -22.58
N ASP B 100 5.89 -8.01 -23.52
CA ASP B 100 7.20 -7.40 -23.76
C ASP B 100 7.35 -6.13 -22.95
N LEU B 101 6.27 -5.46 -22.69
CA LEU B 101 6.33 -4.27 -21.87
C LEU B 101 6.20 -4.67 -20.42
N PRO B 102 6.90 -3.98 -19.50
CA PRO B 102 6.81 -4.27 -18.09
C PRO B 102 5.63 -3.56 -17.46
N MET B 103 5.01 -4.18 -16.49
CA MET B 103 3.89 -3.57 -15.83
C MET B 103 4.00 -3.57 -14.33
N SER B 104 2.93 -3.18 -13.76
CA SER B 104 2.77 -2.94 -12.41
C SER B 104 1.27 -2.79 -12.21
N PHE B 105 0.86 -2.64 -11.01
CA PHE B 105 -0.49 -2.43 -10.73
C PHE B 105 -0.60 -1.63 -9.49
N THR B 106 -1.59 -0.85 -9.41
CA THR B 106 -1.74 -0.02 -8.28
C THR B 106 -2.85 -0.58 -7.39
N LEU B 107 -2.56 -0.71 -6.14
CA LEU B 107 -3.52 -1.20 -5.19
C LEU B 107 -4.40 -0.07 -4.79
N ALA B 108 -5.65 -0.27 -4.93
CA ALA B 108 -6.59 0.69 -4.51
C ALA B 108 -7.12 0.22 -3.20
N ILE B 109 -6.59 0.80 -2.15
CA ILE B 109 -6.86 0.34 -0.81
C ILE B 109 -7.97 1.17 -0.23
N VAL B 110 -9.03 0.53 0.14
CA VAL B 110 -10.16 1.28 0.66
C VAL B 110 -10.40 1.04 2.13
N GLU B 111 -10.46 2.12 2.85
CA GLU B 111 -10.77 2.15 4.25
C GLU B 111 -12.28 2.07 4.37
N SER B 112 -12.75 1.42 5.44
CA SER B 112 -14.18 1.11 5.73
C SER B 112 -15.19 1.37 4.57
N ASP B 113 -15.52 2.63 4.32
CA ASP B 113 -16.47 2.99 3.29
C ASP B 113 -16.10 4.30 2.61
N SER B 114 -14.83 4.72 2.68
CA SER B 114 -14.51 6.03 2.13
C SER B 114 -13.07 6.23 1.64
N THR B 115 -12.08 6.15 2.53
CA THR B 115 -10.73 6.53 2.17
C THR B 115 -10.10 5.56 1.19
N ILE B 116 -9.88 6.04 -0.01
CA ILE B 116 -9.26 5.26 -1.04
C ILE B 116 -7.79 5.67 -1.12
N VAL B 117 -6.92 4.72 -0.94
CA VAL B 117 -5.50 4.97 -0.90
C VAL B 117 -4.82 4.17 -2.02
N TYR B 118 -4.30 4.88 -2.98
CA TYR B 118 -3.58 4.23 -4.07
C TYR B 118 -2.16 3.93 -3.70
N TYR B 119 -1.85 2.67 -3.66
CA TYR B 119 -0.54 2.23 -3.31
C TYR B 119 0.02 1.42 -4.48
N LYS B 120 1.05 1.94 -5.07
CA LYS B 120 1.61 1.44 -6.29
C LYS B 120 2.51 0.22 -6.00
N LEU B 121 2.16 -0.93 -6.60
CA LEU B 121 2.90 -2.16 -6.40
C LEU B 121 3.52 -2.61 -7.73
N THR B 122 4.80 -2.78 -7.73
CA THR B 122 5.57 -3.14 -8.88
C THR B 122 6.16 -4.55 -8.68
N ASP B 123 6.58 -5.17 -9.75
CA ASP B 123 7.36 -6.39 -9.67
C ASP B 123 8.66 -6.15 -8.88
N SER A 1 13.52 25.28 21.50
CA SER A 1 14.58 26.15 21.98
C SER A 1 15.95 25.48 21.84
N GLU A 2 15.96 24.28 21.33
CA GLU A 2 17.15 23.46 21.23
C GLU A 2 17.08 22.64 19.98
N ASP A 3 16.26 23.08 19.11
CA ASP A 3 15.76 22.26 18.04
C ASP A 3 15.41 23.11 16.81
N ALA A 4 14.87 24.27 17.07
CA ALA A 4 14.40 25.27 16.09
C ALA A 4 15.50 25.85 15.18
N TRP A 5 16.52 25.07 14.92
CA TRP A 5 17.61 25.50 14.08
C TRP A 5 17.23 25.23 12.62
N MET A 6 16.51 24.13 12.42
CA MET A 6 16.01 23.72 11.11
C MET A 6 14.54 23.43 11.25
N GLY A 7 14.22 22.58 12.20
CA GLY A 7 12.87 22.24 12.50
C GLY A 7 12.53 22.71 13.88
N THR A 8 11.93 21.84 14.68
CA THR A 8 11.61 22.16 16.07
C THR A 8 10.79 21.00 16.74
N HIS A 9 10.95 19.81 16.26
CA HIS A 9 10.36 18.68 16.95
C HIS A 9 11.47 17.70 17.26
N PRO A 10 11.82 17.53 18.56
CA PRO A 10 12.88 16.60 19.03
C PRO A 10 12.83 15.23 18.33
N LYS A 11 11.63 14.67 18.23
CA LYS A 11 11.46 13.35 17.60
C LYS A 11 11.89 13.43 16.12
N TYR A 12 11.41 14.47 15.46
CA TYR A 12 11.66 14.72 14.05
C TYR A 12 13.16 14.98 13.79
N LEU A 13 13.81 15.88 14.59
CA LEU A 13 15.30 16.04 14.48
C LEU A 13 16.03 14.71 14.61
N GLU A 14 15.70 13.99 15.66
CA GLU A 14 16.26 12.67 15.93
C GLU A 14 16.09 11.75 14.71
N MET A 15 14.98 11.93 14.05
CA MET A 15 14.65 11.21 12.85
C MET A 15 15.43 11.74 11.60
N MET A 16 15.66 13.05 11.55
CA MET A 16 16.45 13.68 10.47
C MET A 16 17.92 13.27 10.58
N GLU A 17 18.32 12.98 11.80
CA GLU A 17 19.65 12.48 12.15
C GLU A 17 20.01 11.20 11.37
N LEU A 18 18.99 10.48 10.93
CA LEU A 18 19.20 9.28 10.15
C LEU A 18 20.02 9.59 8.90
N ASP A 19 20.89 8.67 8.54
CA ASP A 19 21.91 8.81 7.46
C ASP A 19 21.34 8.89 6.05
N ILE A 20 20.25 9.55 5.88
CA ILE A 20 19.60 9.70 4.61
C ILE A 20 18.78 10.98 4.74
N GLY A 21 17.70 10.85 5.46
CA GLY A 21 16.85 11.96 5.77
C GLY A 21 16.05 12.37 4.55
N ASP A 22 15.16 11.51 4.17
CA ASP A 22 14.33 11.73 3.00
C ASP A 22 13.05 12.37 3.42
N ALA A 23 12.67 13.46 2.76
CA ALA A 23 11.48 14.25 3.10
C ALA A 23 10.22 13.39 3.17
N THR A 24 10.10 12.43 2.28
CA THR A 24 8.93 11.59 2.26
C THR A 24 9.02 10.59 3.41
N GLN A 25 10.18 9.94 3.55
CA GLN A 25 10.39 8.99 4.63
C GLN A 25 10.24 9.60 6.00
N VAL A 26 10.93 10.71 6.24
CA VAL A 26 10.84 11.39 7.53
C VAL A 26 9.42 11.82 7.86
N TYR A 27 8.67 12.26 6.86
CA TYR A 27 7.29 12.65 7.08
C TYR A 27 6.43 11.45 7.42
N VAL A 28 6.55 10.41 6.65
CA VAL A 28 5.75 9.21 6.84
C VAL A 28 6.15 8.51 8.14
N ALA A 29 7.44 8.41 8.38
CA ALA A 29 7.94 7.79 9.57
C ALA A 29 7.52 8.54 10.82
N PHE A 30 7.61 9.87 10.79
CA PHE A 30 7.19 10.72 11.90
C PHE A 30 5.74 10.42 12.28
N LEU A 31 4.90 10.28 11.28
CA LEU A 31 3.50 9.98 11.51
C LEU A 31 3.29 8.61 12.15
N VAL A 32 3.97 7.58 11.65
CA VAL A 32 3.79 6.24 12.20
C VAL A 32 4.45 6.10 13.58
N TYR A 33 5.65 6.67 13.71
CA TYR A 33 6.37 6.72 14.99
C TYR A 33 5.49 7.28 16.11
N LEU A 34 4.88 8.43 15.85
CA LEU A 34 3.92 9.01 16.78
C LEU A 34 2.69 8.14 16.96
N ASP A 35 2.35 7.35 15.96
CA ASP A 35 1.20 6.45 16.11
C ASP A 35 1.56 5.33 17.03
N LEU A 36 2.66 4.64 16.71
CA LEU A 36 3.20 3.57 17.54
C LEU A 36 3.30 4.02 18.97
N MET A 37 3.95 5.12 19.20
CA MET A 37 4.12 5.66 20.56
C MET A 37 2.82 5.78 21.36
N GLU A 38 1.88 6.50 20.81
CA GLU A 38 0.66 6.87 21.56
C GLU A 38 -0.40 5.80 21.52
N SER A 39 -0.42 4.99 20.49
CA SER A 39 -1.52 4.08 20.26
C SER A 39 -1.08 2.63 20.43
N LYS A 40 0.12 2.36 19.99
CA LYS A 40 0.61 1.00 19.94
C LYS A 40 1.51 0.64 21.13
N SER A 41 2.08 1.68 21.78
CA SER A 41 2.94 1.55 22.98
C SER A 41 3.85 0.28 23.04
N TRP A 42 5.01 0.34 22.39
CA TRP A 42 6.00 -0.75 22.49
C TRP A 42 6.92 -0.52 23.68
N HIS A 43 7.76 -1.51 23.95
CA HIS A 43 8.80 -1.37 24.96
C HIS A 43 9.92 -0.51 24.42
N GLU A 44 10.13 -0.58 23.16
CA GLU A 44 11.22 0.14 22.55
C GLU A 44 10.91 0.31 21.09
N VAL A 45 11.13 1.49 20.57
CA VAL A 45 10.92 1.79 19.18
C VAL A 45 12.15 2.51 18.70
N ASN A 46 12.74 2.04 17.62
CA ASN A 46 13.96 2.66 17.17
C ASN A 46 13.81 3.05 15.75
N CYS A 47 14.59 3.99 15.35
CA CYS A 47 14.56 4.49 14.02
C CYS A 47 15.91 4.22 13.41
N VAL A 48 15.93 3.62 12.24
CA VAL A 48 17.18 3.23 11.62
C VAL A 48 17.17 3.67 10.16
N GLY A 49 18.27 4.24 9.72
CA GLY A 49 18.41 4.67 8.35
C GLY A 49 19.38 3.79 7.59
N LEU A 50 18.86 3.04 6.63
CA LEU A 50 19.71 2.16 5.83
C LEU A 50 19.83 2.63 4.39
N PRO A 51 20.94 3.32 4.07
CA PRO A 51 21.19 3.94 2.75
C PRO A 51 21.36 2.94 1.60
N GLU A 52 21.48 1.65 1.93
CA GLU A 52 21.65 0.60 0.92
C GLU A 52 20.40 0.51 0.02
N LEU A 53 19.26 0.56 0.66
CA LEU A 53 18.00 0.58 -0.05
C LEU A 53 17.42 2.00 0.09
N GLN A 54 18.07 2.75 0.96
CA GLN A 54 17.71 4.12 1.33
C GLN A 54 16.39 4.13 2.06
N LEU A 55 16.20 3.12 2.86
CA LEU A 55 14.99 2.96 3.59
C LEU A 55 15.16 3.36 5.04
N ILE A 56 14.13 3.94 5.59
CA ILE A 56 14.08 4.24 6.99
C ILE A 56 13.17 3.22 7.61
N CYS A 57 13.57 2.61 8.68
CA CYS A 57 12.82 1.53 9.20
C CYS A 57 12.83 1.62 10.71
N LEU A 58 11.70 1.37 11.29
CA LEU A 58 11.57 1.34 12.71
C LEU A 58 11.55 -0.06 13.22
N VAL A 59 12.46 -0.39 14.09
CA VAL A 59 12.57 -1.70 14.63
C VAL A 59 12.72 -1.53 16.12
N GLY A 60 11.92 -2.16 16.86
CA GLY A 60 12.09 -2.09 18.27
C GLY A 60 11.74 -3.35 18.94
N THR A 61 11.74 -3.30 20.22
CA THR A 61 11.39 -4.43 20.97
C THR A 61 10.05 -4.21 21.56
N GLU A 62 9.10 -4.98 21.12
CA GLU A 62 7.77 -4.87 21.65
C GLU A 62 7.80 -5.36 23.08
N ILE A 63 8.59 -6.40 23.32
CA ILE A 63 8.80 -6.97 24.63
C ILE A 63 10.31 -7.19 24.80
N GLU A 64 10.96 -6.43 25.66
CA GLU A 64 12.41 -6.65 25.89
C GLU A 64 12.75 -8.11 26.22
N GLY A 65 13.63 -8.67 25.42
CA GLY A 65 14.06 -10.03 25.60
C GLY A 65 14.06 -10.73 24.28
N GLU A 66 13.06 -10.42 23.49
CA GLU A 66 12.91 -10.93 22.14
C GLU A 66 13.60 -9.96 21.19
N GLY A 67 13.10 -9.83 19.98
CA GLY A 67 13.70 -8.93 19.04
C GLY A 67 12.75 -8.58 17.92
N LEU A 68 12.60 -9.51 16.98
CA LEU A 68 11.74 -9.41 15.77
C LEU A 68 10.44 -8.59 15.90
N GLN A 69 10.54 -7.33 15.54
CA GLN A 69 9.41 -6.40 15.36
C GLN A 69 9.95 -5.35 14.42
N THR A 70 9.39 -5.26 13.26
CA THR A 70 9.85 -4.32 12.27
C THR A 70 8.65 -3.64 11.60
N VAL A 71 8.51 -2.34 11.83
CA VAL A 71 7.38 -1.55 11.34
C VAL A 71 7.93 -0.62 10.33
N VAL A 72 7.40 -0.64 9.14
CA VAL A 72 8.05 0.12 8.15
C VAL A 72 7.08 1.13 7.56
N PRO A 73 7.42 2.42 7.67
CA PRO A 73 6.61 3.49 7.10
C PRO A 73 6.55 3.35 5.59
N THR A 74 5.37 3.23 5.08
CA THR A 74 5.18 2.98 3.70
C THR A 74 4.08 3.89 3.12
N PRO A 75 4.45 4.77 2.20
CA PRO A 75 3.53 5.69 1.55
C PRO A 75 2.63 5.00 0.57
N ILE A 76 1.54 5.64 0.29
CA ILE A 76 0.59 5.25 -0.74
C ILE A 76 1.31 5.01 -2.12
N THR A 77 2.51 5.54 -2.28
CA THR A 77 3.21 5.50 -3.54
C THR A 77 4.48 4.60 -3.49
N ALA A 78 4.76 3.91 -2.35
CA ALA A 78 5.94 3.03 -2.31
C ALA A 78 5.49 1.63 -2.40
N SER A 79 6.38 0.76 -2.76
CA SER A 79 6.00 -0.53 -3.13
C SER A 79 5.95 -1.56 -2.04
N LEU A 80 5.26 -2.63 -2.36
CA LEU A 80 5.10 -3.79 -1.60
C LEU A 80 5.22 -4.94 -2.58
N SER A 81 5.88 -5.98 -2.25
CA SER A 81 6.07 -7.08 -3.18
C SER A 81 6.72 -8.19 -2.47
N HIS A 82 6.80 -9.33 -3.12
CA HIS A 82 7.53 -10.43 -2.54
C HIS A 82 9.03 -10.08 -2.53
N ASN A 83 9.41 -9.18 -3.42
CA ASN A 83 10.78 -8.69 -3.51
C ASN A 83 11.03 -7.69 -2.37
N ARG A 84 10.05 -6.79 -2.20
CA ARG A 84 10.06 -5.71 -1.22
C ARG A 84 10.32 -6.26 0.15
N ILE A 85 9.53 -7.27 0.51
CA ILE A 85 9.69 -7.90 1.80
C ILE A 85 11.11 -8.44 1.96
N ARG A 86 11.62 -9.12 0.94
CA ARG A 86 12.97 -9.73 0.96
C ARG A 86 14.09 -8.74 1.26
N GLU A 87 14.00 -7.51 0.76
CA GLU A 87 15.04 -6.52 1.01
C GLU A 87 14.93 -6.00 2.41
N ILE A 88 13.71 -5.66 2.80
CA ILE A 88 13.45 -5.16 4.15
C ILE A 88 13.84 -6.21 5.19
N LEU A 89 13.46 -7.47 4.94
CA LEU A 89 13.85 -8.57 5.80
C LEU A 89 15.33 -8.60 5.94
N LYS A 90 16.02 -8.70 4.81
CA LYS A 90 17.48 -8.71 4.78
C LYS A 90 18.06 -7.55 5.61
N ALA A 91 17.51 -6.38 5.41
CA ALA A 91 17.92 -5.18 6.12
C ALA A 91 17.70 -5.30 7.66
N SER A 92 16.49 -5.63 8.06
CA SER A 92 16.18 -5.74 9.48
C SER A 92 16.89 -6.96 10.09
N ARG A 93 16.97 -8.01 9.33
CA ARG A 93 17.65 -9.22 9.69
C ARG A 93 19.16 -9.05 9.73
N LYS A 94 19.63 -8.00 9.07
CA LYS A 94 21.00 -7.59 9.16
C LYS A 94 21.18 -6.85 10.48
N LEU A 95 20.13 -6.17 10.93
CA LEU A 95 20.18 -5.39 12.15
C LEU A 95 20.11 -6.29 13.38
N GLN A 96 19.25 -7.32 13.31
CA GLN A 96 19.06 -8.25 14.45
C GLN A 96 20.04 -9.44 14.33
N GLY A 97 20.84 -9.37 13.28
CA GLY A 97 21.93 -10.32 13.00
C GLY A 97 21.58 -11.80 12.79
N ASP A 98 20.55 -12.08 12.06
CA ASP A 98 20.31 -13.47 11.66
C ASP A 98 20.78 -13.69 10.22
N PRO A 99 21.13 -14.95 9.83
CA PRO A 99 21.55 -15.28 8.45
C PRO A 99 20.46 -14.96 7.43
N ASP A 100 19.30 -15.61 7.60
CA ASP A 100 18.11 -15.35 6.75
C ASP A 100 16.98 -16.27 7.11
N LEU A 101 16.42 -16.08 8.25
CA LEU A 101 15.22 -16.76 8.60
C LEU A 101 14.04 -15.88 8.25
N PRO A 102 13.01 -16.44 7.57
CA PRO A 102 11.82 -15.69 7.12
C PRO A 102 11.22 -14.80 8.22
N MET A 103 11.23 -13.54 7.96
CA MET A 103 10.69 -12.56 8.90
C MET A 103 9.47 -11.89 8.31
N SER A 104 8.61 -11.44 9.15
CA SER A 104 7.41 -10.77 8.74
C SER A 104 7.42 -9.41 9.38
N PHE A 105 6.75 -8.46 8.78
CA PHE A 105 6.75 -7.13 9.27
C PHE A 105 5.44 -6.47 8.93
N THR A 106 5.09 -5.51 9.72
CA THR A 106 3.84 -4.83 9.54
C THR A 106 4.08 -3.50 8.82
N LEU A 107 3.33 -3.32 7.80
CA LEU A 107 3.39 -2.17 6.99
C LEU A 107 2.59 -1.07 7.61
N ALA A 108 3.10 0.09 7.55
CA ALA A 108 2.39 1.22 7.99
C ALA A 108 2.07 2.04 6.78
N ILE A 109 0.87 1.91 6.31
CA ILE A 109 0.44 2.56 5.11
C ILE A 109 0.01 3.95 5.45
N VAL A 110 0.66 4.89 4.86
CA VAL A 110 0.44 6.24 5.19
C VAL A 110 -0.27 7.06 4.20
N GLU A 111 -1.43 7.49 4.61
CA GLU A 111 -2.18 8.44 3.94
C GLU A 111 -1.47 9.74 4.23
N SER A 112 -1.28 10.53 3.24
CA SER A 112 -0.50 11.75 3.38
C SER A 112 -1.18 12.75 4.33
N ASP A 113 -2.49 12.61 4.50
CA ASP A 113 -3.27 13.50 5.34
C ASP A 113 -3.04 13.27 6.82
N SER A 114 -3.37 12.08 7.33
CA SER A 114 -3.33 11.81 8.80
C SER A 114 -3.55 10.32 9.16
N THR A 115 -3.91 9.51 8.19
CA THR A 115 -4.28 8.15 8.51
C THR A 115 -3.13 7.16 8.34
N ILE A 116 -2.78 6.52 9.42
CA ILE A 116 -1.81 5.45 9.41
C ILE A 116 -2.61 4.14 9.37
N VAL A 117 -2.37 3.30 8.39
CA VAL A 117 -3.11 2.07 8.25
C VAL A 117 -2.13 0.90 8.29
N TYR A 118 -2.14 0.17 9.35
CA TYR A 118 -1.27 -0.99 9.47
C TYR A 118 -1.79 -2.16 8.64
N TYR A 119 -0.89 -2.82 7.94
CA TYR A 119 -1.27 -3.91 7.08
C TYR A 119 -0.16 -4.98 7.18
N LYS A 120 -0.53 -6.21 7.44
CA LYS A 120 0.41 -7.26 7.71
C LYS A 120 0.91 -7.93 6.37
N LEU A 121 2.23 -8.01 6.23
CA LEU A 121 2.83 -8.57 5.03
C LEU A 121 3.51 -9.87 5.34
N THR A 122 3.20 -10.94 4.59
CA THR A 122 3.86 -12.18 4.89
C THR A 122 4.54 -12.74 3.61
N ASP A 123 5.77 -13.27 3.73
CA ASP A 123 6.50 -13.80 2.55
C ASP A 123 5.76 -14.98 1.89
N SER B 1 -33.88 -5.85 -11.61
CA SER B 1 -33.51 -6.78 -10.58
C SER B 1 -32.59 -6.10 -9.57
N GLU B 2 -33.09 -5.91 -8.32
CA GLU B 2 -32.38 -5.28 -7.19
C GLU B 2 -32.33 -3.81 -7.38
N ASP B 3 -31.76 -3.43 -8.47
CA ASP B 3 -31.56 -2.09 -8.74
C ASP B 3 -32.75 -1.37 -9.28
N ALA B 4 -33.14 -0.41 -8.50
CA ALA B 4 -34.11 0.57 -8.87
C ALA B 4 -33.79 1.83 -8.08
N TRP B 5 -32.53 1.90 -7.62
CA TRP B 5 -32.07 2.93 -6.69
C TRP B 5 -30.57 2.85 -6.38
N MET B 6 -29.88 1.88 -6.93
CA MET B 6 -28.47 1.69 -6.57
C MET B 6 -27.61 1.93 -7.78
N GLY B 7 -28.03 1.34 -8.84
CA GLY B 7 -27.31 1.38 -10.08
C GLY B 7 -27.88 2.41 -10.96
N THR B 8 -28.61 3.32 -10.37
CA THR B 8 -29.21 4.45 -11.07
C THR B 8 -28.09 5.43 -11.45
N HIS B 9 -26.90 5.07 -11.04
CA HIS B 9 -25.71 5.77 -11.30
C HIS B 9 -25.08 5.14 -12.52
N PRO B 10 -25.02 5.89 -13.64
CA PRO B 10 -24.47 5.44 -14.92
C PRO B 10 -23.17 4.66 -14.77
N LYS B 11 -22.29 5.18 -13.94
CA LYS B 11 -20.98 4.58 -13.70
C LYS B 11 -21.14 3.16 -13.10
N TYR B 12 -21.88 3.08 -12.01
CA TYR B 12 -22.15 1.83 -11.29
C TYR B 12 -22.82 0.79 -12.21
N LEU B 13 -23.86 1.21 -12.89
CA LEU B 13 -24.60 0.36 -13.82
C LEU B 13 -23.65 -0.20 -14.91
N GLU B 14 -22.79 0.67 -15.41
CA GLU B 14 -21.70 0.30 -16.34
C GLU B 14 -20.76 -0.80 -15.71
N MET B 15 -20.56 -0.73 -14.39
CA MET B 15 -19.75 -1.74 -13.63
C MET B 15 -20.54 -3.02 -13.49
N MET B 16 -21.85 -2.88 -13.30
CA MET B 16 -22.74 -4.03 -13.14
C MET B 16 -22.79 -4.83 -14.41
N GLU B 17 -22.55 -4.14 -15.51
CA GLU B 17 -22.43 -4.71 -16.84
C GLU B 17 -21.26 -5.73 -16.90
N LEU B 18 -20.30 -5.61 -15.99
CA LEU B 18 -19.18 -6.56 -15.95
C LEU B 18 -19.71 -7.98 -15.76
N ASP B 19 -19.07 -8.92 -16.43
CA ASP B 19 -19.53 -10.33 -16.53
C ASP B 19 -19.36 -11.13 -15.23
N ILE B 20 -19.72 -10.56 -14.11
CA ILE B 20 -19.64 -11.18 -12.79
C ILE B 20 -20.58 -10.35 -11.94
N GLY B 21 -20.14 -9.11 -11.78
CA GLY B 21 -20.84 -8.11 -11.02
C GLY B 21 -21.13 -8.58 -9.61
N ASP B 22 -20.14 -8.52 -8.75
CA ASP B 22 -20.29 -9.00 -7.38
C ASP B 22 -20.49 -7.80 -6.50
N ALA B 23 -21.44 -7.89 -5.58
CA ALA B 23 -21.79 -6.80 -4.66
C ALA B 23 -20.59 -6.17 -3.95
N THR B 24 -19.63 -6.97 -3.54
CA THR B 24 -18.48 -6.44 -2.85
C THR B 24 -17.56 -5.74 -3.85
N GLN B 25 -17.24 -6.44 -4.93
CA GLN B 25 -16.41 -5.88 -5.99
C GLN B 25 -16.97 -4.61 -6.57
N VAL B 26 -18.23 -4.63 -6.95
CA VAL B 26 -18.86 -3.45 -7.53
C VAL B 26 -18.88 -2.27 -6.58
N TYR B 27 -19.06 -2.53 -5.29
CA TYR B 27 -19.05 -1.47 -4.31
C TYR B 27 -17.66 -0.90 -4.16
N VAL B 28 -16.68 -1.76 -3.98
CA VAL B 28 -15.31 -1.33 -3.78
C VAL B 28 -14.79 -0.67 -5.03
N ALA B 29 -15.06 -1.27 -6.16
CA ALA B 29 -14.62 -0.74 -7.44
C ALA B 29 -15.23 0.61 -7.72
N PHE B 30 -16.51 0.78 -7.40
CA PHE B 30 -17.20 2.06 -7.60
C PHE B 30 -16.50 3.17 -6.82
N LEU B 31 -16.14 2.86 -5.59
CA LEU B 31 -15.44 3.79 -4.74
C LEU B 31 -14.08 4.18 -5.31
N VAL B 32 -13.27 3.21 -5.74
CA VAL B 32 -11.95 3.55 -6.25
C VAL B 32 -12.03 4.21 -7.62
N TYR B 33 -12.92 3.73 -8.46
CA TYR B 33 -13.18 4.30 -9.78
C TYR B 33 -13.46 5.80 -9.69
N LEU B 34 -14.32 6.18 -8.75
CA LEU B 34 -14.59 7.59 -8.53
C LEU B 34 -13.42 8.31 -7.92
N ASP B 35 -12.57 7.59 -7.19
CA ASP B 35 -11.40 8.21 -6.59
C ASP B 35 -10.39 8.49 -7.69
N LEU B 36 -10.06 7.47 -8.46
CA LEU B 36 -9.18 7.60 -9.62
C LEU B 36 -9.61 8.72 -10.52
N MET B 37 -10.87 8.80 -10.74
CA MET B 37 -11.43 9.70 -11.70
C MET B 37 -11.25 11.16 -11.26
N GLU B 38 -11.64 11.47 -10.02
CA GLU B 38 -11.56 12.84 -9.55
C GLU B 38 -10.56 13.15 -8.45
N SER B 39 -9.82 12.21 -7.97
CA SER B 39 -8.88 12.52 -6.93
C SER B 39 -7.50 12.48 -7.54
N LYS B 40 -7.10 11.33 -8.09
CA LYS B 40 -5.84 11.25 -8.80
C LYS B 40 -5.98 11.75 -10.21
N SER B 41 -7.25 11.98 -10.61
CA SER B 41 -7.59 12.45 -11.94
C SER B 41 -6.90 11.63 -13.05
N TRP B 42 -7.10 10.32 -12.99
CA TRP B 42 -6.59 9.41 -13.98
C TRP B 42 -6.96 9.77 -15.39
N HIS B 43 -5.99 9.63 -16.25
CA HIS B 43 -6.13 9.90 -17.66
C HIS B 43 -6.98 8.84 -18.34
N GLU B 44 -6.76 7.61 -18.00
CA GLU B 44 -7.44 6.48 -18.62
C GLU B 44 -7.73 5.39 -17.64
N VAL B 45 -8.98 5.10 -17.42
CA VAL B 45 -9.37 4.05 -16.52
C VAL B 45 -10.53 3.22 -17.13
N ASN B 46 -10.39 1.90 -17.16
CA ASN B 46 -11.39 1.00 -17.74
C ASN B 46 -11.75 -0.01 -16.73
N CYS B 47 -12.91 -0.60 -16.86
CA CYS B 47 -13.36 -1.58 -15.91
C CYS B 47 -13.54 -2.91 -16.62
N VAL B 48 -12.81 -3.91 -16.20
CA VAL B 48 -12.86 -5.21 -16.82
C VAL B 48 -13.22 -6.26 -15.78
N GLY B 49 -14.16 -7.12 -16.11
CA GLY B 49 -14.47 -8.21 -15.25
C GLY B 49 -13.93 -9.50 -15.80
N LEU B 50 -13.23 -10.24 -14.99
CA LEU B 50 -12.65 -11.48 -15.44
C LEU B 50 -13.25 -12.67 -14.70
N PRO B 51 -14.24 -13.35 -15.33
CA PRO B 51 -14.95 -14.52 -14.75
C PRO B 51 -14.01 -15.70 -14.56
N GLU B 52 -12.95 -15.70 -15.31
CA GLU B 52 -11.88 -16.68 -15.19
C GLU B 52 -11.32 -16.66 -13.74
N LEU B 53 -11.18 -15.46 -13.22
CA LEU B 53 -10.56 -15.26 -11.90
C LEU B 53 -11.50 -14.65 -10.84
N GLN B 54 -12.78 -14.38 -11.18
CA GLN B 54 -13.75 -13.75 -10.23
C GLN B 54 -13.30 -12.35 -9.80
N LEU B 55 -12.51 -11.73 -10.61
CA LEU B 55 -11.97 -10.45 -10.23
C LEU B 55 -12.41 -9.32 -11.14
N ILE B 56 -12.54 -8.16 -10.56
CA ILE B 56 -12.84 -6.96 -11.27
C ILE B 56 -11.60 -6.08 -11.21
N CYS B 57 -11.19 -5.58 -12.32
CA CYS B 57 -9.97 -4.84 -12.42
C CYS B 57 -10.12 -3.63 -13.29
N LEU B 58 -9.42 -2.59 -12.93
CA LEU B 58 -9.42 -1.36 -13.68
C LEU B 58 -8.05 -1.16 -14.28
N VAL B 59 -7.99 -1.07 -15.58
CA VAL B 59 -6.72 -0.91 -16.24
C VAL B 59 -6.75 0.30 -17.19
N GLY B 60 -5.69 1.09 -17.16
CA GLY B 60 -5.55 2.24 -18.03
C GLY B 60 -4.23 2.93 -17.80
N THR B 61 -4.21 4.26 -17.86
CA THR B 61 -3.01 5.00 -17.63
C THR B 61 -3.15 5.98 -16.50
N GLU B 62 -2.21 5.91 -15.58
CA GLU B 62 -2.14 6.83 -14.48
C GLU B 62 -1.76 8.17 -15.09
N ILE B 63 -0.85 8.11 -16.02
CA ILE B 63 -0.39 9.23 -16.74
C ILE B 63 -0.15 8.79 -18.19
N GLU B 64 -0.70 9.51 -19.13
CA GLU B 64 -0.47 9.25 -20.55
C GLU B 64 1.03 9.22 -20.85
N GLY B 65 1.51 8.13 -21.43
CA GLY B 65 2.92 8.03 -21.78
C GLY B 65 3.66 7.07 -20.88
N GLU B 66 3.48 7.23 -19.59
CA GLU B 66 4.14 6.39 -18.60
C GLU B 66 3.08 5.75 -17.73
N GLY B 67 3.42 5.45 -16.47
CA GLY B 67 2.50 4.92 -15.50
C GLY B 67 1.50 3.91 -15.98
N LEU B 68 1.93 2.80 -16.55
CA LEU B 68 1.01 1.77 -16.87
C LEU B 68 0.66 1.06 -15.63
N GLN B 69 -0.45 1.34 -15.17
CA GLN B 69 -0.90 0.76 -13.99
C GLN B 69 -2.18 0.04 -14.19
N THR B 70 -2.28 -0.96 -13.47
CA THR B 70 -3.44 -1.68 -13.25
C THR B 70 -3.83 -1.24 -11.84
N VAL B 71 -5.09 -0.99 -11.60
CA VAL B 71 -5.56 -0.55 -10.30
C VAL B 71 -6.61 -1.48 -9.86
N VAL B 72 -6.38 -2.13 -8.75
CA VAL B 72 -7.27 -3.17 -8.40
C VAL B 72 -7.94 -2.89 -7.07
N PRO B 73 -9.28 -2.83 -7.08
CA PRO B 73 -10.04 -2.67 -5.87
C PRO B 73 -9.84 -3.87 -4.93
N THR B 74 -9.43 -3.58 -3.74
CA THR B 74 -9.08 -4.60 -2.79
C THR B 74 -9.64 -4.26 -1.40
N PRO B 75 -10.39 -5.19 -0.79
CA PRO B 75 -10.95 -5.02 0.56
C PRO B 75 -9.81 -4.96 1.59
N ILE B 76 -9.92 -4.08 2.57
CA ILE B 76 -8.87 -3.89 3.57
C ILE B 76 -8.71 -5.16 4.47
N THR B 77 -9.75 -5.97 4.55
CA THR B 77 -9.78 -7.16 5.44
C THR B 77 -8.82 -8.33 4.92
N ALA B 78 -7.95 -8.01 4.00
CA ALA B 78 -7.01 -8.99 3.45
C ALA B 78 -5.59 -8.88 4.11
N SER B 79 -4.60 -9.44 3.42
CA SER B 79 -3.10 -9.46 3.82
C SER B 79 -2.32 -9.66 2.53
N LEU B 80 -0.97 -9.54 2.52
CA LEU B 80 -0.32 -9.69 1.18
C LEU B 80 0.35 -10.96 0.95
N SER B 81 0.13 -11.48 -0.30
CA SER B 81 0.75 -12.66 -0.70
C SER B 81 1.28 -12.54 -2.12
N HIS B 82 2.45 -13.08 -2.34
CA HIS B 82 3.08 -13.10 -3.66
C HIS B 82 2.23 -13.83 -4.74
N ASN B 83 1.37 -14.74 -4.32
CA ASN B 83 0.47 -15.43 -5.26
C ASN B 83 -0.56 -14.48 -5.82
N ARG B 84 -1.11 -13.64 -4.94
CA ARG B 84 -2.10 -12.63 -5.25
C ARG B 84 -1.66 -11.70 -6.45
N ILE B 85 -0.45 -11.24 -6.41
CA ILE B 85 0.02 -10.45 -7.51
C ILE B 85 0.09 -11.27 -8.84
N ARG B 86 0.62 -12.49 -8.78
CA ARG B 86 0.78 -13.37 -9.96
C ARG B 86 -0.51 -13.58 -10.77
N GLU B 87 -1.63 -14.00 -10.13
CA GLU B 87 -2.88 -14.16 -10.91
C GLU B 87 -3.34 -12.84 -11.47
N ILE B 88 -3.15 -11.74 -10.69
CA ILE B 88 -3.63 -10.46 -11.20
C ILE B 88 -2.79 -10.02 -12.41
N LEU B 89 -1.46 -10.16 -12.29
CA LEU B 89 -0.56 -9.88 -13.41
C LEU B 89 -0.95 -10.69 -14.62
N LYS B 90 -1.10 -11.99 -14.45
CA LYS B 90 -1.50 -12.89 -15.54
C LYS B 90 -2.79 -12.40 -16.20
N ALA B 91 -3.70 -11.96 -15.37
CA ALA B 91 -5.00 -11.47 -15.80
C ALA B 91 -4.84 -10.16 -16.60
N SER B 92 -4.04 -9.25 -16.09
CA SER B 92 -3.82 -7.98 -16.72
C SER B 92 -2.92 -8.13 -17.95
N ARG B 93 -1.88 -8.96 -17.85
CA ARG B 93 -1.04 -9.18 -18.99
C ARG B 93 -1.70 -10.01 -20.05
N LYS B 94 -2.75 -10.74 -19.66
CA LYS B 94 -3.61 -11.37 -20.65
C LYS B 94 -4.37 -10.28 -21.41
N LEU B 95 -4.77 -9.24 -20.69
CA LEU B 95 -5.53 -8.15 -21.30
C LEU B 95 -4.65 -7.25 -22.19
N GLN B 96 -3.44 -6.97 -21.73
CA GLN B 96 -2.54 -6.09 -22.49
C GLN B 96 -1.75 -6.90 -23.51
N GLY B 97 -1.48 -8.13 -23.17
CA GLY B 97 -0.80 -9.06 -24.06
C GLY B 97 0.63 -8.63 -24.41
N ASP B 98 1.28 -7.91 -23.51
CA ASP B 98 2.62 -7.36 -23.77
C ASP B 98 3.71 -8.28 -23.21
N PRO B 99 4.95 -8.19 -23.77
CA PRO B 99 6.12 -9.05 -23.37
C PRO B 99 6.67 -8.80 -21.93
N ASP B 100 5.88 -8.15 -21.11
CA ASP B 100 6.16 -7.91 -19.71
C ASP B 100 7.16 -6.83 -19.55
N LEU B 101 6.65 -5.68 -19.72
CA LEU B 101 7.38 -4.49 -19.47
C LEU B 101 7.37 -4.29 -17.96
N PRO B 102 8.36 -3.57 -17.40
CA PRO B 102 8.38 -3.30 -15.95
C PRO B 102 7.08 -2.67 -15.52
N MET B 103 6.29 -3.42 -14.81
CA MET B 103 5.02 -2.97 -14.40
C MET B 103 4.73 -3.63 -13.06
N SER B 104 3.49 -3.69 -12.69
CA SER B 104 3.02 -4.12 -11.39
C SER B 104 1.61 -3.62 -11.29
N PHE B 105 1.17 -3.29 -10.09
CA PHE B 105 -0.10 -2.75 -9.92
C PHE B 105 -0.23 -2.05 -8.55
N THR B 106 -1.19 -1.19 -8.44
CA THR B 106 -1.39 -0.43 -7.24
C THR B 106 -2.70 -0.86 -6.57
N LEU B 107 -2.60 -1.26 -5.35
CA LEU B 107 -3.70 -1.77 -4.63
C LEU B 107 -4.53 -0.64 -4.15
N ALA B 108 -5.78 -0.84 -4.21
CA ALA B 108 -6.68 0.12 -3.73
C ALA B 108 -7.36 -0.49 -2.55
N ILE B 109 -6.90 -0.10 -1.39
CA ILE B 109 -7.33 -0.70 -0.17
C ILE B 109 -8.52 0.05 0.31
N VAL B 110 -9.59 -0.61 0.31
CA VAL B 110 -10.84 -0.02 0.62
C VAL B 110 -11.35 -0.43 1.93
N GLU B 111 -11.52 0.54 2.79
CA GLU B 111 -12.19 0.30 3.97
C GLU B 111 -13.63 0.17 3.58
N SER B 112 -14.28 -0.75 4.16
CA SER B 112 -15.65 -1.16 3.83
C SER B 112 -16.69 -0.02 4.03
N ASP B 113 -16.23 1.17 4.36
CA ASP B 113 -17.09 2.28 4.59
C ASP B 113 -16.94 3.41 3.56
N SER B 114 -15.69 3.84 3.25
CA SER B 114 -15.50 5.05 2.39
C SER B 114 -14.08 5.26 1.87
N THR B 115 -13.08 5.26 2.75
CA THR B 115 -11.73 5.65 2.36
C THR B 115 -11.03 4.66 1.42
N ILE B 116 -10.38 5.22 0.43
CA ILE B 116 -9.58 4.48 -0.52
C ILE B 116 -8.12 4.73 -0.18
N VAL B 117 -7.37 3.69 0.05
CA VAL B 117 -5.98 3.81 0.40
C VAL B 117 -5.16 3.05 -0.64
N TYR B 118 -4.44 3.75 -1.47
CA TYR B 118 -3.62 3.10 -2.49
C TYR B 118 -2.37 2.54 -1.89
N TYR B 119 -1.90 1.43 -2.41
CA TYR B 119 -0.76 0.79 -1.86
C TYR B 119 -0.09 -0.01 -2.98
N LYS B 120 1.08 0.39 -3.36
CA LYS B 120 1.79 -0.11 -4.47
C LYS B 120 2.26 -1.56 -4.21
N LEU B 121 1.96 -2.49 -5.11
CA LEU B 121 2.43 -3.87 -4.99
C LEU B 121 3.25 -4.21 -6.26
N THR B 122 4.47 -4.58 -6.07
CA THR B 122 5.41 -4.92 -7.11
C THR B 122 5.58 -6.46 -7.18
N ASP B 123 6.02 -6.96 -8.32
CA ASP B 123 6.51 -8.33 -8.39
C ASP B 123 7.71 -8.53 -7.45
N SER A 1 3.56 21.45 21.92
CA SER A 1 4.87 21.55 21.29
C SER A 1 5.32 23.00 21.19
N GLU A 2 6.63 23.18 21.14
CA GLU A 2 7.27 24.49 21.06
C GLU A 2 8.37 24.43 20.05
N ASP A 3 8.38 23.34 19.38
CA ASP A 3 9.51 22.92 18.61
C ASP A 3 9.13 22.42 17.23
N ALA A 4 7.85 22.17 17.03
CA ALA A 4 7.38 21.69 15.74
C ALA A 4 7.02 22.84 14.83
N TRP A 5 8.06 23.39 14.21
CA TRP A 5 7.98 24.53 13.29
C TRP A 5 9.40 24.95 12.87
N MET A 6 10.39 24.59 13.68
CA MET A 6 11.78 24.97 13.42
C MET A 6 12.65 23.76 13.05
N GLY A 7 12.06 22.58 12.99
CA GLY A 7 12.82 21.36 12.69
C GLY A 7 13.73 20.98 13.82
N THR A 8 13.28 21.21 15.03
CA THR A 8 14.10 20.98 16.20
C THR A 8 13.25 20.21 17.20
N HIS A 9 12.23 19.57 16.66
CA HIS A 9 11.36 18.72 17.42
C HIS A 9 12.27 17.58 17.87
N PRO A 10 12.53 17.44 19.18
CA PRO A 10 13.54 16.47 19.73
C PRO A 10 13.47 15.10 19.06
N LYS A 11 12.28 14.58 19.01
CA LYS A 11 12.01 13.26 18.46
C LYS A 11 12.39 13.19 16.97
N TYR A 12 12.07 14.25 16.25
CA TYR A 12 12.41 14.42 14.83
C TYR A 12 13.93 14.50 14.68
N LEU A 13 14.53 15.34 15.50
CA LEU A 13 15.97 15.57 15.48
C LEU A 13 16.73 14.25 15.71
N GLU A 14 16.28 13.49 16.71
CA GLU A 14 16.84 12.17 16.99
C GLU A 14 16.76 11.24 15.77
N MET A 15 15.70 11.37 15.01
CA MET A 15 15.53 10.59 13.78
C MET A 15 16.46 11.12 12.66
N MET A 16 16.67 12.42 12.64
CA MET A 16 17.57 13.06 11.65
C MET A 16 19.00 12.60 11.86
N GLU A 17 19.38 12.45 13.12
CA GLU A 17 20.75 12.08 13.50
C GLU A 17 21.08 10.60 13.16
N LEU A 18 20.09 9.85 12.67
CA LEU A 18 20.31 8.49 12.16
C LEU A 18 21.35 8.51 11.03
N ASP A 19 21.95 7.36 10.77
CA ASP A 19 23.09 7.20 9.82
C ASP A 19 22.76 7.40 8.34
N ILE A 20 21.78 8.20 8.02
CA ILE A 20 21.41 8.50 6.64
C ILE A 20 20.73 9.86 6.69
N GLY A 21 19.56 9.83 7.26
CA GLY A 21 18.76 11.01 7.46
C GLY A 21 18.28 11.56 6.11
N ASP A 22 17.20 11.00 5.69
CA ASP A 22 16.58 11.37 4.42
C ASP A 22 15.31 12.11 4.68
N ALA A 23 15.12 13.27 4.04
CA ALA A 23 13.94 14.12 4.24
C ALA A 23 12.61 13.39 4.04
N THR A 24 12.59 12.45 3.11
CA THR A 24 11.37 11.70 2.87
C THR A 24 11.19 10.68 3.99
N GLN A 25 12.27 10.01 4.37
CA GLN A 25 12.23 9.03 5.43
C GLN A 25 11.92 9.65 6.77
N VAL A 26 12.64 10.70 7.12
CA VAL A 26 12.44 11.40 8.39
C VAL A 26 11.02 11.92 8.51
N TYR A 27 10.42 12.37 7.42
CA TYR A 27 9.05 12.83 7.46
C TYR A 27 8.09 11.67 7.69
N VAL A 28 8.18 10.64 6.87
CA VAL A 28 7.24 9.55 6.94
C VAL A 28 7.41 8.72 8.21
N ALA A 29 8.64 8.44 8.55
CA ALA A 29 8.91 7.66 9.72
C ALA A 29 8.49 8.38 10.98
N PHE A 30 8.71 9.71 11.02
CA PHE A 30 8.31 10.54 12.16
C PHE A 30 6.81 10.44 12.39
N LEU A 31 6.05 10.53 11.32
CA LEU A 31 4.61 10.41 11.38
C LEU A 31 4.17 9.09 11.96
N VAL A 32 4.75 7.98 11.52
CA VAL A 32 4.31 6.70 12.02
C VAL A 32 4.87 6.44 13.43
N TYR A 33 6.12 6.89 13.67
CA TYR A 33 6.76 6.84 15.00
C TYR A 33 5.87 7.46 16.06
N LEU A 34 5.41 8.69 15.83
CA LEU A 34 4.49 9.34 16.75
C LEU A 34 3.14 8.67 16.80
N ASP A 35 2.75 8.01 15.73
CA ASP A 35 1.46 7.35 15.72
C ASP A 35 1.53 6.12 16.63
N LEU A 36 2.56 5.30 16.45
CA LEU A 36 2.79 4.14 17.31
C LEU A 36 2.97 4.52 18.74
N MET A 37 3.77 5.52 18.96
CA MET A 37 4.11 5.94 20.31
C MET A 37 2.93 6.64 21.03
N GLU A 38 2.31 7.61 20.38
CA GLU A 38 1.32 8.46 21.05
C GLU A 38 -0.11 8.06 20.76
N SER A 39 -0.34 7.30 19.72
CA SER A 39 -1.68 6.98 19.36
C SER A 39 -1.98 5.50 19.58
N LYS A 40 -1.10 4.62 19.12
CA LYS A 40 -1.29 3.20 19.31
C LYS A 40 -0.65 2.74 20.61
N SER A 41 0.19 3.63 21.21
CA SER A 41 0.99 3.35 22.42
C SER A 41 1.40 1.88 22.63
N TRP A 42 2.45 1.44 21.93
CA TRP A 42 2.97 0.07 22.10
C TRP A 42 3.63 -0.15 23.46
N HIS A 43 4.91 0.13 23.50
CA HIS A 43 5.77 -0.08 24.65
C HIS A 43 7.18 0.35 24.28
N GLU A 44 7.59 -0.04 23.12
CA GLU A 44 8.94 0.23 22.67
C GLU A 44 8.94 0.42 21.18
N VAL A 45 9.49 1.51 20.71
CA VAL A 45 9.66 1.75 19.28
C VAL A 45 11.05 2.32 19.00
N ASN A 46 11.79 1.61 18.19
CA ASN A 46 13.16 2.01 17.87
C ASN A 46 13.24 2.42 16.43
N CYS A 47 14.13 3.32 16.15
CA CYS A 47 14.30 3.85 14.83
C CYS A 47 15.70 3.56 14.38
N VAL A 48 15.86 2.89 13.26
CA VAL A 48 17.19 2.48 12.84
C VAL A 48 17.40 2.77 11.36
N GLY A 49 18.59 3.21 11.02
CA GLY A 49 18.93 3.49 9.66
C GLY A 49 19.83 2.42 9.08
N LEU A 50 19.56 2.05 7.85
CA LEU A 50 20.40 1.07 7.18
C LEU A 50 20.99 1.62 5.92
N PRO A 51 22.25 2.12 6.00
CA PRO A 51 22.97 2.73 4.85
C PRO A 51 23.16 1.75 3.68
N GLU A 52 23.17 0.46 3.99
CA GLU A 52 23.32 -0.60 2.98
C GLU A 52 22.19 -0.54 1.94
N LEU A 53 21.00 -0.31 2.44
CA LEU A 53 19.81 -0.21 1.59
C LEU A 53 19.30 1.23 1.53
N GLN A 54 19.92 2.06 2.34
CA GLN A 54 19.60 3.48 2.51
C GLN A 54 18.19 3.72 2.99
N LEU A 55 17.69 2.78 3.73
CA LEU A 55 16.36 2.87 4.24
C LEU A 55 16.34 2.99 5.74
N ILE A 56 15.28 3.55 6.25
CA ILE A 56 15.09 3.64 7.67
C ILE A 56 14.06 2.58 8.01
N CYS A 57 14.25 1.89 9.10
CA CYS A 57 13.34 0.85 9.49
C CYS A 57 13.04 1.02 10.97
N LEU A 58 11.78 1.02 11.30
CA LEU A 58 11.34 1.25 12.65
C LEU A 58 10.88 -0.09 13.25
N VAL A 59 11.50 -0.55 14.32
CA VAL A 59 11.14 -1.83 14.93
C VAL A 59 11.02 -1.66 16.44
N GLY A 60 10.00 -2.22 17.03
CA GLY A 60 9.88 -2.17 18.46
C GLY A 60 9.14 -3.34 19.04
N THR A 61 8.77 -3.25 20.29
CA THR A 61 8.05 -4.27 20.93
C THR A 61 6.68 -3.74 21.25
N GLU A 62 5.66 -4.49 20.91
CA GLU A 62 4.33 -4.06 21.21
C GLU A 62 4.08 -4.34 22.68
N ILE A 63 4.72 -5.39 23.16
CA ILE A 63 4.74 -5.78 24.55
C ILE A 63 6.16 -6.25 24.85
N GLU A 64 6.78 -5.72 25.90
CA GLU A 64 8.11 -6.21 26.30
C GLU A 64 8.14 -7.74 26.55
N GLY A 65 8.90 -8.41 25.74
CA GLY A 65 9.06 -9.85 25.83
C GLY A 65 8.75 -10.40 24.47
N GLU A 66 7.93 -9.66 23.80
CA GLU A 66 7.58 -9.83 22.43
C GLU A 66 8.51 -8.84 21.69
N GLY A 67 8.41 -8.69 20.41
CA GLY A 67 9.34 -7.85 19.69
C GLY A 67 9.50 -8.32 18.29
N LEU A 68 8.38 -8.55 17.64
CA LEU A 68 8.37 -9.12 16.31
C LEU A 68 7.74 -8.18 15.30
N GLN A 69 7.38 -7.00 15.74
CA GLN A 69 6.80 -6.03 14.85
C GLN A 69 7.82 -5.08 14.32
N THR A 70 7.95 -5.14 13.06
CA THR A 70 8.75 -4.29 12.30
C THR A 70 7.78 -3.48 11.46
N VAL A 71 7.93 -2.19 11.41
CA VAL A 71 7.05 -1.35 10.63
C VAL A 71 7.92 -0.57 9.73
N VAL A 72 7.59 -0.48 8.51
CA VAL A 72 8.45 0.19 7.64
C VAL A 72 7.67 1.32 7.01
N PRO A 73 8.09 2.58 7.24
CA PRO A 73 7.42 3.75 6.70
C PRO A 73 7.32 3.69 5.18
N THR A 74 6.11 3.72 4.66
CA THR A 74 5.89 3.58 3.26
C THR A 74 4.80 4.55 2.76
N PRO A 75 5.16 5.45 1.83
CA PRO A 75 4.23 6.41 1.22
C PRO A 75 3.40 5.77 0.13
N ILE A 76 2.27 6.37 -0.17
CA ILE A 76 1.40 5.94 -1.28
C ILE A 76 2.18 5.96 -2.62
N THR A 77 3.23 6.75 -2.67
CA THR A 77 3.93 7.00 -3.90
C THR A 77 5.10 6.00 -4.10
N ALA A 78 5.50 5.31 -3.04
CA ALA A 78 6.59 4.36 -3.15
C ALA A 78 6.04 3.03 -3.52
N SER A 79 6.89 2.10 -3.78
CA SER A 79 6.42 0.85 -4.21
C SER A 79 6.69 -0.26 -3.25
N LEU A 80 5.74 -1.14 -3.19
CA LEU A 80 5.86 -2.40 -2.59
C LEU A 80 6.14 -3.30 -3.77
N SER A 81 6.61 -4.49 -3.56
CA SER A 81 6.92 -5.41 -4.65
C SER A 81 7.34 -6.67 -4.03
N HIS A 82 7.22 -7.79 -4.71
CA HIS A 82 7.75 -8.99 -4.12
C HIS A 82 9.29 -8.87 -3.99
N ASN A 83 9.90 -8.05 -4.86
CA ASN A 83 11.34 -7.80 -4.80
C ASN A 83 11.66 -6.83 -3.65
N ARG A 84 10.91 -5.75 -3.63
CA ARG A 84 11.06 -4.68 -2.65
C ARG A 84 10.87 -5.24 -1.23
N ILE A 85 9.87 -6.12 -1.05
CA ILE A 85 9.65 -6.77 0.26
C ILE A 85 10.81 -7.65 0.67
N ARG A 86 11.42 -8.33 -0.30
CA ARG A 86 12.60 -9.16 -0.05
C ARG A 86 13.73 -8.31 0.51
N GLU A 87 13.77 -7.05 0.10
CA GLU A 87 14.80 -6.16 0.61
C GLU A 87 14.44 -5.73 2.01
N ILE A 88 13.16 -5.48 2.24
CA ILE A 88 12.67 -5.10 3.56
C ILE A 88 12.93 -6.21 4.56
N LEU A 89 12.60 -7.44 4.16
CA LEU A 89 12.90 -8.62 4.96
C LEU A 89 14.35 -8.65 5.34
N LYS A 90 15.23 -8.58 4.35
CA LYS A 90 16.68 -8.53 4.54
C LYS A 90 17.06 -7.47 5.60
N ALA A 91 16.42 -6.33 5.49
CA ALA A 91 16.63 -5.24 6.40
C ALA A 91 16.14 -5.58 7.82
N SER A 92 14.89 -5.99 7.94
CA SER A 92 14.28 -6.25 9.21
C SER A 92 14.92 -7.44 9.93
N ARG A 93 15.31 -8.49 9.18
CA ARG A 93 15.90 -9.67 9.81
C ARG A 93 17.27 -9.34 10.31
N LYS A 94 17.92 -8.40 9.63
CA LYS A 94 19.23 -7.93 10.05
C LYS A 94 19.10 -7.25 11.41
N LEU A 95 18.01 -6.52 11.60
CA LEU A 95 17.75 -5.81 12.84
C LEU A 95 17.32 -6.77 13.91
N GLN A 96 16.59 -7.77 13.50
CA GLN A 96 16.04 -8.78 14.39
C GLN A 96 17.18 -9.76 14.78
N GLY A 97 18.32 -9.58 14.11
CA GLY A 97 19.51 -10.42 14.29
C GLY A 97 19.30 -11.84 13.84
N ASP A 98 18.34 -12.00 12.97
CA ASP A 98 17.98 -13.28 12.42
C ASP A 98 18.60 -13.41 11.03
N PRO A 99 19.18 -14.58 10.70
CA PRO A 99 19.78 -14.81 9.38
C PRO A 99 18.78 -14.61 8.23
N ASP A 100 17.68 -15.37 8.27
CA ASP A 100 16.69 -15.33 7.19
C ASP A 100 15.47 -16.22 7.46
N LEU A 101 15.01 -16.23 8.68
CA LEU A 101 13.82 -16.98 9.04
C LEU A 101 12.57 -16.21 8.61
N PRO A 102 11.59 -16.88 7.95
CA PRO A 102 10.40 -16.22 7.43
C PRO A 102 9.58 -15.55 8.53
N MET A 103 9.63 -14.25 8.52
CA MET A 103 8.92 -13.44 9.46
C MET A 103 7.93 -12.52 8.67
N SER A 104 7.49 -11.47 9.29
CA SER A 104 6.49 -10.60 8.71
C SER A 104 6.84 -9.18 9.09
N PHE A 105 6.26 -8.21 8.39
CA PHE A 105 6.47 -6.83 8.70
C PHE A 105 5.21 -6.09 8.40
N THR A 106 4.98 -5.10 9.17
CA THR A 106 3.85 -4.28 9.01
C THR A 106 4.20 -3.04 8.18
N LEU A 107 3.47 -2.86 7.13
CA LEU A 107 3.63 -1.72 6.30
C LEU A 107 2.89 -0.56 6.90
N ALA A 108 3.58 0.52 7.08
CA ALA A 108 2.97 1.69 7.57
C ALA A 108 2.74 2.59 6.39
N ILE A 109 1.52 2.58 5.93
CA ILE A 109 1.15 3.29 4.73
C ILE A 109 0.70 4.68 5.09
N VAL A 110 1.26 5.66 4.42
CA VAL A 110 0.90 7.01 4.72
C VAL A 110 0.47 7.78 3.49
N GLU A 111 -0.65 8.45 3.60
CA GLU A 111 -1.08 9.37 2.60
C GLU A 111 -0.24 10.63 2.80
N SER A 112 -0.02 11.38 1.76
CA SER A 112 0.91 12.50 1.78
C SER A 112 0.56 13.62 2.80
N ASP A 113 -0.58 13.52 3.47
CA ASP A 113 -0.94 14.54 4.44
C ASP A 113 -1.01 14.09 5.89
N SER A 114 -1.43 12.83 6.18
CA SER A 114 -1.59 12.42 7.59
C SER A 114 -2.04 10.97 7.80
N THR A 115 -3.07 10.52 7.08
CA THR A 115 -3.66 9.21 7.36
C THR A 115 -2.67 8.04 7.19
N ILE A 116 -2.55 7.28 8.25
CA ILE A 116 -1.67 6.15 8.32
C ILE A 116 -2.49 4.89 8.38
N VAL A 117 -2.14 3.93 7.56
CA VAL A 117 -2.84 2.69 7.51
C VAL A 117 -1.83 1.57 7.64
N TYR A 118 -1.93 0.82 8.69
CA TYR A 118 -1.05 -0.32 8.87
C TYR A 118 -1.59 -1.50 8.09
N TYR A 119 -0.72 -2.19 7.41
CA TYR A 119 -1.12 -3.30 6.57
C TYR A 119 -0.06 -4.41 6.70
N LYS A 120 -0.49 -5.61 6.95
CA LYS A 120 0.42 -6.72 7.22
C LYS A 120 0.80 -7.39 5.89
N LEU A 121 2.03 -7.79 5.78
CA LEU A 121 2.48 -8.54 4.63
C LEU A 121 3.31 -9.70 5.09
N THR A 122 3.09 -10.90 4.53
CA THR A 122 3.90 -12.02 5.04
C THR A 122 4.85 -12.61 4.00
N ASP A 123 5.90 -13.24 4.47
CA ASP A 123 6.86 -13.93 3.62
C ASP A 123 6.86 -15.41 3.93
N SER B 1 -34.49 7.56 -8.79
CA SER B 1 -35.36 7.64 -7.63
C SER B 1 -35.23 6.36 -6.80
N GLU B 2 -35.23 6.52 -5.46
CA GLU B 2 -35.22 5.44 -4.41
C GLU B 2 -34.03 4.45 -4.44
N ASP B 3 -33.63 4.00 -5.61
CA ASP B 3 -32.58 3.00 -5.75
C ASP B 3 -31.45 3.53 -6.63
N ALA B 4 -31.54 4.79 -7.01
CA ALA B 4 -30.55 5.40 -7.92
C ALA B 4 -29.17 5.44 -7.28
N TRP B 5 -29.15 5.53 -5.98
CA TRP B 5 -27.91 5.53 -5.25
C TRP B 5 -27.47 4.13 -4.89
N MET B 6 -28.35 3.18 -5.02
CA MET B 6 -28.06 1.85 -4.56
C MET B 6 -27.62 0.96 -5.70
N GLY B 7 -28.43 0.91 -6.73
CA GLY B 7 -28.15 -0.01 -7.82
C GLY B 7 -28.61 0.45 -9.18
N THR B 8 -29.23 1.60 -9.23
CA THR B 8 -29.74 2.11 -10.49
C THR B 8 -28.85 3.29 -10.91
N HIS B 9 -27.69 3.28 -10.35
CA HIS B 9 -26.69 4.26 -10.64
C HIS B 9 -26.03 3.78 -11.95
N PRO B 10 -26.17 4.52 -13.07
CA PRO B 10 -25.70 4.11 -14.42
C PRO B 10 -24.32 3.47 -14.40
N LYS B 11 -23.40 4.17 -13.77
CA LYS B 11 -22.00 3.75 -13.68
C LYS B 11 -21.87 2.41 -12.95
N TYR B 12 -22.66 2.25 -11.89
CA TYR B 12 -22.74 1.01 -11.12
C TYR B 12 -23.31 -0.12 -12.00
N LEU B 13 -24.42 0.18 -12.66
CA LEU B 13 -25.11 -0.76 -13.55
C LEU B 13 -24.16 -1.23 -14.68
N GLU B 14 -23.44 -0.27 -15.27
CA GLU B 14 -22.37 -0.56 -16.27
C GLU B 14 -21.40 -1.60 -15.73
N MET B 15 -21.05 -1.45 -14.45
CA MET B 15 -20.12 -2.37 -13.78
C MET B 15 -20.78 -3.71 -13.47
N MET B 16 -22.06 -3.70 -13.18
CA MET B 16 -22.77 -4.95 -12.90
C MET B 16 -22.86 -5.81 -14.13
N GLU B 17 -23.04 -5.16 -15.26
CA GLU B 17 -23.21 -5.84 -16.54
C GLU B 17 -21.88 -6.49 -17.04
N LEU B 18 -20.83 -6.34 -16.26
CA LEU B 18 -19.56 -7.02 -16.52
C LEU B 18 -19.79 -8.55 -16.45
N ASP B 19 -18.90 -9.31 -17.08
CA ASP B 19 -19.04 -10.77 -17.25
C ASP B 19 -18.91 -11.62 -15.97
N ILE B 20 -19.26 -11.05 -14.83
CA ILE B 20 -19.23 -11.74 -13.55
C ILE B 20 -20.20 -10.98 -12.68
N GLY B 21 -19.80 -9.76 -12.42
CA GLY B 21 -20.55 -8.83 -11.62
C GLY B 21 -20.89 -9.39 -10.25
N ASP B 22 -19.96 -9.34 -9.33
CA ASP B 22 -20.16 -9.85 -8.00
C ASP B 22 -20.37 -8.70 -7.06
N ALA B 23 -21.30 -8.85 -6.13
CA ALA B 23 -21.67 -7.82 -5.14
C ALA B 23 -20.48 -7.19 -4.43
N THR B 24 -19.48 -7.99 -4.07
CA THR B 24 -18.35 -7.45 -3.35
C THR B 24 -17.48 -6.65 -4.32
N GLN B 25 -17.21 -7.23 -5.49
CA GLN B 25 -16.45 -6.55 -6.51
C GLN B 25 -17.10 -5.27 -6.97
N VAL B 26 -18.38 -5.35 -7.31
CA VAL B 26 -19.10 -4.18 -7.79
C VAL B 26 -19.11 -3.05 -6.77
N TYR B 27 -19.19 -3.37 -5.49
CA TYR B 27 -19.16 -2.35 -4.46
C TYR B 27 -17.79 -1.69 -4.38
N VAL B 28 -16.76 -2.50 -4.19
CA VAL B 28 -15.41 -2.00 -3.98
C VAL B 28 -14.90 -1.30 -5.22
N ALA B 29 -15.08 -1.94 -6.36
CA ALA B 29 -14.61 -1.38 -7.60
C ALA B 29 -15.30 -0.08 -7.95
N PHE B 30 -16.59 0.01 -7.64
CA PHE B 30 -17.37 1.22 -7.90
C PHE B 30 -16.79 2.39 -7.13
N LEU B 31 -16.48 2.14 -5.86
CA LEU B 31 -15.87 3.15 -5.00
C LEU B 31 -14.57 3.67 -5.55
N VAL B 32 -13.67 2.78 -5.98
CA VAL B 32 -12.38 3.25 -6.48
C VAL B 32 -12.54 3.87 -7.91
N TYR B 33 -13.45 3.30 -8.71
CA TYR B 33 -13.80 3.81 -10.04
C TYR B 33 -14.23 5.27 -9.96
N LEU B 34 -15.10 5.58 -9.02
CA LEU B 34 -15.52 6.95 -8.83
C LEU B 34 -14.45 7.81 -8.23
N ASP B 35 -13.56 7.21 -7.47
CA ASP B 35 -12.48 7.98 -6.87
C ASP B 35 -11.53 8.40 -7.98
N LEU B 36 -11.08 7.45 -8.79
CA LEU B 36 -10.21 7.74 -9.93
C LEU B 36 -10.82 8.75 -10.91
N MET B 37 -12.09 8.60 -11.18
CA MET B 37 -12.78 9.53 -12.07
C MET B 37 -13.00 10.91 -11.48
N GLU B 38 -13.60 10.94 -10.33
CA GLU B 38 -14.16 12.17 -9.81
C GLU B 38 -13.27 12.85 -8.77
N SER B 39 -12.37 12.12 -8.17
CA SER B 39 -11.54 12.68 -7.13
C SER B 39 -10.10 12.80 -7.60
N LYS B 40 -9.51 11.65 -7.96
CA LYS B 40 -8.13 11.56 -8.43
C LYS B 40 -8.05 12.10 -9.86
N SER B 41 -9.22 12.17 -10.53
CA SER B 41 -9.38 12.59 -11.92
C SER B 41 -8.25 12.14 -12.92
N TRP B 42 -8.41 10.97 -13.52
CA TRP B 42 -7.50 10.58 -14.58
C TRP B 42 -8.21 10.66 -15.92
N HIS B 43 -7.48 10.40 -16.99
CA HIS B 43 -8.06 10.47 -18.31
C HIS B 43 -9.05 9.33 -18.61
N GLU B 44 -8.68 8.14 -18.26
CA GLU B 44 -9.49 6.98 -18.67
C GLU B 44 -9.46 5.97 -17.57
N VAL B 45 -10.59 5.41 -17.25
CA VAL B 45 -10.67 4.33 -16.30
C VAL B 45 -11.59 3.21 -16.86
N ASN B 46 -11.01 2.08 -17.23
CA ASN B 46 -11.78 0.97 -17.83
C ASN B 46 -12.03 -0.08 -16.80
N CYS B 47 -13.15 -0.77 -16.90
CA CYS B 47 -13.53 -1.77 -15.95
C CYS B 47 -13.73 -3.07 -16.68
N VAL B 48 -12.95 -4.08 -16.34
CA VAL B 48 -13.00 -5.36 -17.06
C VAL B 48 -13.18 -6.50 -16.08
N GLY B 49 -13.98 -7.48 -16.43
CA GLY B 49 -14.12 -8.64 -15.60
C GLY B 49 -13.37 -9.82 -16.20
N LEU B 50 -12.86 -10.68 -15.36
CA LEU B 50 -12.15 -11.86 -15.81
C LEU B 50 -12.75 -13.12 -15.23
N PRO B 51 -13.68 -13.75 -15.99
CA PRO B 51 -14.36 -15.01 -15.60
C PRO B 51 -13.39 -16.15 -15.26
N GLU B 52 -12.34 -16.31 -16.06
CA GLU B 52 -11.32 -17.35 -15.83
C GLU B 52 -10.60 -17.12 -14.47
N LEU B 53 -10.58 -15.87 -14.05
CA LEU B 53 -9.90 -15.50 -12.81
C LEU B 53 -10.83 -15.07 -11.67
N GLN B 54 -12.17 -15.06 -11.91
CA GLN B 54 -13.17 -14.69 -10.88
C GLN B 54 -12.98 -13.28 -10.32
N LEU B 55 -12.29 -12.44 -11.05
CA LEU B 55 -12.00 -11.12 -10.55
C LEU B 55 -12.35 -10.00 -11.50
N ILE B 56 -12.46 -8.82 -10.95
CA ILE B 56 -12.69 -7.63 -11.72
C ILE B 56 -11.39 -6.83 -11.64
N CYS B 57 -10.99 -6.25 -12.71
CA CYS B 57 -9.78 -5.49 -12.72
C CYS B 57 -10.04 -4.18 -13.41
N LEU B 58 -9.55 -3.11 -12.86
CA LEU B 58 -9.82 -1.81 -13.36
C LEU B 58 -8.50 -1.22 -13.89
N VAL B 59 -8.41 -0.99 -15.17
CA VAL B 59 -7.19 -0.48 -15.78
C VAL B 59 -7.51 0.81 -16.50
N GLY B 60 -6.80 1.85 -16.18
CA GLY B 60 -7.09 3.10 -16.78
C GLY B 60 -5.89 3.74 -17.44
N THR B 61 -6.15 4.76 -18.20
CA THR B 61 -5.13 5.43 -18.88
C THR B 61 -4.80 6.69 -18.12
N GLU B 62 -3.65 6.67 -17.47
CA GLU B 62 -3.13 7.83 -16.82
C GLU B 62 -2.35 8.53 -17.92
N ILE B 63 -2.85 9.67 -18.36
CA ILE B 63 -2.34 10.40 -19.51
C ILE B 63 -2.47 9.58 -20.80
N GLU B 64 -3.47 9.92 -21.61
CA GLU B 64 -3.66 9.24 -22.88
C GLU B 64 -2.41 9.34 -23.74
N GLY B 65 -2.10 8.29 -24.41
CA GLY B 65 -0.85 8.13 -25.05
C GLY B 65 -0.07 7.14 -24.26
N GLU B 66 -0.15 7.28 -22.94
CA GLU B 66 0.41 6.35 -22.03
C GLU B 66 -0.71 5.41 -21.59
N GLY B 67 -0.86 5.21 -20.31
CA GLY B 67 -1.84 4.32 -19.84
C GLY B 67 -1.21 3.04 -19.51
N LEU B 68 -1.06 2.81 -18.25
CA LEU B 68 -0.34 1.66 -17.79
C LEU B 68 -0.66 1.46 -16.31
N GLN B 69 -1.75 2.05 -15.85
CA GLN B 69 -2.10 1.92 -14.47
C GLN B 69 -3.17 0.89 -14.30
N THR B 70 -2.83 -0.11 -13.57
CA THR B 70 -3.75 -1.13 -13.24
C THR B 70 -4.03 -1.02 -11.76
N VAL B 71 -5.28 -0.91 -11.40
CA VAL B 71 -5.66 -0.79 -10.04
C VAL B 71 -6.59 -1.91 -9.74
N VAL B 72 -6.38 -2.58 -8.69
CA VAL B 72 -7.19 -3.68 -8.44
C VAL B 72 -7.88 -3.48 -7.10
N PRO B 73 -9.23 -3.41 -7.11
CA PRO B 73 -10.02 -3.21 -5.91
C PRO B 73 -9.72 -4.28 -4.85
N THR B 74 -9.27 -3.84 -3.70
CA THR B 74 -8.85 -4.72 -2.66
C THR B 74 -9.35 -4.21 -1.27
N PRO B 75 -10.07 -5.05 -0.51
CA PRO B 75 -10.54 -4.70 0.85
C PRO B 75 -9.35 -4.59 1.82
N ILE B 76 -9.42 -3.68 2.81
CA ILE B 76 -8.31 -3.44 3.75
C ILE B 76 -8.23 -4.62 4.76
N THR B 77 -9.27 -5.41 4.84
CA THR B 77 -9.31 -6.57 5.75
C THR B 77 -8.53 -7.78 5.12
N ALA B 78 -7.61 -7.46 4.25
CA ALA B 78 -6.74 -8.43 3.64
C ALA B 78 -5.29 -8.17 4.09
N SER B 79 -4.36 -8.86 3.46
CA SER B 79 -2.90 -8.74 3.72
C SER B 79 -2.19 -9.18 2.45
N LEU B 80 -0.90 -8.93 2.30
CA LEU B 80 -0.24 -9.34 1.06
C LEU B 80 0.30 -10.73 1.11
N SER B 81 0.10 -11.40 0.00
CA SER B 81 0.62 -12.67 -0.22
C SER B 81 1.14 -12.73 -1.62
N HIS B 82 2.37 -13.12 -1.72
CA HIS B 82 3.03 -13.18 -3.04
C HIS B 82 2.29 -14.07 -4.10
N ASN B 83 1.56 -15.09 -3.66
CA ASN B 83 0.78 -15.97 -4.59
C ASN B 83 -0.33 -15.16 -5.27
N ARG B 84 -1.06 -14.43 -4.44
CA ARG B 84 -2.23 -13.65 -4.83
C ARG B 84 -1.82 -12.59 -5.88
N ILE B 85 -0.70 -11.92 -5.65
CA ILE B 85 -0.24 -10.90 -6.59
C ILE B 85 0.13 -11.49 -7.95
N ARG B 86 0.74 -12.69 -7.95
CA ARG B 86 1.02 -13.42 -9.20
C ARG B 86 -0.26 -13.62 -10.02
N GLU B 87 -1.36 -13.90 -9.33
CA GLU B 87 -2.67 -14.06 -9.98
C GLU B 87 -3.10 -12.72 -10.58
N ILE B 88 -2.80 -11.63 -9.87
CA ILE B 88 -3.20 -10.31 -10.30
C ILE B 88 -2.38 -9.89 -11.51
N LEU B 89 -1.07 -10.09 -11.44
CA LEU B 89 -0.20 -9.87 -12.58
C LEU B 89 -0.74 -10.55 -13.80
N LYS B 90 -0.98 -11.86 -13.68
CA LYS B 90 -1.55 -12.70 -14.76
C LYS B 90 -2.80 -12.04 -15.37
N ALA B 91 -3.60 -11.45 -14.50
CA ALA B 91 -4.84 -10.78 -14.88
C ALA B 91 -4.53 -9.48 -15.61
N SER B 92 -3.72 -8.67 -15.00
CA SER B 92 -3.33 -7.37 -15.49
C SER B 92 -2.57 -7.42 -16.82
N ARG B 93 -1.57 -8.28 -16.92
CA ARG B 93 -0.82 -8.39 -18.15
C ARG B 93 -1.62 -9.03 -19.28
N LYS B 94 -2.64 -9.82 -18.91
CA LYS B 94 -3.63 -10.30 -19.88
C LYS B 94 -4.39 -9.10 -20.48
N LEU B 95 -4.65 -8.10 -19.65
CA LEU B 95 -5.39 -6.93 -20.09
C LEU B 95 -4.48 -6.02 -20.92
N GLN B 96 -3.21 -5.95 -20.53
CA GLN B 96 -2.24 -5.18 -21.32
C GLN B 96 -1.99 -5.84 -22.64
N GLY B 97 -2.25 -7.13 -22.67
CA GLY B 97 -2.07 -7.94 -23.87
C GLY B 97 -0.63 -8.12 -24.36
N ASP B 98 0.31 -7.41 -23.80
CA ASP B 98 1.68 -7.45 -24.31
C ASP B 98 2.51 -8.34 -23.40
N PRO B 99 3.37 -9.23 -23.97
CA PRO B 99 4.17 -10.24 -23.25
C PRO B 99 4.94 -9.77 -21.98
N ASP B 100 4.23 -9.82 -20.86
CA ASP B 100 4.77 -9.64 -19.52
C ASP B 100 5.47 -8.33 -19.37
N LEU B 101 4.74 -7.31 -19.69
CA LEU B 101 5.18 -5.98 -19.56
C LEU B 101 5.49 -5.64 -18.13
N PRO B 102 6.65 -5.02 -17.86
CA PRO B 102 6.98 -4.57 -16.54
C PRO B 102 6.08 -3.42 -16.18
N MET B 103 5.19 -3.68 -15.29
CA MET B 103 4.25 -2.67 -14.90
C MET B 103 3.88 -2.86 -13.49
N SER B 104 3.06 -3.91 -13.27
CA SER B 104 2.64 -4.40 -11.99
C SER B 104 1.33 -3.73 -11.72
N PHE B 105 1.07 -3.26 -10.51
CA PHE B 105 -0.24 -2.74 -10.25
C PHE B 105 -0.28 -1.89 -9.00
N THR B 106 -1.31 -1.15 -8.92
CA THR B 106 -1.57 -0.34 -7.82
C THR B 106 -2.75 -0.94 -7.06
N LEU B 107 -2.54 -1.19 -5.81
CA LEU B 107 -3.57 -1.72 -4.97
C LEU B 107 -4.49 -0.63 -4.54
N ALA B 108 -5.75 -0.85 -4.73
CA ALA B 108 -6.73 0.07 -4.30
C ALA B 108 -7.31 -0.48 -3.03
N ILE B 109 -6.84 0.05 -1.94
CA ILE B 109 -7.19 -0.47 -0.65
C ILE B 109 -8.37 0.28 -0.10
N VAL B 110 -9.42 -0.43 0.16
CA VAL B 110 -10.60 0.20 0.70
C VAL B 110 -10.80 -0.15 2.15
N GLU B 111 -10.71 0.87 2.96
CA GLU B 111 -10.80 0.79 4.38
C GLU B 111 -12.29 0.75 4.79
N SER B 112 -12.58 0.46 6.04
CA SER B 112 -13.94 0.27 6.54
C SER B 112 -14.78 1.55 6.36
N ASP B 113 -14.16 2.71 6.61
CA ASP B 113 -14.84 4.01 6.47
C ASP B 113 -14.83 4.46 4.98
N SER B 114 -14.55 3.50 4.11
CA SER B 114 -14.52 3.67 2.66
C SER B 114 -13.32 4.52 2.23
N THR B 115 -12.34 4.67 3.13
CA THR B 115 -11.14 5.40 2.83
C THR B 115 -10.36 4.58 1.80
N ILE B 116 -10.03 5.19 0.71
CA ILE B 116 -9.33 4.50 -0.33
C ILE B 116 -7.88 4.87 -0.29
N VAL B 117 -7.04 3.88 -0.19
CA VAL B 117 -5.63 4.08 -0.11
C VAL B 117 -4.95 3.32 -1.22
N TYR B 118 -4.39 4.05 -2.15
CA TYR B 118 -3.65 3.45 -3.23
C TYR B 118 -2.29 3.05 -2.76
N TYR B 119 -1.82 1.91 -3.16
CA TYR B 119 -0.54 1.46 -2.70
C TYR B 119 0.10 0.65 -3.82
N LYS B 120 1.28 1.06 -4.24
CA LYS B 120 1.92 0.45 -5.33
C LYS B 120 2.56 -0.89 -4.93
N LEU B 121 2.51 -1.86 -5.82
CA LEU B 121 3.19 -3.12 -5.67
C LEU B 121 3.76 -3.53 -7.04
N THR B 122 5.07 -3.79 -7.13
CA THR B 122 5.71 -4.13 -8.38
C THR B 122 6.14 -5.61 -8.42
N ASP B 123 6.43 -6.12 -9.59
CA ASP B 123 7.01 -7.42 -9.73
C ASP B 123 8.48 -7.33 -10.02
N SER A 1 -0.89 20.26 14.87
CA SER A 1 0.47 19.81 14.74
C SER A 1 1.39 21.00 14.50
N GLU A 2 2.07 21.44 15.56
CA GLU A 2 2.97 22.58 15.48
C GLU A 2 4.15 22.22 14.65
N ASP A 3 4.82 21.17 15.03
CA ASP A 3 5.96 20.77 14.32
C ASP A 3 6.01 19.30 14.04
N ALA A 4 5.90 18.99 12.81
CA ALA A 4 6.02 17.67 12.29
C ALA A 4 6.37 17.84 10.85
N TRP A 5 6.85 19.03 10.54
CA TRP A 5 7.05 19.43 9.18
C TRP A 5 8.50 19.81 9.00
N MET A 6 8.98 20.70 9.86
CA MET A 6 10.31 21.26 9.73
C MET A 6 11.30 20.47 10.56
N GLY A 7 11.00 20.33 11.84
CA GLY A 7 11.89 19.61 12.70
C GLY A 7 12.51 20.44 13.79
N THR A 8 11.81 20.60 14.87
CA THR A 8 12.35 21.26 16.05
C THR A 8 12.17 20.32 17.26
N HIS A 9 11.49 19.21 17.01
CA HIS A 9 11.19 18.22 18.03
C HIS A 9 12.36 17.31 18.27
N PRO A 10 12.71 17.06 19.56
CA PRO A 10 13.81 16.17 19.95
C PRO A 10 13.74 14.83 19.23
N LYS A 11 12.58 14.19 19.29
CA LYS A 11 12.38 12.85 18.69
C LYS A 11 12.65 12.87 17.19
N TYR A 12 12.19 13.94 16.53
CA TYR A 12 12.40 14.10 15.11
C TYR A 12 13.88 14.34 14.84
N LEU A 13 14.47 15.23 15.62
CA LEU A 13 15.87 15.58 15.51
C LEU A 13 16.74 14.31 15.68
N GLU A 14 16.46 13.55 16.74
CA GLU A 14 17.11 12.25 17.01
C GLU A 14 17.00 11.32 15.81
N MET A 15 15.87 11.39 15.13
CA MET A 15 15.63 10.58 13.95
C MET A 15 16.45 11.06 12.75
N MET A 16 16.64 12.36 12.64
CA MET A 16 17.47 12.85 11.56
C MET A 16 18.95 12.68 11.79
N GLU A 17 19.33 12.52 13.05
CA GLU A 17 20.71 12.22 13.39
C GLU A 17 21.06 10.78 12.99
N LEU A 18 20.07 9.90 13.00
CA LEU A 18 20.31 8.51 12.63
C LEU A 18 20.60 8.19 11.20
N ASP A 19 21.77 7.53 11.06
CA ASP A 19 22.43 6.90 9.87
C ASP A 19 22.27 7.46 8.48
N ILE A 20 21.29 8.23 8.21
CA ILE A 20 21.03 8.62 6.88
C ILE A 20 20.75 10.08 6.80
N GLY A 21 19.76 10.59 7.52
CA GLY A 21 19.47 12.01 7.39
C GLY A 21 18.69 12.32 6.10
N ASP A 22 17.60 11.60 5.92
CA ASP A 22 16.75 11.76 4.73
C ASP A 22 15.46 12.43 5.09
N ALA A 23 15.16 13.56 4.44
CA ALA A 23 13.98 14.39 4.74
C ALA A 23 12.66 13.64 4.60
N THR A 24 12.58 12.76 3.62
CA THR A 24 11.36 12.03 3.39
C THR A 24 11.20 10.94 4.43
N GLN A 25 12.28 10.23 4.72
CA GLN A 25 12.26 9.19 5.74
C GLN A 25 11.95 9.77 7.10
N VAL A 26 12.68 10.80 7.48
CA VAL A 26 12.49 11.43 8.78
C VAL A 26 11.10 12.00 8.95
N TYR A 27 10.50 12.54 7.88
CA TYR A 27 9.15 13.05 7.95
C TYR A 27 8.16 11.91 8.13
N VAL A 28 8.22 10.93 7.25
CA VAL A 28 7.28 9.84 7.24
C VAL A 28 7.41 8.98 8.49
N ALA A 29 8.63 8.65 8.84
CA ALA A 29 8.88 7.81 9.97
C ALA A 29 8.45 8.47 11.27
N PHE A 30 8.62 9.79 11.36
CA PHE A 30 8.19 10.54 12.54
C PHE A 30 6.69 10.41 12.73
N LEU A 31 5.94 10.58 11.65
CA LEU A 31 4.49 10.47 11.72
C LEU A 31 4.04 9.09 12.16
N VAL A 32 4.66 8.04 11.62
CA VAL A 32 4.25 6.71 11.99
C VAL A 32 4.74 6.36 13.41
N TYR A 33 5.98 6.77 13.75
CA TYR A 33 6.55 6.61 15.09
C TYR A 33 5.60 7.16 16.18
N LEU A 34 5.10 8.36 15.97
CA LEU A 34 4.15 8.94 16.89
C LEU A 34 2.81 8.23 16.84
N ASP A 35 2.45 7.63 15.72
CA ASP A 35 1.20 6.92 15.67
C ASP A 35 1.34 5.64 16.47
N LEU A 36 2.39 4.89 16.20
CA LEU A 36 2.69 3.66 16.91
C LEU A 36 2.67 3.82 18.41
N MET A 37 3.28 4.85 18.91
CA MET A 37 3.41 4.98 20.34
C MET A 37 2.19 5.57 21.04
N GLU A 38 1.60 6.59 20.48
CA GLU A 38 0.47 7.24 21.12
C GLU A 38 -0.86 7.08 20.47
N SER A 39 -0.91 6.49 19.31
CA SER A 39 -2.16 6.33 18.65
C SER A 39 -2.53 4.83 18.60
N LYS A 40 -1.65 4.00 17.99
CA LYS A 40 -1.86 2.56 17.88
C LYS A 40 -1.36 1.85 19.16
N SER A 41 -0.71 2.61 20.04
CA SER A 41 -0.18 2.14 21.33
C SER A 41 0.66 0.81 21.24
N TRP A 42 1.87 0.93 20.77
CA TRP A 42 2.80 -0.19 20.80
C TRP A 42 3.45 -0.35 22.14
N HIS A 43 3.98 -1.53 22.34
CA HIS A 43 4.70 -1.85 23.55
C HIS A 43 6.15 -1.41 23.47
N GLU A 44 6.71 -1.49 22.30
CA GLU A 44 8.13 -1.24 22.14
C GLU A 44 8.39 -0.81 20.71
N VAL A 45 8.94 0.37 20.53
CA VAL A 45 9.21 0.89 19.21
C VAL A 45 10.64 1.42 19.15
N ASN A 46 11.43 0.97 18.19
CA ASN A 46 12.79 1.47 18.06
C ASN A 46 12.94 2.11 16.73
N CYS A 47 13.79 3.08 16.64
CA CYS A 47 13.98 3.82 15.43
C CYS A 47 15.35 3.53 14.89
N VAL A 48 15.42 2.99 13.69
CA VAL A 48 16.70 2.57 13.15
C VAL A 48 16.84 3.03 11.69
N GLY A 49 18.00 3.52 11.35
CA GLY A 49 18.30 3.90 9.99
C GLY A 49 19.18 2.88 9.31
N LEU A 50 18.79 2.48 8.11
CA LEU A 50 19.57 1.48 7.37
C LEU A 50 20.07 2.07 6.05
N PRO A 51 21.32 2.56 6.05
CA PRO A 51 21.96 3.24 4.89
C PRO A 51 21.95 2.41 3.60
N GLU A 52 22.04 1.10 3.74
CA GLU A 52 22.09 0.21 2.59
C GLU A 52 20.78 0.21 1.79
N LEU A 53 19.67 0.26 2.50
CA LEU A 53 18.36 0.35 1.86
C LEU A 53 17.91 1.80 1.73
N GLN A 54 18.70 2.71 2.34
CA GLN A 54 18.46 4.16 2.31
C GLN A 54 17.15 4.50 3.07
N LEU A 55 16.79 3.65 4.01
CA LEU A 55 15.54 3.80 4.73
C LEU A 55 15.69 3.83 6.23
N ILE A 56 14.65 4.24 6.88
CA ILE A 56 14.51 4.19 8.30
C ILE A 56 13.32 3.29 8.57
N CYS A 57 13.38 2.52 9.61
CA CYS A 57 12.38 1.57 9.92
C CYS A 57 12.27 1.40 11.42
N LEU A 58 11.07 1.11 11.87
CA LEU A 58 10.85 0.95 13.29
C LEU A 58 10.64 -0.49 13.60
N VAL A 59 11.42 -1.00 14.50
CA VAL A 59 11.35 -2.39 14.84
C VAL A 59 11.19 -2.53 16.35
N GLY A 60 10.23 -3.31 16.75
CA GLY A 60 10.04 -3.59 18.15
C GLY A 60 8.92 -4.57 18.35
N THR A 61 8.21 -4.42 19.43
CA THR A 61 7.11 -5.29 19.72
C THR A 61 5.83 -4.52 19.77
N GLU A 62 4.96 -4.84 18.85
CA GLU A 62 3.65 -4.25 18.82
C GLU A 62 2.92 -4.73 20.04
N ILE A 63 3.14 -5.99 20.35
CA ILE A 63 2.64 -6.64 21.51
C ILE A 63 3.80 -7.51 21.99
N GLU A 64 4.25 -7.30 23.20
CA GLU A 64 5.29 -8.17 23.74
C GLU A 64 4.73 -9.60 23.89
N GLY A 65 5.59 -10.57 23.73
CA GLY A 65 5.13 -11.94 23.71
C GLY A 65 4.89 -12.41 22.30
N GLU A 66 4.30 -11.53 21.48
CA GLU A 66 4.06 -11.82 20.07
C GLU A 66 5.41 -11.60 19.36
N GLY A 67 5.45 -11.79 18.09
CA GLY A 67 6.67 -11.72 17.36
C GLY A 67 7.11 -10.32 17.12
N LEU A 68 8.24 -10.21 16.50
CA LEU A 68 8.82 -8.94 16.23
C LEU A 68 8.21 -8.30 15.04
N GLN A 69 7.78 -7.08 15.21
CA GLN A 69 7.19 -6.34 14.15
C GLN A 69 8.17 -5.40 13.56
N THR A 70 8.11 -5.29 12.29
CA THR A 70 8.88 -4.42 11.53
C THR A 70 7.92 -3.57 10.74
N VAL A 71 7.89 -2.32 11.04
CA VAL A 71 7.06 -1.42 10.31
C VAL A 71 7.94 -0.53 9.50
N VAL A 72 7.63 -0.36 8.28
CA VAL A 72 8.45 0.46 7.45
C VAL A 72 7.65 1.62 6.92
N PRO A 73 8.06 2.84 7.24
CA PRO A 73 7.40 4.04 6.74
C PRO A 73 7.46 4.07 5.23
N THR A 74 6.32 4.09 4.62
CA THR A 74 6.25 3.99 3.21
C THR A 74 5.27 5.03 2.63
N PRO A 75 5.79 5.96 1.82
CA PRO A 75 4.98 6.99 1.17
C PRO A 75 4.33 6.46 -0.11
N ILE A 76 3.25 7.09 -0.52
CA ILE A 76 2.54 6.69 -1.73
C ILE A 76 3.39 7.03 -2.99
N THR A 77 4.44 7.80 -2.82
CA THR A 77 5.25 8.24 -3.94
C THR A 77 6.30 7.17 -4.29
N ALA A 78 6.48 6.20 -3.40
CA ALA A 78 7.43 5.14 -3.62
C ALA A 78 6.70 3.94 -4.18
N SER A 79 7.39 2.87 -4.42
CA SER A 79 6.75 1.70 -4.93
C SER A 79 7.22 0.46 -4.16
N LEU A 80 6.31 -0.50 -3.94
CA LEU A 80 6.67 -1.72 -3.29
C LEU A 80 7.03 -2.68 -4.38
N SER A 81 7.48 -3.81 -4.03
CA SER A 81 7.76 -4.91 -4.91
C SER A 81 8.11 -6.07 -4.08
N HIS A 82 7.93 -7.27 -4.59
CA HIS A 82 8.37 -8.46 -3.85
C HIS A 82 9.88 -8.39 -3.68
N ASN A 83 10.51 -7.62 -4.56
CA ASN A 83 11.94 -7.41 -4.54
C ASN A 83 12.27 -6.48 -3.38
N ARG A 84 11.48 -5.41 -3.25
CA ARG A 84 11.64 -4.43 -2.18
C ARG A 84 11.32 -5.15 -0.85
N ILE A 85 10.39 -6.09 -0.89
CA ILE A 85 10.10 -6.97 0.25
C ILE A 85 11.37 -7.69 0.67
N ARG A 86 12.05 -8.32 -0.30
CA ARG A 86 13.29 -9.05 -0.05
C ARG A 86 14.38 -8.21 0.57
N GLU A 87 14.42 -6.92 0.28
CA GLU A 87 15.38 -6.06 0.95
C GLU A 87 14.96 -5.76 2.37
N ILE A 88 13.65 -5.58 2.58
CA ILE A 88 13.11 -5.34 3.92
C ILE A 88 13.34 -6.58 4.78
N LEU A 89 13.00 -7.75 4.23
CA LEU A 89 13.30 -9.01 4.87
C LEU A 89 14.76 -9.10 5.32
N LYS A 90 15.70 -8.93 4.39
CA LYS A 90 17.12 -9.04 4.71
C LYS A 90 17.53 -7.99 5.77
N ALA A 91 16.96 -6.81 5.64
CA ALA A 91 17.19 -5.71 6.57
C ALA A 91 16.80 -6.10 7.98
N SER A 92 15.56 -6.56 8.12
CA SER A 92 15.06 -6.98 9.40
C SER A 92 15.75 -8.28 9.86
N ARG A 93 16.25 -9.10 8.91
CA ARG A 93 17.00 -10.31 9.29
C ARG A 93 18.25 -9.94 10.01
N LYS A 94 18.84 -8.87 9.60
CA LYS A 94 20.04 -8.37 10.18
C LYS A 94 19.67 -7.67 11.51
N LEU A 95 18.48 -7.09 11.54
CA LEU A 95 18.02 -6.30 12.68
C LEU A 95 17.51 -7.22 13.83
N GLN A 96 16.77 -8.28 13.47
CA GLN A 96 16.25 -9.26 14.47
C GLN A 96 17.32 -10.22 14.85
N GLY A 97 18.32 -10.25 14.04
CA GLY A 97 19.36 -11.22 14.20
C GLY A 97 18.89 -12.61 13.84
N ASP A 98 17.91 -12.69 13.01
CA ASP A 98 17.45 -13.98 12.59
C ASP A 98 17.38 -14.01 11.09
N PRO A 99 18.19 -14.84 10.46
CA PRO A 99 18.25 -14.93 9.03
C PRO A 99 17.25 -15.90 8.36
N ASP A 100 16.46 -16.68 9.10
CA ASP A 100 15.58 -17.63 8.39
C ASP A 100 14.16 -17.82 8.95
N LEU A 101 13.83 -17.24 10.08
CA LEU A 101 12.45 -17.40 10.58
C LEU A 101 11.48 -16.63 9.69
N PRO A 102 10.45 -17.30 9.13
CA PRO A 102 9.45 -16.63 8.32
C PRO A 102 8.67 -15.66 9.18
N MET A 103 8.90 -14.41 8.94
CA MET A 103 8.28 -13.39 9.70
C MET A 103 7.45 -12.55 8.71
N SER A 104 7.05 -11.42 9.12
CA SER A 104 6.21 -10.56 8.32
C SER A 104 6.37 -9.16 8.78
N PHE A 105 5.83 -8.21 8.06
CA PHE A 105 6.04 -6.85 8.39
C PHE A 105 4.86 -6.05 7.94
N THR A 106 4.66 -4.98 8.61
CA THR A 106 3.59 -4.10 8.35
C THR A 106 4.07 -2.82 7.65
N LEU A 107 3.39 -2.47 6.61
CA LEU A 107 3.67 -1.28 5.89
C LEU A 107 2.98 -0.15 6.55
N ALA A 108 3.71 0.86 6.85
CA ALA A 108 3.10 2.03 7.35
C ALA A 108 2.95 2.95 6.18
N ILE A 109 1.77 2.96 5.64
CA ILE A 109 1.49 3.65 4.41
C ILE A 109 1.01 5.05 4.72
N VAL A 110 1.64 6.02 4.11
CA VAL A 110 1.28 7.39 4.38
C VAL A 110 0.93 8.17 3.12
N GLU A 111 -0.24 8.76 3.14
CA GLU A 111 -0.66 9.60 2.05
C GLU A 111 -0.25 11.05 2.31
N SER A 112 -0.56 11.97 1.41
CA SER A 112 -0.02 13.31 1.52
C SER A 112 -0.70 14.19 2.60
N ASP A 113 -1.68 13.68 3.29
CA ASP A 113 -2.32 14.46 4.35
C ASP A 113 -1.71 14.03 5.70
N SER A 114 -0.82 13.02 5.61
CA SER A 114 -0.10 12.43 6.74
C SER A 114 -1.00 11.47 7.53
N THR A 115 -1.76 10.69 6.79
CA THR A 115 -2.59 9.65 7.35
C THR A 115 -1.80 8.34 7.24
N ILE A 116 -1.82 7.56 8.29
CA ILE A 116 -1.08 6.32 8.31
C ILE A 116 -2.03 5.14 8.19
N VAL A 117 -1.78 4.29 7.24
CA VAL A 117 -2.59 3.12 7.00
C VAL A 117 -1.72 1.89 7.16
N TYR A 118 -2.01 1.10 8.17
CA TYR A 118 -1.26 -0.11 8.41
C TYR A 118 -1.81 -1.26 7.62
N TYR A 119 -0.95 -1.93 6.91
CA TYR A 119 -1.32 -3.05 6.10
C TYR A 119 -0.16 -4.02 6.09
N LYS A 120 -0.43 -5.28 6.31
CA LYS A 120 0.65 -6.24 6.38
C LYS A 120 0.76 -6.99 5.11
N LEU A 121 1.86 -7.63 4.98
CA LEU A 121 2.12 -8.54 3.92
C LEU A 121 2.96 -9.64 4.45
N THR A 122 2.61 -10.87 4.14
CA THR A 122 3.32 -11.96 4.82
C THR A 122 4.33 -12.66 3.96
N ASP A 123 5.30 -13.26 4.60
CA ASP A 123 6.31 -13.99 3.93
C ASP A 123 6.55 -15.33 4.61
N SER B 1 -32.53 -5.04 -13.75
CA SER B 1 -31.51 -4.21 -13.18
C SER B 1 -31.17 -4.68 -11.78
N GLU B 2 -30.00 -5.25 -11.62
CA GLU B 2 -29.53 -5.67 -10.32
C GLU B 2 -29.13 -4.51 -9.48
N ASP B 3 -29.59 -4.54 -8.28
CA ASP B 3 -29.39 -3.51 -7.30
C ASP B 3 -29.87 -2.17 -7.80
N ALA B 4 -31.13 -2.13 -8.05
CA ALA B 4 -31.80 -0.92 -8.40
C ALA B 4 -32.41 -0.31 -7.15
N TRP B 5 -31.81 -0.62 -6.00
CA TRP B 5 -32.31 -0.16 -4.72
C TRP B 5 -31.30 0.76 -4.09
N MET B 6 -30.09 0.28 -3.99
CA MET B 6 -29.00 1.00 -3.38
C MET B 6 -28.12 1.56 -4.48
N GLY B 7 -27.89 0.75 -5.50
CA GLY B 7 -27.09 1.15 -6.63
C GLY B 7 -27.76 2.24 -7.41
N THR B 8 -28.61 1.83 -8.36
CA THR B 8 -29.50 2.71 -9.19
C THR B 8 -28.71 3.49 -10.24
N HIS B 9 -27.45 3.53 -10.02
CA HIS B 9 -26.54 4.23 -10.82
C HIS B 9 -26.16 3.42 -12.02
N PRO B 10 -26.29 4.01 -13.22
CA PRO B 10 -25.94 3.37 -14.49
C PRO B 10 -24.57 2.73 -14.46
N LYS B 11 -23.60 3.48 -13.97
CA LYS B 11 -22.20 3.01 -13.95
C LYS B 11 -22.04 1.81 -13.04
N TYR B 12 -22.72 1.85 -11.90
CA TYR B 12 -22.70 0.75 -10.95
C TYR B 12 -23.38 -0.47 -11.57
N LEU B 13 -24.56 -0.23 -12.11
CA LEU B 13 -25.35 -1.26 -12.78
C LEU B 13 -24.52 -1.96 -13.90
N GLU B 14 -23.90 -1.14 -14.75
CA GLU B 14 -23.00 -1.61 -15.83
C GLU B 14 -21.89 -2.50 -15.25
N MET B 15 -21.44 -2.16 -14.06
CA MET B 15 -20.41 -2.91 -13.37
C MET B 15 -20.97 -4.25 -12.83
N MET B 16 -22.24 -4.25 -12.44
CA MET B 16 -22.91 -5.50 -11.97
C MET B 16 -23.01 -6.47 -13.14
N GLU B 17 -23.34 -5.90 -14.30
CA GLU B 17 -23.55 -6.66 -15.53
C GLU B 17 -22.29 -7.34 -16.04
N LEU B 18 -21.13 -6.84 -15.62
CA LEU B 18 -19.85 -7.46 -16.03
C LEU B 18 -19.84 -8.95 -15.59
N ASP B 19 -18.92 -9.69 -16.17
CA ASP B 19 -18.68 -11.18 -16.04
C ASP B 19 -18.82 -11.89 -14.67
N ILE B 20 -19.25 -11.25 -13.61
CA ILE B 20 -19.29 -11.91 -12.29
C ILE B 20 -20.46 -11.32 -11.51
N GLY B 21 -20.38 -10.01 -11.43
CA GLY B 21 -21.35 -9.22 -10.71
C GLY B 21 -21.42 -9.63 -9.26
N ASP B 22 -20.38 -9.35 -8.50
CA ASP B 22 -20.31 -9.73 -7.10
C ASP B 22 -20.48 -8.49 -6.26
N ALA B 23 -21.37 -8.56 -5.27
CA ALA B 23 -21.71 -7.42 -4.38
C ALA B 23 -20.50 -6.72 -3.76
N THR B 24 -19.49 -7.45 -3.37
CA THR B 24 -18.34 -6.83 -2.75
C THR B 24 -17.49 -6.13 -3.82
N GLN B 25 -17.21 -6.84 -4.90
CA GLN B 25 -16.45 -6.26 -6.01
C GLN B 25 -17.12 -5.04 -6.59
N VAL B 26 -18.39 -5.17 -6.91
CA VAL B 26 -19.13 -4.04 -7.49
C VAL B 26 -19.15 -2.83 -6.58
N TYR B 27 -19.24 -3.04 -5.27
CA TYR B 27 -19.25 -1.95 -4.33
C TYR B 27 -17.90 -1.29 -4.28
N VAL B 28 -16.87 -2.06 -4.06
CA VAL B 28 -15.55 -1.53 -3.88
C VAL B 28 -15.02 -0.93 -5.16
N ALA B 29 -15.22 -1.63 -6.25
CA ALA B 29 -14.75 -1.16 -7.52
C ALA B 29 -15.43 0.13 -7.94
N PHE B 30 -16.71 0.27 -7.61
CA PHE B 30 -17.47 1.50 -7.92
C PHE B 30 -16.84 2.68 -7.21
N LEU B 31 -16.52 2.50 -5.94
CA LEU B 31 -15.91 3.56 -5.16
C LEU B 31 -14.55 3.98 -5.72
N VAL B 32 -13.71 3.03 -6.10
CA VAL B 32 -12.40 3.40 -6.62
C VAL B 32 -12.54 3.97 -8.05
N TYR B 33 -13.42 3.36 -8.87
CA TYR B 33 -13.74 3.84 -10.22
C TYR B 33 -14.11 5.32 -10.22
N LEU B 34 -14.95 5.71 -9.29
CA LEU B 34 -15.32 7.11 -9.15
C LEU B 34 -14.19 7.96 -8.61
N ASP B 35 -13.29 7.37 -7.83
CA ASP B 35 -12.17 8.15 -7.33
C ASP B 35 -11.20 8.43 -8.47
N LEU B 36 -10.85 7.39 -9.18
CA LEU B 36 -9.97 7.47 -10.36
C LEU B 36 -10.41 8.49 -11.38
N MET B 37 -11.70 8.57 -11.62
CA MET B 37 -12.19 9.43 -12.67
C MET B 37 -12.42 10.87 -12.18
N GLU B 38 -12.99 11.03 -11.00
CA GLU B 38 -13.40 12.37 -10.55
C GLU B 38 -12.32 13.03 -9.70
N SER B 39 -11.40 12.25 -9.19
CA SER B 39 -10.38 12.78 -8.32
C SER B 39 -9.02 12.72 -8.99
N LYS B 40 -8.61 11.52 -9.42
CA LYS B 40 -7.33 11.33 -10.11
C LYS B 40 -7.44 11.81 -11.54
N SER B 41 -8.68 11.91 -12.04
CA SER B 41 -8.97 12.37 -13.40
C SER B 41 -8.12 11.65 -14.47
N TRP B 42 -7.89 10.32 -14.29
CA TRP B 42 -7.08 9.60 -15.25
C TRP B 42 -7.62 9.67 -16.64
N HIS B 43 -6.71 9.69 -17.60
CA HIS B 43 -7.03 9.78 -19.00
C HIS B 43 -7.99 8.68 -19.44
N GLU B 44 -7.78 7.49 -18.96
CA GLU B 44 -8.57 6.39 -19.40
C GLU B 44 -8.63 5.32 -18.32
N VAL B 45 -9.83 4.94 -17.95
CA VAL B 45 -10.04 3.90 -16.95
C VAL B 45 -11.12 2.95 -17.46
N ASN B 46 -10.85 1.65 -17.47
CA ASN B 46 -11.81 0.68 -17.98
C ASN B 46 -12.19 -0.24 -16.88
N CYS B 47 -13.36 -0.79 -16.94
CA CYS B 47 -13.88 -1.65 -15.91
C CYS B 47 -13.99 -3.05 -16.45
N VAL B 48 -13.22 -3.96 -15.91
CA VAL B 48 -13.26 -5.33 -16.43
C VAL B 48 -13.43 -6.32 -15.30
N GLY B 49 -14.29 -7.28 -15.50
CA GLY B 49 -14.46 -8.35 -14.56
C GLY B 49 -13.71 -9.57 -15.02
N LEU B 50 -13.02 -10.21 -14.13
CA LEU B 50 -12.25 -11.38 -14.47
C LEU B 50 -12.76 -12.59 -13.73
N PRO B 51 -13.63 -13.39 -14.40
CA PRO B 51 -14.26 -14.57 -13.79
C PRO B 51 -13.26 -15.67 -13.45
N GLU B 52 -12.10 -15.65 -14.09
CA GLU B 52 -11.04 -16.57 -13.74
C GLU B 52 -10.48 -16.30 -12.32
N LEU B 53 -10.58 -15.06 -11.92
CA LEU B 53 -10.04 -14.65 -10.61
C LEU B 53 -11.13 -14.19 -9.66
N GLN B 54 -12.39 -14.25 -10.09
CA GLN B 54 -13.55 -13.77 -9.25
C GLN B 54 -13.41 -12.29 -8.83
N LEU B 55 -12.72 -11.52 -9.62
CA LEU B 55 -12.47 -10.11 -9.31
C LEU B 55 -12.81 -9.16 -10.44
N ILE B 56 -12.87 -7.91 -10.11
CA ILE B 56 -13.06 -6.83 -11.05
C ILE B 56 -11.86 -5.92 -10.85
N CYS B 57 -11.33 -5.37 -11.92
CA CYS B 57 -10.15 -4.54 -11.84
C CYS B 57 -10.31 -3.44 -12.85
N LEU B 58 -9.61 -2.36 -12.65
CA LEU B 58 -9.69 -1.28 -13.59
C LEU B 58 -8.35 -1.13 -14.26
N VAL B 59 -8.37 -1.20 -15.55
CA VAL B 59 -7.18 -1.10 -16.35
C VAL B 59 -7.42 -0.10 -17.44
N GLY B 60 -6.52 0.78 -17.66
CA GLY B 60 -6.69 1.73 -18.71
C GLY B 60 -5.43 2.43 -19.01
N THR B 61 -5.54 3.61 -19.53
CA THR B 61 -4.40 4.35 -19.86
C THR B 61 -4.23 5.46 -18.84
N GLU B 62 -3.33 5.24 -17.93
CA GLU B 62 -2.98 6.24 -16.98
C GLU B 62 -2.02 7.12 -17.73
N ILE B 63 -2.50 8.29 -18.03
CA ILE B 63 -1.94 9.24 -18.96
C ILE B 63 -1.61 8.75 -20.37
N GLU B 64 -2.33 9.31 -21.34
CA GLU B 64 -2.18 8.94 -22.73
C GLU B 64 -0.77 9.19 -23.20
N GLY B 65 -0.23 8.22 -23.88
CA GLY B 65 1.15 8.24 -24.24
C GLY B 65 1.87 7.25 -23.38
N GLU B 66 1.44 7.20 -22.13
CA GLU B 66 1.90 6.25 -21.17
C GLU B 66 0.81 5.17 -21.11
N GLY B 67 0.60 4.59 -19.96
CA GLY B 67 -0.37 3.55 -19.85
C GLY B 67 -0.38 2.98 -18.48
N LEU B 68 0.35 1.85 -18.29
CA LEU B 68 0.51 1.14 -16.98
C LEU B 68 -0.52 1.42 -15.95
N GLN B 69 -1.64 0.79 -16.08
CA GLN B 69 -2.64 0.92 -15.11
C GLN B 69 -3.28 -0.40 -14.88
N THR B 70 -3.10 -0.86 -13.74
CA THR B 70 -3.83 -1.91 -13.19
C THR B 70 -4.08 -1.58 -11.74
N VAL B 71 -5.28 -1.22 -11.45
CA VAL B 71 -5.68 -0.95 -10.11
C VAL B 71 -6.69 -1.97 -9.74
N VAL B 72 -6.49 -2.60 -8.63
CA VAL B 72 -7.39 -3.62 -8.22
C VAL B 72 -8.06 -3.24 -6.91
N PRO B 73 -9.39 -3.13 -6.93
CA PRO B 73 -10.17 -2.85 -5.74
C PRO B 73 -9.92 -3.93 -4.69
N THR B 74 -9.46 -3.52 -3.55
CA THR B 74 -9.05 -4.43 -2.52
C THR B 74 -9.53 -3.96 -1.14
N PRO B 75 -10.39 -4.75 -0.48
CA PRO B 75 -10.85 -4.46 0.88
C PRO B 75 -9.75 -4.80 1.90
N ILE B 76 -9.74 -4.10 3.05
CA ILE B 76 -8.69 -4.26 4.10
C ILE B 76 -8.64 -5.71 4.66
N THR B 77 -9.71 -6.44 4.46
CA THR B 77 -9.88 -7.75 5.05
C THR B 77 -9.00 -8.84 4.35
N ALA B 78 -8.27 -8.44 3.30
CA ALA B 78 -7.45 -9.38 2.57
C ALA B 78 -6.07 -9.62 3.23
N SER B 79 -5.15 -8.63 3.07
CA SER B 79 -3.72 -8.66 3.55
C SER B 79 -2.90 -9.31 2.41
N LEU B 80 -1.70 -8.80 2.17
CA LEU B 80 -1.03 -9.07 0.92
C LEU B 80 -0.23 -10.37 0.92
N SER B 81 -0.40 -11.14 -0.15
CA SER B 81 0.34 -12.32 -0.38
C SER B 81 0.92 -12.23 -1.78
N HIS B 82 2.20 -12.50 -1.90
CA HIS B 82 2.88 -12.47 -3.24
C HIS B 82 2.20 -13.41 -4.26
N ASN B 83 1.51 -14.42 -3.75
CA ASN B 83 0.77 -15.37 -4.61
C ASN B 83 -0.38 -14.67 -5.29
N ARG B 84 -1.09 -13.86 -4.52
CA ARG B 84 -2.25 -13.14 -5.03
C ARG B 84 -1.76 -12.12 -6.06
N ILE B 85 -0.55 -11.59 -5.83
CA ILE B 85 0.12 -10.72 -6.81
C ILE B 85 0.25 -11.43 -8.15
N ARG B 86 0.80 -12.63 -8.11
CA ARG B 86 0.95 -13.45 -9.30
C ARG B 86 -0.36 -13.65 -10.06
N GLU B 87 -1.49 -13.74 -9.34
CA GLU B 87 -2.79 -13.85 -10.00
C GLU B 87 -3.04 -12.57 -10.77
N ILE B 88 -2.75 -11.46 -10.13
CA ILE B 88 -3.03 -10.15 -10.67
C ILE B 88 -2.15 -9.92 -11.88
N LEU B 89 -0.86 -10.22 -11.74
CA LEU B 89 0.06 -10.18 -12.88
C LEU B 89 -0.47 -10.94 -14.09
N LYS B 90 -0.75 -12.22 -13.94
CA LYS B 90 -1.25 -13.04 -15.07
C LYS B 90 -2.57 -12.48 -15.63
N ALA B 91 -3.37 -11.93 -14.73
CA ALA B 91 -4.67 -11.35 -15.08
C ALA B 91 -4.46 -10.17 -15.98
N SER B 92 -3.58 -9.28 -15.59
CA SER B 92 -3.32 -8.13 -16.35
C SER B 92 -2.42 -8.47 -17.56
N ARG B 93 -1.61 -9.53 -17.48
CA ARG B 93 -0.82 -9.94 -18.66
C ARG B 93 -1.73 -10.27 -19.81
N LYS B 94 -2.79 -10.96 -19.49
CA LYS B 94 -3.81 -11.31 -20.43
C LYS B 94 -4.65 -10.08 -20.86
N LEU B 95 -4.80 -9.13 -19.95
CA LEU B 95 -5.62 -7.94 -20.19
C LEU B 95 -4.80 -6.89 -20.99
N GLN B 96 -3.57 -6.75 -20.62
CA GLN B 96 -2.66 -5.74 -21.15
C GLN B 96 -2.08 -6.25 -22.47
N GLY B 97 -2.04 -7.58 -22.60
CA GLY B 97 -1.40 -8.20 -23.73
C GLY B 97 0.12 -8.10 -23.64
N ASP B 98 0.62 -7.94 -22.41
CA ASP B 98 2.06 -7.77 -22.14
C ASP B 98 2.54 -8.76 -21.11
N PRO B 99 3.08 -9.89 -21.53
CA PRO B 99 3.53 -10.93 -20.64
C PRO B 99 5.07 -10.95 -20.36
N ASP B 100 5.87 -10.38 -21.24
CA ASP B 100 7.33 -10.52 -21.12
C ASP B 100 7.99 -9.36 -20.39
N LEU B 101 7.30 -8.28 -20.21
CA LEU B 101 7.88 -7.14 -19.50
C LEU B 101 7.36 -7.02 -18.06
N PRO B 102 8.22 -6.55 -17.12
CA PRO B 102 7.84 -6.39 -15.71
C PRO B 102 6.75 -5.34 -15.53
N MET B 103 5.66 -5.74 -14.92
CA MET B 103 4.56 -4.84 -14.66
C MET B 103 4.58 -4.40 -13.17
N SER B 104 3.68 -3.51 -12.85
CA SER B 104 3.48 -3.03 -11.53
C SER B 104 2.01 -2.67 -11.45
N PHE B 105 1.48 -2.53 -10.26
CA PHE B 105 0.08 -2.27 -10.12
C PHE B 105 -0.18 -1.57 -8.82
N THR B 106 -1.31 -0.95 -8.74
CA THR B 106 -1.66 -0.22 -7.59
C THR B 106 -2.87 -0.82 -6.90
N LEU B 107 -2.75 -1.00 -5.63
CA LEU B 107 -3.82 -1.51 -4.83
C LEU B 107 -4.73 -0.39 -4.49
N ALA B 108 -5.97 -0.57 -4.79
CA ALA B 108 -6.94 0.36 -4.36
C ALA B 108 -7.50 -0.19 -3.08
N ILE B 109 -7.00 0.33 -2.00
CA ILE B 109 -7.28 -0.19 -0.70
C ILE B 109 -8.45 0.56 -0.10
N VAL B 110 -9.50 -0.15 0.17
CA VAL B 110 -10.69 0.49 0.67
C VAL B 110 -10.94 0.18 2.13
N GLU B 111 -10.99 1.21 2.88
CA GLU B 111 -11.19 1.17 4.29
C GLU B 111 -12.69 1.46 4.58
N SER B 112 -13.14 1.19 5.79
CA SER B 112 -14.56 1.27 6.16
C SER B 112 -15.15 2.67 5.99
N ASP B 113 -14.35 3.70 6.25
CA ASP B 113 -14.79 5.11 6.13
C ASP B 113 -14.88 5.53 4.63
N SER B 114 -14.82 4.53 3.75
CA SER B 114 -14.88 4.69 2.29
C SER B 114 -13.60 5.34 1.79
N THR B 115 -12.55 5.21 2.57
CA THR B 115 -11.28 5.76 2.23
C THR B 115 -10.58 4.85 1.22
N ILE B 116 -10.30 5.37 0.05
CA ILE B 116 -9.52 4.63 -0.92
C ILE B 116 -8.08 5.05 -0.72
N VAL B 117 -7.21 4.09 -0.52
CA VAL B 117 -5.82 4.36 -0.31
C VAL B 117 -5.04 3.67 -1.40
N TYR B 118 -4.44 4.44 -2.26
CA TYR B 118 -3.64 3.91 -3.34
C TYR B 118 -2.25 3.61 -2.88
N TYR B 119 -1.81 2.42 -3.13
CA TYR B 119 -0.49 2.00 -2.76
C TYR B 119 0.02 1.01 -3.82
N LYS B 120 1.22 1.22 -4.33
CA LYS B 120 1.73 0.37 -5.38
C LYS B 120 2.61 -0.73 -4.89
N LEU B 121 2.78 -1.67 -5.74
CA LEU B 121 3.70 -2.73 -5.59
C LEU B 121 4.09 -3.19 -7.00
N THR B 122 5.35 -3.33 -7.21
CA THR B 122 5.90 -3.55 -8.53
C THR B 122 6.43 -4.96 -8.68
N ASP B 123 6.38 -5.48 -9.92
CA ASP B 123 7.04 -6.73 -10.33
C ASP B 123 6.96 -7.87 -9.31
N SER A 1 19.41 26.04 21.86
CA SER A 1 20.86 26.21 21.84
C SER A 1 21.50 25.38 20.72
N GLU A 2 21.33 24.07 20.77
CA GLU A 2 21.93 23.18 19.77
C GLU A 2 20.90 22.70 18.76
N ASP A 3 19.78 22.24 19.25
CA ASP A 3 18.78 21.65 18.39
C ASP A 3 17.93 22.69 17.68
N ALA A 4 18.34 22.98 16.47
CA ALA A 4 17.63 23.86 15.55
C ALA A 4 18.31 23.82 14.22
N TRP A 5 17.84 22.94 13.41
CA TRP A 5 18.36 22.73 12.08
C TRP A 5 17.19 22.27 11.27
N MET A 6 16.68 21.16 11.70
CA MET A 6 15.54 20.54 11.13
C MET A 6 14.73 19.80 12.20
N GLY A 7 13.61 20.36 12.53
CA GLY A 7 12.69 19.67 13.40
C GLY A 7 12.52 20.28 14.76
N THR A 8 13.62 20.33 15.52
CA THR A 8 13.72 20.87 16.93
C THR A 8 13.07 19.90 17.91
N HIS A 9 12.67 18.80 17.37
CA HIS A 9 12.09 17.74 18.11
C HIS A 9 13.18 16.75 18.46
N PRO A 10 13.47 16.54 19.76
CA PRO A 10 14.52 15.62 20.23
C PRO A 10 14.41 14.23 19.59
N LYS A 11 13.19 13.74 19.47
CA LYS A 11 12.94 12.42 18.88
C LYS A 11 13.29 12.42 17.39
N TYR A 12 12.98 13.51 16.72
CA TYR A 12 13.28 13.69 15.31
C TYR A 12 14.80 13.84 15.10
N LEU A 13 15.42 14.63 15.97
CA LEU A 13 16.87 14.84 15.93
C LEU A 13 17.60 13.51 16.20
N GLU A 14 17.08 12.76 17.15
CA GLU A 14 17.54 11.38 17.44
C GLU A 14 17.49 10.53 16.16
N MET A 15 16.47 10.78 15.34
CA MET A 15 16.33 10.10 14.06
C MET A 15 17.37 10.62 13.06
N MET A 16 17.74 11.89 13.18
CA MET A 16 18.78 12.51 12.32
C MET A 16 20.12 11.89 12.53
N GLU A 17 20.29 11.28 13.66
CA GLU A 17 21.51 10.53 13.97
C GLU A 17 21.69 9.32 13.04
N LEU A 18 20.64 9.01 12.30
CA LEU A 18 20.71 7.99 11.28
C LEU A 18 21.33 8.63 10.07
N ASP A 19 22.34 8.02 9.56
CA ASP A 19 23.00 8.61 8.42
C ASP A 19 22.58 7.90 7.16
N ILE A 20 21.57 8.44 6.53
CA ILE A 20 21.14 7.95 5.27
C ILE A 20 21.04 9.08 4.31
N GLY A 21 20.23 10.07 4.66
CA GLY A 21 20.08 11.18 3.77
C GLY A 21 18.72 11.20 3.11
N ASP A 22 17.65 10.82 3.85
CA ASP A 22 16.34 10.89 3.21
C ASP A 22 15.33 11.63 4.06
N ALA A 23 14.99 12.84 3.61
CA ALA A 23 14.08 13.74 4.30
C ALA A 23 12.64 13.23 4.30
N THR A 24 12.28 12.45 3.29
CA THR A 24 10.94 11.94 3.20
C THR A 24 10.76 10.83 4.24
N GLN A 25 11.76 9.98 4.34
CA GLN A 25 11.75 8.91 5.30
C GLN A 25 11.69 9.42 6.70
N VAL A 26 12.59 10.34 7.04
CA VAL A 26 12.60 10.90 8.40
C VAL A 26 11.28 11.57 8.78
N TYR A 27 10.64 12.24 7.82
CA TYR A 27 9.36 12.87 8.07
C TYR A 27 8.28 11.83 8.33
N VAL A 28 8.15 10.88 7.43
CA VAL A 28 7.09 9.90 7.52
C VAL A 28 7.34 8.94 8.68
N ALA A 29 8.60 8.63 8.91
CA ALA A 29 8.99 7.77 10.02
C ALA A 29 8.65 8.41 11.34
N PHE A 30 8.91 9.72 11.45
CA PHE A 30 8.61 10.49 12.65
C PHE A 30 7.11 10.42 12.92
N LEU A 31 6.32 10.59 11.88
CA LEU A 31 4.88 10.52 12.01
C LEU A 31 4.39 9.17 12.50
N VAL A 32 4.94 8.06 11.98
CA VAL A 32 4.48 6.76 12.43
C VAL A 32 5.09 6.41 13.81
N TYR A 33 6.35 6.83 14.03
CA TYR A 33 7.03 6.69 15.34
C TYR A 33 6.17 7.29 16.44
N LEU A 34 5.72 8.52 16.23
CA LEU A 34 4.81 9.17 17.16
C LEU A 34 3.46 8.50 17.20
N ASP A 35 3.07 7.89 16.12
CA ASP A 35 1.78 7.23 16.10
C ASP A 35 1.84 6.01 17.01
N LEU A 36 2.86 5.20 16.85
CA LEU A 36 3.05 4.05 17.69
C LEU A 36 3.28 4.42 19.13
N MET A 37 4.08 5.41 19.38
CA MET A 37 4.40 5.78 20.75
C MET A 37 3.30 6.59 21.45
N GLU A 38 2.72 7.56 20.77
CA GLU A 38 1.77 8.47 21.39
C GLU A 38 0.35 7.93 21.32
N SER A 39 0.07 7.07 20.36
CA SER A 39 -1.28 6.58 20.17
C SER A 39 -1.40 5.09 20.53
N LYS A 40 -0.48 4.25 20.02
CA LYS A 40 -0.51 2.82 20.36
C LYS A 40 0.20 2.55 21.67
N SER A 41 1.03 3.50 22.12
CA SER A 41 1.88 3.35 23.30
C SER A 41 2.54 1.94 23.43
N TRP A 42 3.58 1.70 22.66
CA TRP A 42 4.34 0.46 22.82
C TRP A 42 5.47 0.70 23.79
N HIS A 43 5.95 -0.36 24.43
CA HIS A 43 7.04 -0.22 25.39
C HIS A 43 8.33 0.26 24.75
N GLU A 44 8.63 -0.23 23.59
CA GLU A 44 9.91 0.08 23.02
C GLU A 44 9.82 0.16 21.51
N VAL A 45 10.24 1.27 20.97
CA VAL A 45 10.24 1.54 19.54
C VAL A 45 11.50 2.36 19.28
N ASN A 46 12.23 2.06 18.24
CA ASN A 46 13.47 2.77 17.99
C ASN A 46 13.50 3.19 16.56
N CYS A 47 14.43 4.03 16.23
CA CYS A 47 14.57 4.51 14.89
C CYS A 47 15.77 3.85 14.28
N VAL A 48 15.57 3.11 13.23
CA VAL A 48 16.67 2.37 12.66
C VAL A 48 16.77 2.70 11.19
N GLY A 49 17.93 3.11 10.78
CA GLY A 49 18.15 3.40 9.40
C GLY A 49 18.80 2.27 8.67
N LEU A 50 18.26 1.90 7.53
CA LEU A 50 18.85 0.88 6.69
C LEU A 50 19.30 1.51 5.39
N PRO A 51 20.57 1.99 5.37
CA PRO A 51 21.14 2.76 4.24
C PRO A 51 21.24 1.97 2.93
N GLU A 52 21.35 0.66 3.02
CA GLU A 52 21.51 -0.16 1.82
C GLU A 52 20.18 -0.23 1.06
N LEU A 53 19.12 -0.26 1.81
CA LEU A 53 17.79 -0.27 1.23
C LEU A 53 17.23 1.15 1.24
N GLN A 54 18.05 2.03 1.76
CA GLN A 54 17.80 3.45 1.93
C GLN A 54 16.41 3.77 2.49
N LEU A 55 16.12 3.18 3.60
CA LEU A 55 14.90 3.46 4.28
C LEU A 55 15.08 3.53 5.76
N ILE A 56 14.10 4.07 6.40
CA ILE A 56 14.10 4.19 7.82
C ILE A 56 13.05 3.23 8.29
N CYS A 57 13.26 2.62 9.41
CA CYS A 57 12.35 1.67 9.92
C CYS A 57 12.37 1.78 11.42
N LEU A 58 11.24 1.65 12.01
CA LEU A 58 11.14 1.71 13.43
C LEU A 58 11.01 0.32 13.97
N VAL A 59 11.93 -0.06 14.84
CA VAL A 59 11.95 -1.39 15.38
C VAL A 59 12.23 -1.29 16.84
N GLY A 60 11.42 -1.91 17.61
CA GLY A 60 11.67 -1.95 19.01
C GLY A 60 11.07 -3.15 19.64
N THR A 61 10.93 -3.09 20.92
CA THR A 61 10.37 -4.16 21.62
C THR A 61 8.94 -3.78 21.88
N GLU A 62 8.06 -4.33 21.05
CA GLU A 62 6.64 -4.10 21.14
C GLU A 62 6.20 -4.41 22.55
N ILE A 63 6.66 -5.52 23.05
CA ILE A 63 6.41 -5.92 24.36
C ILE A 63 7.59 -6.78 24.79
N GLU A 64 8.12 -6.53 25.96
CA GLU A 64 9.17 -7.46 26.49
C GLU A 64 8.67 -8.89 26.55
N GLY A 65 9.56 -9.81 26.36
CA GLY A 65 9.19 -11.20 26.23
C GLY A 65 9.15 -11.54 24.78
N GLU A 66 8.45 -10.71 24.04
CA GLU A 66 8.43 -10.78 22.63
C GLU A 66 9.37 -9.69 22.13
N GLY A 67 9.00 -8.99 21.10
CA GLY A 67 9.87 -7.97 20.60
C GLY A 67 10.05 -8.15 19.14
N LEU A 68 8.97 -8.04 18.44
CA LEU A 68 8.92 -8.23 17.02
C LEU A 68 7.97 -7.26 16.43
N GLN A 69 8.52 -6.25 15.85
CA GLN A 69 7.80 -5.20 15.22
C GLN A 69 8.78 -4.44 14.40
N THR A 70 8.55 -4.42 13.14
CA THR A 70 9.40 -3.74 12.23
C THR A 70 8.51 -2.97 11.27
N VAL A 71 8.40 -1.68 11.47
CA VAL A 71 7.48 -0.89 10.70
C VAL A 71 8.23 0.00 9.77
N VAL A 72 7.82 0.09 8.55
CA VAL A 72 8.48 0.93 7.61
C VAL A 72 7.50 1.94 7.06
N PRO A 73 7.81 3.22 7.23
CA PRO A 73 6.98 4.30 6.72
C PRO A 73 6.91 4.26 5.20
N THR A 74 5.72 4.23 4.69
CA THR A 74 5.51 4.06 3.30
C THR A 74 4.39 5.01 2.78
N PRO A 75 4.75 6.00 1.95
CA PRO A 75 3.79 6.94 1.35
C PRO A 75 2.99 6.30 0.22
N ILE A 76 1.85 6.88 -0.08
CA ILE A 76 0.98 6.43 -1.20
C ILE A 76 1.76 6.46 -2.54
N THR A 77 2.84 7.24 -2.58
CA THR A 77 3.56 7.44 -3.81
C THR A 77 4.82 6.56 -3.87
N ALA A 78 5.06 5.78 -2.82
CA ALA A 78 6.19 4.87 -2.84
C ALA A 78 5.66 3.53 -3.19
N SER A 79 6.50 2.65 -3.55
CA SER A 79 6.04 1.40 -3.97
C SER A 79 6.38 0.27 -3.04
N LEU A 80 5.45 -0.61 -2.94
CA LEU A 80 5.60 -1.87 -2.29
C LEU A 80 5.89 -2.80 -3.46
N SER A 81 6.30 -3.99 -3.25
CA SER A 81 6.56 -4.94 -4.31
C SER A 81 6.86 -6.26 -3.70
N HIS A 82 6.77 -7.34 -4.45
CA HIS A 82 7.23 -8.58 -3.89
C HIS A 82 8.75 -8.54 -3.75
N ASN A 83 9.41 -7.71 -4.59
CA ASN A 83 10.85 -7.50 -4.42
C ASN A 83 11.13 -6.83 -3.07
N ARG A 84 10.21 -5.94 -2.64
CA ARG A 84 10.29 -5.30 -1.32
C ARG A 84 10.49 -6.28 -0.24
N ILE A 85 9.69 -7.33 -0.25
CA ILE A 85 9.74 -8.27 0.82
C ILE A 85 11.10 -8.91 0.92
N ARG A 86 11.68 -9.27 -0.22
CA ARG A 86 13.01 -9.88 -0.25
C ARG A 86 14.08 -8.95 0.31
N GLU A 87 14.05 -7.70 -0.08
CA GLU A 87 15.06 -6.77 0.35
C GLU A 87 14.86 -6.35 1.82
N ILE A 88 13.61 -6.17 2.21
CA ILE A 88 13.29 -5.81 3.58
C ILE A 88 13.53 -7.00 4.53
N LEU A 89 13.17 -8.21 4.11
CA LEU A 89 13.49 -9.42 4.89
C LEU A 89 14.97 -9.53 5.11
N LYS A 90 15.74 -9.17 4.11
CA LYS A 90 17.18 -9.21 4.19
C LYS A 90 17.70 -8.14 5.17
N ALA A 91 17.11 -6.95 5.08
CA ALA A 91 17.41 -5.84 5.97
C ALA A 91 17.12 -6.24 7.43
N SER A 92 15.93 -6.74 7.65
CA SER A 92 15.52 -7.16 8.97
C SER A 92 16.25 -8.43 9.41
N ARG A 93 16.73 -9.20 8.44
CA ARG A 93 17.48 -10.42 8.72
C ARG A 93 18.76 -10.07 9.45
N LYS A 94 19.41 -8.99 9.02
CA LYS A 94 20.62 -8.56 9.67
C LYS A 94 20.30 -7.77 10.94
N LEU A 95 19.10 -7.18 11.00
CA LEU A 95 18.72 -6.35 12.14
C LEU A 95 18.21 -7.20 13.33
N GLN A 96 17.42 -8.22 13.04
CA GLN A 96 16.87 -9.09 14.09
C GLN A 96 17.87 -10.17 14.43
N GLY A 97 18.86 -10.30 13.56
CA GLY A 97 19.85 -11.36 13.70
C GLY A 97 19.27 -12.73 13.45
N ASP A 98 18.25 -12.77 12.65
CA ASP A 98 17.60 -14.01 12.29
C ASP A 98 17.74 -14.32 10.83
N PRO A 99 18.67 -15.24 10.48
CA PRO A 99 18.90 -15.66 9.10
C PRO A 99 17.74 -16.43 8.53
N ASP A 100 16.92 -16.97 9.41
CA ASP A 100 15.77 -17.73 9.02
C ASP A 100 14.79 -17.75 10.14
N LEU A 101 13.73 -17.04 9.97
CA LEU A 101 12.70 -16.93 10.97
C LEU A 101 11.41 -16.56 10.26
N PRO A 102 10.27 -17.17 10.57
CA PRO A 102 9.03 -16.75 10.00
C PRO A 102 8.60 -15.46 10.71
N MET A 103 8.72 -14.38 10.02
CA MET A 103 8.40 -13.11 10.56
C MET A 103 7.64 -12.30 9.51
N SER A 104 7.46 -11.05 9.75
CA SER A 104 6.73 -10.19 8.88
C SER A 104 6.96 -8.73 9.28
N PHE A 105 6.37 -7.79 8.56
CA PHE A 105 6.55 -6.39 8.84
C PHE A 105 5.32 -5.55 8.39
N THR A 106 5.12 -4.47 9.08
CA THR A 106 3.95 -3.63 8.91
C THR A 106 4.24 -2.39 8.10
N LEU A 107 3.42 -2.22 7.11
CA LEU A 107 3.46 -1.09 6.24
C LEU A 107 2.67 0.02 6.85
N ALA A 108 3.29 1.12 7.01
CA ALA A 108 2.63 2.28 7.48
C ALA A 108 2.37 3.14 6.28
N ILE A 109 1.15 3.07 5.81
CA ILE A 109 0.76 3.72 4.59
C ILE A 109 0.27 5.12 4.91
N VAL A 110 0.88 6.11 4.32
CA VAL A 110 0.52 7.47 4.63
C VAL A 110 -0.08 8.24 3.48
N GLU A 111 -1.28 8.73 3.71
CA GLU A 111 -1.99 9.59 2.80
C GLU A 111 -2.03 10.96 3.45
N SER A 112 -2.26 12.02 2.67
CA SER A 112 -2.29 13.40 3.16
C SER A 112 -1.01 13.79 3.97
N ASP A 113 0.04 12.93 3.92
CA ASP A 113 1.29 13.14 4.67
C ASP A 113 1.00 13.32 6.15
N SER A 114 0.07 12.50 6.66
CA SER A 114 -0.42 12.64 8.02
C SER A 114 -1.38 11.48 8.36
N THR A 115 -2.24 11.10 7.41
CA THR A 115 -3.13 9.99 7.61
C THR A 115 -2.31 8.69 7.53
N ILE A 116 -2.33 7.93 8.58
CA ILE A 116 -1.52 6.73 8.65
C ILE A 116 -2.43 5.51 8.66
N VAL A 117 -2.18 4.60 7.76
CA VAL A 117 -2.95 3.38 7.65
C VAL A 117 -2.01 2.19 7.69
N TYR A 118 -2.07 1.44 8.76
CA TYR A 118 -1.23 0.27 8.89
C TYR A 118 -1.81 -0.91 8.15
N TYR A 119 -0.99 -1.51 7.33
CA TYR A 119 -1.42 -2.65 6.54
C TYR A 119 -0.44 -3.78 6.77
N LYS A 120 -0.98 -4.94 7.05
CA LYS A 120 -0.19 -6.04 7.42
C LYS A 120 0.32 -6.83 6.17
N LEU A 121 1.66 -7.05 6.07
CA LEU A 121 2.18 -7.81 4.90
C LEU A 121 2.94 -9.06 5.34
N THR A 122 2.59 -10.19 4.81
CA THR A 122 3.24 -11.39 5.23
C THR A 122 3.98 -11.99 4.02
N ASP A 123 5.11 -12.67 4.22
CA ASP A 123 5.88 -13.21 3.08
C ASP A 123 5.20 -14.42 2.47
N SER B 1 -36.21 -4.38 -18.65
CA SER B 1 -35.96 -3.98 -17.29
C SER B 1 -34.69 -4.65 -16.76
N GLU B 2 -33.68 -3.85 -16.52
CA GLU B 2 -32.38 -4.32 -16.03
C GLU B 2 -31.77 -3.31 -15.08
N ASP B 3 -32.03 -2.07 -15.36
CA ASP B 3 -31.46 -0.91 -14.69
C ASP B 3 -31.59 -0.92 -13.18
N ALA B 4 -32.80 -0.86 -12.71
CA ALA B 4 -33.10 -0.60 -11.29
C ALA B 4 -32.63 -1.70 -10.35
N TRP B 5 -32.91 -2.91 -10.69
CA TRP B 5 -32.60 -4.04 -9.82
C TRP B 5 -31.13 -4.42 -9.83
N MET B 6 -30.42 -4.10 -10.89
CA MET B 6 -29.01 -4.41 -10.96
C MET B 6 -28.16 -3.17 -10.74
N GLY B 7 -28.79 -2.11 -10.25
CA GLY B 7 -28.03 -0.93 -9.93
C GLY B 7 -28.85 0.34 -9.96
N THR B 8 -29.02 0.85 -11.17
CA THR B 8 -29.71 2.11 -11.54
C THR B 8 -28.68 3.20 -11.85
N HIS B 9 -27.45 2.94 -11.49
CA HIS B 9 -26.36 3.77 -11.89
C HIS B 9 -25.81 3.20 -13.19
N PRO B 10 -25.90 3.96 -14.32
CA PRO B 10 -25.44 3.49 -15.65
C PRO B 10 -24.01 2.94 -15.63
N LYS B 11 -23.14 3.57 -14.87
CA LYS B 11 -21.76 3.14 -14.75
C LYS B 11 -21.67 1.79 -14.02
N TYR B 12 -22.51 1.64 -13.00
CA TYR B 12 -22.57 0.42 -12.21
C TYR B 12 -23.19 -0.71 -13.04
N LEU B 13 -24.25 -0.39 -13.76
CA LEU B 13 -24.91 -1.36 -14.64
C LEU B 13 -23.94 -1.81 -15.75
N GLU B 14 -23.18 -0.84 -16.27
CA GLU B 14 -22.11 -1.13 -17.23
C GLU B 14 -21.11 -2.14 -16.64
N MET B 15 -20.90 -2.04 -15.34
CA MET B 15 -20.06 -2.97 -14.63
C MET B 15 -20.76 -4.34 -14.46
N MET B 16 -22.09 -4.32 -14.35
CA MET B 16 -22.89 -5.56 -14.28
C MET B 16 -22.77 -6.39 -15.52
N GLU B 17 -22.42 -5.74 -16.58
CA GLU B 17 -22.15 -6.42 -17.85
C GLU B 17 -20.93 -7.35 -17.75
N LEU B 18 -20.20 -7.26 -16.67
CA LEU B 18 -19.13 -8.20 -16.41
C LEU B 18 -19.75 -9.42 -15.83
N ASP B 19 -19.42 -10.54 -16.33
CA ASP B 19 -20.02 -11.73 -15.82
C ASP B 19 -19.05 -12.48 -14.95
N ILE B 20 -19.14 -12.23 -13.67
CA ILE B 20 -18.37 -12.96 -12.71
C ILE B 20 -19.25 -13.45 -11.60
N GLY B 21 -19.95 -12.54 -10.96
CA GLY B 21 -20.80 -12.92 -9.88
C GLY B 21 -20.28 -12.46 -8.53
N ASP B 22 -19.72 -11.23 -8.45
CA ASP B 22 -19.26 -10.80 -7.15
C ASP B 22 -19.77 -9.42 -6.80
N ALA B 23 -20.70 -9.37 -5.86
CA ALA B 23 -21.35 -8.15 -5.42
C ALA B 23 -20.40 -7.24 -4.63
N THR B 24 -19.42 -7.84 -3.99
CA THR B 24 -18.48 -7.08 -3.20
C THR B 24 -17.54 -6.34 -4.14
N GLN B 25 -17.07 -7.04 -5.16
CA GLN B 25 -16.21 -6.48 -6.15
C GLN B 25 -16.86 -5.36 -6.88
N VAL B 26 -18.06 -5.59 -7.37
CA VAL B 26 -18.78 -4.55 -8.10
C VAL B 26 -19.03 -3.31 -7.24
N TYR B 27 -19.28 -3.49 -5.95
CA TYR B 27 -19.49 -2.37 -5.06
C TYR B 27 -18.21 -1.58 -4.87
N VAL B 28 -17.15 -2.27 -4.49
CA VAL B 28 -15.91 -1.61 -4.16
C VAL B 28 -15.27 -1.04 -5.43
N ALA B 29 -15.40 -1.79 -6.53
CA ALA B 29 -14.88 -1.34 -7.81
C ALA B 29 -15.56 -0.07 -8.25
N PHE B 30 -16.87 0.01 -8.06
CA PHE B 30 -17.65 1.18 -8.40
C PHE B 30 -17.14 2.38 -7.61
N LEU B 31 -16.91 2.18 -6.33
CA LEU B 31 -16.39 3.24 -5.48
C LEU B 31 -15.04 3.76 -5.96
N VAL B 32 -14.11 2.87 -6.33
CA VAL B 32 -12.79 3.34 -6.76
C VAL B 32 -12.86 3.88 -8.21
N TYR B 33 -13.70 3.25 -9.04
CA TYR B 33 -13.98 3.71 -10.40
C TYR B 33 -14.43 5.17 -10.39
N LEU B 34 -15.32 5.49 -9.47
CA LEU B 34 -15.77 6.86 -9.29
C LEU B 34 -14.70 7.71 -8.64
N ASP B 35 -13.85 7.11 -7.85
CA ASP B 35 -12.80 7.88 -7.22
C ASP B 35 -11.83 8.36 -8.29
N LEU B 36 -11.38 7.45 -9.12
CA LEU B 36 -10.50 7.77 -10.22
C LEU B 36 -11.13 8.72 -11.23
N MET B 37 -12.39 8.54 -11.53
CA MET B 37 -13.04 9.35 -12.54
C MET B 37 -13.60 10.68 -12.01
N GLU B 38 -14.10 10.70 -10.80
CA GLU B 38 -14.79 11.88 -10.29
C GLU B 38 -13.91 12.71 -9.36
N SER B 39 -12.91 12.09 -8.78
CA SER B 39 -12.09 12.78 -7.80
C SER B 39 -10.70 13.04 -8.39
N LYS B 40 -10.03 11.98 -8.82
CA LYS B 40 -8.73 12.10 -9.47
C LYS B 40 -8.92 12.44 -10.94
N SER B 41 -10.19 12.39 -11.38
CA SER B 41 -10.62 12.66 -12.75
C SER B 41 -9.63 12.22 -13.83
N TRP B 42 -9.47 10.93 -14.00
CA TRP B 42 -8.59 10.46 -15.05
C TRP B 42 -9.30 10.46 -16.38
N HIS B 43 -8.52 10.45 -17.43
CA HIS B 43 -9.03 10.46 -18.78
C HIS B 43 -9.84 9.22 -19.10
N GLU B 44 -9.35 8.08 -18.73
CA GLU B 44 -9.96 6.87 -19.18
C GLU B 44 -9.84 5.79 -18.15
N VAL B 45 -10.96 5.26 -17.72
CA VAL B 45 -11.01 4.18 -16.76
C VAL B 45 -12.13 3.22 -17.21
N ASN B 46 -11.87 1.93 -17.25
CA ASN B 46 -12.85 0.94 -17.75
C ASN B 46 -13.05 -0.10 -16.70
N CYS B 47 -14.11 -0.86 -16.82
CA CYS B 47 -14.40 -1.89 -15.86
C CYS B 47 -14.13 -3.23 -16.48
N VAL B 48 -13.13 -3.93 -15.99
CA VAL B 48 -12.74 -5.20 -16.56
C VAL B 48 -12.88 -6.29 -15.52
N GLY B 49 -13.63 -7.30 -15.82
CA GLY B 49 -13.74 -8.41 -14.92
C GLY B 49 -12.83 -9.53 -15.31
N LEU B 50 -12.11 -10.07 -14.35
CA LEU B 50 -11.24 -11.19 -14.61
C LEU B 50 -11.78 -12.45 -13.98
N PRO B 51 -12.50 -13.30 -14.77
CA PRO B 51 -13.08 -14.56 -14.29
C PRO B 51 -12.02 -15.47 -13.71
N GLU B 52 -10.85 -15.41 -14.33
CA GLU B 52 -9.64 -16.14 -13.95
C GLU B 52 -9.34 -15.95 -12.46
N LEU B 53 -9.65 -14.77 -11.99
CA LEU B 53 -9.35 -14.37 -10.63
C LEU B 53 -10.59 -14.11 -9.80
N GLN B 54 -11.75 -14.05 -10.46
CA GLN B 54 -13.04 -13.73 -9.81
C GLN B 54 -13.02 -12.31 -9.24
N LEU B 55 -12.23 -11.46 -9.87
CA LEU B 55 -12.11 -10.11 -9.39
C LEU B 55 -12.42 -9.11 -10.45
N ILE B 56 -12.60 -7.90 -10.05
CA ILE B 56 -12.89 -6.82 -10.93
C ILE B 56 -11.70 -5.88 -10.88
N CYS B 57 -11.39 -5.28 -11.96
CA CYS B 57 -10.28 -4.40 -12.05
C CYS B 57 -10.63 -3.28 -12.99
N LEU B 58 -10.12 -2.13 -12.74
CA LEU B 58 -10.38 -1.01 -13.59
C LEU B 58 -9.11 -0.68 -14.32
N VAL B 59 -9.17 -0.73 -15.61
CA VAL B 59 -8.02 -0.51 -16.43
C VAL B 59 -8.39 0.48 -17.48
N GLY B 60 -7.58 1.47 -17.64
CA GLY B 60 -7.81 2.45 -18.64
C GLY B 60 -6.56 3.21 -18.90
N THR B 61 -6.70 4.41 -19.33
CA THR B 61 -5.59 5.23 -19.59
C THR B 61 -5.66 6.42 -18.62
N GLU B 62 -4.86 6.33 -17.57
CA GLU B 62 -4.78 7.33 -16.50
C GLU B 62 -4.52 8.71 -17.09
N ILE B 63 -3.54 8.75 -17.97
CA ILE B 63 -3.19 9.95 -18.67
C ILE B 63 -3.05 9.51 -20.11
N GLU B 64 -3.80 10.11 -21.00
CA GLU B 64 -3.70 9.73 -22.39
C GLU B 64 -2.32 10.07 -22.93
N GLY B 65 -1.76 9.16 -23.67
CA GLY B 65 -0.39 9.24 -24.09
C GLY B 65 0.41 8.19 -23.36
N GLU B 66 0.06 8.02 -22.10
CA GLU B 66 0.64 7.00 -21.25
C GLU B 66 -0.19 5.73 -21.44
N GLY B 67 0.04 4.75 -20.62
CA GLY B 67 -0.73 3.54 -20.74
C GLY B 67 -0.48 2.62 -19.59
N LEU B 68 -0.61 3.13 -18.39
CA LEU B 68 -0.35 2.32 -17.24
C LEU B 68 -1.38 2.63 -16.17
N GLN B 69 -2.43 1.83 -16.14
CA GLN B 69 -3.41 1.84 -15.13
C GLN B 69 -4.06 0.49 -15.02
N THR B 70 -3.88 -0.10 -13.90
CA THR B 70 -4.52 -1.31 -13.53
C THR B 70 -4.81 -1.16 -12.05
N VAL B 71 -6.06 -0.97 -11.66
CA VAL B 71 -6.41 -0.83 -10.25
C VAL B 71 -7.35 -1.93 -9.81
N VAL B 72 -7.07 -2.55 -8.69
CA VAL B 72 -7.94 -3.59 -8.18
C VAL B 72 -8.50 -3.22 -6.81
N PRO B 73 -9.83 -3.15 -6.70
CA PRO B 73 -10.49 -2.86 -5.44
C PRO B 73 -10.21 -3.94 -4.40
N THR B 74 -9.75 -3.53 -3.25
CA THR B 74 -9.32 -4.44 -2.25
C THR B 74 -9.75 -3.94 -0.83
N PRO B 75 -10.56 -4.74 -0.12
CA PRO B 75 -11.00 -4.40 1.25
C PRO B 75 -9.81 -4.41 2.23
N ILE B 76 -9.78 -3.47 3.17
CA ILE B 76 -8.65 -3.28 4.10
C ILE B 76 -8.61 -4.43 5.15
N THR B 77 -9.71 -5.13 5.30
CA THR B 77 -9.82 -6.21 6.29
C THR B 77 -9.06 -7.48 5.82
N ALA B 78 -8.30 -7.33 4.77
CA ALA B 78 -7.54 -8.41 4.19
C ALA B 78 -6.07 -8.29 4.62
N SER B 79 -5.24 -9.08 4.01
CA SER B 79 -3.79 -9.10 4.28
C SER B 79 -3.06 -9.27 2.93
N LEU B 80 -1.77 -8.99 2.88
CA LEU B 80 -1.13 -8.97 1.56
C LEU B 80 -0.26 -10.19 1.32
N SER B 81 -0.43 -10.81 0.11
CA SER B 81 0.28 -12.00 -0.19
C SER B 81 1.03 -11.89 -1.51
N HIS B 82 2.26 -12.36 -1.55
CA HIS B 82 3.03 -12.36 -2.80
C HIS B 82 2.38 -13.22 -3.92
N ASN B 83 1.62 -14.23 -3.54
CA ASN B 83 0.90 -15.09 -4.51
C ASN B 83 -0.06 -14.27 -5.33
N ARG B 84 -0.63 -13.28 -4.66
CA ARG B 84 -1.56 -12.36 -5.22
C ARG B 84 -0.94 -11.67 -6.45
N ILE B 85 0.34 -11.28 -6.37
CA ILE B 85 0.98 -10.62 -7.49
C ILE B 85 1.10 -11.55 -8.70
N ARG B 86 1.55 -12.78 -8.47
CA ARG B 86 1.66 -13.77 -9.56
C ARG B 86 0.36 -13.97 -10.33
N GLU B 87 -0.72 -14.11 -9.61
CA GLU B 87 -2.00 -14.34 -10.26
C GLU B 87 -2.54 -13.08 -10.94
N ILE B 88 -2.24 -11.91 -10.38
CA ILE B 88 -2.71 -10.67 -10.97
C ILE B 88 -1.85 -10.28 -12.17
N LEU B 89 -0.53 -10.45 -12.05
CA LEU B 89 0.36 -10.27 -13.20
C LEU B 89 -0.09 -11.11 -14.36
N LYS B 90 -0.40 -12.35 -14.11
CA LYS B 90 -0.89 -13.26 -15.14
C LYS B 90 -2.21 -12.74 -15.76
N ALA B 91 -3.06 -12.20 -14.90
CA ALA B 91 -4.35 -11.65 -15.32
C ALA B 91 -4.11 -10.44 -16.21
N SER B 92 -3.22 -9.55 -15.79
CA SER B 92 -2.94 -8.36 -16.52
C SER B 92 -2.02 -8.63 -17.72
N ARG B 93 -1.29 -9.73 -17.68
CA ARG B 93 -0.42 -10.16 -18.79
C ARG B 93 -1.30 -10.43 -19.98
N LYS B 94 -2.35 -11.10 -19.69
CA LYS B 94 -3.39 -11.43 -20.61
C LYS B 94 -4.20 -10.18 -21.03
N LEU B 95 -4.38 -9.25 -20.12
CA LEU B 95 -5.18 -8.07 -20.38
C LEU B 95 -4.40 -6.97 -21.13
N GLN B 96 -3.15 -6.76 -20.76
CA GLN B 96 -2.32 -5.73 -21.41
C GLN B 96 -1.74 -6.28 -22.69
N GLY B 97 -1.59 -7.58 -22.73
CA GLY B 97 -0.99 -8.25 -23.87
C GLY B 97 0.53 -8.16 -23.87
N ASP B 98 1.14 -8.11 -22.70
CA ASP B 98 2.60 -8.02 -22.57
C ASP B 98 3.17 -9.24 -21.86
N PRO B 99 4.31 -9.79 -22.35
CA PRO B 99 4.89 -11.02 -21.81
C PRO B 99 5.83 -10.86 -20.59
N ASP B 100 5.30 -11.23 -19.41
CA ASP B 100 6.02 -11.36 -18.09
C ASP B 100 7.06 -10.30 -17.72
N LEU B 101 6.96 -9.10 -18.23
CA LEU B 101 7.96 -8.09 -17.90
C LEU B 101 7.50 -7.37 -16.65
N PRO B 102 8.43 -6.94 -15.76
CA PRO B 102 8.06 -6.27 -14.51
C PRO B 102 7.18 -5.05 -14.73
N MET B 103 5.94 -5.17 -14.37
CA MET B 103 4.99 -4.09 -14.48
C MET B 103 4.49 -3.76 -13.07
N SER B 104 3.32 -3.18 -12.96
CA SER B 104 2.84 -2.71 -11.71
C SER B 104 1.33 -2.56 -11.77
N PHE B 105 0.75 -2.35 -10.63
CA PHE B 105 -0.65 -2.15 -10.44
C PHE B 105 -0.90 -1.41 -9.09
N THR B 106 -2.07 -0.82 -8.93
CA THR B 106 -2.37 -0.05 -7.73
C THR B 106 -3.52 -0.68 -6.88
N LEU B 107 -3.24 -0.91 -5.61
CA LEU B 107 -4.18 -1.47 -4.67
C LEU B 107 -5.07 -0.38 -4.18
N ALA B 108 -6.34 -0.60 -4.30
CA ALA B 108 -7.28 0.31 -3.78
C ALA B 108 -7.81 -0.26 -2.50
N ILE B 109 -7.30 0.23 -1.40
CA ILE B 109 -7.58 -0.33 -0.11
C ILE B 109 -8.77 0.39 0.49
N VAL B 110 -9.81 -0.32 0.73
CA VAL B 110 -10.99 0.33 1.22
C VAL B 110 -11.37 -0.04 2.61
N GLU B 111 -11.73 0.95 3.33
CA GLU B 111 -12.28 0.83 4.62
C GLU B 111 -13.71 0.35 4.43
N SER B 112 -14.23 -0.39 5.37
CA SER B 112 -15.57 -0.95 5.26
C SER B 112 -16.66 0.15 5.40
N ASP B 113 -16.23 1.40 5.53
CA ASP B 113 -17.13 2.52 5.66
C ASP B 113 -17.21 3.36 4.40
N SER B 114 -16.04 3.79 3.88
CA SER B 114 -15.99 4.80 2.79
C SER B 114 -14.56 5.09 2.30
N THR B 115 -13.58 5.00 3.19
CA THR B 115 -12.22 5.45 2.88
C THR B 115 -11.51 4.57 1.86
N ILE B 116 -11.04 5.19 0.79
CA ILE B 116 -10.25 4.50 -0.21
C ILE B 116 -8.80 4.95 -0.07
N VAL B 117 -7.91 4.02 0.12
CA VAL B 117 -6.51 4.31 0.27
C VAL B 117 -5.73 3.59 -0.81
N TYR B 118 -5.18 4.33 -1.73
CA TYR B 118 -4.38 3.72 -2.78
C TYR B 118 -3.00 3.41 -2.30
N TYR B 119 -2.56 2.23 -2.54
CA TYR B 119 -1.25 1.83 -2.14
C TYR B 119 -0.57 1.22 -3.35
N LYS B 120 0.64 1.64 -3.65
CA LYS B 120 1.33 1.24 -4.82
C LYS B 120 2.16 -0.05 -4.53
N LEU B 121 2.08 -1.03 -5.44
CA LEU B 121 2.80 -2.26 -5.33
C LEU B 121 3.46 -2.49 -6.67
N THR B 122 4.61 -2.97 -6.69
CA THR B 122 5.31 -3.25 -7.88
C THR B 122 5.76 -4.72 -7.89
N ASP B 123 6.13 -5.24 -9.04
CA ASP B 123 6.81 -6.52 -9.10
C ASP B 123 8.05 -6.46 -8.21
N SER A 1 1.20 20.48 17.79
CA SER A 1 1.99 21.65 18.13
C SER A 1 3.27 21.29 18.87
N GLU A 2 3.53 20.01 19.08
CA GLU A 2 4.69 19.64 19.85
C GLU A 2 5.94 19.55 18.99
N ASP A 3 6.53 20.70 18.77
CA ASP A 3 7.83 20.84 18.07
C ASP A 3 7.77 20.68 16.56
N ALA A 4 6.64 20.30 16.09
CA ALA A 4 6.35 20.08 14.67
C ALA A 4 6.27 21.41 13.89
N TRP A 5 6.96 22.39 14.40
CA TRP A 5 7.08 23.67 13.80
C TRP A 5 8.19 23.53 12.78
N MET A 6 9.13 22.64 13.12
CA MET A 6 10.36 22.42 12.38
C MET A 6 10.77 20.97 12.50
N GLY A 7 10.82 20.46 13.73
CA GLY A 7 11.25 19.12 13.97
C GLY A 7 12.58 19.11 14.65
N THR A 8 12.65 19.68 15.81
CA THR A 8 13.91 19.77 16.49
C THR A 8 13.86 18.94 17.78
N HIS A 9 12.78 18.17 17.89
CA HIS A 9 12.55 17.27 19.02
C HIS A 9 13.70 16.30 19.01
N PRO A 10 14.32 16.04 20.19
CA PRO A 10 15.50 15.17 20.33
C PRO A 10 15.42 13.88 19.51
N LYS A 11 14.23 13.33 19.45
CA LYS A 11 14.00 12.12 18.75
C LYS A 11 13.87 12.35 17.25
N TYR A 12 13.15 13.40 16.83
CA TYR A 12 12.99 13.75 15.41
C TYR A 12 14.37 13.99 14.83
N LEU A 13 15.09 14.91 15.44
CA LEU A 13 16.43 15.26 15.06
C LEU A 13 17.34 14.01 15.02
N GLU A 14 17.25 13.20 16.07
CA GLU A 14 17.98 11.92 16.17
C GLU A 14 17.70 11.03 14.95
N MET A 15 16.47 11.10 14.49
CA MET A 15 16.00 10.33 13.39
C MET A 15 16.56 10.92 12.08
N MET A 16 16.75 12.23 12.04
CA MET A 16 17.32 12.91 10.89
C MET A 16 18.80 12.56 10.79
N GLU A 17 19.43 12.47 11.96
CA GLU A 17 20.85 12.14 12.08
C GLU A 17 21.17 10.71 11.62
N LEU A 18 20.14 9.95 11.27
CA LEU A 18 20.31 8.62 10.69
C LEU A 18 21.27 8.63 9.50
N ASP A 19 21.71 7.45 9.14
CA ASP A 19 22.77 7.22 8.13
C ASP A 19 22.45 7.63 6.68
N ILE A 20 21.48 8.50 6.46
CA ILE A 20 21.13 9.01 5.11
C ILE A 20 20.35 10.29 5.33
N GLY A 21 19.28 10.14 6.08
CA GLY A 21 18.44 11.25 6.48
C GLY A 21 17.74 11.90 5.29
N ASP A 22 16.60 11.38 4.97
CA ASP A 22 15.83 11.85 3.84
C ASP A 22 14.72 12.73 4.37
N ALA A 23 14.55 13.94 3.80
CA ALA A 23 13.58 14.89 4.31
C ALA A 23 12.16 14.39 4.20
N THR A 24 11.89 13.68 3.12
CA THR A 24 10.57 13.16 2.91
C THR A 24 10.35 11.99 3.85
N GLN A 25 11.41 11.19 4.06
CA GLN A 25 11.32 10.06 4.92
C GLN A 25 11.07 10.53 6.34
N VAL A 26 11.90 11.48 6.82
CA VAL A 26 11.78 11.98 8.20
C VAL A 26 10.40 12.52 8.49
N TYR A 27 9.78 13.13 7.50
CA TYR A 27 8.41 13.60 7.63
C TYR A 27 7.47 12.42 7.88
N VAL A 28 7.56 11.40 7.04
CA VAL A 28 6.69 10.24 7.12
C VAL A 28 6.94 9.45 8.38
N ALA A 29 8.22 9.24 8.67
CA ALA A 29 8.62 8.51 9.83
C ALA A 29 8.13 9.16 11.12
N PHE A 30 8.17 10.51 11.14
CA PHE A 30 7.64 11.29 12.25
C PHE A 30 6.17 10.95 12.47
N LEU A 31 5.40 10.92 11.40
CA LEU A 31 3.98 10.60 11.50
C LEU A 31 3.73 9.22 12.09
N VAL A 32 4.42 8.20 11.60
CA VAL A 32 4.19 6.86 12.10
C VAL A 32 4.74 6.69 13.52
N TYR A 33 5.95 7.21 13.79
CA TYR A 33 6.54 7.20 15.13
C TYR A 33 5.56 7.71 16.19
N LEU A 34 4.98 8.88 15.95
CA LEU A 34 4.00 9.41 16.88
C LEU A 34 2.75 8.56 16.97
N ASP A 35 2.38 7.91 15.88
CA ASP A 35 1.17 7.10 15.90
C ASP A 35 1.42 5.88 16.75
N LEU A 36 2.52 5.18 16.49
CA LEU A 36 2.92 4.04 17.29
C LEU A 36 2.96 4.38 18.76
N MET A 37 3.61 5.46 19.09
CA MET A 37 3.77 5.82 20.48
C MET A 37 2.48 6.23 21.20
N GLU A 38 1.71 7.15 20.64
CA GLU A 38 0.53 7.62 21.36
C GLU A 38 -0.76 6.89 21.00
N SER A 39 -0.78 6.15 19.92
CA SER A 39 -2.00 5.52 19.49
C SER A 39 -1.87 4.01 19.67
N LYS A 40 -0.84 3.41 19.05
CA LYS A 40 -0.59 1.96 19.18
C LYS A 40 -0.04 1.63 20.56
N SER A 41 0.39 2.66 21.29
CA SER A 41 0.94 2.50 22.63
C SER A 41 2.23 1.64 22.66
N TRP A 42 3.13 1.87 21.70
CA TRP A 42 4.39 1.14 21.63
C TRP A 42 5.29 1.46 22.82
N HIS A 43 5.73 0.42 23.48
CA HIS A 43 6.64 0.49 24.63
C HIS A 43 8.01 1.05 24.26
N GLU A 44 8.43 0.75 23.10
CA GLU A 44 9.76 1.08 22.67
C GLU A 44 9.78 1.09 21.17
N VAL A 45 10.19 2.17 20.61
CA VAL A 45 10.19 2.35 19.19
C VAL A 45 11.57 2.81 18.80
N ASN A 46 12.24 2.09 17.95
CA ASN A 46 13.59 2.46 17.59
C ASN A 46 13.61 2.72 16.14
N CYS A 47 14.53 3.47 15.71
CA CYS A 47 14.58 3.80 14.34
C CYS A 47 15.96 3.46 13.85
N VAL A 48 16.03 2.82 12.71
CA VAL A 48 17.32 2.41 12.17
C VAL A 48 17.34 2.78 10.70
N GLY A 49 18.45 3.32 10.25
CA GLY A 49 18.58 3.70 8.87
C GLY A 49 19.50 2.80 8.10
N LEU A 50 18.99 2.22 7.03
CA LEU A 50 19.79 1.36 6.18
C LEU A 50 20.10 2.00 4.86
N PRO A 51 21.31 2.56 4.73
CA PRO A 51 21.76 3.27 3.52
C PRO A 51 21.74 2.41 2.25
N GLU A 52 21.95 1.10 2.38
CA GLU A 52 22.04 0.23 1.18
C GLU A 52 20.67 0.14 0.53
N LEU A 53 19.67 0.00 1.36
CA LEU A 53 18.30 -0.13 0.90
C LEU A 53 17.60 1.23 0.88
N GLN A 54 18.30 2.24 1.40
CA GLN A 54 17.80 3.64 1.44
C GLN A 54 16.55 3.76 2.35
N LEU A 55 16.37 2.79 3.23
CA LEU A 55 15.18 2.73 4.06
C LEU A 55 15.44 2.90 5.52
N ILE A 56 14.42 3.30 6.21
CA ILE A 56 14.45 3.42 7.62
C ILE A 56 13.42 2.44 8.10
N CYS A 57 13.62 1.87 9.21
CA CYS A 57 12.68 0.94 9.74
C CYS A 57 12.68 1.00 11.23
N LEU A 58 11.51 1.00 11.78
CA LEU A 58 11.32 1.07 13.19
C LEU A 58 11.10 -0.27 13.75
N VAL A 59 11.95 -0.65 14.66
CA VAL A 59 11.89 -1.93 15.25
C VAL A 59 12.00 -1.73 16.74
N GLY A 60 11.17 -2.36 17.48
CA GLY A 60 11.31 -2.28 18.91
C GLY A 60 10.40 -3.22 19.60
N THR A 61 9.96 -2.85 20.76
CA THR A 61 9.07 -3.64 21.49
C THR A 61 7.75 -2.94 21.61
N GLU A 62 6.76 -3.46 20.93
CA GLU A 62 5.40 -2.95 21.04
C GLU A 62 4.99 -3.12 22.49
N ILE A 63 5.41 -4.24 23.06
CA ILE A 63 5.24 -4.57 24.44
C ILE A 63 6.61 -5.08 24.90
N GLU A 64 7.13 -4.58 26.01
CA GLU A 64 8.38 -5.12 26.57
C GLU A 64 8.24 -6.59 26.92
N GLY A 65 9.32 -7.33 26.83
CA GLY A 65 9.26 -8.76 27.02
C GLY A 65 9.17 -9.46 25.70
N GLU A 66 8.52 -8.80 24.78
CA GLU A 66 8.38 -9.25 23.42
C GLU A 66 9.57 -8.74 22.62
N GLY A 67 9.47 -8.78 21.32
CA GLY A 67 10.55 -8.35 20.51
C GLY A 67 10.45 -8.92 19.14
N LEU A 68 9.29 -8.75 18.54
CA LEU A 68 9.04 -9.24 17.20
C LEU A 68 8.07 -8.27 16.55
N GLN A 69 8.62 -7.17 16.05
CA GLN A 69 7.90 -6.08 15.42
C GLN A 69 8.84 -5.26 14.59
N THR A 70 8.61 -5.23 13.34
CA THR A 70 9.32 -4.38 12.45
C THR A 70 8.27 -3.61 11.66
N VAL A 71 8.26 -2.32 11.80
CA VAL A 71 7.31 -1.50 11.10
C VAL A 71 8.06 -0.52 10.24
N VAL A 72 7.65 -0.36 9.02
CA VAL A 72 8.35 0.51 8.13
C VAL A 72 7.37 1.50 7.50
N PRO A 73 7.69 2.80 7.56
CA PRO A 73 6.86 3.84 6.96
C PRO A 73 6.74 3.67 5.45
N THR A 74 5.55 3.76 4.94
CA THR A 74 5.33 3.61 3.54
C THR A 74 4.22 4.58 3.04
N PRO A 75 4.60 5.51 2.17
CA PRO A 75 3.67 6.47 1.55
C PRO A 75 2.85 5.82 0.48
N ILE A 76 1.73 6.43 0.17
CA ILE A 76 0.87 6.02 -0.94
C ILE A 76 1.67 6.01 -2.29
N THR A 77 2.85 6.63 -2.27
CA THR A 77 3.67 6.79 -3.43
C THR A 77 4.86 5.80 -3.47
N ALA A 78 5.00 4.96 -2.43
CA ALA A 78 6.12 4.01 -2.40
C ALA A 78 5.61 2.66 -2.75
N SER A 79 6.46 1.84 -3.24
CA SER A 79 6.05 0.61 -3.77
C SER A 79 6.35 -0.57 -2.88
N LEU A 80 5.43 -1.51 -2.87
CA LEU A 80 5.61 -2.77 -2.24
C LEU A 80 6.01 -3.71 -3.38
N SER A 81 6.40 -4.91 -3.10
CA SER A 81 6.67 -5.96 -4.06
C SER A 81 7.01 -7.21 -3.32
N HIS A 82 7.00 -8.35 -3.98
CA HIS A 82 7.53 -9.52 -3.33
C HIS A 82 9.07 -9.36 -3.19
N ASN A 83 9.61 -8.44 -3.98
CA ASN A 83 11.02 -8.11 -3.91
C ASN A 83 11.26 -7.22 -2.67
N ARG A 84 10.26 -6.39 -2.37
CA ARG A 84 10.25 -5.48 -1.22
C ARG A 84 10.54 -6.23 0.04
N ILE A 85 9.79 -7.31 0.24
CA ILE A 85 9.96 -8.13 1.40
C ILE A 85 11.31 -8.76 1.41
N ARG A 86 11.80 -9.17 0.23
CA ARG A 86 13.08 -9.84 0.10
C ARG A 86 14.20 -8.89 0.60
N GLU A 87 14.06 -7.60 0.30
CA GLU A 87 15.02 -6.62 0.77
C GLU A 87 14.86 -6.35 2.25
N ILE A 88 13.64 -6.13 2.67
CA ILE A 88 13.40 -5.81 4.06
C ILE A 88 13.68 -7.01 4.98
N LEU A 89 13.38 -8.22 4.51
CA LEU A 89 13.79 -9.44 5.24
C LEU A 89 15.28 -9.44 5.44
N LYS A 90 16.03 -9.13 4.38
CA LYS A 90 17.49 -9.07 4.44
C LYS A 90 17.90 -8.04 5.49
N ALA A 91 17.22 -6.90 5.44
CA ALA A 91 17.43 -5.81 6.37
C ALA A 91 17.20 -6.28 7.81
N SER A 92 16.06 -6.89 8.03
CA SER A 92 15.68 -7.37 9.34
C SER A 92 16.65 -8.45 9.83
N ARG A 93 17.10 -9.35 8.95
CA ARG A 93 18.03 -10.44 9.35
C ARG A 93 19.32 -9.85 9.84
N LYS A 94 19.65 -8.76 9.27
CA LYS A 94 20.84 -8.08 9.58
C LYS A 94 20.70 -7.30 10.87
N LEU A 95 19.56 -6.66 11.10
CA LEU A 95 19.43 -5.90 12.30
C LEU A 95 18.96 -6.74 13.51
N GLN A 96 18.33 -7.88 13.24
CA GLN A 96 17.78 -8.72 14.30
C GLN A 96 18.59 -9.97 14.56
N GLY A 97 19.38 -10.36 13.58
CA GLY A 97 20.10 -11.64 13.65
C GLY A 97 19.15 -12.83 13.87
N ASP A 98 18.79 -13.54 12.82
CA ASP A 98 17.72 -14.56 12.94
C ASP A 98 18.21 -15.93 12.53
N PRO A 99 17.57 -17.01 13.07
CA PRO A 99 17.80 -18.41 12.64
C PRO A 99 17.05 -18.70 11.30
N ASP A 100 17.07 -17.69 10.42
CA ASP A 100 16.41 -17.71 9.07
C ASP A 100 14.88 -18.06 9.17
N LEU A 101 14.29 -17.85 10.34
CA LEU A 101 12.91 -18.27 10.60
C LEU A 101 11.87 -17.40 9.86
N PRO A 102 10.69 -17.99 9.49
CA PRO A 102 9.64 -17.28 8.75
C PRO A 102 9.10 -16.08 9.54
N MET A 103 9.40 -14.90 9.05
CA MET A 103 9.07 -13.68 9.74
C MET A 103 8.38 -12.74 8.74
N SER A 104 8.23 -11.48 9.10
CA SER A 104 7.50 -10.51 8.31
C SER A 104 7.48 -9.16 9.04
N PHE A 105 6.71 -8.17 8.55
CA PHE A 105 6.72 -6.84 9.09
C PHE A 105 5.43 -6.05 8.70
N THR A 106 5.13 -5.07 9.49
CA THR A 106 3.92 -4.30 9.30
C THR A 106 4.19 -2.98 8.55
N LEU A 107 3.36 -2.74 7.58
CA LEU A 107 3.41 -1.56 6.77
C LEU A 107 2.63 -0.45 7.39
N ALA A 108 3.23 0.70 7.45
CA ALA A 108 2.58 1.87 7.94
C ALA A 108 2.32 2.76 6.76
N ILE A 109 1.09 2.75 6.30
CA ILE A 109 0.70 3.46 5.10
C ILE A 109 0.35 4.89 5.46
N VAL A 110 0.91 5.83 4.75
CA VAL A 110 0.62 7.21 5.06
C VAL A 110 0.12 7.98 3.84
N GLU A 111 -0.97 8.68 4.04
CA GLU A 111 -1.51 9.54 3.00
C GLU A 111 -0.96 10.95 3.27
N SER A 112 -1.03 11.83 2.29
CA SER A 112 -0.37 13.15 2.33
C SER A 112 -0.97 14.14 3.38
N ASP A 113 -1.73 13.65 4.33
CA ASP A 113 -2.30 14.53 5.34
C ASP A 113 -1.74 14.29 6.71
N SER A 114 -1.86 13.05 7.22
CA SER A 114 -1.47 12.71 8.62
C SER A 114 -2.10 11.36 9.03
N THR A 115 -2.70 10.63 8.11
CA THR A 115 -3.33 9.40 8.49
C THR A 115 -2.40 8.21 8.22
N ILE A 116 -2.25 7.39 9.23
CA ILE A 116 -1.42 6.21 9.18
C ILE A 116 -2.32 4.98 9.24
N VAL A 117 -2.20 4.13 8.25
CA VAL A 117 -3.01 2.94 8.14
C VAL A 117 -2.07 1.73 8.14
N TYR A 118 -2.21 0.88 9.11
CA TYR A 118 -1.36 -0.30 9.21
C TYR A 118 -1.90 -1.49 8.42
N TYR A 119 -1.05 -2.11 7.62
CA TYR A 119 -1.44 -3.25 6.80
C TYR A 119 -0.37 -4.35 6.96
N LYS A 120 -0.82 -5.56 7.22
CA LYS A 120 0.05 -6.66 7.53
C LYS A 120 0.61 -7.31 6.22
N LEU A 121 1.95 -7.36 6.10
CA LEU A 121 2.58 -7.90 4.89
C LEU A 121 3.28 -9.23 5.17
N THR A 122 2.93 -10.31 4.46
CA THR A 122 3.55 -11.54 4.82
C THR A 122 4.10 -12.21 3.56
N ASP A 123 5.04 -13.13 3.72
CA ASP A 123 5.53 -13.88 2.58
C ASP A 123 4.80 -15.21 2.44
N SER B 1 -24.47 12.21 -7.35
CA SER B 1 -25.24 13.42 -7.22
C SER B 1 -26.58 13.23 -7.91
N GLU B 2 -26.54 12.62 -9.07
CA GLU B 2 -27.73 12.37 -9.84
C GLU B 2 -28.31 11.07 -9.36
N ASP B 3 -27.61 10.02 -9.66
CA ASP B 3 -27.94 8.76 -9.16
C ASP B 3 -26.68 8.09 -8.66
N ALA B 4 -26.06 7.26 -9.50
CA ALA B 4 -24.80 6.55 -9.16
C ALA B 4 -24.97 5.56 -7.98
N TRP B 5 -25.13 6.11 -6.77
CA TRP B 5 -25.26 5.34 -5.52
C TRP B 5 -26.43 4.36 -5.52
N MET B 6 -27.44 4.69 -6.29
CA MET B 6 -28.66 3.89 -6.36
C MET B 6 -28.45 2.69 -7.32
N GLY B 7 -27.27 2.62 -7.92
CA GLY B 7 -26.95 1.52 -8.83
C GLY B 7 -27.35 1.82 -10.25
N THR B 8 -28.21 2.78 -10.41
CA THR B 8 -28.73 3.12 -11.70
C THR B 8 -27.90 4.24 -12.37
N HIS B 9 -26.70 3.87 -12.68
CA HIS B 9 -25.83 4.70 -13.45
C HIS B 9 -25.33 3.81 -14.55
N PRO B 10 -25.38 4.26 -15.83
CA PRO B 10 -24.96 3.45 -17.00
C PRO B 10 -23.64 2.71 -16.81
N LYS B 11 -22.72 3.35 -16.12
CA LYS B 11 -21.44 2.81 -15.89
C LYS B 11 -21.50 1.74 -14.77
N TYR B 12 -22.16 2.05 -13.64
CA TYR B 12 -22.30 1.09 -12.52
C TYR B 12 -22.94 -0.20 -13.05
N LEU B 13 -24.10 -0.04 -13.68
CA LEU B 13 -24.82 -1.13 -14.29
C LEU B 13 -23.91 -1.91 -15.27
N GLU B 14 -23.17 -1.18 -16.09
CA GLU B 14 -22.20 -1.73 -17.07
C GLU B 14 -21.18 -2.63 -16.35
N MET B 15 -20.83 -2.24 -15.14
CA MET B 15 -19.91 -2.95 -14.25
C MET B 15 -20.55 -4.18 -13.66
N MET B 16 -21.84 -4.12 -13.43
CA MET B 16 -22.59 -5.25 -12.92
C MET B 16 -22.71 -6.29 -14.04
N GLU B 17 -22.86 -5.76 -15.26
CA GLU B 17 -22.95 -6.55 -16.50
C GLU B 17 -21.64 -7.30 -16.84
N LEU B 18 -20.58 -7.07 -16.02
CA LEU B 18 -19.32 -7.81 -16.19
C LEU B 18 -19.52 -9.31 -16.16
N ASP B 19 -18.48 -10.02 -16.52
CA ASP B 19 -18.52 -11.47 -16.71
C ASP B 19 -18.68 -12.32 -15.43
N ILE B 20 -19.13 -11.72 -14.31
CA ILE B 20 -19.39 -12.42 -13.02
C ILE B 20 -20.29 -11.51 -12.22
N GLY B 21 -19.83 -10.27 -12.15
CA GLY B 21 -20.53 -9.17 -11.49
C GLY B 21 -21.00 -9.52 -10.10
N ASP B 22 -20.13 -9.42 -9.14
CA ASP B 22 -20.46 -9.76 -7.75
C ASP B 22 -20.94 -8.51 -7.01
N ALA B 23 -22.03 -8.64 -6.26
CA ALA B 23 -22.64 -7.53 -5.49
C ALA B 23 -21.64 -6.81 -4.56
N THR B 24 -20.80 -7.54 -3.88
CA THR B 24 -19.87 -6.92 -2.97
C THR B 24 -18.78 -6.21 -3.76
N GLN B 25 -18.33 -6.87 -4.81
CA GLN B 25 -17.34 -6.35 -5.68
C GLN B 25 -17.83 -5.04 -6.34
N VAL B 26 -19.03 -5.06 -6.92
CA VAL B 26 -19.58 -3.88 -7.58
C VAL B 26 -19.67 -2.69 -6.65
N TYR B 27 -19.98 -2.94 -5.37
CA TYR B 27 -20.00 -1.89 -4.37
C TYR B 27 -18.62 -1.26 -4.22
N VAL B 28 -17.62 -2.09 -4.02
CA VAL B 28 -16.26 -1.61 -3.78
C VAL B 28 -15.72 -0.94 -5.03
N ALA B 29 -15.95 -1.56 -6.15
CA ALA B 29 -15.50 -1.02 -7.42
C ALA B 29 -16.13 0.35 -7.68
N PHE B 30 -17.40 0.51 -7.32
CA PHE B 30 -18.08 1.79 -7.43
C PHE B 30 -17.31 2.87 -6.67
N LEU B 31 -16.95 2.57 -5.42
CA LEU B 31 -16.21 3.52 -4.61
C LEU B 31 -14.89 3.94 -5.23
N VAL B 32 -14.07 2.98 -5.68
CA VAL B 32 -12.79 3.33 -6.25
C VAL B 32 -12.93 4.04 -7.61
N TYR B 33 -13.85 3.54 -8.45
CA TYR B 33 -14.15 4.15 -9.75
C TYR B 33 -14.43 5.65 -9.62
N LEU B 34 -15.26 6.01 -8.66
CA LEU B 34 -15.56 7.42 -8.44
C LEU B 34 -14.37 8.17 -7.89
N ASP B 35 -13.55 7.50 -7.09
CA ASP B 35 -12.40 8.19 -6.49
C ASP B 35 -11.41 8.54 -7.58
N LEU B 36 -11.05 7.53 -8.39
CA LEU B 36 -10.19 7.71 -9.55
C LEU B 36 -10.67 8.83 -10.45
N MET B 37 -11.95 8.80 -10.78
CA MET B 37 -12.51 9.76 -11.72
C MET B 37 -12.53 11.19 -11.16
N GLU B 38 -13.07 11.40 -9.96
CA GLU B 38 -13.27 12.76 -9.47
C GLU B 38 -12.16 13.26 -8.56
N SER B 39 -11.34 12.37 -8.02
CA SER B 39 -10.38 12.83 -7.07
C SER B 39 -9.01 12.72 -7.65
N LYS B 40 -8.58 11.50 -8.02
CA LYS B 40 -7.27 11.30 -8.60
C LYS B 40 -7.28 11.77 -10.06
N SER B 41 -8.47 12.17 -10.53
CA SER B 41 -8.70 12.80 -11.83
C SER B 41 -8.19 11.96 -13.02
N TRP B 42 -8.34 10.63 -12.93
CA TRP B 42 -7.96 9.73 -14.00
C TRP B 42 -8.56 10.09 -15.33
N HIS B 43 -7.70 10.09 -16.32
CA HIS B 43 -8.07 10.39 -17.69
C HIS B 43 -8.92 9.27 -18.29
N GLU B 44 -8.53 8.07 -18.03
CA GLU B 44 -9.16 6.95 -18.67
C GLU B 44 -9.23 5.81 -17.70
N VAL B 45 -10.43 5.39 -17.37
CA VAL B 45 -10.62 4.30 -16.40
C VAL B 45 -11.54 3.25 -17.03
N ASN B 46 -11.10 2.00 -17.11
CA ASN B 46 -11.93 0.96 -17.69
C ASN B 46 -12.09 -0.11 -16.69
N CYS B 47 -13.08 -0.91 -16.86
CA CYS B 47 -13.37 -1.94 -15.92
C CYS B 47 -13.48 -3.27 -16.65
N VAL B 48 -12.66 -4.22 -16.26
CA VAL B 48 -12.68 -5.54 -16.89
C VAL B 48 -12.81 -6.62 -15.84
N GLY B 49 -13.69 -7.56 -16.07
CA GLY B 49 -13.87 -8.63 -15.15
C GLY B 49 -13.24 -9.91 -15.66
N LEU B 50 -12.55 -10.59 -14.79
CA LEU B 50 -11.93 -11.85 -15.15
C LEU B 50 -12.56 -12.96 -14.33
N PRO B 51 -13.48 -13.72 -14.95
CA PRO B 51 -14.23 -14.80 -14.28
C PRO B 51 -13.31 -15.90 -13.74
N GLU B 52 -12.26 -16.16 -14.49
CA GLU B 52 -11.23 -17.14 -14.16
C GLU B 52 -10.60 -16.87 -12.79
N LEU B 53 -10.53 -15.60 -12.46
CA LEU B 53 -9.91 -15.16 -11.21
C LEU B 53 -10.88 -14.51 -10.24
N GLN B 54 -12.14 -14.31 -10.67
CA GLN B 54 -13.17 -13.63 -9.85
C GLN B 54 -12.75 -12.23 -9.46
N LEU B 55 -11.97 -11.62 -10.31
CA LEU B 55 -11.50 -10.30 -10.04
C LEU B 55 -11.86 -9.35 -11.11
N ILE B 56 -11.89 -8.12 -10.75
CA ILE B 56 -12.17 -7.05 -11.63
C ILE B 56 -10.99 -6.18 -11.50
N CYS B 57 -10.61 -5.55 -12.52
CA CYS B 57 -9.51 -4.67 -12.42
C CYS B 57 -9.81 -3.50 -13.30
N LEU B 58 -9.36 -2.37 -12.90
CA LEU B 58 -9.57 -1.17 -13.62
C LEU B 58 -8.30 -0.77 -14.27
N VAL B 59 -8.30 -0.80 -15.56
CA VAL B 59 -7.14 -0.48 -16.30
C VAL B 59 -7.46 0.68 -17.17
N GLY B 60 -6.65 1.67 -17.10
CA GLY B 60 -6.85 2.80 -17.88
C GLY B 60 -5.59 3.56 -17.99
N THR B 61 -5.70 4.78 -18.33
CA THR B 61 -4.56 5.56 -18.49
C THR B 61 -4.61 6.71 -17.46
N GLU B 62 -3.67 6.69 -16.49
CA GLU B 62 -3.53 7.72 -15.44
C GLU B 62 -3.45 9.09 -16.12
N ILE B 63 -2.58 9.18 -17.10
CA ILE B 63 -2.37 10.35 -17.89
C ILE B 63 -2.35 9.87 -19.32
N GLU B 64 -3.09 10.50 -20.18
CA GLU B 64 -3.12 10.15 -21.61
C GLU B 64 -1.69 10.03 -22.18
N GLY B 65 -1.42 8.90 -22.84
CA GLY B 65 -0.12 8.68 -23.46
C GLY B 65 0.94 8.18 -22.49
N GLU B 66 1.15 8.90 -21.41
CA GLU B 66 2.19 8.58 -20.43
C GLU B 66 1.66 7.81 -19.22
N GLY B 67 0.54 7.16 -19.39
CA GLY B 67 0.00 6.38 -18.32
C GLY B 67 0.19 4.89 -18.55
N LEU B 68 -0.07 4.12 -17.50
CA LEU B 68 0.09 2.65 -17.51
C LEU B 68 -0.06 2.08 -16.12
N GLN B 69 -1.25 2.16 -15.58
CA GLN B 69 -1.50 1.54 -14.30
C GLN B 69 -2.69 0.67 -14.37
N THR B 70 -2.65 -0.35 -13.62
CA THR B 70 -3.72 -1.22 -13.40
C THR B 70 -4.10 -1.09 -11.94
N VAL B 71 -5.33 -0.77 -11.67
CA VAL B 71 -5.76 -0.59 -10.32
C VAL B 71 -6.84 -1.59 -9.99
N VAL B 72 -6.74 -2.22 -8.87
CA VAL B 72 -7.71 -3.21 -8.50
C VAL B 72 -8.24 -2.95 -7.09
N PRO B 73 -9.59 -2.92 -6.95
CA PRO B 73 -10.26 -2.72 -5.66
C PRO B 73 -9.91 -3.85 -4.66
N THR B 74 -9.56 -3.46 -3.46
CA THR B 74 -9.17 -4.40 -2.44
C THR B 74 -9.72 -3.95 -1.06
N PRO B 75 -10.47 -4.82 -0.37
CA PRO B 75 -11.02 -4.54 0.99
C PRO B 75 -9.94 -4.55 2.07
N ILE B 76 -10.12 -3.78 3.16
CA ILE B 76 -9.17 -3.76 4.32
C ILE B 76 -8.91 -5.16 4.92
N THR B 77 -9.93 -6.01 4.85
CA THR B 77 -9.93 -7.31 5.51
C THR B 77 -8.90 -8.33 4.98
N ALA B 78 -8.06 -7.90 4.07
CA ALA B 78 -7.06 -8.74 3.52
C ALA B 78 -5.66 -8.47 4.14
N SER B 79 -4.69 -9.07 3.55
CA SER B 79 -3.23 -8.98 3.88
C SER B 79 -2.50 -9.23 2.56
N LEU B 80 -1.19 -9.09 2.47
CA LEU B 80 -0.60 -9.28 1.13
C LEU B 80 0.11 -10.58 0.98
N SER B 81 -0.09 -11.20 -0.22
CA SER B 81 0.60 -12.40 -0.53
C SER B 81 1.24 -12.26 -1.92
N HIS B 82 2.46 -12.72 -2.05
CA HIS B 82 3.15 -12.67 -3.35
C HIS B 82 2.41 -13.49 -4.47
N ASN B 83 1.58 -14.43 -4.08
CA ASN B 83 0.78 -15.20 -5.05
C ASN B 83 -0.28 -14.31 -5.71
N ARG B 84 -0.77 -13.36 -4.93
CA ARG B 84 -1.73 -12.36 -5.36
C ARG B 84 -1.25 -11.59 -6.61
N ILE B 85 0.00 -11.12 -6.60
CA ILE B 85 0.55 -10.43 -7.78
C ILE B 85 0.69 -11.38 -8.95
N ARG B 86 1.19 -12.57 -8.69
CA ARG B 86 1.36 -13.60 -9.69
C ARG B 86 0.04 -13.89 -10.48
N GLU B 87 -1.08 -13.92 -9.79
CA GLU B 87 -2.37 -14.04 -10.47
C GLU B 87 -2.75 -12.77 -11.23
N ILE B 88 -2.47 -11.62 -10.67
CA ILE B 88 -2.90 -10.39 -11.30
C ILE B 88 -1.97 -10.01 -12.46
N LEU B 89 -0.68 -10.30 -12.32
CA LEU B 89 0.25 -10.19 -13.46
C LEU B 89 -0.25 -11.02 -14.62
N LYS B 90 -0.60 -12.27 -14.36
CA LYS B 90 -1.17 -13.16 -15.38
C LYS B 90 -2.42 -12.50 -16.02
N ALA B 91 -3.18 -11.86 -15.16
CA ALA B 91 -4.40 -11.19 -15.54
C ALA B 91 -4.08 -10.02 -16.46
N SER B 92 -3.12 -9.21 -16.06
CA SER B 92 -2.72 -8.08 -16.84
C SER B 92 -1.99 -8.47 -18.12
N ARG B 93 -1.25 -9.56 -18.10
CA ARG B 93 -0.56 -9.99 -19.32
C ARG B 93 -1.56 -10.28 -20.44
N LYS B 94 -2.65 -10.96 -20.09
CA LYS B 94 -3.66 -11.30 -21.09
C LYS B 94 -4.51 -10.06 -21.49
N LEU B 95 -4.60 -9.12 -20.55
CA LEU B 95 -5.40 -7.90 -20.68
C LEU B 95 -4.62 -6.81 -21.47
N GLN B 96 -3.34 -6.68 -21.19
CA GLN B 96 -2.52 -5.61 -21.78
C GLN B 96 -1.84 -6.08 -23.05
N GLY B 97 -1.48 -7.34 -23.07
CA GLY B 97 -0.70 -7.87 -24.17
C GLY B 97 0.77 -7.49 -24.08
N ASP B 98 1.26 -7.32 -22.87
CA ASP B 98 2.70 -7.08 -22.65
C ASP B 98 3.22 -8.21 -21.82
N PRO B 99 3.68 -9.30 -22.47
CA PRO B 99 4.09 -10.54 -21.81
C PRO B 99 5.16 -10.40 -20.72
N ASP B 100 6.21 -9.65 -20.99
CA ASP B 100 7.29 -9.60 -20.02
C ASP B 100 7.72 -8.20 -19.64
N LEU B 101 6.95 -7.19 -19.97
CA LEU B 101 7.37 -5.84 -19.62
C LEU B 101 7.07 -5.56 -18.17
N PRO B 102 8.07 -5.17 -17.38
CA PRO B 102 7.88 -4.89 -15.96
C PRO B 102 6.91 -3.73 -15.74
N MET B 103 5.76 -4.06 -15.22
CA MET B 103 4.77 -3.08 -14.88
C MET B 103 4.48 -3.30 -13.39
N SER B 104 3.23 -3.21 -13.00
CA SER B 104 2.78 -3.33 -11.66
C SER B 104 1.32 -2.94 -11.62
N PHE B 105 0.83 -2.67 -10.44
CA PHE B 105 -0.51 -2.31 -10.24
C PHE B 105 -0.69 -1.70 -8.86
N THR B 106 -1.68 -0.90 -8.74
CA THR B 106 -1.90 -0.15 -7.54
C THR B 106 -3.11 -0.73 -6.82
N LEU B 107 -2.96 -0.92 -5.54
CA LEU B 107 -4.00 -1.45 -4.69
C LEU B 107 -4.91 -0.33 -4.27
N ALA B 108 -6.18 -0.54 -4.39
CA ALA B 108 -7.13 0.40 -3.93
C ALA B 108 -7.78 -0.16 -2.69
N ILE B 109 -7.35 0.31 -1.55
CA ILE B 109 -7.75 -0.26 -0.28
C ILE B 109 -9.01 0.43 0.17
N VAL B 110 -10.05 -0.31 0.37
CA VAL B 110 -11.29 0.29 0.78
C VAL B 110 -11.62 -0.02 2.21
N GLU B 111 -11.78 1.05 2.96
CA GLU B 111 -12.15 1.02 4.34
C GLU B 111 -13.65 0.70 4.42
N SER B 112 -14.11 0.19 5.54
CA SER B 112 -15.52 -0.17 5.70
C SER B 112 -16.40 1.09 5.79
N ASP B 113 -15.75 2.25 5.86
CA ASP B 113 -16.41 3.55 5.89
C ASP B 113 -16.44 4.12 4.47
N SER B 114 -16.03 3.26 3.52
CA SER B 114 -16.01 3.55 2.08
C SER B 114 -14.88 4.53 1.68
N THR B 115 -13.84 4.57 2.50
CA THR B 115 -12.69 5.40 2.21
C THR B 115 -11.69 4.60 1.35
N ILE B 116 -11.13 5.23 0.33
CA ILE B 116 -10.21 4.54 -0.58
C ILE B 116 -8.79 5.02 -0.30
N VAL B 117 -7.90 4.09 -0.04
CA VAL B 117 -6.50 4.37 0.22
C VAL B 117 -5.66 3.60 -0.80
N TYR B 118 -4.92 4.31 -1.60
CA TYR B 118 -4.08 3.66 -2.61
C TYR B 118 -2.76 3.21 -2.05
N TYR B 119 -2.28 2.08 -2.49
CA TYR B 119 -1.01 1.59 -2.04
C TYR B 119 -0.33 0.88 -3.21
N LYS B 120 0.86 1.31 -3.53
CA LYS B 120 1.58 0.84 -4.64
C LYS B 120 2.16 -0.56 -4.35
N LEU B 121 1.80 -1.51 -5.19
CA LEU B 121 2.29 -2.87 -5.09
C LEU B 121 3.15 -3.10 -6.32
N THR B 122 4.24 -3.74 -6.19
CA THR B 122 5.05 -4.09 -7.35
C THR B 122 5.35 -5.59 -7.34
N ASP B 123 5.67 -6.15 -8.49
CA ASP B 123 6.16 -7.53 -8.59
C ASP B 123 7.42 -7.77 -7.74
N SER A 1 13.11 20.79 23.16
CA SER A 1 13.51 22.08 22.59
C SER A 1 15.05 22.28 22.68
N GLU A 2 15.78 21.20 22.94
CA GLU A 2 17.26 21.24 23.08
C GLU A 2 17.79 20.60 21.81
N ASP A 3 16.88 20.40 20.95
CA ASP A 3 16.99 19.57 19.81
C ASP A 3 16.51 20.27 18.55
N ALA A 4 16.62 21.57 18.58
CA ALA A 4 16.07 22.46 17.55
C ALA A 4 17.14 22.89 16.56
N TRP A 5 18.16 22.09 16.45
CA TRP A 5 19.27 22.42 15.60
C TRP A 5 19.08 21.72 14.24
N MET A 6 19.18 20.39 14.28
CA MET A 6 19.07 19.56 13.08
C MET A 6 17.58 19.29 12.81
N GLY A 7 16.80 19.52 13.82
CA GLY A 7 15.38 19.34 13.77
C GLY A 7 14.74 20.29 14.73
N THR A 8 13.90 19.76 15.62
CA THR A 8 13.25 20.54 16.66
C THR A 8 12.23 19.69 17.45
N HIS A 9 12.22 18.41 17.19
CA HIS A 9 11.47 17.48 17.97
C HIS A 9 12.42 16.37 18.39
N PRO A 10 12.46 16.02 19.71
CA PRO A 10 13.40 15.00 20.24
C PRO A 10 13.35 13.69 19.47
N LYS A 11 12.14 13.27 19.14
CA LYS A 11 11.94 12.05 18.40
C LYS A 11 12.46 12.15 16.96
N TYR A 12 12.29 13.31 16.35
CA TYR A 12 12.78 13.54 15.00
C TYR A 12 14.30 13.58 15.01
N LEU A 13 14.87 14.35 15.96
CA LEU A 13 16.32 14.45 16.13
C LEU A 13 16.93 13.05 16.33
N GLU A 14 16.34 12.30 17.25
CA GLU A 14 16.75 10.93 17.54
C GLU A 14 16.81 10.07 16.28
N MET A 15 15.85 10.29 15.40
CA MET A 15 15.78 9.57 14.14
C MET A 15 16.85 10.09 13.14
N MET A 16 17.14 11.37 13.22
CA MET A 16 18.16 12.01 12.37
C MET A 16 19.56 11.53 12.76
N GLU A 17 19.76 11.34 14.05
CA GLU A 17 21.05 10.94 14.59
C GLU A 17 21.37 9.46 14.29
N LEU A 18 20.37 8.73 13.83
CA LEU A 18 20.55 7.34 13.35
C LEU A 18 21.52 7.29 12.18
N ASP A 19 21.71 6.10 11.67
CA ASP A 19 22.47 5.91 10.46
C ASP A 19 21.74 6.67 9.36
N ILE A 20 22.42 6.98 8.30
CA ILE A 20 22.00 7.96 7.26
C ILE A 20 21.33 9.30 7.75
N GLY A 21 20.14 9.18 8.31
CA GLY A 21 19.34 10.35 8.65
C GLY A 21 18.86 11.03 7.36
N ASP A 22 18.01 10.32 6.69
CA ASP A 22 17.49 10.74 5.38
C ASP A 22 16.27 11.60 5.54
N ALA A 23 16.36 12.86 5.11
CA ALA A 23 15.27 13.87 5.22
C ALA A 23 13.89 13.33 4.81
N THR A 24 13.84 12.52 3.79
CA THR A 24 12.58 11.99 3.33
C THR A 24 12.12 10.89 4.31
N GLN A 25 13.03 9.97 4.61
CA GLN A 25 12.73 8.89 5.54
C GLN A 25 12.39 9.40 6.91
N VAL A 26 13.23 10.28 7.43
CA VAL A 26 13.02 10.83 8.76
C VAL A 26 11.69 11.55 8.88
N TYR A 27 11.25 12.24 7.83
CA TYR A 27 9.98 12.91 7.88
C TYR A 27 8.83 11.92 7.87
N VAL A 28 8.89 10.95 6.98
CA VAL A 28 7.82 9.98 6.84
C VAL A 28 7.79 9.02 8.03
N ALA A 29 8.96 8.59 8.45
CA ALA A 29 9.08 7.73 9.58
C ALA A 29 8.62 8.40 10.84
N PHE A 30 8.92 9.70 10.96
CA PHE A 30 8.46 10.50 12.10
C PHE A 30 6.96 10.47 12.19
N LEU A 31 6.30 10.68 11.05
CA LEU A 31 4.86 10.69 10.97
C LEU A 31 4.28 9.38 11.49
N VAL A 32 4.78 8.26 10.99
CA VAL A 32 4.22 6.97 11.37
C VAL A 32 4.66 6.57 12.79
N TYR A 33 5.92 6.89 13.14
CA TYR A 33 6.45 6.66 14.49
C TYR A 33 5.55 7.28 15.55
N LEU A 34 5.20 8.55 15.37
CA LEU A 34 4.29 9.20 16.31
C LEU A 34 2.88 8.63 16.23
N ASP A 35 2.51 8.12 15.06
CA ASP A 35 1.19 7.53 14.90
C ASP A 35 1.13 6.26 15.73
N LEU A 36 2.10 5.38 15.53
CA LEU A 36 2.23 4.16 16.32
C LEU A 36 2.30 4.47 17.80
N MET A 37 3.15 5.40 18.15
CA MET A 37 3.41 5.76 19.55
C MET A 37 2.15 6.26 20.29
N GLU A 38 1.51 7.29 19.77
CA GLU A 38 0.42 7.93 20.51
C GLU A 38 -0.97 7.61 19.97
N SER A 39 -1.07 7.01 18.82
CA SER A 39 -2.37 6.81 18.24
C SER A 39 -2.68 5.33 18.27
N LYS A 40 -1.83 4.52 17.64
CA LYS A 40 -2.00 3.07 17.64
C LYS A 40 -1.60 2.51 19.02
N SER A 41 -1.01 3.38 19.84
CA SER A 41 -0.58 3.07 21.18
C SER A 41 0.31 1.81 21.30
N TRP A 42 1.39 1.77 20.51
CA TRP A 42 2.36 0.69 20.62
C TRP A 42 3.11 0.79 21.94
N HIS A 43 3.48 -0.36 22.46
CA HIS A 43 4.25 -0.44 23.70
C HIS A 43 5.68 0.07 23.51
N GLU A 44 6.21 -0.17 22.37
CA GLU A 44 7.57 0.18 22.09
C GLU A 44 7.77 0.26 20.60
N VAL A 45 8.39 1.31 20.17
CA VAL A 45 8.65 1.50 18.76
C VAL A 45 10.09 1.97 18.64
N ASN A 46 10.94 1.24 17.94
CA ASN A 46 12.34 1.62 17.87
C ASN A 46 12.61 2.07 16.49
N CYS A 47 13.53 2.99 16.35
CA CYS A 47 13.81 3.56 15.06
C CYS A 47 15.14 3.06 14.63
N VAL A 48 15.19 2.40 13.51
CA VAL A 48 16.47 1.83 13.07
C VAL A 48 16.84 2.34 11.68
N GLY A 49 18.04 2.83 11.54
CA GLY A 49 18.52 3.28 10.27
C GLY A 49 19.41 2.25 9.61
N LEU A 50 19.05 1.85 8.42
CA LEU A 50 19.83 0.89 7.68
C LEU A 50 20.45 1.57 6.48
N PRO A 51 21.75 1.89 6.58
CA PRO A 51 22.47 2.71 5.59
C PRO A 51 22.72 2.04 4.24
N GLU A 52 22.69 0.73 4.18
CA GLU A 52 22.86 0.06 2.90
C GLU A 52 21.56 -0.03 2.08
N LEU A 53 20.42 -0.08 2.77
CA LEU A 53 19.11 0.06 2.11
C LEU A 53 18.67 1.53 2.12
N GLN A 54 19.38 2.30 2.94
CA GLN A 54 19.18 3.74 3.13
C GLN A 54 17.79 4.08 3.62
N LEU A 55 17.26 3.19 4.40
CA LEU A 55 15.94 3.35 4.93
C LEU A 55 15.95 3.39 6.43
N ILE A 56 14.91 3.95 6.97
CA ILE A 56 14.67 3.94 8.38
C ILE A 56 13.47 3.05 8.58
N CYS A 57 13.50 2.24 9.57
CA CYS A 57 12.49 1.26 9.78
C CYS A 57 12.16 1.17 11.24
N LEU A 58 10.93 0.92 11.55
CA LEU A 58 10.49 0.85 12.92
C LEU A 58 10.18 -0.56 13.32
N VAL A 59 10.89 -1.04 14.30
CA VAL A 59 10.68 -2.35 14.84
C VAL A 59 10.58 -2.21 16.34
N GLY A 60 9.51 -2.61 16.90
CA GLY A 60 9.36 -2.53 18.32
C GLY A 60 8.44 -3.57 18.80
N THR A 61 7.89 -3.37 19.95
CA THR A 61 7.00 -4.30 20.49
C THR A 61 5.64 -3.66 20.57
N GLU A 62 4.70 -4.19 19.81
CA GLU A 62 3.35 -3.71 19.87
C GLU A 62 2.87 -4.12 21.25
N ILE A 63 3.25 -5.33 21.61
CA ILE A 63 3.05 -5.91 22.88
C ILE A 63 4.43 -6.39 23.32
N GLU A 64 4.91 -5.96 24.48
CA GLU A 64 6.17 -6.53 24.98
C GLU A 64 6.06 -8.05 25.07
N GLY A 65 7.13 -8.72 24.73
CA GLY A 65 7.08 -10.15 24.62
C GLY A 65 7.08 -10.54 23.16
N GLU A 66 6.54 -9.68 22.30
CA GLU A 66 6.55 -9.90 20.88
C GLU A 66 7.88 -9.46 20.30
N GLY A 67 7.92 -9.40 19.00
CA GLY A 67 9.12 -9.01 18.30
C GLY A 67 9.14 -9.60 16.91
N LEU A 68 8.04 -9.43 16.20
CA LEU A 68 7.89 -10.00 14.87
C LEU A 68 7.35 -8.93 13.93
N GLN A 69 6.82 -7.87 14.50
CA GLN A 69 6.17 -6.85 13.72
C GLN A 69 7.12 -5.71 13.42
N THR A 70 7.32 -5.55 12.15
CA THR A 70 8.16 -4.56 11.58
C THR A 70 7.27 -3.63 10.82
N VAL A 71 7.48 -2.36 10.94
CA VAL A 71 6.68 -1.41 10.22
C VAL A 71 7.59 -0.45 9.49
N VAL A 72 7.34 -0.18 8.24
CA VAL A 72 8.19 0.72 7.52
C VAL A 72 7.38 1.89 6.96
N PRO A 73 7.94 3.09 7.04
CA PRO A 73 7.32 4.29 6.49
C PRO A 73 7.22 4.19 4.98
N THR A 74 6.04 4.27 4.48
CA THR A 74 5.83 4.11 3.10
C THR A 74 4.96 5.21 2.52
N PRO A 75 5.56 6.12 1.73
CA PRO A 75 4.82 7.16 1.05
C PRO A 75 4.18 6.63 -0.21
N ILE A 76 3.12 7.25 -0.63
CA ILE A 76 2.39 6.87 -1.83
C ILE A 76 3.17 7.29 -3.10
N THR A 77 4.21 8.06 -2.88
CA THR A 77 5.04 8.50 -3.96
C THR A 77 6.16 7.49 -4.23
N ALA A 78 6.17 6.42 -3.47
CA ALA A 78 7.14 5.39 -3.64
C ALA A 78 6.50 4.19 -4.29
N SER A 79 7.33 3.34 -4.84
CA SER A 79 6.85 2.17 -5.47
C SER A 79 7.38 0.93 -4.78
N LEU A 80 6.53 -0.05 -4.63
CA LEU A 80 6.87 -1.28 -3.97
C LEU A 80 7.33 -2.27 -5.04
N SER A 81 7.81 -3.37 -4.60
CA SER A 81 8.18 -4.49 -5.44
C SER A 81 8.41 -5.64 -4.52
N HIS A 82 8.13 -6.88 -4.95
CA HIS A 82 8.40 -8.03 -4.09
C HIS A 82 9.87 -8.11 -3.72
N ASN A 83 10.70 -7.40 -4.51
CA ASN A 83 12.12 -7.31 -4.23
C ASN A 83 12.30 -6.59 -2.92
N ARG A 84 11.60 -5.45 -2.77
CA ARG A 84 11.68 -4.67 -1.54
C ARG A 84 11.17 -5.50 -0.37
N ILE A 85 10.16 -6.31 -0.61
CA ILE A 85 9.67 -7.25 0.41
C ILE A 85 10.83 -8.09 0.92
N ARG A 86 11.57 -8.67 0.00
CA ARG A 86 12.74 -9.47 0.33
C ARG A 86 13.82 -8.63 1.02
N GLU A 87 13.88 -7.33 0.69
CA GLU A 87 14.86 -6.44 1.29
C GLU A 87 14.45 -6.10 2.71
N ILE A 88 13.19 -5.74 2.90
CA ILE A 88 12.68 -5.37 4.20
C ILE A 88 12.71 -6.54 5.15
N LEU A 89 12.24 -7.72 4.68
CA LEU A 89 12.34 -8.95 5.48
C LEU A 89 13.73 -9.13 5.98
N LYS A 90 14.70 -9.18 5.06
CA LYS A 90 16.12 -9.39 5.39
C LYS A 90 16.60 -8.34 6.38
N ALA A 91 16.18 -7.12 6.15
CA ALA A 91 16.53 -5.99 6.99
C ALA A 91 16.05 -6.21 8.42
N SER A 92 14.78 -6.44 8.59
CA SER A 92 14.21 -6.58 9.89
C SER A 92 14.67 -7.86 10.60
N ARG A 93 14.78 -8.97 9.86
CA ARG A 93 15.32 -10.19 10.46
C ARG A 93 16.81 -10.04 10.80
N LYS A 94 17.45 -9.04 10.20
CA LYS A 94 18.83 -8.72 10.55
C LYS A 94 18.83 -8.09 11.95
N LEU A 95 17.81 -7.27 12.24
CA LEU A 95 17.70 -6.65 13.57
C LEU A 95 17.19 -7.64 14.62
N GLN A 96 16.36 -8.58 14.20
CA GLN A 96 15.88 -9.61 15.12
C GLN A 96 16.82 -10.82 15.20
N GLY A 97 17.92 -10.73 14.50
CA GLY A 97 18.95 -11.74 14.58
C GLY A 97 18.84 -12.86 13.56
N ASP A 98 17.89 -13.76 13.74
CA ASP A 98 17.73 -14.91 12.81
C ASP A 98 17.21 -14.50 11.46
N PRO A 99 18.03 -14.66 10.40
CA PRO A 99 17.66 -14.28 9.05
C PRO A 99 16.84 -15.36 8.32
N ASP A 100 16.22 -16.26 9.06
CA ASP A 100 15.41 -17.32 8.43
C ASP A 100 14.02 -17.47 9.06
N LEU A 101 13.75 -16.73 10.12
CA LEU A 101 12.45 -16.80 10.80
C LEU A 101 11.33 -16.25 9.90
N PRO A 102 10.17 -16.97 9.85
CA PRO A 102 9.02 -16.55 9.05
C PRO A 102 8.48 -15.20 9.54
N MET A 103 8.65 -14.19 8.73
CA MET A 103 8.34 -12.85 9.11
C MET A 103 7.36 -12.16 8.12
N SER A 104 6.92 -11.02 8.53
CA SER A 104 6.00 -10.19 7.82
C SER A 104 6.21 -8.76 8.32
N PHE A 105 5.69 -7.79 7.61
CA PHE A 105 5.87 -6.43 7.99
C PHE A 105 4.65 -5.66 7.59
N THR A 106 4.40 -4.60 8.28
CA THR A 106 3.29 -3.78 8.01
C THR A 106 3.74 -2.48 7.33
N LEU A 107 3.06 -2.11 6.28
CA LEU A 107 3.34 -0.89 5.57
C LEU A 107 2.64 0.24 6.24
N ALA A 108 3.36 1.27 6.54
CA ALA A 108 2.75 2.44 7.04
C ALA A 108 2.57 3.36 5.86
N ILE A 109 1.37 3.37 5.37
CA ILE A 109 1.01 4.03 4.13
C ILE A 109 0.56 5.46 4.41
N VAL A 110 1.30 6.41 3.87
CA VAL A 110 1.02 7.80 4.15
C VAL A 110 0.85 8.63 2.87
N GLU A 111 -0.30 9.24 2.75
CA GLU A 111 -0.59 10.10 1.63
C GLU A 111 0.03 11.48 1.97
N SER A 112 0.07 12.41 1.03
CA SER A 112 0.69 13.70 1.25
C SER A 112 -0.12 14.52 2.28
N ASP A 113 -1.41 14.17 2.47
CA ASP A 113 -2.20 14.82 3.54
C ASP A 113 -1.78 14.32 4.91
N SER A 114 -0.81 13.40 4.90
CA SER A 114 -0.21 12.85 6.11
C SER A 114 -1.17 11.89 6.80
N THR A 115 -1.96 11.21 6.00
CA THR A 115 -2.86 10.21 6.48
C THR A 115 -2.16 8.85 6.48
N ILE A 116 -2.03 8.24 7.64
CA ILE A 116 -1.34 6.97 7.74
C ILE A 116 -2.36 5.83 7.84
N VAL A 117 -2.19 4.81 7.02
CA VAL A 117 -2.99 3.61 7.11
C VAL A 117 -2.04 2.40 7.08
N TYR A 118 -2.22 1.52 8.01
CA TYR A 118 -1.38 0.35 8.09
C TYR A 118 -1.93 -0.82 7.30
N TYR A 119 -1.07 -1.39 6.48
CA TYR A 119 -1.44 -2.51 5.64
C TYR A 119 -0.48 -3.67 5.87
N LYS A 120 -1.02 -4.82 6.14
CA LYS A 120 -0.28 -5.97 6.51
C LYS A 120 0.01 -6.84 5.28
N LEU A 121 1.28 -6.98 4.96
CA LEU A 121 1.65 -7.85 3.87
C LEU A 121 2.54 -8.92 4.34
N THR A 122 2.37 -10.05 3.79
CA THR A 122 3.11 -11.20 4.13
C THR A 122 3.82 -11.63 2.84
N ASP A 123 4.91 -12.34 2.93
CA ASP A 123 5.60 -12.80 1.72
C ASP A 123 4.75 -13.76 0.91
N SER B 1 -34.15 3.05 -16.58
CA SER B 1 -35.05 1.92 -16.66
C SER B 1 -34.28 0.60 -16.52
N GLU B 2 -33.02 0.60 -16.97
CA GLU B 2 -32.21 -0.60 -16.90
C GLU B 2 -31.55 -0.72 -15.56
N ASP B 3 -31.43 0.39 -14.89
CA ASP B 3 -30.75 0.47 -13.63
C ASP B 3 -31.70 0.82 -12.50
N ALA B 4 -32.21 -0.22 -11.86
CA ALA B 4 -33.18 -0.11 -10.76
C ALA B 4 -33.50 -1.51 -10.17
N TRP B 5 -32.52 -2.40 -10.17
CA TRP B 5 -32.81 -3.78 -9.73
C TRP B 5 -31.88 -4.19 -8.60
N MET B 6 -30.66 -4.46 -8.98
CA MET B 6 -29.59 -4.86 -8.07
C MET B 6 -28.84 -3.63 -7.76
N GLY B 7 -28.78 -2.82 -8.77
CA GLY B 7 -28.14 -1.60 -8.71
C GLY B 7 -29.07 -0.55 -9.14
N THR B 8 -28.75 0.61 -8.77
CA THR B 8 -29.51 1.80 -9.05
C THR B 8 -28.50 2.94 -9.32
N HIS B 9 -27.28 2.53 -9.56
CA HIS B 9 -26.24 3.40 -10.03
C HIS B 9 -25.69 2.74 -11.27
N PRO B 10 -25.78 3.42 -12.45
CA PRO B 10 -25.37 2.84 -13.75
C PRO B 10 -23.97 2.22 -13.70
N LYS B 11 -23.07 2.87 -12.99
CA LYS B 11 -21.69 2.41 -12.84
C LYS B 11 -21.68 1.05 -12.14
N TYR B 12 -22.44 0.95 -11.07
CA TYR B 12 -22.51 -0.22 -10.25
C TYR B 12 -23.15 -1.36 -11.03
N LEU B 13 -24.30 -1.10 -11.66
CA LEU B 13 -24.99 -2.08 -12.49
C LEU B 13 -24.06 -2.60 -13.61
N GLU B 14 -23.41 -1.66 -14.30
CA GLU B 14 -22.41 -1.95 -15.36
C GLU B 14 -21.39 -2.97 -14.84
N MET B 15 -20.97 -2.76 -13.61
CA MET B 15 -20.00 -3.60 -12.97
C MET B 15 -20.62 -4.96 -12.54
N MET B 16 -21.88 -4.95 -12.19
CA MET B 16 -22.57 -6.19 -11.79
C MET B 16 -22.84 -7.08 -13.00
N GLU B 17 -23.09 -6.44 -14.13
CA GLU B 17 -23.37 -7.11 -15.39
C GLU B 17 -22.12 -7.90 -15.87
N LEU B 18 -20.97 -7.57 -15.29
CA LEU B 18 -19.69 -8.24 -15.60
C LEU B 18 -19.72 -9.76 -15.27
N ASP B 19 -18.62 -10.41 -15.60
CA ASP B 19 -18.41 -11.88 -15.55
C ASP B 19 -18.41 -12.56 -14.17
N ILE B 20 -19.11 -12.06 -13.19
CA ILE B 20 -19.27 -12.67 -11.83
C ILE B 20 -20.12 -11.71 -11.06
N GLY B 21 -19.64 -10.49 -11.06
CA GLY B 21 -20.27 -9.41 -10.38
C GLY B 21 -20.46 -9.76 -8.95
N ASP B 22 -19.41 -9.72 -8.18
CA ASP B 22 -19.42 -10.21 -6.81
C ASP B 22 -19.70 -9.04 -5.92
N ALA B 23 -20.68 -9.19 -5.03
CA ALA B 23 -21.11 -8.12 -4.11
C ALA B 23 -19.97 -7.38 -3.41
N THR B 24 -18.97 -8.10 -2.94
CA THR B 24 -17.86 -7.47 -2.26
C THR B 24 -17.00 -6.70 -3.26
N GLN B 25 -16.62 -7.37 -4.35
CA GLN B 25 -15.82 -6.75 -5.38
C GLN B 25 -16.51 -5.55 -5.98
N VAL B 26 -17.76 -5.71 -6.37
CA VAL B 26 -18.52 -4.64 -7.01
C VAL B 26 -18.65 -3.41 -6.12
N TYR B 27 -18.76 -3.60 -4.81
CA TYR B 27 -18.86 -2.47 -3.91
C TYR B 27 -17.53 -1.73 -3.80
N VAL B 28 -16.48 -2.47 -3.55
CA VAL B 28 -15.16 -1.90 -3.35
C VAL B 28 -14.65 -1.31 -4.65
N ALA B 29 -14.86 -2.03 -5.74
CA ALA B 29 -14.46 -1.56 -7.04
C ALA B 29 -15.22 -0.32 -7.44
N PHE B 30 -16.51 -0.27 -7.09
CA PHE B 30 -17.34 0.90 -7.35
C PHE B 30 -16.72 2.12 -6.67
N LEU B 31 -16.33 1.94 -5.43
CA LEU B 31 -15.74 2.99 -4.64
C LEU B 31 -14.50 3.55 -5.31
N VAL B 32 -13.59 2.70 -5.72
CA VAL B 32 -12.35 3.17 -6.31
C VAL B 32 -12.57 3.64 -7.77
N TYR B 33 -13.45 2.95 -8.50
CA TYR B 33 -13.83 3.33 -9.87
C TYR B 33 -14.31 4.77 -9.92
N LEU B 34 -15.20 5.14 -9.02
CA LEU B 34 -15.67 6.51 -8.96
C LEU B 34 -14.60 7.45 -8.46
N ASP B 35 -13.68 6.94 -7.63
CA ASP B 35 -12.59 7.78 -7.14
C ASP B 35 -11.69 8.11 -8.32
N LEU B 36 -11.26 7.10 -9.04
CA LEU B 36 -10.47 7.31 -10.25
C LEU B 36 -11.19 8.22 -11.23
N MET B 37 -12.44 7.93 -11.47
CA MET B 37 -13.24 8.67 -12.45
C MET B 37 -13.36 10.16 -12.14
N GLU B 38 -13.85 10.51 -10.96
CA GLU B 38 -14.15 11.92 -10.68
C GLU B 38 -13.18 12.58 -9.71
N SER B 39 -12.29 11.82 -9.10
CA SER B 39 -11.40 12.39 -8.13
C SER B 39 -9.99 12.43 -8.71
N LYS B 40 -9.45 11.27 -9.10
CA LYS B 40 -8.11 11.23 -9.69
C LYS B 40 -8.14 11.72 -11.13
N SER B 41 -9.34 11.85 -11.69
CA SER B 41 -9.56 12.20 -13.10
C SER B 41 -8.74 11.30 -14.06
N TRP B 42 -9.37 10.25 -14.53
CA TRP B 42 -8.73 9.34 -15.43
C TRP B 42 -9.26 9.49 -16.83
N HIS B 43 -8.38 9.38 -17.78
CA HIS B 43 -8.75 9.42 -19.18
C HIS B 43 -9.63 8.24 -19.53
N GLU B 44 -9.25 7.11 -19.05
CA GLU B 44 -9.90 5.90 -19.44
C GLU B 44 -9.84 4.89 -18.31
N VAL B 45 -10.96 4.44 -17.88
CA VAL B 45 -11.03 3.45 -16.84
C VAL B 45 -12.10 2.42 -17.20
N ASN B 46 -11.74 1.16 -17.20
CA ASN B 46 -12.66 0.10 -17.61
C ASN B 46 -12.78 -0.87 -16.50
N CYS B 47 -13.90 -1.56 -16.42
CA CYS B 47 -14.15 -2.47 -15.34
C CYS B 47 -14.14 -3.84 -15.90
N VAL B 48 -13.23 -4.65 -15.46
CA VAL B 48 -13.12 -5.99 -16.02
C VAL B 48 -13.33 -7.03 -14.95
N GLY B 49 -14.22 -7.98 -15.20
CA GLY B 49 -14.42 -9.06 -14.28
C GLY B 49 -13.68 -10.29 -14.75
N LEU B 50 -12.96 -10.90 -13.86
CA LEU B 50 -12.19 -12.08 -14.20
C LEU B 50 -12.64 -13.28 -13.40
N PRO B 51 -13.37 -14.22 -14.04
CA PRO B 51 -13.90 -15.44 -13.39
C PRO B 51 -12.80 -16.33 -12.80
N GLU B 52 -11.70 -16.47 -13.55
CA GLU B 52 -10.57 -17.32 -13.16
C GLU B 52 -10.02 -16.95 -11.77
N LEU B 53 -10.02 -15.68 -11.48
CA LEU B 53 -9.49 -15.16 -10.20
C LEU B 53 -10.62 -14.66 -9.31
N GLN B 54 -11.80 -14.63 -9.89
CA GLN B 54 -13.02 -14.07 -9.31
C GLN B 54 -12.80 -12.69 -8.68
N LEU B 55 -12.28 -11.81 -9.50
CA LEU B 55 -12.07 -10.44 -9.11
C LEU B 55 -12.51 -9.48 -10.18
N ILE B 56 -12.68 -8.26 -9.79
CA ILE B 56 -12.98 -7.19 -10.69
C ILE B 56 -11.78 -6.26 -10.64
N CYS B 57 -11.36 -5.80 -11.77
CA CYS B 57 -10.16 -5.04 -11.87
C CYS B 57 -10.37 -3.88 -12.83
N LEU B 58 -9.73 -2.78 -12.58
CA LEU B 58 -9.88 -1.61 -13.40
C LEU B 58 -8.62 -1.34 -14.17
N VAL B 59 -8.72 -1.38 -15.48
CA VAL B 59 -7.58 -1.15 -16.34
C VAL B 59 -7.90 -0.04 -17.32
N GLY B 60 -7.01 0.89 -17.44
CA GLY B 60 -7.18 1.94 -18.40
C GLY B 60 -5.96 2.82 -18.45
N THR B 61 -6.19 4.06 -18.78
CA THR B 61 -5.14 5.02 -18.90
C THR B 61 -5.47 6.25 -18.08
N GLU B 62 -4.48 6.75 -17.40
CA GLU B 62 -4.67 7.95 -16.64
C GLU B 62 -4.60 9.11 -17.60
N ILE B 63 -3.74 8.97 -18.61
CA ILE B 63 -3.54 9.95 -19.65
C ILE B 63 -3.54 9.21 -21.00
N GLU B 64 -4.34 9.70 -21.93
CA GLU B 64 -4.37 9.17 -23.30
C GLU B 64 -2.96 9.23 -23.92
N GLY B 65 -2.55 8.16 -24.53
CA GLY B 65 -1.23 8.11 -25.11
C GLY B 65 -0.24 7.36 -24.26
N GLU B 66 -0.33 7.52 -22.95
CA GLU B 66 0.59 6.84 -22.05
C GLU B 66 0.20 5.37 -21.84
N GLY B 67 0.88 4.70 -20.96
CA GLY B 67 0.70 3.27 -20.79
C GLY B 67 -0.52 2.92 -19.98
N LEU B 68 -0.68 1.65 -19.69
CA LEU B 68 -1.83 1.20 -18.98
C LEU B 68 -1.58 0.89 -17.55
N GLN B 69 -2.43 1.42 -16.70
CA GLN B 69 -2.35 1.16 -15.30
C GLN B 69 -3.37 0.13 -14.98
N THR B 70 -3.03 -0.70 -14.08
CA THR B 70 -3.94 -1.64 -13.58
C THR B 70 -4.19 -1.25 -12.16
N VAL B 71 -5.41 -1.06 -11.81
CA VAL B 71 -5.72 -0.73 -10.47
C VAL B 71 -6.73 -1.73 -9.96
N VAL B 72 -6.50 -2.25 -8.79
CA VAL B 72 -7.37 -3.25 -8.26
C VAL B 72 -7.93 -2.81 -6.91
N PRO B 73 -9.23 -2.99 -6.71
CA PRO B 73 -9.87 -2.67 -5.45
C PRO B 73 -9.34 -3.56 -4.32
N THR B 74 -8.76 -2.94 -3.33
CA THR B 74 -8.14 -3.66 -2.26
C THR B 74 -8.61 -3.16 -0.88
N PRO B 75 -9.42 -3.97 -0.17
CA PRO B 75 -9.87 -3.63 1.17
C PRO B 75 -8.74 -3.89 2.19
N ILE B 76 -8.72 -3.15 3.31
CA ILE B 76 -7.68 -3.31 4.35
C ILE B 76 -7.74 -4.71 4.98
N THR B 77 -8.84 -5.39 4.77
CA THR B 77 -9.10 -6.66 5.36
C THR B 77 -8.58 -7.81 4.48
N ALA B 78 -7.89 -7.45 3.40
CA ALA B 78 -7.29 -8.42 2.53
C ALA B 78 -5.79 -8.33 2.69
N SER B 79 -5.18 -9.41 3.07
CA SER B 79 -3.74 -9.42 3.33
C SER B 79 -2.98 -9.60 2.01
N LEU B 80 -1.74 -9.13 1.95
CA LEU B 80 -1.02 -9.13 0.68
C LEU B 80 -0.08 -10.32 0.59
N SER B 81 -0.01 -10.93 -0.61
CA SER B 81 0.88 -12.01 -0.90
C SER B 81 1.47 -11.80 -2.30
N HIS B 82 2.78 -12.01 -2.48
CA HIS B 82 3.40 -11.87 -3.81
C HIS B 82 2.75 -12.80 -4.83
N ASN B 83 2.08 -13.85 -4.34
CA ASN B 83 1.34 -14.76 -5.19
C ASN B 83 0.25 -14.02 -5.92
N ARG B 84 -0.49 -13.18 -5.19
CA ARG B 84 -1.55 -12.40 -5.81
C ARG B 84 -0.96 -11.40 -6.80
N ILE B 85 0.24 -10.88 -6.50
CA ILE B 85 0.96 -10.02 -7.44
C ILE B 85 1.10 -10.73 -8.77
N ARG B 86 1.60 -11.94 -8.73
CA ARG B 86 1.74 -12.77 -9.92
C ARG B 86 0.38 -13.02 -10.61
N GLU B 87 -0.68 -13.12 -9.80
CA GLU B 87 -2.03 -13.33 -10.32
C GLU B 87 -2.56 -12.09 -11.00
N ILE B 88 -2.40 -10.93 -10.35
CA ILE B 88 -2.91 -9.68 -10.89
C ILE B 88 -2.16 -9.30 -12.15
N LEU B 89 -0.83 -9.42 -12.11
CA LEU B 89 -0.01 -9.23 -13.30
C LEU B 89 -0.55 -10.04 -14.45
N LYS B 90 -0.65 -11.35 -14.26
CA LYS B 90 -1.12 -12.28 -15.29
C LYS B 90 -2.50 -11.86 -15.80
N ALA B 91 -3.34 -11.47 -14.86
CA ALA B 91 -4.69 -11.04 -15.12
C ALA B 91 -4.68 -9.84 -16.07
N SER B 92 -3.97 -8.82 -15.68
CA SER B 92 -3.89 -7.60 -16.43
C SER B 92 -3.20 -7.79 -17.79
N ARG B 93 -2.13 -8.59 -17.83
CA ARG B 93 -1.40 -8.81 -19.10
C ARG B 93 -2.31 -9.53 -20.06
N LYS B 94 -3.19 -10.34 -19.51
CA LYS B 94 -4.16 -11.08 -20.27
C LYS B 94 -5.12 -10.10 -20.98
N LEU B 95 -5.55 -9.04 -20.27
CA LEU B 95 -6.43 -8.05 -20.92
C LEU B 95 -5.68 -7.17 -21.92
N GLN B 96 -4.43 -6.89 -21.65
CA GLN B 96 -3.63 -6.05 -22.54
C GLN B 96 -2.94 -6.89 -23.61
N GLY B 97 -3.14 -8.17 -23.48
CA GLY B 97 -2.78 -9.14 -24.49
C GLY B 97 -1.32 -9.44 -24.62
N ASP B 98 -0.52 -9.07 -23.66
CA ASP B 98 0.91 -9.24 -23.82
C ASP B 98 1.50 -9.78 -22.53
N PRO B 99 1.99 -11.02 -22.54
CA PRO B 99 2.52 -11.66 -21.35
C PRO B 99 3.99 -11.30 -21.08
N ASP B 100 4.52 -10.36 -21.83
CA ASP B 100 5.94 -9.98 -21.71
C ASP B 100 6.12 -8.59 -21.12
N LEU B 101 5.05 -7.79 -21.17
CA LEU B 101 5.11 -6.40 -20.70
C LEU B 101 5.51 -6.25 -19.24
N PRO B 102 6.62 -5.52 -18.98
CA PRO B 102 6.98 -5.16 -17.64
C PRO B 102 6.14 -3.97 -17.26
N MET B 103 5.23 -4.19 -16.38
CA MET B 103 4.29 -3.18 -16.01
C MET B 103 4.05 -3.36 -14.51
N SER B 104 2.88 -3.07 -14.04
CA SER B 104 2.63 -3.08 -12.62
C SER B 104 1.19 -2.80 -12.37
N PHE B 105 0.85 -2.58 -11.12
CA PHE B 105 -0.46 -2.29 -10.77
C PHE B 105 -0.48 -1.46 -9.50
N THR B 106 -1.50 -0.70 -9.37
CA THR B 106 -1.65 0.14 -8.25
C THR B 106 -2.77 -0.41 -7.37
N LEU B 107 -2.52 -0.50 -6.09
CA LEU B 107 -3.51 -0.95 -5.17
C LEU B 107 -4.40 0.19 -4.81
N ALA B 108 -5.67 -0.05 -4.91
CA ALA B 108 -6.60 0.90 -4.48
C ALA B 108 -6.99 0.48 -3.11
N ILE B 109 -6.40 1.11 -2.15
CA ILE B 109 -6.51 0.73 -0.79
C ILE B 109 -7.63 1.48 -0.12
N VAL B 110 -8.61 0.76 0.31
CA VAL B 110 -9.77 1.37 0.89
C VAL B 110 -9.91 1.06 2.37
N GLU B 111 -9.77 2.12 3.14
CA GLU B 111 -9.88 2.10 4.58
C GLU B 111 -11.33 1.80 4.97
N SER B 112 -11.56 1.43 6.21
CA SER B 112 -12.89 1.08 6.68
C SER B 112 -13.84 2.30 6.63
N ASP B 113 -13.25 3.49 6.68
CA ASP B 113 -14.00 4.74 6.64
C ASP B 113 -14.20 5.21 5.17
N SER B 114 -13.88 4.29 4.24
CA SER B 114 -14.03 4.49 2.79
C SER B 114 -12.97 5.44 2.21
N THR B 115 -11.85 5.53 2.89
CA THR B 115 -10.76 6.35 2.43
C THR B 115 -9.94 5.54 1.40
N ILE B 116 -9.91 5.99 0.16
CA ILE B 116 -9.14 5.29 -0.86
C ILE B 116 -7.76 5.92 -0.99
N VAL B 117 -6.72 5.12 -0.93
CA VAL B 117 -5.38 5.59 -1.14
C VAL B 117 -4.69 4.64 -2.13
N TYR B 118 -4.08 5.21 -3.12
CA TYR B 118 -3.43 4.41 -4.15
C TYR B 118 -1.98 4.15 -3.84
N TYR B 119 -1.61 2.88 -3.87
CA TYR B 119 -0.24 2.52 -3.60
C TYR B 119 0.34 1.73 -4.77
N LYS B 120 1.43 2.22 -5.27
CA LYS B 120 2.08 1.72 -6.42
C LYS B 120 3.01 0.55 -6.06
N LEU B 121 2.74 -0.63 -6.57
CA LEU B 121 3.66 -1.72 -6.39
C LEU B 121 4.06 -2.27 -7.72
N THR B 122 5.28 -2.58 -7.83
CA THR B 122 5.85 -3.12 -9.00
C THR B 122 6.14 -4.59 -8.71
N ASP B 123 6.08 -5.44 -9.73
CA ASP B 123 6.30 -6.89 -9.60
C ASP B 123 7.49 -7.26 -8.74
N SER A 1 15.11 22.27 25.55
CA SER A 1 15.47 23.13 24.46
C SER A 1 16.91 22.85 24.04
N GLU A 2 17.03 21.99 23.07
CA GLU A 2 18.30 21.51 22.54
C GLU A 2 18.05 21.04 21.14
N ASP A 3 17.09 21.61 20.54
CA ASP A 3 16.55 21.10 19.35
C ASP A 3 16.24 22.18 18.33
N ALA A 4 17.11 22.30 17.32
CA ALA A 4 16.98 23.30 16.24
C ALA A 4 18.23 23.30 15.37
N TRP A 5 18.96 22.21 15.38
CA TRP A 5 20.25 22.17 14.71
C TRP A 5 20.10 21.66 13.31
N MET A 6 19.80 20.40 13.20
CA MET A 6 19.62 19.75 11.91
C MET A 6 18.15 19.60 11.77
N GLY A 7 17.57 19.18 12.86
CA GLY A 7 16.19 19.00 12.98
C GLY A 7 15.73 19.84 14.10
N THR A 8 14.50 20.15 14.10
CA THR A 8 13.95 21.06 15.06
C THR A 8 13.35 20.32 16.26
N HIS A 9 12.84 19.16 16.03
CA HIS A 9 12.29 18.34 17.09
C HIS A 9 13.33 17.34 17.54
N PRO A 10 13.54 17.17 18.87
CA PRO A 10 14.57 16.26 19.42
C PRO A 10 14.48 14.86 18.84
N LYS A 11 13.28 14.33 18.79
CA LYS A 11 13.06 12.99 18.24
C LYS A 11 13.38 12.94 16.75
N TYR A 12 13.07 14.01 16.05
CA TYR A 12 13.37 14.13 14.63
C TYR A 12 14.90 14.20 14.45
N LEU A 13 15.53 15.13 15.18
CA LEU A 13 16.98 15.31 15.24
C LEU A 13 17.68 13.96 15.52
N GLU A 14 17.24 13.29 16.58
CA GLU A 14 17.73 11.97 16.99
C GLU A 14 17.73 10.98 15.81
N MET A 15 16.64 10.99 15.07
CA MET A 15 16.49 10.09 13.94
C MET A 15 17.51 10.42 12.83
N MET A 16 17.84 11.68 12.68
CA MET A 16 18.74 12.11 11.59
C MET A 16 20.17 11.57 11.75
N GLU A 17 20.51 11.09 12.94
CA GLU A 17 21.84 10.53 13.22
C GLU A 17 22.17 9.30 12.32
N LEU A 18 21.13 8.58 11.90
CA LEU A 18 21.32 7.45 10.96
C LEU A 18 21.34 7.88 9.53
N ASP A 19 21.12 9.17 9.40
CA ASP A 19 21.11 9.97 8.19
C ASP A 19 20.57 9.38 6.91
N ILE A 20 21.23 8.41 6.33
CA ILE A 20 20.90 7.91 4.96
C ILE A 20 20.97 8.90 3.80
N GLY A 21 20.21 9.96 3.84
CA GLY A 21 20.24 10.90 2.76
C GLY A 21 18.87 11.18 2.20
N ASP A 22 17.85 10.94 3.00
CA ASP A 22 16.50 11.17 2.55
C ASP A 22 15.61 11.66 3.67
N ALA A 23 15.24 12.92 3.58
CA ALA A 23 14.34 13.56 4.53
C ALA A 23 12.91 13.02 4.44
N THR A 24 12.60 12.34 3.33
CA THR A 24 11.26 11.78 3.15
C THR A 24 11.07 10.66 4.17
N GLN A 25 12.09 9.82 4.27
CA GLN A 25 12.11 8.76 5.24
C GLN A 25 12.05 9.31 6.63
N VAL A 26 12.92 10.26 6.91
CA VAL A 26 12.95 10.90 8.23
C VAL A 26 11.57 11.47 8.60
N TYR A 27 10.93 12.16 7.66
CA TYR A 27 9.62 12.75 7.90
C TYR A 27 8.53 11.69 8.09
N VAL A 28 8.50 10.69 7.22
CA VAL A 28 7.46 9.68 7.29
C VAL A 28 7.67 8.76 8.49
N ALA A 29 8.92 8.46 8.79
CA ALA A 29 9.23 7.66 9.94
C ALA A 29 8.88 8.41 11.21
N PHE A 30 9.12 9.71 11.21
CA PHE A 30 8.75 10.58 12.33
C PHE A 30 7.25 10.50 12.58
N LEU A 31 6.48 10.52 11.50
CA LEU A 31 5.03 10.44 11.57
C LEU A 31 4.59 9.16 12.26
N VAL A 32 5.10 8.02 11.82
CA VAL A 32 4.68 6.75 12.38
C VAL A 32 5.28 6.55 13.79
N TYR A 33 6.52 7.02 13.99
CA TYR A 33 7.20 7.01 15.29
C TYR A 33 6.29 7.64 16.35
N LEU A 34 5.82 8.85 16.07
CA LEU A 34 4.88 9.52 16.96
C LEU A 34 3.57 8.78 17.10
N ASP A 35 3.15 8.11 16.04
CA ASP A 35 1.88 7.40 16.10
C ASP A 35 2.00 6.22 17.03
N LEU A 36 3.04 5.45 16.84
CA LEU A 36 3.31 4.29 17.66
C LEU A 36 3.46 4.62 19.13
N MET A 37 4.02 5.77 19.44
CA MET A 37 4.25 6.08 20.84
C MET A 37 3.06 6.80 21.49
N GLU A 38 2.43 7.72 20.78
CA GLU A 38 1.37 8.52 21.39
C GLU A 38 -0.02 7.89 21.15
N SER A 39 -0.16 7.14 20.07
CA SER A 39 -1.46 6.66 19.67
C SER A 39 -1.55 5.17 19.96
N LYS A 40 -0.62 4.41 19.42
CA LYS A 40 -0.57 2.98 19.65
C LYS A 40 0.06 2.68 21.01
N SER A 41 0.76 3.68 21.56
CA SER A 41 1.54 3.58 22.79
C SER A 41 2.27 2.22 23.00
N TRP A 42 3.42 2.08 22.37
CA TRP A 42 4.25 0.92 22.64
C TRP A 42 5.21 1.21 23.76
N HIS A 43 5.82 0.15 24.26
CA HIS A 43 6.84 0.26 25.27
C HIS A 43 8.09 0.91 24.71
N GLU A 44 8.35 0.69 23.46
CA GLU A 44 9.57 1.17 22.88
C GLU A 44 9.42 1.20 21.40
N VAL A 45 9.98 2.20 20.81
CA VAL A 45 9.97 2.33 19.38
C VAL A 45 11.35 2.79 18.97
N ASN A 46 11.96 2.11 18.04
CA ASN A 46 13.26 2.50 17.60
C ASN A 46 13.33 2.57 16.13
N CYS A 47 14.32 3.24 15.67
CA CYS A 47 14.48 3.55 14.31
C CYS A 47 15.78 2.98 13.84
N VAL A 48 15.75 2.30 12.73
CA VAL A 48 16.94 1.72 12.16
C VAL A 48 16.97 2.05 10.68
N GLY A 49 18.08 2.55 10.24
CA GLY A 49 18.23 2.90 8.86
C GLY A 49 19.01 1.87 8.09
N LEU A 50 18.53 1.56 6.90
CA LEU A 50 19.21 0.63 6.02
C LEU A 50 19.59 1.37 4.74
N PRO A 51 20.83 1.91 4.70
CA PRO A 51 21.32 2.77 3.60
C PRO A 51 21.29 2.11 2.23
N GLU A 52 21.46 0.80 2.16
CA GLU A 52 21.52 0.12 0.86
C GLU A 52 20.12 0.05 0.27
N LEU A 53 19.15 -0.07 1.15
CA LEU A 53 17.76 -0.15 0.75
C LEU A 53 17.17 1.25 0.66
N GLN A 54 17.96 2.23 1.14
CA GLN A 54 17.63 3.65 1.10
C GLN A 54 16.37 3.90 1.96
N LEU A 55 16.22 3.10 2.98
CA LEU A 55 15.03 3.18 3.83
C LEU A 55 15.30 3.14 5.32
N ILE A 56 14.29 3.50 6.04
CA ILE A 56 14.26 3.46 7.47
C ILE A 56 13.15 2.51 7.86
N CYS A 57 13.32 1.81 8.93
CA CYS A 57 12.35 0.88 9.40
C CYS A 57 12.36 0.94 10.92
N LEU A 58 11.19 0.87 11.48
CA LEU A 58 11.02 0.93 12.91
C LEU A 58 10.70 -0.38 13.50
N VAL A 59 11.40 -0.73 14.50
CA VAL A 59 11.13 -1.91 15.23
C VAL A 59 10.88 -1.50 16.63
N GLY A 60 9.74 -1.77 17.14
CA GLY A 60 9.50 -1.43 18.48
C GLY A 60 9.17 -2.60 19.32
N THR A 61 9.27 -2.44 20.61
CA THR A 61 8.87 -3.45 21.46
C THR A 61 7.56 -3.04 22.01
N GLU A 62 6.51 -3.78 21.68
CA GLU A 62 5.21 -3.43 22.23
C GLU A 62 5.29 -3.63 23.74
N ILE A 63 6.02 -4.67 24.12
CA ILE A 63 6.38 -5.00 25.46
C ILE A 63 7.85 -5.44 25.38
N GLU A 64 8.71 -4.81 26.18
CA GLU A 64 10.16 -5.16 26.18
C GLU A 64 10.42 -6.67 26.28
N GLY A 65 11.06 -7.19 25.25
CA GLY A 65 11.38 -8.60 25.22
C GLY A 65 10.52 -9.31 24.21
N GLU A 66 9.30 -8.83 24.07
CA GLU A 66 8.33 -9.42 23.16
C GLU A 66 8.38 -8.65 21.82
N GLY A 67 9.54 -8.05 21.55
CA GLY A 67 9.77 -7.29 20.32
C GLY A 67 9.63 -8.11 19.05
N LEU A 68 8.41 -8.21 18.56
CA LEU A 68 8.05 -8.92 17.37
C LEU A 68 7.06 -8.14 16.59
N GLN A 69 7.58 -7.11 16.04
CA GLN A 69 6.89 -6.09 15.24
C GLN A 69 7.89 -5.23 14.51
N THR A 70 7.83 -5.27 13.22
CA THR A 70 8.66 -4.46 12.39
C THR A 70 7.77 -3.59 11.49
N VAL A 71 7.69 -2.34 11.78
CA VAL A 71 6.85 -1.44 11.04
C VAL A 71 7.71 -0.56 10.17
N VAL A 72 7.36 -0.41 8.93
CA VAL A 72 8.18 0.38 8.08
C VAL A 72 7.37 1.48 7.42
N PRO A 73 7.77 2.74 7.65
CA PRO A 73 7.13 3.91 7.07
C PRO A 73 7.13 3.85 5.55
N THR A 74 5.96 3.91 4.98
CA THR A 74 5.82 3.80 3.57
C THR A 74 4.77 4.84 3.05
N PRO A 75 5.23 5.83 2.29
CA PRO A 75 4.38 6.87 1.70
C PRO A 75 3.61 6.36 0.49
N ILE A 76 2.54 7.01 0.14
CA ILE A 76 1.78 6.70 -1.06
C ILE A 76 2.67 6.89 -2.34
N THR A 77 3.76 7.63 -2.20
CA THR A 77 4.62 7.94 -3.33
C THR A 77 5.70 6.85 -3.53
N ALA A 78 5.96 6.05 -2.48
CA ALA A 78 6.97 5.00 -2.60
C ALA A 78 6.32 3.76 -3.12
N SER A 79 7.08 2.72 -3.29
CA SER A 79 6.53 1.54 -3.82
C SER A 79 6.90 0.28 -3.04
N LEU A 80 6.01 -0.67 -3.07
CA LEU A 80 6.15 -1.98 -2.49
C LEU A 80 6.27 -2.94 -3.69
N SER A 81 6.71 -4.15 -3.53
CA SER A 81 6.86 -5.16 -4.62
C SER A 81 7.18 -6.44 -3.94
N HIS A 82 7.00 -7.59 -4.60
CA HIS A 82 7.38 -8.82 -3.96
C HIS A 82 8.91 -8.92 -3.81
N ASN A 83 9.65 -8.20 -4.62
CA ASN A 83 11.08 -8.13 -4.41
C ASN A 83 11.37 -7.17 -3.27
N ARG A 84 10.58 -6.10 -3.22
CA ARG A 84 10.77 -5.03 -2.24
C ARG A 84 10.55 -5.55 -0.82
N ILE A 85 9.57 -6.43 -0.63
CA ILE A 85 9.38 -7.01 0.70
C ILE A 85 10.53 -7.91 1.08
N ARG A 86 11.08 -8.60 0.09
CA ARG A 86 12.25 -9.45 0.26
C ARG A 86 13.41 -8.58 0.79
N GLU A 87 13.48 -7.34 0.30
CA GLU A 87 14.51 -6.41 0.72
C GLU A 87 14.30 -6.09 2.16
N ILE A 88 13.03 -5.81 2.48
CA ILE A 88 12.62 -5.50 3.82
C ILE A 88 12.99 -6.65 4.71
N LEU A 89 12.46 -7.86 4.40
CA LEU A 89 12.65 -9.13 5.17
C LEU A 89 14.12 -9.48 5.44
N LYS A 90 14.98 -9.20 4.55
CA LYS A 90 16.37 -9.52 4.80
C LYS A 90 16.96 -8.49 5.83
N ALA A 91 16.54 -7.23 5.70
CA ALA A 91 17.03 -6.10 6.53
C ALA A 91 16.72 -6.27 8.04
N SER A 92 15.49 -6.38 8.38
CA SER A 92 15.11 -6.46 9.78
C SER A 92 15.19 -7.88 10.35
N ARG A 93 15.28 -8.92 9.49
CA ARG A 93 15.48 -10.25 9.99
C ARG A 93 16.87 -10.28 10.54
N LYS A 94 17.75 -9.58 9.85
CA LYS A 94 19.13 -9.41 10.25
C LYS A 94 19.19 -8.66 11.57
N LEU A 95 18.33 -7.66 11.69
CA LEU A 95 18.24 -6.85 12.90
C LEU A 95 17.82 -7.70 14.09
N GLN A 96 16.86 -8.61 13.88
CA GLN A 96 16.41 -9.51 14.92
C GLN A 96 17.30 -10.76 15.06
N GLY A 97 18.30 -10.87 14.20
CA GLY A 97 19.26 -11.96 14.31
C GLY A 97 19.05 -13.22 13.45
N ASP A 98 18.63 -13.08 12.19
CA ASP A 98 18.64 -14.22 11.23
C ASP A 98 19.06 -13.68 9.86
N PRO A 99 19.77 -14.47 9.03
CA PRO A 99 20.36 -13.98 7.77
C PRO A 99 19.38 -13.61 6.62
N ASP A 100 18.30 -14.37 6.46
CA ASP A 100 17.41 -14.18 5.26
C ASP A 100 16.11 -14.97 5.38
N LEU A 101 15.65 -15.18 6.56
CA LEU A 101 14.44 -15.95 6.67
C LEU A 101 13.26 -14.96 6.69
N PRO A 102 12.25 -15.15 5.84
CA PRO A 102 11.09 -14.22 5.73
C PRO A 102 10.31 -14.08 7.06
N MET A 103 10.12 -12.84 7.54
CA MET A 103 9.40 -12.56 8.79
C MET A 103 8.04 -11.92 8.40
N SER A 104 7.35 -11.35 9.36
CA SER A 104 6.09 -10.68 9.15
C SER A 104 6.27 -9.21 9.51
N PHE A 105 5.73 -8.30 8.74
CA PHE A 105 5.95 -6.89 8.97
C PHE A 105 4.74 -6.08 8.51
N THR A 106 4.51 -5.02 9.20
CA THR A 106 3.39 -4.14 8.96
C THR A 106 3.83 -2.90 8.21
N LEU A 107 3.12 -2.66 7.15
CA LEU A 107 3.31 -1.51 6.34
C LEU A 107 2.59 -0.36 6.95
N ALA A 108 3.29 0.72 7.11
CA ALA A 108 2.67 1.92 7.58
C ALA A 108 2.48 2.79 6.37
N ILE A 109 1.29 2.79 5.88
CA ILE A 109 0.94 3.47 4.67
C ILE A 109 0.48 4.86 5.01
N VAL A 110 1.20 5.85 4.57
CA VAL A 110 0.86 7.19 4.95
C VAL A 110 0.49 8.07 3.81
N GLU A 111 -0.52 8.81 4.05
CA GLU A 111 -0.94 9.87 3.22
C GLU A 111 0.02 11.01 3.51
N SER A 112 0.33 11.82 2.54
CA SER A 112 1.31 12.89 2.71
C SER A 112 0.79 13.97 3.69
N ASP A 113 -0.47 13.88 4.04
CA ASP A 113 -1.10 14.83 4.94
C ASP A 113 -0.91 14.44 6.40
N SER A 114 -1.41 13.26 6.80
CA SER A 114 -1.51 12.86 8.23
C SER A 114 -2.01 11.41 8.39
N THR A 115 -2.79 10.94 7.42
CA THR A 115 -3.44 9.64 7.51
C THR A 115 -2.43 8.48 7.46
N ILE A 116 -2.37 7.74 8.54
CA ILE A 116 -1.49 6.60 8.66
C ILE A 116 -2.35 5.34 8.68
N VAL A 117 -2.10 4.44 7.76
CA VAL A 117 -2.87 3.23 7.63
C VAL A 117 -1.95 2.02 7.80
N TYR A 118 -2.18 1.26 8.81
CA TYR A 118 -1.42 0.04 9.04
C TYR A 118 -2.03 -1.11 8.26
N TYR A 119 -1.19 -1.81 7.52
CA TYR A 119 -1.65 -2.93 6.69
C TYR A 119 -0.70 -4.11 6.86
N LYS A 120 -1.25 -5.28 7.02
CA LYS A 120 -0.45 -6.47 7.23
C LYS A 120 -0.02 -7.15 5.95
N LEU A 121 1.28 -7.45 5.89
CA LEU A 121 1.78 -8.22 4.80
C LEU A 121 2.47 -9.44 5.36
N THR A 122 2.17 -10.59 4.79
CA THR A 122 2.72 -11.78 5.32
C THR A 122 3.75 -12.39 4.40
N ASP A 123 4.77 -12.99 4.96
CA ASP A 123 5.81 -13.65 4.18
C ASP A 123 5.27 -14.94 3.54
N SER B 1 -33.47 5.50 -14.67
CA SER B 1 -34.67 4.99 -14.05
C SER B 1 -35.11 3.69 -14.72
N GLU B 2 -34.23 3.14 -15.54
CA GLU B 2 -34.49 1.86 -16.16
C GLU B 2 -34.20 0.78 -15.17
N ASP B 3 -33.10 0.93 -14.50
CA ASP B 3 -32.75 0.03 -13.48
C ASP B 3 -32.99 0.65 -12.17
N ALA B 4 -33.82 0.04 -11.46
CA ALA B 4 -34.10 0.40 -10.11
C ALA B 4 -34.20 -0.85 -9.30
N TRP B 5 -33.71 -1.93 -9.89
CA TRP B 5 -33.90 -3.24 -9.33
C TRP B 5 -32.56 -3.83 -8.90
N MET B 6 -31.60 -3.80 -9.81
CA MET B 6 -30.28 -4.39 -9.57
C MET B 6 -29.44 -3.49 -8.69
N GLY B 7 -29.21 -2.28 -9.13
CA GLY B 7 -28.37 -1.37 -8.37
C GLY B 7 -28.86 0.04 -8.44
N THR B 8 -29.43 0.36 -9.59
CA THR B 8 -30.12 1.62 -9.94
C THR B 8 -29.13 2.66 -10.38
N HIS B 9 -27.92 2.27 -10.41
CA HIS B 9 -26.90 3.08 -10.90
C HIS B 9 -26.41 2.49 -12.19
N PRO B 10 -26.56 3.23 -13.31
CA PRO B 10 -26.17 2.78 -14.66
C PRO B 10 -24.75 2.22 -14.69
N LYS B 11 -23.86 2.92 -14.04
CA LYS B 11 -22.46 2.52 -14.00
C LYS B 11 -22.28 1.21 -13.24
N TYR B 12 -23.05 1.05 -12.18
CA TYR B 12 -23.03 -0.17 -11.39
C TYR B 12 -23.58 -1.34 -12.24
N LEU B 13 -24.76 -1.10 -12.83
CA LEU B 13 -25.44 -2.05 -13.73
C LEU B 13 -24.49 -2.50 -14.87
N GLU B 14 -23.88 -1.51 -15.52
CA GLU B 14 -22.90 -1.70 -16.61
C GLU B 14 -21.77 -2.65 -16.17
N MET B 15 -21.30 -2.47 -14.95
CA MET B 15 -20.24 -3.28 -14.41
C MET B 15 -20.69 -4.73 -14.20
N MET B 16 -21.96 -4.90 -13.86
CA MET B 16 -22.49 -6.22 -13.54
C MET B 16 -22.51 -7.16 -14.78
N GLU B 17 -22.41 -6.58 -15.96
CA GLU B 17 -22.37 -7.36 -17.23
C GLU B 17 -21.17 -8.35 -17.27
N LEU B 18 -20.12 -8.03 -16.55
CA LEU B 18 -18.94 -8.90 -16.50
C LEU B 18 -19.00 -9.87 -15.34
N ASP B 19 -20.21 -10.00 -14.81
CA ASP B 19 -20.58 -10.83 -13.65
C ASP B 19 -19.65 -12.01 -13.40
N ILE B 20 -19.15 -12.04 -12.25
CA ILE B 20 -18.27 -13.09 -11.81
C ILE B 20 -18.92 -13.89 -10.72
N GLY B 21 -19.74 -13.23 -9.92
CA GLY B 21 -20.39 -13.91 -8.85
C GLY B 21 -20.05 -13.29 -7.51
N ASP B 22 -19.66 -12.02 -7.52
CA ASP B 22 -19.32 -11.36 -6.30
C ASP B 22 -19.69 -9.89 -6.32
N ALA B 23 -20.71 -9.55 -5.56
CA ALA B 23 -21.18 -8.19 -5.40
C ALA B 23 -20.18 -7.34 -4.60
N THR B 24 -19.26 -7.99 -3.88
CA THR B 24 -18.27 -7.28 -3.09
C THR B 24 -17.36 -6.53 -4.07
N GLN B 25 -16.91 -7.26 -5.09
CA GLN B 25 -16.11 -6.72 -6.15
C GLN B 25 -16.81 -5.61 -6.85
N VAL B 26 -18.04 -5.87 -7.25
CA VAL B 26 -18.86 -4.88 -7.94
C VAL B 26 -18.97 -3.59 -7.11
N TYR B 27 -19.21 -3.73 -5.81
CA TYR B 27 -19.35 -2.58 -4.93
C TYR B 27 -18.04 -1.83 -4.73
N VAL B 28 -16.97 -2.56 -4.45
CA VAL B 28 -15.67 -1.93 -4.17
C VAL B 28 -15.11 -1.32 -5.45
N ALA B 29 -15.31 -2.02 -6.56
CA ALA B 29 -14.88 -1.51 -7.84
C ALA B 29 -15.64 -0.27 -8.21
N PHE B 30 -16.92 -0.26 -7.89
CA PHE B 30 -17.78 0.89 -8.12
C PHE B 30 -17.23 2.09 -7.35
N LEU B 31 -16.85 1.85 -6.10
CA LEU B 31 -16.29 2.90 -5.26
C LEU B 31 -15.06 3.53 -5.91
N VAL B 32 -14.10 2.72 -6.33
CA VAL B 32 -12.88 3.27 -6.90
C VAL B 32 -13.13 3.84 -8.31
N TYR B 33 -14.03 3.18 -9.05
CA TYR B 33 -14.45 3.64 -10.38
C TYR B 33 -14.90 5.11 -10.33
N LEU B 34 -15.77 5.42 -9.38
CA LEU B 34 -16.22 6.80 -9.21
C LEU B 34 -15.10 7.69 -8.69
N ASP B 35 -14.18 7.13 -7.93
CA ASP B 35 -13.08 7.93 -7.38
C ASP B 35 -12.19 8.37 -8.53
N LEU B 36 -11.75 7.42 -9.32
CA LEU B 36 -10.91 7.67 -10.47
C LEU B 36 -11.54 8.66 -11.44
N MET B 37 -12.84 8.62 -11.60
CA MET B 37 -13.45 9.45 -12.61
C MET B 37 -13.78 10.83 -12.08
N GLU B 38 -14.24 10.94 -10.84
CA GLU B 38 -14.64 12.25 -10.34
C GLU B 38 -13.80 12.89 -9.25
N SER B 39 -12.88 12.18 -8.67
CA SER B 39 -12.00 12.80 -7.72
C SER B 39 -10.57 12.86 -8.26
N LYS B 40 -10.08 11.73 -8.79
CA LYS B 40 -8.79 11.70 -9.47
C LYS B 40 -8.93 12.26 -10.87
N SER B 41 -10.17 12.26 -11.35
CA SER B 41 -10.52 12.67 -12.72
C SER B 41 -9.55 12.21 -13.82
N TRP B 42 -9.70 10.99 -14.28
CA TRP B 42 -8.89 10.52 -15.38
C TRP B 42 -9.71 10.45 -16.66
N HIS B 43 -9.00 10.38 -17.77
CA HIS B 43 -9.59 10.27 -19.09
C HIS B 43 -10.36 8.96 -19.31
N GLU B 44 -9.77 7.87 -18.91
CA GLU B 44 -10.35 6.57 -19.22
C GLU B 44 -10.26 5.68 -18.03
N VAL B 45 -11.37 5.16 -17.61
CA VAL B 45 -11.41 4.17 -16.54
C VAL B 45 -12.35 3.04 -16.97
N ASN B 46 -11.86 1.83 -17.06
CA ASN B 46 -12.69 0.71 -17.44
C ASN B 46 -12.56 -0.42 -16.49
N CYS B 47 -13.47 -1.34 -16.57
CA CYS B 47 -13.56 -2.41 -15.63
C CYS B 47 -13.41 -3.72 -16.36
N VAL B 48 -12.52 -4.56 -15.89
CA VAL B 48 -12.32 -5.87 -16.46
C VAL B 48 -12.35 -6.90 -15.36
N GLY B 49 -13.16 -7.90 -15.54
CA GLY B 49 -13.23 -8.95 -14.58
C GLY B 49 -12.42 -10.14 -15.00
N LEU B 50 -11.83 -10.80 -14.03
CA LEU B 50 -11.07 -11.99 -14.28
C LEU B 50 -11.67 -13.12 -13.49
N PRO B 51 -12.55 -13.91 -14.12
CA PRO B 51 -13.25 -15.02 -13.47
C PRO B 51 -12.27 -16.03 -12.85
N GLU B 52 -11.16 -16.28 -13.52
CA GLU B 52 -10.15 -17.23 -13.02
C GLU B 52 -9.57 -16.78 -11.68
N LEU B 53 -9.53 -15.48 -11.49
CA LEU B 53 -9.01 -14.91 -10.26
C LEU B 53 -10.14 -14.43 -9.34
N GLN B 54 -11.39 -14.58 -9.82
CA GLN B 54 -12.60 -14.17 -9.07
C GLN B 54 -12.58 -12.68 -8.70
N LEU B 55 -11.88 -11.90 -9.46
CA LEU B 55 -11.71 -10.50 -9.15
C LEU B 55 -12.00 -9.57 -10.29
N ILE B 56 -12.09 -8.31 -9.97
CA ILE B 56 -12.28 -7.25 -10.90
C ILE B 56 -11.09 -6.31 -10.79
N CYS B 57 -10.69 -5.74 -11.88
CA CYS B 57 -9.57 -4.86 -11.92
C CYS B 57 -9.89 -3.75 -12.91
N LEU B 58 -9.43 -2.57 -12.61
CA LEU B 58 -9.69 -1.42 -13.44
C LEU B 58 -8.45 -0.95 -14.10
N VAL B 59 -8.54 -0.77 -15.36
CA VAL B 59 -7.46 -0.27 -16.13
C VAL B 59 -7.87 1.03 -16.71
N GLY B 60 -7.13 2.03 -16.43
CA GLY B 60 -7.46 3.28 -16.94
C GLY B 60 -6.40 3.81 -17.83
N THR B 61 -6.75 4.74 -18.63
CA THR B 61 -5.82 5.38 -19.45
C THR B 61 -5.82 6.82 -18.97
N GLU B 62 -4.76 7.17 -18.24
CA GLU B 62 -4.64 8.49 -17.61
C GLU B 62 -4.66 9.56 -18.68
N ILE B 63 -3.95 9.26 -19.75
CA ILE B 63 -3.86 10.07 -20.92
C ILE B 63 -4.00 9.12 -22.07
N GLU B 64 -5.02 9.31 -22.88
CA GLU B 64 -5.25 8.41 -24.03
C GLU B 64 -3.99 8.20 -24.87
N GLY B 65 -3.82 6.96 -25.32
CA GLY B 65 -2.63 6.58 -26.05
C GLY B 65 -1.43 6.26 -25.17
N GLU B 66 -1.18 7.08 -24.15
CA GLU B 66 0.03 6.94 -23.32
C GLU B 66 -0.32 6.41 -21.92
N GLY B 67 -1.50 5.87 -21.79
CA GLY B 67 -1.96 5.41 -20.52
C GLY B 67 -1.26 4.18 -20.01
N LEU B 68 -1.01 4.19 -18.74
CA LEU B 68 -0.39 3.11 -18.05
C LEU B 68 -0.92 3.18 -16.63
N GLN B 69 -1.97 2.44 -16.36
CA GLN B 69 -2.64 2.48 -15.06
C GLN B 69 -3.44 1.23 -14.88
N THR B 70 -3.05 0.45 -13.94
CA THR B 70 -3.84 -0.63 -13.52
C THR B 70 -4.13 -0.38 -12.07
N VAL B 71 -5.39 -0.34 -11.71
CA VAL B 71 -5.83 -0.16 -10.34
C VAL B 71 -6.79 -1.28 -9.96
N VAL B 72 -6.57 -1.92 -8.86
CA VAL B 72 -7.45 -3.00 -8.49
C VAL B 72 -8.07 -2.80 -7.13
N PRO B 73 -9.42 -2.76 -7.10
CA PRO B 73 -10.19 -2.60 -5.87
C PRO B 73 -9.90 -3.72 -4.88
N THR B 74 -9.48 -3.35 -3.72
CA THR B 74 -9.09 -4.29 -2.71
C THR B 74 -9.61 -3.81 -1.33
N PRO B 75 -10.45 -4.63 -0.67
CA PRO B 75 -10.96 -4.30 0.68
C PRO B 75 -9.80 -4.32 1.69
N ILE B 76 -9.76 -3.38 2.63
CA ILE B 76 -8.62 -3.21 3.51
C ILE B 76 -8.55 -4.32 4.59
N THR B 77 -9.63 -5.07 4.74
CA THR B 77 -9.73 -6.14 5.74
C THR B 77 -8.95 -7.41 5.24
N ALA B 78 -8.21 -7.23 4.18
CA ALA B 78 -7.42 -8.27 3.62
C ALA B 78 -5.97 -8.14 4.10
N SER B 79 -5.11 -8.91 3.52
CA SER B 79 -3.66 -8.88 3.82
C SER B 79 -2.95 -9.23 2.52
N LEU B 80 -1.66 -9.02 2.43
CA LEU B 80 -1.01 -9.19 1.14
C LEU B 80 -0.16 -10.41 1.08
N SER B 81 -0.18 -11.04 -0.08
CA SER B 81 0.59 -12.20 -0.31
C SER B 81 1.24 -12.09 -1.69
N HIS B 82 2.53 -12.37 -1.75
CA HIS B 82 3.28 -12.26 -3.02
C HIS B 82 2.73 -13.13 -4.18
N ASN B 83 2.10 -14.23 -3.88
CA ASN B 83 1.49 -15.04 -4.95
C ASN B 83 0.28 -14.35 -5.52
N ARG B 84 -0.45 -13.65 -4.66
CA ARG B 84 -1.66 -12.95 -5.06
C ARG B 84 -1.33 -11.86 -6.09
N ILE B 85 -0.21 -11.14 -5.90
CA ILE B 85 0.17 -10.14 -6.89
C ILE B 85 0.54 -10.75 -8.23
N ARG B 86 1.19 -11.91 -8.18
CA ARG B 86 1.55 -12.68 -9.37
C ARG B 86 0.28 -12.92 -10.20
N GLU B 87 -0.82 -13.21 -9.51
CA GLU B 87 -2.10 -13.43 -10.15
C GLU B 87 -2.55 -12.14 -10.85
N ILE B 88 -2.38 -11.03 -10.15
CA ILE B 88 -2.81 -9.73 -10.66
C ILE B 88 -2.01 -9.37 -11.92
N LEU B 89 -0.69 -9.42 -11.79
CA LEU B 89 0.22 -9.13 -12.89
C LEU B 89 -0.11 -9.88 -14.15
N LYS B 90 -0.19 -11.20 -14.06
CA LYS B 90 -0.47 -12.04 -15.23
C LYS B 90 -1.82 -11.61 -15.89
N ALA B 91 -2.75 -11.13 -15.05
CA ALA B 91 -4.12 -10.75 -15.49
C ALA B 91 -4.12 -9.54 -16.37
N SER B 92 -3.54 -8.48 -15.88
CA SER B 92 -3.62 -7.24 -16.59
C SER B 92 -2.49 -7.13 -17.60
N ARG B 93 -1.43 -7.93 -17.42
CA ARG B 93 -0.35 -7.95 -18.39
C ARG B 93 -0.92 -8.51 -19.68
N LYS B 94 -1.72 -9.55 -19.51
CA LYS B 94 -2.46 -10.18 -20.58
C LYS B 94 -3.39 -9.16 -21.25
N LEU B 95 -4.05 -8.37 -20.42
CA LEU B 95 -4.99 -7.36 -20.88
C LEU B 95 -4.30 -6.26 -21.71
N GLN B 96 -3.10 -5.87 -21.30
CA GLN B 96 -2.32 -4.88 -22.04
C GLN B 96 -1.59 -5.47 -23.24
N GLY B 97 -1.52 -6.78 -23.30
CA GLY B 97 -0.88 -7.46 -24.42
C GLY B 97 0.62 -7.21 -24.56
N ASP B 98 1.24 -6.55 -23.60
CA ASP B 98 2.67 -6.27 -23.67
C ASP B 98 3.38 -7.06 -22.61
N PRO B 99 3.86 -8.26 -22.93
CA PRO B 99 4.53 -9.11 -21.95
C PRO B 99 5.95 -8.65 -21.65
N ASP B 100 6.42 -7.67 -22.40
CA ASP B 100 7.81 -7.25 -22.29
C ASP B 100 8.01 -5.84 -21.74
N LEU B 101 6.96 -5.03 -21.67
CA LEU B 101 7.14 -3.67 -21.12
C LEU B 101 6.83 -3.63 -19.63
N PRO B 102 7.82 -3.24 -18.80
CA PRO B 102 7.68 -3.18 -17.33
C PRO B 102 6.49 -2.34 -16.93
N MET B 103 5.57 -2.94 -16.22
CA MET B 103 4.37 -2.23 -15.88
C MET B 103 4.25 -2.17 -14.35
N SER B 104 3.13 -1.84 -13.84
CA SER B 104 2.95 -1.64 -12.45
C SER B 104 1.49 -1.66 -12.12
N PHE B 105 1.16 -1.64 -10.86
CA PHE B 105 -0.19 -1.60 -10.50
C PHE B 105 -0.33 -0.86 -9.16
N THR B 106 -1.46 -0.25 -8.97
CA THR B 106 -1.78 0.47 -7.78
C THR B 106 -2.96 -0.20 -7.02
N LEU B 107 -2.74 -0.52 -5.79
CA LEU B 107 -3.72 -1.11 -4.93
C LEU B 107 -4.64 -0.07 -4.41
N ALA B 108 -5.91 -0.33 -4.57
CA ALA B 108 -6.90 0.52 -4.04
C ALA B 108 -7.43 -0.13 -2.80
N ILE B 109 -6.96 0.36 -1.69
CA ILE B 109 -7.25 -0.18 -0.39
C ILE B 109 -8.43 0.57 0.17
N VAL B 110 -9.55 -0.08 0.22
CA VAL B 110 -10.72 0.60 0.71
C VAL B 110 -11.11 0.19 2.08
N GLU B 111 -11.30 1.17 2.87
CA GLU B 111 -11.80 1.04 4.17
C GLU B 111 -13.30 0.80 4.01
N SER B 112 -13.88 0.01 4.90
CA SER B 112 -15.24 -0.49 4.75
C SER B 112 -16.29 0.63 4.57
N ASP B 113 -16.04 1.76 5.16
CA ASP B 113 -16.98 2.85 5.09
C ASP B 113 -16.78 3.79 3.90
N SER B 114 -15.53 4.19 3.60
CA SER B 114 -15.33 5.29 2.64
C SER B 114 -13.88 5.46 2.19
N THR B 115 -12.93 5.26 3.10
CA THR B 115 -11.55 5.64 2.84
C THR B 115 -10.88 4.78 1.76
N ILE B 116 -10.66 5.38 0.62
CA ILE B 116 -9.97 4.72 -0.47
C ILE B 116 -8.51 5.15 -0.42
N VAL B 117 -7.63 4.22 -0.20
CA VAL B 117 -6.22 4.52 -0.07
C VAL B 117 -5.46 3.86 -1.20
N TYR B 118 -4.85 4.65 -2.03
CA TYR B 118 -4.04 4.15 -3.10
C TYR B 118 -2.64 3.86 -2.62
N TYR B 119 -2.14 2.70 -2.95
CA TYR B 119 -0.80 2.30 -2.53
C TYR B 119 -0.08 1.64 -3.71
N LYS B 120 1.18 1.98 -3.92
CA LYS B 120 1.92 1.42 -5.03
C LYS B 120 2.66 0.13 -4.72
N LEU B 121 2.56 -0.80 -5.65
CA LEU B 121 3.25 -2.04 -5.59
C LEU B 121 3.80 -2.30 -7.01
N THR B 122 5.07 -2.47 -7.09
CA THR B 122 5.81 -2.64 -8.31
C THR B 122 5.98 -4.14 -8.65
N ASP B 123 5.85 -4.49 -9.94
CA ASP B 123 5.95 -5.86 -10.43
C ASP B 123 7.26 -6.57 -10.07
N SER A 1 16.66 25.64 25.57
CA SER A 1 16.55 25.59 24.12
C SER A 1 16.26 24.19 23.65
N GLU A 2 17.29 23.35 23.66
CA GLU A 2 17.20 21.96 23.23
C GLU A 2 16.84 21.80 21.76
N ASP A 3 17.07 20.61 21.27
CA ASP A 3 16.64 20.03 19.97
C ASP A 3 16.90 20.81 18.64
N ALA A 4 16.55 22.05 18.59
CA ALA A 4 16.51 22.88 17.37
C ALA A 4 17.89 23.31 16.88
N TRP A 5 18.91 22.66 17.35
CA TRP A 5 20.26 22.96 16.95
C TRP A 5 20.46 22.41 15.55
N MET A 6 19.81 21.30 15.31
CA MET A 6 19.98 20.51 14.09
C MET A 6 18.63 19.96 13.68
N GLY A 7 17.98 19.30 14.63
CA GLY A 7 16.68 18.76 14.38
C GLY A 7 15.63 19.70 14.85
N THR A 8 14.70 19.21 15.65
CA THR A 8 13.67 20.09 16.17
C THR A 8 12.85 19.45 17.29
N HIS A 9 12.83 18.17 17.34
CA HIS A 9 12.26 17.47 18.46
C HIS A 9 13.27 16.50 18.96
N PRO A 10 13.36 16.26 20.27
CA PRO A 10 14.34 15.31 20.86
C PRO A 10 14.32 13.96 20.14
N LYS A 11 13.14 13.40 19.98
CA LYS A 11 12.99 12.12 19.30
C LYS A 11 13.35 12.22 17.82
N TYR A 12 12.90 13.29 17.15
CA TYR A 12 13.24 13.54 15.75
C TYR A 12 14.77 13.67 15.60
N LEU A 13 15.39 14.45 16.47
CA LEU A 13 16.84 14.61 16.52
C LEU A 13 17.54 13.24 16.73
N GLU A 14 16.99 12.45 17.66
CA GLU A 14 17.44 11.06 17.91
C GLU A 14 17.37 10.26 16.59
N MET A 15 16.36 10.57 15.80
CA MET A 15 16.13 9.97 14.51
C MET A 15 17.08 10.51 13.45
N MET A 16 17.45 11.77 13.57
CA MET A 16 18.42 12.36 12.64
C MET A 16 19.80 11.78 12.86
N GLU A 17 20.01 11.30 14.07
CA GLU A 17 21.25 10.65 14.44
C GLU A 17 21.38 9.23 13.81
N LEU A 18 20.32 8.79 13.14
CA LEU A 18 20.38 7.52 12.41
C LEU A 18 21.49 7.54 11.33
N ASP A 19 21.84 6.37 10.84
CA ASP A 19 22.99 6.18 9.93
C ASP A 19 22.75 6.67 8.54
N ILE A 20 21.65 7.30 8.27
CA ILE A 20 21.36 7.66 6.92
C ILE A 20 20.76 9.00 6.88
N GLY A 21 21.47 9.85 6.25
CA GLY A 21 21.08 11.24 6.10
C GLY A 21 19.95 11.42 5.10
N ASP A 22 18.76 11.06 5.51
CA ASP A 22 17.63 11.19 4.64
C ASP A 22 16.49 11.89 5.35
N ALA A 23 16.24 13.13 4.94
CA ALA A 23 15.22 13.98 5.58
C ALA A 23 13.82 13.47 5.33
N THR A 24 13.61 12.80 4.21
CA THR A 24 12.31 12.28 3.89
C THR A 24 12.01 11.11 4.81
N GLN A 25 13.00 10.23 4.98
CA GLN A 25 12.85 9.11 5.87
C GLN A 25 12.61 9.55 7.29
N VAL A 26 13.45 10.44 7.77
CA VAL A 26 13.31 10.96 9.13
C VAL A 26 11.94 11.60 9.35
N TYR A 27 11.48 12.43 8.40
CA TYR A 27 10.19 13.09 8.52
C TYR A 27 9.02 12.09 8.51
N VAL A 28 9.01 11.19 7.55
CA VAL A 28 7.91 10.27 7.41
C VAL A 28 7.91 9.23 8.50
N ALA A 29 9.10 8.76 8.87
CA ALA A 29 9.21 7.80 9.94
C ALA A 29 8.77 8.41 11.24
N PHE A 30 9.09 9.69 11.44
CA PHE A 30 8.69 10.41 12.66
C PHE A 30 7.18 10.42 12.78
N LEU A 31 6.52 10.62 11.65
CA LEU A 31 5.07 10.64 11.60
C LEU A 31 4.50 9.32 12.09
N VAL A 32 5.01 8.20 11.56
CA VAL A 32 4.45 6.91 11.93
C VAL A 32 4.95 6.48 13.33
N TYR A 33 6.20 6.80 13.65
CA TYR A 33 6.80 6.55 14.96
C TYR A 33 5.91 7.11 16.07
N LEU A 34 5.53 8.37 15.94
CA LEU A 34 4.61 8.99 16.88
C LEU A 34 3.22 8.42 16.78
N ASP A 35 2.84 7.94 15.62
CA ASP A 35 1.50 7.41 15.47
C ASP A 35 1.41 6.09 16.20
N LEU A 36 2.34 5.18 15.96
CA LEU A 36 2.38 3.88 16.65
C LEU A 36 2.38 4.04 18.14
N MET A 37 3.25 4.88 18.63
CA MET A 37 3.43 5.04 20.07
C MET A 37 2.25 5.74 20.74
N GLU A 38 1.75 6.77 20.12
CA GLU A 38 0.69 7.57 20.73
C GLU A 38 -0.69 7.05 20.40
N SER A 39 -0.78 6.09 19.49
CA SER A 39 -2.06 5.55 19.16
C SER A 39 -2.18 4.08 19.61
N LYS A 40 -1.29 3.19 19.12
CA LYS A 40 -1.38 1.77 19.44
C LYS A 40 -0.54 1.36 20.63
N SER A 41 0.28 2.31 21.14
CA SER A 41 1.15 2.13 22.34
C SER A 41 1.65 0.68 22.63
N TRP A 42 2.76 0.29 22.07
CA TRP A 42 3.36 -1.02 22.41
C TRP A 42 4.37 -0.87 23.54
N HIS A 43 5.00 -2.00 23.94
CA HIS A 43 6.02 -1.95 24.99
C HIS A 43 7.21 -1.11 24.58
N GLU A 44 7.53 -1.13 23.33
CA GLU A 44 8.69 -0.43 22.87
C GLU A 44 8.50 -0.16 21.40
N VAL A 45 8.98 0.97 20.94
CA VAL A 45 8.98 1.31 19.53
C VAL A 45 10.33 1.93 19.24
N ASN A 46 11.08 1.38 18.30
CA ASN A 46 12.42 1.86 18.07
C ASN A 46 12.50 2.32 16.69
N CYS A 47 13.41 3.21 16.44
CA CYS A 47 13.59 3.74 15.14
C CYS A 47 14.90 3.19 14.65
N VAL A 48 14.88 2.46 13.59
CA VAL A 48 16.09 1.79 13.15
C VAL A 48 16.44 2.22 11.75
N GLY A 49 17.66 2.67 11.58
CA GLY A 49 18.12 3.07 10.29
C GLY A 49 18.90 1.97 9.65
N LEU A 50 18.37 1.47 8.57
CA LEU A 50 19.03 0.42 7.83
C LEU A 50 19.66 1.02 6.58
N PRO A 51 21.00 1.29 6.64
CA PRO A 51 21.73 1.98 5.56
C PRO A 51 21.92 1.10 4.35
N GLU A 52 21.85 -0.18 4.57
CA GLU A 52 22.00 -1.16 3.54
C GLU A 52 20.85 -1.09 2.52
N LEU A 53 19.65 -0.91 3.02
CA LEU A 53 18.50 -0.72 2.13
C LEU A 53 18.19 0.74 1.97
N GLN A 54 18.74 1.52 2.88
CA GLN A 54 18.49 2.96 3.00
C GLN A 54 17.03 3.25 3.37
N LEU A 55 16.47 2.32 4.12
CA LEU A 55 15.11 2.42 4.62
C LEU A 55 15.14 2.57 6.12
N ILE A 56 14.15 3.21 6.66
CA ILE A 56 13.99 3.30 8.08
C ILE A 56 12.86 2.39 8.43
N CYS A 57 12.97 1.70 9.50
CA CYS A 57 11.95 0.79 9.88
C CYS A 57 11.78 0.84 11.37
N LEU A 58 10.58 0.83 11.80
CA LEU A 58 10.27 0.90 13.19
C LEU A 58 9.98 -0.45 13.67
N VAL A 59 10.77 -0.89 14.57
CA VAL A 59 10.57 -2.15 15.14
C VAL A 59 10.50 -1.94 16.57
N GLY A 60 9.42 -2.26 17.09
CA GLY A 60 9.25 -2.12 18.45
C GLY A 60 9.12 -3.41 19.08
N THR A 61 9.32 -3.45 20.33
CA THR A 61 9.15 -4.63 21.00
C THR A 61 7.70 -4.61 21.42
N GLU A 62 6.89 -5.36 20.69
CA GLU A 62 5.46 -5.42 20.88
C GLU A 62 5.19 -5.72 22.37
N ILE A 63 5.84 -6.77 22.86
CA ILE A 63 5.88 -7.18 24.25
C ILE A 63 7.27 -7.74 24.46
N GLU A 64 8.05 -7.15 25.35
CA GLU A 64 9.43 -7.66 25.54
C GLU A 64 9.46 -9.07 26.09
N GLY A 65 10.01 -9.94 25.30
CA GLY A 65 10.13 -11.34 25.57
C GLY A 65 10.02 -12.02 24.24
N GLU A 66 9.11 -11.46 23.45
CA GLU A 66 8.94 -11.78 22.06
C GLU A 66 9.54 -10.55 21.34
N GLY A 67 9.16 -10.21 20.14
CA GLY A 67 9.79 -9.08 19.52
C GLY A 67 9.05 -8.64 18.30
N LEU A 68 9.05 -9.51 17.29
CA LEU A 68 8.46 -9.32 15.94
C LEU A 68 7.38 -8.26 15.80
N GLN A 69 7.80 -7.14 15.24
CA GLN A 69 6.97 -6.04 14.85
C GLN A 69 7.76 -5.28 13.80
N THR A 70 7.29 -5.19 12.60
CA THR A 70 8.00 -4.44 11.59
C THR A 70 7.07 -3.49 10.90
N VAL A 71 7.24 -2.24 11.12
CA VAL A 71 6.46 -1.26 10.45
C VAL A 71 7.43 -0.33 9.74
N VAL A 72 7.21 -0.06 8.50
CA VAL A 72 8.11 0.78 7.77
C VAL A 72 7.35 1.87 7.02
N PRO A 73 7.76 3.15 7.18
CA PRO A 73 7.12 4.29 6.54
C PRO A 73 7.17 4.18 5.03
N THR A 74 6.03 4.32 4.42
CA THR A 74 5.91 4.21 3.02
C THR A 74 5.04 5.38 2.47
N PRO A 75 5.66 6.28 1.70
CA PRO A 75 4.97 7.42 1.10
C PRO A 75 4.30 7.04 -0.23
N ILE A 76 3.28 7.78 -0.61
CA ILE A 76 2.55 7.52 -1.85
C ILE A 76 3.36 7.99 -3.09
N THR A 77 4.42 8.72 -2.84
CA THR A 77 5.24 9.18 -3.93
C THR A 77 6.30 8.10 -4.28
N ALA A 78 6.36 7.05 -3.47
CA ALA A 78 7.27 5.94 -3.70
C ALA A 78 6.49 4.77 -4.25
N SER A 79 7.16 3.65 -4.44
CA SER A 79 6.52 2.48 -4.95
C SER A 79 7.01 1.23 -4.22
N LEU A 80 6.26 0.16 -4.30
CA LEU A 80 6.64 -1.09 -3.67
C LEU A 80 6.76 -2.15 -4.74
N SER A 81 7.89 -2.71 -4.83
CA SER A 81 8.16 -3.78 -5.72
C SER A 81 8.39 -5.03 -4.92
N HIS A 82 8.00 -6.19 -5.46
CA HIS A 82 8.20 -7.43 -4.75
C HIS A 82 9.67 -7.77 -4.51
N ASN A 83 10.55 -7.09 -5.25
CA ASN A 83 11.98 -7.16 -4.97
C ASN A 83 12.26 -6.46 -3.65
N ARG A 84 11.59 -5.32 -3.42
CA ARG A 84 11.72 -4.59 -2.17
C ARG A 84 11.14 -5.40 -1.03
N ILE A 85 10.11 -6.16 -1.32
CA ILE A 85 9.55 -7.08 -0.33
C ILE A 85 10.61 -8.01 0.17
N ARG A 86 11.29 -8.62 -0.76
CA ARG A 86 12.41 -9.48 -0.48
C ARG A 86 13.48 -8.69 0.31
N GLU A 87 13.59 -7.38 0.05
CA GLU A 87 14.53 -6.52 0.75
C GLU A 87 14.09 -6.32 2.19
N ILE A 88 12.81 -5.98 2.38
CA ILE A 88 12.29 -5.66 3.70
C ILE A 88 12.22 -6.90 4.58
N LEU A 89 11.73 -8.02 4.02
CA LEU A 89 11.81 -9.30 4.75
C LEU A 89 13.24 -9.59 5.21
N LYS A 90 14.20 -9.38 4.31
CA LYS A 90 15.61 -9.58 4.59
C LYS A 90 16.07 -8.64 5.69
N ALA A 91 15.66 -7.39 5.57
CA ALA A 91 15.98 -6.34 6.53
C ALA A 91 15.49 -6.73 7.90
N SER A 92 14.23 -7.13 7.95
CA SER A 92 13.59 -7.48 9.16
C SER A 92 14.25 -8.72 9.78
N ARG A 93 14.48 -9.79 9.01
CA ARG A 93 15.09 -10.97 9.60
C ARG A 93 16.55 -10.84 9.94
N LYS A 94 17.22 -9.89 9.33
CA LYS A 94 18.58 -9.56 9.69
C LYS A 94 18.56 -8.97 11.10
N LEU A 95 17.57 -8.13 11.34
CA LEU A 95 17.38 -7.49 12.62
C LEU A 95 16.80 -8.49 13.68
N GLN A 96 15.86 -9.36 13.27
CA GLN A 96 15.26 -10.35 14.19
C GLN A 96 16.25 -11.49 14.53
N GLY A 97 17.33 -11.54 13.78
CA GLY A 97 18.38 -12.53 14.03
C GLY A 97 18.17 -13.93 13.53
N ASP A 98 17.45 -14.08 12.44
CA ASP A 98 17.30 -15.40 11.82
C ASP A 98 17.53 -15.35 10.31
N PRO A 99 18.19 -16.40 9.74
CA PRO A 99 18.57 -16.49 8.31
C PRO A 99 17.48 -16.09 7.31
N ASP A 100 16.27 -16.69 7.43
CA ASP A 100 15.15 -16.37 6.49
C ASP A 100 13.90 -17.21 6.75
N LEU A 101 13.21 -16.88 7.81
CA LEU A 101 11.90 -17.45 8.06
C LEU A 101 10.82 -16.48 7.56
N PRO A 102 9.95 -16.94 6.64
CA PRO A 102 8.86 -16.13 6.05
C PRO A 102 8.05 -15.36 7.12
N MET A 103 8.20 -14.06 7.10
CA MET A 103 7.57 -13.18 8.06
C MET A 103 6.68 -12.11 7.32
N SER A 104 6.39 -11.01 7.97
CA SER A 104 5.52 -10.02 7.38
C SER A 104 5.96 -8.65 7.84
N PHE A 105 5.38 -7.61 7.24
CA PHE A 105 5.66 -6.25 7.64
C PHE A 105 4.48 -5.37 7.37
N THR A 106 4.30 -4.42 8.20
CA THR A 106 3.23 -3.51 8.08
C THR A 106 3.68 -2.25 7.34
N LEU A 107 3.01 -1.96 6.26
CA LEU A 107 3.28 -0.78 5.50
C LEU A 107 2.59 0.38 6.15
N ALA A 108 3.34 1.39 6.47
CA ALA A 108 2.75 2.56 6.99
C ALA A 108 2.59 3.51 5.85
N ILE A 109 1.41 3.58 5.33
CA ILE A 109 1.15 4.31 4.14
C ILE A 109 0.70 5.71 4.45
N VAL A 110 1.37 6.68 3.87
CA VAL A 110 1.05 8.06 4.13
C VAL A 110 0.87 8.90 2.86
N GLU A 111 -0.32 9.49 2.75
CA GLU A 111 -0.66 10.35 1.63
C GLU A 111 -0.50 11.83 2.06
N SER A 112 -0.79 12.78 1.17
CA SER A 112 -0.57 14.21 1.41
C SER A 112 -1.43 14.75 2.56
N ASP A 113 -2.52 14.07 2.88
CA ASP A 113 -3.42 14.49 3.98
C ASP A 113 -2.85 14.07 5.32
N SER A 114 -1.61 13.58 5.31
CA SER A 114 -0.92 13.07 6.51
C SER A 114 -1.67 11.84 7.03
N THR A 115 -2.39 11.22 6.12
CA THR A 115 -3.16 10.06 6.39
C THR A 115 -2.28 8.84 6.46
N ILE A 116 -2.14 8.30 7.64
CA ILE A 116 -1.35 7.14 7.82
C ILE A 116 -2.27 5.94 7.85
N VAL A 117 -2.09 5.05 6.93
CA VAL A 117 -2.91 3.89 6.79
C VAL A 117 -2.02 2.66 6.92
N TYR A 118 -2.26 1.90 7.94
CA TYR A 118 -1.49 0.69 8.18
C TYR A 118 -2.07 -0.48 7.43
N TYR A 119 -1.22 -1.15 6.70
CA TYR A 119 -1.64 -2.27 5.90
C TYR A 119 -0.66 -3.42 6.09
N LYS A 120 -1.19 -4.62 6.25
CA LYS A 120 -0.35 -5.78 6.45
C LYS A 120 0.03 -6.43 5.14
N LEU A 121 1.29 -6.48 4.90
CA LEU A 121 1.82 -7.18 3.81
C LEU A 121 2.51 -8.40 4.38
N THR A 122 2.12 -9.54 3.91
CA THR A 122 2.62 -10.76 4.43
C THR A 122 3.35 -11.52 3.33
N ASP A 123 4.29 -12.35 3.72
CA ASP A 123 4.97 -13.22 2.79
C ASP A 123 4.08 -14.39 2.37
N SER B 1 -27.73 11.03 -4.14
CA SER B 1 -27.65 9.63 -3.87
C SER B 1 -29.00 8.96 -4.18
N GLU B 2 -29.04 8.22 -5.26
CA GLU B 2 -30.26 7.50 -5.65
C GLU B 2 -30.39 6.32 -4.78
N ASP B 3 -29.52 5.37 -5.00
CA ASP B 3 -29.55 4.20 -4.21
C ASP B 3 -28.17 3.75 -3.88
N ALA B 4 -27.56 3.02 -4.83
CA ALA B 4 -26.26 2.33 -4.65
C ALA B 4 -26.45 1.11 -3.78
N TRP B 5 -27.05 1.32 -2.61
CA TRP B 5 -27.42 0.24 -1.70
C TRP B 5 -28.33 -0.79 -2.36
N MET B 6 -29.21 -0.33 -3.23
CA MET B 6 -30.14 -1.22 -3.93
C MET B 6 -29.45 -1.81 -5.18
N GLY B 7 -28.30 -1.24 -5.54
CA GLY B 7 -27.57 -1.67 -6.71
C GLY B 7 -28.25 -1.27 -8.01
N THR B 8 -28.72 -0.05 -8.07
CA THR B 8 -29.49 0.41 -9.20
C THR B 8 -28.78 1.47 -10.01
N HIS B 9 -27.52 1.77 -9.71
CA HIS B 9 -26.82 2.73 -10.53
C HIS B 9 -26.44 2.07 -11.82
N PRO B 10 -26.66 2.75 -12.96
CA PRO B 10 -26.37 2.20 -14.29
C PRO B 10 -24.99 1.57 -14.39
N LYS B 11 -24.00 2.29 -13.89
CA LYS B 11 -22.63 1.81 -13.93
C LYS B 11 -22.42 0.64 -12.95
N TYR B 12 -22.96 0.76 -11.74
CA TYR B 12 -22.88 -0.31 -10.74
C TYR B 12 -23.57 -1.59 -11.29
N LEU B 13 -24.73 -1.41 -11.88
CA LEU B 13 -25.49 -2.50 -12.52
C LEU B 13 -24.66 -3.12 -13.67
N GLU B 14 -24.02 -2.26 -14.44
CA GLU B 14 -23.07 -2.66 -15.49
C GLU B 14 -21.96 -3.53 -14.88
N MET B 15 -21.58 -3.18 -13.68
CA MET B 15 -20.57 -3.90 -12.90
C MET B 15 -21.14 -5.20 -12.29
N MET B 16 -22.41 -5.19 -11.94
CA MET B 16 -23.10 -6.40 -11.44
C MET B 16 -23.18 -7.45 -12.55
N GLU B 17 -23.28 -6.94 -13.77
CA GLU B 17 -23.31 -7.73 -15.00
C GLU B 17 -21.98 -8.51 -15.21
N LEU B 18 -20.91 -8.14 -14.47
CA LEU B 18 -19.62 -8.85 -14.54
C LEU B 18 -19.77 -10.37 -14.28
N ASP B 19 -18.74 -11.11 -14.62
CA ASP B 19 -18.76 -12.58 -14.59
C ASP B 19 -18.65 -13.16 -13.21
N ILE B 20 -18.65 -12.35 -12.19
CA ILE B 20 -18.42 -12.89 -10.90
C ILE B 20 -19.32 -12.25 -9.91
N GLY B 21 -20.14 -13.06 -9.37
CA GLY B 21 -21.12 -12.63 -8.39
C GLY B 21 -20.49 -12.33 -7.04
N ASP B 22 -19.90 -11.17 -6.93
CA ASP B 22 -19.30 -10.78 -5.67
C ASP B 22 -19.68 -9.34 -5.33
N ALA B 23 -20.53 -9.19 -4.33
CA ALA B 23 -21.04 -7.89 -3.91
C ALA B 23 -19.94 -7.01 -3.32
N THR B 24 -18.94 -7.63 -2.72
CA THR B 24 -17.88 -6.88 -2.11
C THR B 24 -17.02 -6.27 -3.20
N GLN B 25 -16.71 -7.07 -4.21
CA GLN B 25 -15.96 -6.61 -5.35
C GLN B 25 -16.68 -5.50 -6.06
N VAL B 26 -17.95 -5.71 -6.38
CA VAL B 26 -18.73 -4.72 -7.08
C VAL B 26 -18.79 -3.40 -6.30
N TYR B 27 -19.01 -3.48 -5.00
CA TYR B 27 -19.10 -2.29 -4.15
C TYR B 27 -17.78 -1.54 -4.07
N VAL B 28 -16.71 -2.25 -3.79
CA VAL B 28 -15.42 -1.61 -3.60
C VAL B 28 -14.86 -1.13 -4.92
N ALA B 29 -15.05 -1.91 -5.97
CA ALA B 29 -14.60 -1.52 -7.28
C ALA B 29 -15.33 -0.28 -7.75
N PHE B 30 -16.62 -0.21 -7.44
CA PHE B 30 -17.45 0.94 -7.80
C PHE B 30 -16.89 2.20 -7.17
N LEU B 31 -16.46 2.08 -5.92
CA LEU B 31 -15.88 3.18 -5.19
C LEU B 31 -14.65 3.72 -5.91
N VAL B 32 -13.73 2.82 -6.30
CA VAL B 32 -12.50 3.27 -6.93
C VAL B 32 -12.73 3.66 -8.40
N TYR B 33 -13.63 2.93 -9.07
CA TYR B 33 -14.05 3.21 -10.45
C TYR B 33 -14.51 4.66 -10.59
N LEU B 34 -15.38 5.08 -9.68
CA LEU B 34 -15.84 6.47 -9.68
C LEU B 34 -14.76 7.41 -9.22
N ASP B 35 -13.84 6.94 -8.40
CA ASP B 35 -12.79 7.81 -7.91
C ASP B 35 -11.80 8.10 -9.03
N LEU B 36 -11.34 7.07 -9.71
CA LEU B 36 -10.45 7.24 -10.86
C LEU B 36 -11.04 8.16 -11.90
N MET B 37 -12.28 7.95 -12.23
CA MET B 37 -12.90 8.71 -13.29
C MET B 37 -13.28 10.15 -12.86
N GLU B 38 -13.74 10.32 -11.64
CA GLU B 38 -14.26 11.62 -11.18
C GLU B 38 -13.31 12.41 -10.29
N SER B 39 -12.41 11.75 -9.63
CA SER B 39 -11.57 12.40 -8.65
C SER B 39 -10.18 12.57 -9.21
N LYS B 40 -9.57 11.47 -9.63
CA LYS B 40 -8.26 11.52 -10.23
C LYS B 40 -8.40 11.82 -11.73
N SER B 41 -9.64 11.79 -12.20
CA SER B 41 -10.01 11.99 -13.58
C SER B 41 -9.15 11.28 -14.64
N TRP B 42 -9.30 9.98 -14.71
CA TRP B 42 -8.71 9.20 -15.77
C TRP B 42 -9.67 9.22 -16.96
N HIS B 43 -9.14 9.56 -18.13
CA HIS B 43 -9.92 9.68 -19.40
C HIS B 43 -10.77 8.44 -19.71
N GLU B 44 -10.24 7.33 -19.42
CA GLU B 44 -10.87 6.10 -19.83
C GLU B 44 -10.64 5.06 -18.75
N VAL B 45 -11.71 4.51 -18.21
CA VAL B 45 -11.60 3.49 -17.17
C VAL B 45 -12.63 2.41 -17.45
N ASN B 46 -12.23 1.16 -17.42
CA ASN B 46 -13.15 0.08 -17.62
C ASN B 46 -13.09 -0.89 -16.52
N CYS B 47 -14.16 -1.59 -16.35
CA CYS B 47 -14.34 -2.45 -15.25
C CYS B 47 -14.33 -3.86 -15.73
N VAL B 48 -13.34 -4.61 -15.30
CA VAL B 48 -13.17 -5.93 -15.83
C VAL B 48 -13.26 -6.96 -14.71
N GLY B 49 -14.10 -7.96 -14.92
CA GLY B 49 -14.21 -9.02 -13.99
C GLY B 49 -13.36 -10.19 -14.39
N LEU B 50 -12.38 -10.50 -13.58
CA LEU B 50 -11.50 -11.60 -13.85
C LEU B 50 -11.83 -12.80 -12.97
N PRO B 51 -12.55 -13.81 -13.53
CA PRO B 51 -12.95 -14.99 -12.78
C PRO B 51 -11.77 -15.93 -12.54
N GLU B 52 -10.73 -15.76 -13.36
CA GLU B 52 -9.45 -16.47 -13.24
C GLU B 52 -8.92 -16.30 -11.80
N LEU B 53 -9.12 -15.10 -11.29
CA LEU B 53 -8.60 -14.74 -9.97
C LEU B 53 -9.68 -14.44 -8.96
N GLN B 54 -10.93 -14.22 -9.41
CA GLN B 54 -12.05 -13.80 -8.51
C GLN B 54 -11.85 -12.29 -8.11
N LEU B 55 -11.07 -11.60 -8.91
CA LEU B 55 -10.74 -10.18 -8.67
C LEU B 55 -11.33 -9.29 -9.74
N ILE B 56 -11.59 -8.07 -9.39
CA ILE B 56 -12.05 -7.07 -10.31
C ILE B 56 -10.90 -6.12 -10.49
N CYS B 57 -10.69 -5.63 -11.66
CA CYS B 57 -9.59 -4.74 -11.90
C CYS B 57 -10.03 -3.69 -12.91
N LEU B 58 -9.58 -2.48 -12.71
CA LEU B 58 -9.94 -1.37 -13.56
C LEU B 58 -8.77 -1.02 -14.42
N VAL B 59 -8.98 -1.05 -15.70
CA VAL B 59 -7.96 -0.80 -16.70
C VAL B 59 -8.55 0.17 -17.74
N GLY B 60 -7.75 1.10 -18.24
CA GLY B 60 -8.20 1.98 -19.32
C GLY B 60 -7.10 2.89 -19.88
N THR B 61 -7.41 4.15 -20.05
CA THR B 61 -6.47 5.13 -20.53
C THR B 61 -6.48 6.43 -19.65
N GLU B 62 -5.34 6.76 -19.00
CA GLU B 62 -5.22 8.00 -18.14
C GLU B 62 -5.50 9.21 -18.97
N ILE B 63 -4.79 9.31 -20.04
CA ILE B 63 -4.86 10.41 -20.90
C ILE B 63 -4.98 9.84 -22.29
N GLU B 64 -5.96 10.29 -23.06
CA GLU B 64 -6.17 9.78 -24.43
C GLU B 64 -4.85 9.78 -25.23
N GLY B 65 -4.64 8.73 -25.98
CA GLY B 65 -3.41 8.58 -26.73
C GLY B 65 -2.40 7.70 -26.01
N GLU B 66 -2.17 8.02 -24.75
CA GLU B 66 -1.23 7.29 -23.92
C GLU B 66 -2.05 6.37 -23.01
N GLY B 67 -1.64 6.15 -21.76
CA GLY B 67 -2.45 5.28 -20.93
C GLY B 67 -1.79 3.96 -20.57
N LEU B 68 -1.76 3.67 -19.28
CA LEU B 68 -1.25 2.41 -18.72
C LEU B 68 -1.62 2.40 -17.25
N GLN B 69 -2.48 1.49 -16.87
CA GLN B 69 -2.93 1.39 -15.47
C GLN B 69 -3.66 0.09 -15.21
N THR B 70 -3.24 -0.56 -14.23
CA THR B 70 -3.98 -1.60 -13.67
C THR B 70 -4.26 -1.20 -12.25
N VAL B 71 -5.47 -0.86 -11.98
CA VAL B 71 -5.82 -0.48 -10.67
C VAL B 71 -6.81 -1.50 -10.16
N VAL B 72 -6.56 -2.05 -9.02
CA VAL B 72 -7.42 -3.05 -8.48
C VAL B 72 -7.81 -2.72 -7.05
N PRO B 73 -9.12 -2.74 -6.76
CA PRO B 73 -9.67 -2.44 -5.43
C PRO B 73 -9.13 -3.41 -4.38
N THR B 74 -8.63 -2.88 -3.31
CA THR B 74 -8.07 -3.65 -2.25
C THR B 74 -8.52 -3.12 -0.88
N PRO B 75 -9.31 -3.91 -0.15
CA PRO B 75 -9.79 -3.55 1.18
C PRO B 75 -8.72 -3.85 2.23
N ILE B 76 -8.69 -3.09 3.32
CA ILE B 76 -7.69 -3.28 4.39
C ILE B 76 -7.84 -4.63 5.08
N THR B 77 -9.01 -5.22 4.97
CA THR B 77 -9.30 -6.41 5.70
C THR B 77 -8.82 -7.65 4.91
N ALA B 78 -8.21 -7.42 3.76
CA ALA B 78 -7.66 -8.46 2.95
C ALA B 78 -6.21 -8.18 2.68
N SER B 79 -5.36 -8.64 3.56
CA SER B 79 -3.92 -8.45 3.50
C SER B 79 -3.30 -9.03 2.20
N LEU B 80 -2.09 -8.61 1.87
CA LEU B 80 -1.50 -8.96 0.58
C LEU B 80 -0.37 -9.97 0.71
N SER B 81 -0.30 -10.91 -0.23
CA SER B 81 0.79 -11.85 -0.26
C SER B 81 1.41 -11.81 -1.66
N HIS B 82 2.73 -11.99 -1.75
CA HIS B 82 3.42 -11.93 -3.03
C HIS B 82 2.99 -12.96 -4.08
N ASN B 83 2.32 -14.00 -3.64
CA ASN B 83 1.72 -14.96 -4.58
C ASN B 83 0.62 -14.25 -5.38
N ARG B 84 -0.14 -13.35 -4.70
CA ARG B 84 -1.20 -12.62 -5.38
C ARG B 84 -0.60 -11.59 -6.32
N ILE B 85 0.58 -11.07 -5.98
CA ILE B 85 1.32 -10.16 -6.87
C ILE B 85 1.47 -10.84 -8.22
N ARG B 86 2.00 -12.05 -8.16
CA ARG B 86 2.19 -12.92 -9.30
C ARG B 86 0.82 -13.17 -10.01
N GLU B 87 -0.25 -13.25 -9.23
CA GLU B 87 -1.58 -13.46 -9.78
C GLU B 87 -2.03 -12.23 -10.56
N ILE B 88 -1.83 -11.04 -9.97
CA ILE B 88 -2.31 -9.80 -10.56
C ILE B 88 -1.50 -9.42 -11.80
N LEU B 89 -0.17 -9.53 -11.72
CA LEU B 89 0.68 -9.32 -12.91
C LEU B 89 0.23 -10.24 -14.04
N LYS B 90 -0.04 -11.49 -13.70
CA LYS B 90 -0.54 -12.47 -14.65
C LYS B 90 -1.89 -12.02 -15.21
N ALA B 91 -2.71 -11.48 -14.34
CA ALA B 91 -4.04 -10.97 -14.68
C ALA B 91 -3.93 -9.83 -15.68
N SER B 92 -3.09 -8.86 -15.36
CA SER B 92 -2.86 -7.71 -16.18
C SER B 92 -2.25 -8.09 -17.51
N ARG B 93 -1.22 -8.88 -17.45
CA ARG B 93 -0.49 -9.29 -18.62
C ARG B 93 -1.31 -10.19 -19.55
N LYS B 94 -2.26 -10.91 -19.00
CA LYS B 94 -3.22 -11.68 -19.78
C LYS B 94 -4.15 -10.73 -20.56
N LEU B 95 -4.58 -9.67 -19.89
CA LEU B 95 -5.50 -8.68 -20.48
C LEU B 95 -4.77 -7.74 -21.46
N GLN B 96 -3.56 -7.36 -21.10
CA GLN B 96 -2.72 -6.46 -21.91
C GLN B 96 -2.22 -7.14 -23.17
N GLY B 97 -2.13 -8.47 -23.13
CA GLY B 97 -1.60 -9.28 -24.25
C GLY B 97 -0.21 -8.86 -24.77
N ASP B 98 0.47 -7.96 -24.07
CA ASP B 98 1.72 -7.37 -24.53
C ASP B 98 2.80 -7.42 -23.44
N PRO B 99 3.99 -7.96 -23.75
CA PRO B 99 5.11 -8.05 -22.82
C PRO B 99 6.11 -6.89 -22.94
N ASP B 100 5.73 -5.84 -23.64
CA ASP B 100 6.64 -4.73 -23.86
C ASP B 100 6.49 -3.69 -22.79
N LEU B 101 5.27 -3.49 -22.34
CA LEU B 101 4.99 -2.52 -21.31
C LEU B 101 5.58 -2.95 -19.97
N PRO B 102 6.47 -2.13 -19.38
CA PRO B 102 6.92 -2.35 -18.01
C PRO B 102 5.71 -2.21 -17.12
N MET B 103 5.43 -3.19 -16.30
CA MET B 103 4.18 -3.17 -15.64
C MET B 103 4.22 -3.28 -14.16
N SER B 104 3.08 -3.07 -13.62
CA SER B 104 2.88 -2.95 -12.23
C SER B 104 1.41 -2.82 -12.03
N PHE B 105 0.99 -2.52 -10.84
CA PHE B 105 -0.39 -2.30 -10.58
C PHE B 105 -0.56 -1.38 -9.41
N THR B 106 -1.59 -0.61 -9.47
CA THR B 106 -1.87 0.33 -8.46
C THR B 106 -2.90 -0.27 -7.51
N LEU B 107 -2.54 -0.34 -6.27
CA LEU B 107 -3.42 -0.82 -5.26
C LEU B 107 -4.34 0.29 -4.85
N ALA B 108 -5.61 0.06 -4.99
CA ALA B 108 -6.57 1.00 -4.54
C ALA B 108 -6.98 0.56 -3.17
N ILE B 109 -6.42 1.18 -2.19
CA ILE B 109 -6.56 0.78 -0.83
C ILE B 109 -7.69 1.54 -0.16
N VAL B 110 -8.63 0.82 0.40
CA VAL B 110 -9.80 1.44 1.00
C VAL B 110 -10.13 0.90 2.38
N GLU B 111 -10.45 1.81 3.26
CA GLU B 111 -10.84 1.49 4.62
C GLU B 111 -12.29 1.90 4.90
N SER B 112 -12.69 1.88 6.17
CA SER B 112 -14.09 2.09 6.53
C SER B 112 -14.55 3.57 6.48
N ASP B 113 -13.62 4.52 6.43
CA ASP B 113 -13.98 5.96 6.34
C ASP B 113 -14.19 6.34 4.87
N SER B 114 -14.04 5.33 4.01
CA SER B 114 -14.26 5.41 2.58
C SER B 114 -13.12 6.16 1.89
N THR B 115 -11.97 6.19 2.54
CA THR B 115 -10.83 6.83 1.96
C THR B 115 -10.04 5.85 1.12
N ILE B 116 -9.83 6.25 -0.11
CA ILE B 116 -9.15 5.45 -1.08
C ILE B 116 -7.75 5.97 -1.23
N VAL B 117 -6.79 5.12 -1.03
CA VAL B 117 -5.41 5.49 -1.11
C VAL B 117 -4.75 4.67 -2.19
N TYR B 118 -4.32 5.34 -3.21
CA TYR B 118 -3.65 4.70 -4.32
C TYR B 118 -2.20 4.53 -4.05
N TYR B 119 -1.73 3.35 -4.23
CA TYR B 119 -0.36 3.04 -3.99
C TYR B 119 0.18 2.19 -5.13
N LYS B 120 1.35 2.54 -5.61
CA LYS B 120 1.96 1.82 -6.70
C LYS B 120 2.75 0.63 -6.21
N LEU B 121 2.42 -0.50 -6.73
CA LEU B 121 3.15 -1.67 -6.50
C LEU B 121 3.71 -2.09 -7.85
N THR B 122 5.01 -2.23 -7.93
CA THR B 122 5.67 -2.50 -9.16
C THR B 122 6.32 -3.88 -9.13
N ASP B 123 6.50 -4.47 -10.29
CA ASP B 123 7.25 -5.68 -10.42
C ASP B 123 8.73 -5.37 -10.28
N SER A 1 12.04 25.21 24.89
CA SER A 1 12.09 24.51 23.62
C SER A 1 13.48 23.95 23.39
N GLU A 2 13.55 22.89 22.62
CA GLU A 2 14.80 22.23 22.33
C GLU A 2 14.80 21.65 20.92
N ASP A 3 15.97 21.68 20.28
CA ASP A 3 16.22 21.06 18.94
C ASP A 3 15.55 21.74 17.75
N ALA A 4 14.62 22.65 18.01
CA ALA A 4 13.90 23.34 16.93
C ALA A 4 14.73 24.47 16.38
N TRP A 5 15.94 24.54 16.85
CA TRP A 5 16.89 25.54 16.44
C TRP A 5 17.51 25.05 15.14
N MET A 6 17.65 23.75 15.06
CA MET A 6 18.31 23.12 13.94
C MET A 6 17.25 22.64 12.98
N GLY A 7 16.25 21.96 13.53
CA GLY A 7 15.15 21.53 12.76
C GLY A 7 13.89 21.71 13.53
N THR A 8 13.37 20.64 14.11
CA THR A 8 12.13 20.73 14.84
C THR A 8 12.02 19.89 16.09
N HIS A 9 11.47 18.74 15.92
CA HIS A 9 11.11 17.93 17.04
C HIS A 9 12.32 17.15 17.42
N PRO A 10 12.70 17.13 18.71
CA PRO A 10 13.86 16.38 19.21
C PRO A 10 13.92 14.95 18.65
N LYS A 11 12.79 14.26 18.72
CA LYS A 11 12.71 12.89 18.15
C LYS A 11 12.85 12.88 16.63
N TYR A 12 12.39 13.94 15.98
CA TYR A 12 12.54 14.06 14.53
C TYR A 12 14.02 14.23 14.22
N LEU A 13 14.65 15.21 14.87
CA LEU A 13 16.09 15.38 14.73
C LEU A 13 16.93 14.15 15.17
N GLU A 14 16.53 13.50 16.28
CA GLU A 14 17.15 12.20 16.68
C GLU A 14 17.17 11.25 15.51
N MET A 15 16.08 11.22 14.79
CA MET A 15 15.98 10.37 13.64
C MET A 15 16.77 10.91 12.45
N MET A 16 16.73 12.21 12.25
CA MET A 16 17.50 12.87 11.15
C MET A 16 18.99 12.51 11.19
N GLU A 17 19.57 12.44 12.39
CA GLU A 17 20.99 12.11 12.57
C GLU A 17 21.38 10.70 12.10
N LEU A 18 20.40 9.88 11.75
CA LEU A 18 20.69 8.53 11.27
C LEU A 18 21.53 8.49 9.98
N ASP A 19 21.76 7.27 9.55
CA ASP A 19 22.63 6.86 8.44
C ASP A 19 22.48 7.60 7.14
N ILE A 20 21.43 8.36 6.93
CA ILE A 20 21.16 8.89 5.63
C ILE A 20 20.43 10.17 5.72
N GLY A 21 20.27 10.76 4.60
CA GLY A 21 19.63 12.04 4.50
C GLY A 21 18.46 12.06 3.56
N ASP A 22 17.34 11.56 4.00
CA ASP A 22 16.16 11.60 3.16
C ASP A 22 15.02 12.27 3.89
N ALA A 23 14.68 13.47 3.43
CA ALA A 23 13.67 14.32 4.05
C ALA A 23 12.26 13.77 3.91
N THR A 24 12.00 13.01 2.87
CA THR A 24 10.68 12.47 2.67
C THR A 24 10.47 11.24 3.54
N GLN A 25 11.48 10.40 3.57
CA GLN A 25 11.43 9.20 4.35
C GLN A 25 11.31 9.53 5.83
N VAL A 26 12.18 10.41 6.33
CA VAL A 26 12.11 10.83 7.73
C VAL A 26 10.77 11.49 8.06
N TYR A 27 10.22 12.27 7.12
CA TYR A 27 8.90 12.87 7.27
C TYR A 27 7.83 11.81 7.49
N VAL A 28 7.78 10.82 6.63
CA VAL A 28 6.76 9.79 6.74
C VAL A 28 6.99 8.94 7.98
N ALA A 29 8.26 8.66 8.25
CA ALA A 29 8.63 7.90 9.43
C ALA A 29 8.19 8.59 10.70
N PHE A 30 8.35 9.90 10.73
CA PHE A 30 7.94 10.72 11.86
C PHE A 30 6.45 10.60 12.11
N LEU A 31 5.66 10.69 11.05
CA LEU A 31 4.22 10.57 11.15
C LEU A 31 3.80 9.24 11.74
N VAL A 32 4.38 8.15 11.26
CA VAL A 32 4.01 6.85 11.77
C VAL A 32 4.59 6.62 13.18
N TYR A 33 5.81 7.13 13.41
CA TYR A 33 6.44 7.10 14.75
C TYR A 33 5.51 7.72 15.80
N LEU A 34 4.95 8.88 15.48
CA LEU A 34 3.96 9.52 16.36
C LEU A 34 2.69 8.70 16.48
N ASP A 35 2.36 7.94 15.46
CA ASP A 35 1.18 7.09 15.56
C ASP A 35 1.49 5.93 16.48
N LEU A 36 2.55 5.21 16.20
CA LEU A 36 3.03 4.09 17.03
C LEU A 36 3.10 4.44 18.50
N MET A 37 3.63 5.59 18.81
CA MET A 37 3.80 5.95 20.21
C MET A 37 2.51 6.47 20.84
N GLU A 38 1.82 7.36 20.14
CA GLU A 38 0.70 8.09 20.74
C GLU A 38 -0.66 7.52 20.38
N SER A 39 -0.73 6.74 19.36
CA SER A 39 -1.97 6.24 18.88
C SER A 39 -2.01 4.73 19.11
N LYS A 40 -0.99 4.02 18.60
CA LYS A 40 -0.89 2.58 18.73
C LYS A 40 -0.35 2.23 20.13
N SER A 41 0.29 3.21 20.79
CA SER A 41 0.92 3.05 22.11
C SER A 41 1.78 1.77 22.27
N TRP A 42 3.00 1.79 21.71
CA TRP A 42 3.91 0.66 21.92
C TRP A 42 4.98 0.90 22.96
N HIS A 43 5.53 -0.21 23.46
CA HIS A 43 6.57 -0.24 24.49
C HIS A 43 7.92 0.30 24.00
N GLU A 44 8.30 -0.03 22.80
CA GLU A 44 9.62 0.31 22.37
C GLU A 44 9.65 0.42 20.87
N VAL A 45 10.05 1.55 20.39
CA VAL A 45 10.09 1.84 18.98
C VAL A 45 11.41 2.56 18.68
N ASN A 46 12.15 2.05 17.71
CA ASN A 46 13.45 2.65 17.39
C ASN A 46 13.46 3.04 15.94
N CYS A 47 14.30 3.97 15.60
CA CYS A 47 14.38 4.48 14.26
C CYS A 47 15.64 3.94 13.61
N VAL A 48 15.50 3.21 12.52
CA VAL A 48 16.68 2.60 11.89
C VAL A 48 16.72 2.97 10.41
N GLY A 49 17.86 3.43 9.97
CA GLY A 49 18.05 3.76 8.59
C GLY A 49 18.89 2.75 7.86
N LEU A 50 18.42 2.35 6.69
CA LEU A 50 19.15 1.44 5.83
C LEU A 50 19.51 2.15 4.51
N PRO A 51 20.74 2.66 4.43
CA PRO A 51 21.26 3.47 3.29
C PRO A 51 21.22 2.82 1.91
N GLU A 52 21.28 1.51 1.84
CA GLU A 52 21.32 0.87 0.52
C GLU A 52 19.99 1.03 -0.20
N LEU A 53 18.93 0.87 0.52
CA LEU A 53 17.63 0.97 -0.07
C LEU A 53 16.97 2.30 0.32
N GLN A 54 17.69 3.04 1.15
CA GLN A 54 17.33 4.36 1.62
C GLN A 54 15.98 4.39 2.28
N LEU A 55 15.78 3.46 3.16
CA LEU A 55 14.56 3.38 3.88
C LEU A 55 14.79 3.46 5.35
N ILE A 56 13.79 3.88 6.07
CA ILE A 56 13.83 3.89 7.49
C ILE A 56 12.78 2.90 7.94
N CYS A 57 13.02 2.23 9.02
CA CYS A 57 12.11 1.27 9.54
C CYS A 57 12.19 1.37 11.03
N LEU A 58 11.07 1.24 11.66
CA LEU A 58 11.03 1.32 13.08
C LEU A 58 10.99 -0.06 13.63
N VAL A 59 11.94 -0.39 14.46
CA VAL A 59 12.05 -1.73 14.97
C VAL A 59 12.22 -1.62 16.46
N GLY A 60 11.51 -2.41 17.16
CA GLY A 60 11.70 -2.47 18.56
C GLY A 60 10.89 -3.54 19.14
N THR A 61 10.37 -3.31 20.28
CA THR A 61 9.54 -4.25 20.92
C THR A 61 8.21 -3.61 21.20
N GLU A 62 7.23 -4.01 20.42
CA GLU A 62 5.89 -3.46 20.58
C GLU A 62 5.39 -3.75 21.98
N ILE A 63 5.73 -4.93 22.46
CA ILE A 63 5.43 -5.36 23.78
C ILE A 63 6.72 -5.88 24.39
N GLU A 64 7.03 -5.44 25.59
CA GLU A 64 8.16 -5.97 26.35
C GLU A 64 8.06 -7.50 26.40
N GLY A 65 9.15 -8.18 26.19
CA GLY A 65 9.12 -9.63 26.15
C GLY A 65 9.08 -10.15 24.73
N GLU A 66 8.56 -9.36 23.81
CA GLU A 66 8.55 -9.73 22.40
C GLU A 66 9.87 -9.36 21.75
N GLY A 67 9.93 -9.48 20.46
CA GLY A 67 11.16 -9.22 19.76
C GLY A 67 11.11 -9.61 18.31
N LEU A 68 9.95 -9.39 17.70
CA LEU A 68 9.72 -9.68 16.29
C LEU A 68 8.70 -8.71 15.76
N GLN A 69 9.18 -7.56 15.39
CA GLN A 69 8.34 -6.48 14.88
C GLN A 69 9.13 -5.39 14.20
N THR A 70 8.84 -5.21 12.96
CA THR A 70 9.37 -4.15 12.19
C THR A 70 8.24 -3.48 11.40
N VAL A 71 8.11 -2.20 11.59
CA VAL A 71 7.12 -1.42 10.90
C VAL A 71 7.85 -0.44 10.01
N VAL A 72 7.44 -0.30 8.80
CA VAL A 72 8.14 0.58 7.90
C VAL A 72 7.18 1.54 7.23
N PRO A 73 7.44 2.85 7.36
CA PRO A 73 6.65 3.89 6.73
C PRO A 73 6.67 3.77 5.22
N THR A 74 5.52 3.76 4.65
CA THR A 74 5.36 3.57 3.26
C THR A 74 4.23 4.47 2.72
N PRO A 75 4.53 5.34 1.74
CA PRO A 75 3.54 6.23 1.10
C PRO A 75 2.66 5.49 0.14
N ILE A 76 1.51 6.06 -0.14
CA ILE A 76 0.56 5.59 -1.15
C ILE A 76 1.26 5.39 -2.54
N THR A 77 2.37 6.06 -2.75
CA THR A 77 3.01 6.02 -4.03
C THR A 77 4.32 5.22 -4.03
N ALA A 78 4.61 4.51 -2.94
CA ALA A 78 5.82 3.68 -2.91
C ALA A 78 5.44 2.30 -3.31
N SER A 79 6.38 1.57 -3.73
CA SER A 79 6.09 0.29 -4.22
C SER A 79 6.61 -0.85 -3.36
N LEU A 80 5.70 -1.70 -3.02
CA LEU A 80 5.94 -2.95 -2.37
C LEU A 80 6.21 -3.91 -3.49
N SER A 81 6.65 -5.07 -3.21
CA SER A 81 6.79 -6.15 -4.13
C SER A 81 7.23 -7.32 -3.31
N HIS A 82 7.19 -8.53 -3.84
CA HIS A 82 7.81 -9.59 -3.09
C HIS A 82 9.34 -9.41 -3.05
N ASN A 83 9.87 -8.53 -3.93
CA ASN A 83 11.31 -8.22 -3.90
C ASN A 83 11.54 -7.28 -2.72
N ARG A 84 10.61 -6.34 -2.59
CA ARG A 84 10.60 -5.31 -1.57
C ARG A 84 10.58 -5.92 -0.17
N ILE A 85 9.69 -6.91 0.07
CA ILE A 85 9.70 -7.58 1.36
C ILE A 85 11.07 -8.22 1.63
N ARG A 86 11.62 -8.84 0.61
CA ARG A 86 12.95 -9.48 0.62
C ARG A 86 14.06 -8.53 1.07
N GLU A 87 13.93 -7.27 0.71
CA GLU A 87 14.92 -6.28 1.08
C GLU A 87 14.75 -5.86 2.52
N ILE A 88 13.52 -5.60 2.90
CA ILE A 88 13.24 -5.16 4.24
C ILE A 88 13.46 -6.29 5.24
N LEU A 89 13.16 -7.53 4.83
CA LEU A 89 13.52 -8.71 5.62
C LEU A 89 15.00 -8.69 5.91
N LYS A 90 15.82 -8.56 4.86
CA LYS A 90 17.28 -8.49 4.99
C LYS A 90 17.70 -7.39 5.98
N ALA A 91 17.00 -6.27 5.90
CA ALA A 91 17.20 -5.15 6.80
C ALA A 91 16.85 -5.57 8.23
N SER A 92 15.66 -6.07 8.43
CA SER A 92 15.23 -6.50 9.74
C SER A 92 16.09 -7.63 10.34
N ARG A 93 16.50 -8.58 9.52
CA ARG A 93 17.38 -9.63 10.00
C ARG A 93 18.77 -9.12 10.34
N LYS A 94 19.14 -7.99 9.77
CA LYS A 94 20.41 -7.35 10.06
C LYS A 94 20.38 -6.80 11.50
N LEU A 95 19.29 -6.14 11.84
CA LEU A 95 19.15 -5.51 13.16
C LEU A 95 18.72 -6.47 14.26
N GLN A 96 17.92 -7.47 13.92
CA GLN A 96 17.38 -8.37 14.95
C GLN A 96 18.29 -9.52 15.37
N GLY A 97 19.45 -9.64 14.76
CA GLY A 97 20.45 -10.58 15.26
C GLY A 97 20.49 -11.95 14.65
N ASP A 98 19.69 -12.19 13.69
CA ASP A 98 19.71 -13.45 12.97
C ASP A 98 19.64 -13.20 11.51
N PRO A 99 20.77 -13.22 10.82
CA PRO A 99 20.85 -12.87 9.41
C PRO A 99 20.26 -13.91 8.46
N ASP A 100 19.75 -14.98 9.00
CA ASP A 100 19.15 -16.02 8.21
C ASP A 100 17.66 -16.18 8.49
N LEU A 101 17.14 -15.48 9.48
CA LEU A 101 15.73 -15.61 9.81
C LEU A 101 14.85 -14.58 9.12
N PRO A 102 13.83 -15.05 8.39
CA PRO A 102 12.81 -14.21 7.81
C PRO A 102 11.55 -14.17 8.72
N MET A 103 10.99 -13.02 8.95
CA MET A 103 9.82 -12.96 9.76
C MET A 103 8.67 -12.36 8.93
N SER A 104 8.74 -11.03 8.72
CA SER A 104 7.89 -10.13 7.89
C SER A 104 7.83 -8.77 8.56
N PHE A 105 6.97 -7.91 8.07
CA PHE A 105 6.84 -6.60 8.62
C PHE A 105 5.44 -6.05 8.37
N THR A 106 5.12 -5.04 9.12
CA THR A 106 3.90 -4.35 8.98
C THR A 106 4.12 -3.00 8.27
N LEU A 107 3.31 -2.75 7.29
CA LEU A 107 3.38 -1.58 6.48
C LEU A 107 2.69 -0.45 7.17
N ALA A 108 3.38 0.62 7.37
CA ALA A 108 2.76 1.77 7.88
C ALA A 108 2.49 2.68 6.69
N ILE A 109 1.30 2.63 6.21
CA ILE A 109 0.92 3.31 5.00
C ILE A 109 0.36 4.68 5.34
N VAL A 110 0.69 5.67 4.54
CA VAL A 110 0.15 6.99 4.80
C VAL A 110 -0.49 7.54 3.58
N GLU A 111 -1.70 8.01 3.75
CA GLU A 111 -2.39 8.69 2.71
C GLU A 111 -1.90 10.14 2.83
N SER A 112 -1.98 10.90 1.77
CA SER A 112 -1.39 12.21 1.73
C SER A 112 -1.91 13.15 2.83
N ASP A 113 -3.16 12.98 3.26
CA ASP A 113 -3.69 13.90 4.25
C ASP A 113 -3.24 13.62 5.68
N SER A 114 -3.51 12.41 6.23
CA SER A 114 -3.34 12.17 7.69
C SER A 114 -3.49 10.70 8.12
N THR A 115 -3.91 9.81 7.24
CA THR A 115 -4.24 8.47 7.70
C THR A 115 -3.08 7.48 7.60
N ILE A 116 -2.75 6.89 8.73
CA ILE A 116 -1.74 5.86 8.81
C ILE A 116 -2.49 4.53 8.81
N VAL A 117 -2.20 3.68 7.87
CA VAL A 117 -2.89 2.43 7.72
C VAL A 117 -1.89 1.29 7.82
N TYR A 118 -1.98 0.55 8.87
CA TYR A 118 -1.13 -0.59 9.07
C TYR A 118 -1.66 -1.80 8.34
N TYR A 119 -0.84 -2.36 7.49
CA TYR A 119 -1.21 -3.51 6.72
C TYR A 119 -0.08 -4.52 6.86
N LYS A 120 -0.40 -5.75 7.18
CA LYS A 120 0.58 -6.72 7.46
C LYS A 120 0.77 -7.64 6.21
N LEU A 121 2.01 -7.93 5.87
CA LEU A 121 2.24 -8.85 4.76
C LEU A 121 3.18 -9.90 5.22
N THR A 122 3.05 -11.14 4.74
CA THR A 122 3.97 -12.11 5.36
C THR A 122 4.66 -13.00 4.36
N ASP A 123 5.85 -13.44 4.72
CA ASP A 123 6.62 -14.33 3.88
C ASP A 123 7.34 -15.34 4.72
N SER B 1 -36.74 -5.52 -10.04
CA SER B 1 -35.61 -4.64 -10.22
C SER B 1 -36.08 -3.17 -10.26
N GLU B 2 -35.77 -2.42 -9.23
CA GLU B 2 -36.18 -1.03 -9.15
C GLU B 2 -34.97 -0.27 -8.77
N ASP B 3 -34.46 -0.60 -7.61
CA ASP B 3 -33.33 0.03 -7.06
C ASP B 3 -32.85 -0.74 -5.87
N ALA B 4 -31.97 -0.11 -5.10
CA ALA B 4 -31.29 -0.68 -3.94
C ALA B 4 -30.18 -1.53 -4.46
N TRP B 5 -29.66 -1.07 -5.58
CA TRP B 5 -28.60 -1.72 -6.29
C TRP B 5 -27.28 -1.19 -5.81
N MET B 6 -27.25 -0.73 -4.55
CA MET B 6 -26.01 -0.33 -3.87
C MET B 6 -25.35 0.89 -4.51
N GLY B 7 -26.14 1.62 -5.29
CA GLY B 7 -25.64 2.78 -5.94
C GLY B 7 -26.60 3.34 -6.97
N THR B 8 -27.17 2.45 -7.80
CA THR B 8 -28.03 2.84 -8.94
C THR B 8 -27.42 3.98 -9.76
N HIS B 9 -26.28 3.70 -10.33
CA HIS B 9 -25.53 4.68 -11.06
C HIS B 9 -25.22 4.09 -12.44
N PRO B 10 -25.40 4.86 -13.55
CA PRO B 10 -25.11 4.38 -14.93
C PRO B 10 -23.75 3.69 -15.04
N LYS B 11 -22.71 4.33 -14.49
CA LYS B 11 -21.35 3.73 -14.49
C LYS B 11 -21.28 2.43 -13.67
N TYR B 12 -22.08 2.34 -12.63
CA TYR B 12 -22.13 1.14 -11.80
C TYR B 12 -22.72 -0.02 -12.60
N LEU B 13 -23.88 0.21 -13.21
CA LEU B 13 -24.49 -0.81 -14.07
C LEU B 13 -23.66 -1.10 -15.32
N GLU B 14 -23.07 -0.05 -15.87
CA GLU B 14 -22.11 -0.14 -16.99
C GLU B 14 -21.03 -1.16 -16.61
N MET B 15 -20.62 -1.12 -15.35
CA MET B 15 -19.68 -2.07 -14.81
C MET B 15 -20.36 -3.43 -14.60
N MET B 16 -21.55 -3.42 -13.99
CA MET B 16 -22.29 -4.67 -13.69
C MET B 16 -22.48 -5.58 -14.89
N GLU B 17 -22.65 -5.00 -16.07
CA GLU B 17 -22.83 -5.79 -17.30
C GLU B 17 -21.58 -6.59 -17.70
N LEU B 18 -20.49 -6.41 -16.96
CA LEU B 18 -19.25 -7.14 -17.23
C LEU B 18 -19.39 -8.65 -17.03
N ASP B 19 -18.29 -9.31 -17.25
CA ASP B 19 -18.11 -10.78 -17.30
C ASP B 19 -18.71 -11.58 -16.19
N ILE B 20 -18.99 -11.01 -15.04
CA ILE B 20 -19.33 -11.81 -13.91
C ILE B 20 -20.30 -11.12 -13.04
N GLY B 21 -20.80 -11.84 -12.12
CA GLY B 21 -21.78 -11.35 -11.20
C GLY B 21 -21.31 -11.40 -9.76
N ASP B 22 -20.70 -10.31 -9.33
CA ASP B 22 -20.30 -10.23 -7.93
C ASP B 22 -20.60 -8.86 -7.38
N ALA B 23 -21.61 -8.80 -6.54
CA ALA B 23 -22.11 -7.56 -5.94
C ALA B 23 -21.09 -6.88 -5.03
N THR B 24 -20.29 -7.65 -4.33
CA THR B 24 -19.34 -7.08 -3.41
C THR B 24 -18.17 -6.46 -4.18
N GLN B 25 -17.64 -7.21 -5.13
CA GLN B 25 -16.56 -6.79 -5.98
C GLN B 25 -16.93 -5.52 -6.75
N VAL B 26 -18.08 -5.52 -7.39
CA VAL B 26 -18.55 -4.33 -8.09
C VAL B 26 -18.73 -3.13 -7.15
N TYR B 27 -19.33 -3.37 -5.98
CA TYR B 27 -19.46 -2.36 -4.92
C TYR B 27 -18.13 -1.70 -4.58
N VAL B 28 -17.13 -2.50 -4.24
CA VAL B 28 -15.82 -1.96 -3.86
C VAL B 28 -15.18 -1.27 -5.05
N ALA B 29 -15.30 -1.89 -6.21
CA ALA B 29 -14.79 -1.33 -7.46
C ALA B 29 -15.39 0.03 -7.73
N PHE B 30 -16.68 0.17 -7.50
CA PHE B 30 -17.39 1.42 -7.69
C PHE B 30 -16.81 2.51 -6.80
N LEU B 31 -16.63 2.18 -5.53
CA LEU B 31 -16.04 3.10 -4.57
C LEU B 31 -14.69 3.63 -5.02
N VAL B 32 -13.78 2.74 -5.43
CA VAL B 32 -12.47 3.17 -5.86
C VAL B 32 -12.54 3.88 -7.23
N TYR B 33 -13.40 3.38 -8.12
CA TYR B 33 -13.67 4.00 -9.43
C TYR B 33 -14.04 5.49 -9.26
N LEU B 34 -14.86 5.77 -8.27
CA LEU B 34 -15.23 7.15 -7.97
C LEU B 34 -14.09 7.92 -7.36
N ASP B 35 -13.19 7.24 -6.66
CA ASP B 35 -12.03 7.93 -6.12
C ASP B 35 -11.09 8.29 -7.26
N LEU B 36 -10.69 7.30 -8.03
CA LEU B 36 -9.83 7.45 -9.22
C LEU B 36 -10.25 8.59 -10.12
N MET B 37 -11.53 8.68 -10.38
CA MET B 37 -12.02 9.66 -11.30
C MET B 37 -12.18 11.03 -10.64
N GLU B 38 -12.65 11.05 -9.40
CA GLU B 38 -13.01 12.32 -8.79
C GLU B 38 -11.93 12.91 -7.88
N SER B 39 -10.93 12.16 -7.50
CA SER B 39 -9.86 12.74 -6.74
C SER B 39 -8.59 12.78 -7.57
N LYS B 40 -8.14 11.59 -7.98
CA LYS B 40 -6.91 11.44 -8.74
C LYS B 40 -7.06 11.79 -10.19
N SER B 41 -8.32 11.95 -10.64
CA SER B 41 -8.62 12.40 -12.01
C SER B 41 -7.82 11.63 -13.09
N TRP B 42 -7.69 10.30 -12.93
CA TRP B 42 -6.97 9.43 -13.89
C TRP B 42 -7.35 9.72 -15.34
N HIS B 43 -6.34 9.68 -16.21
CA HIS B 43 -6.52 9.92 -17.63
C HIS B 43 -7.47 8.92 -18.27
N GLU B 44 -7.35 7.69 -17.85
CA GLU B 44 -8.13 6.63 -18.43
C GLU B 44 -8.41 5.57 -17.39
N VAL B 45 -9.67 5.29 -17.15
CA VAL B 45 -10.06 4.26 -16.20
C VAL B 45 -11.11 3.35 -16.86
N ASN B 46 -10.83 2.07 -16.91
CA ASN B 46 -11.77 1.10 -17.51
C ASN B 46 -12.06 0.05 -16.48
N CYS B 47 -13.17 -0.62 -16.60
CA CYS B 47 -13.58 -1.61 -15.64
C CYS B 47 -13.49 -2.98 -16.27
N VAL B 48 -12.59 -3.81 -15.78
CA VAL B 48 -12.42 -5.13 -16.36
C VAL B 48 -12.67 -6.21 -15.34
N GLY B 49 -13.52 -7.16 -15.68
CA GLY B 49 -13.74 -8.29 -14.83
C GLY B 49 -13.03 -9.52 -15.36
N LEU B 50 -12.45 -10.25 -14.47
CA LEU B 50 -11.78 -11.49 -14.82
C LEU B 50 -12.47 -12.62 -14.15
N PRO B 51 -13.20 -13.45 -14.90
CA PRO B 51 -13.87 -14.63 -14.35
C PRO B 51 -12.87 -15.68 -13.89
N GLU B 52 -11.79 -15.84 -14.65
CA GLU B 52 -10.70 -16.79 -14.35
C GLU B 52 -10.10 -16.49 -12.95
N LEU B 53 -10.13 -15.24 -12.56
CA LEU B 53 -9.58 -14.84 -11.26
C LEU B 53 -10.66 -14.33 -10.32
N GLN B 54 -11.88 -14.27 -10.81
CA GLN B 54 -13.04 -13.67 -10.13
C GLN B 54 -12.77 -12.36 -9.41
N LEU B 55 -12.27 -11.41 -10.16
CA LEU B 55 -12.02 -10.07 -9.67
C LEU B 55 -12.28 -9.03 -10.74
N ILE B 56 -12.30 -7.80 -10.29
CA ILE B 56 -12.45 -6.64 -11.14
C ILE B 56 -11.22 -5.79 -10.91
N CYS B 57 -10.75 -5.20 -11.94
CA CYS B 57 -9.59 -4.37 -11.89
C CYS B 57 -9.84 -3.24 -12.84
N LEU B 58 -9.32 -2.10 -12.53
CA LEU B 58 -9.52 -0.97 -13.35
C LEU B 58 -8.23 -0.71 -14.04
N VAL B 59 -8.25 -0.79 -15.31
CA VAL B 59 -7.06 -0.63 -16.06
C VAL B 59 -7.17 0.56 -16.96
N GLY B 60 -6.19 1.38 -16.91
CA GLY B 60 -6.12 2.50 -17.75
C GLY B 60 -4.81 3.18 -17.58
N THR B 61 -4.81 4.44 -17.74
CA THR B 61 -3.61 5.20 -17.65
C THR B 61 -3.76 6.36 -16.71
N GLU B 62 -2.79 6.54 -15.86
CA GLU B 62 -2.76 7.69 -14.99
C GLU B 62 -2.40 8.86 -15.88
N ILE B 63 -1.42 8.62 -16.77
CA ILE B 63 -0.96 9.50 -17.81
C ILE B 63 -0.69 8.59 -18.99
N GLU B 64 -1.35 8.84 -20.08
CA GLU B 64 -1.17 8.06 -21.28
C GLU B 64 0.30 8.11 -21.77
N GLY B 65 0.80 6.99 -22.23
CA GLY B 65 2.16 6.91 -22.69
C GLY B 65 3.18 6.65 -21.59
N GLU B 66 3.24 7.54 -20.59
CA GLU B 66 4.29 7.46 -19.55
C GLU B 66 3.97 6.46 -18.46
N GLY B 67 2.76 6.02 -18.42
CA GLY B 67 2.36 5.19 -17.35
C GLY B 67 1.98 3.83 -17.81
N LEU B 68 1.17 3.18 -17.00
CA LEU B 68 0.69 1.79 -17.18
C LEU B 68 0.48 1.25 -15.79
N GLN B 69 -0.69 1.43 -15.27
CA GLN B 69 -1.02 0.93 -13.99
C GLN B 69 -2.38 0.35 -13.94
N THR B 70 -2.47 -0.69 -13.21
CA THR B 70 -3.65 -1.43 -13.01
C THR B 70 -4.01 -1.30 -11.54
N VAL B 71 -5.19 -0.85 -11.27
CA VAL B 71 -5.63 -0.70 -9.91
C VAL B 71 -6.73 -1.69 -9.63
N VAL B 72 -6.63 -2.35 -8.52
CA VAL B 72 -7.60 -3.36 -8.19
C VAL B 72 -8.17 -3.13 -6.79
N PRO B 73 -9.50 -3.01 -6.71
CA PRO B 73 -10.20 -2.85 -5.44
C PRO B 73 -9.99 -4.07 -4.54
N THR B 74 -9.62 -3.82 -3.33
CA THR B 74 -9.27 -4.82 -2.38
C THR B 74 -9.75 -4.39 -0.98
N PRO B 75 -10.44 -5.29 -0.24
CA PRO B 75 -10.88 -5.01 1.15
C PRO B 75 -9.69 -4.92 2.08
N ILE B 76 -9.72 -4.01 3.05
CA ILE B 76 -8.59 -3.81 3.97
C ILE B 76 -8.45 -5.02 4.92
N THR B 77 -9.52 -5.77 5.08
CA THR B 77 -9.60 -6.89 6.03
C THR B 77 -8.81 -8.16 5.51
N ALA B 78 -7.91 -7.92 4.60
CA ALA B 78 -7.08 -8.98 4.05
C ALA B 78 -5.61 -8.82 4.54
N SER B 79 -4.73 -9.60 3.96
CA SER B 79 -3.25 -9.58 4.25
C SER B 79 -2.52 -10.05 2.99
N LEU B 80 -1.29 -9.59 2.75
CA LEU B 80 -0.70 -9.82 1.39
C LEU B 80 0.02 -11.15 1.18
N SER B 81 -0.23 -11.77 -0.07
CA SER B 81 0.43 -12.99 -0.49
C SER B 81 0.96 -12.88 -1.97
N HIS B 82 2.19 -13.34 -2.20
CA HIS B 82 2.80 -13.29 -3.57
C HIS B 82 2.08 -14.08 -4.70
N ASN B 83 1.32 -15.08 -4.36
CA ASN B 83 0.51 -15.77 -5.38
C ASN B 83 -0.59 -14.88 -5.95
N ARG B 84 -1.12 -14.03 -5.09
CA ARG B 84 -2.21 -13.13 -5.43
C ARG B 84 -1.73 -12.20 -6.59
N ILE B 85 -0.51 -11.62 -6.45
CA ILE B 85 0.01 -10.72 -7.49
C ILE B 85 0.15 -11.43 -8.84
N ARG B 86 0.71 -12.66 -8.86
CA ARG B 86 0.88 -13.39 -10.13
C ARG B 86 -0.45 -13.61 -10.85
N GLU B 87 -1.54 -13.72 -10.09
CA GLU B 87 -2.86 -13.88 -10.69
C GLU B 87 -3.31 -12.59 -11.35
N ILE B 88 -3.05 -11.47 -10.70
CA ILE B 88 -3.51 -10.21 -11.21
C ILE B 88 -2.58 -9.75 -12.34
N LEU B 89 -1.28 -10.02 -12.19
CA LEU B 89 -0.33 -9.83 -13.30
C LEU B 89 -0.82 -10.51 -14.56
N LYS B 90 -1.13 -11.81 -14.44
CA LYS B 90 -1.67 -12.61 -15.55
C LYS B 90 -2.92 -11.95 -16.14
N ALA B 91 -3.68 -11.34 -15.26
CA ALA B 91 -4.88 -10.64 -15.64
C ALA B 91 -4.53 -9.41 -16.45
N SER B 92 -3.61 -8.60 -15.93
CA SER B 92 -3.23 -7.36 -16.54
C SER B 92 -2.53 -7.62 -17.89
N ARG B 93 -1.70 -8.69 -17.97
CA ARG B 93 -0.99 -9.01 -19.23
C ARG B 93 -2.01 -9.26 -20.31
N LYS B 94 -3.04 -9.99 -19.92
CA LYS B 94 -4.13 -10.37 -20.79
C LYS B 94 -4.77 -9.13 -21.40
N LEU B 95 -4.99 -8.09 -20.60
CA LEU B 95 -5.63 -6.90 -21.12
C LEU B 95 -4.68 -5.95 -21.83
N GLN B 96 -3.46 -5.81 -21.32
CA GLN B 96 -2.52 -4.88 -21.93
C GLN B 96 -1.86 -5.37 -23.20
N GLY B 97 -1.92 -6.68 -23.47
CA GLY B 97 -1.28 -7.21 -24.68
C GLY B 97 0.20 -7.03 -24.60
N ASP B 98 0.86 -7.87 -23.85
CA ASP B 98 2.22 -7.58 -23.43
C ASP B 98 3.27 -8.16 -24.38
N PRO B 99 4.40 -7.46 -24.54
CA PRO B 99 5.58 -7.96 -25.25
C PRO B 99 6.53 -8.63 -24.24
N ASP B 100 5.94 -9.45 -23.35
CA ASP B 100 6.60 -10.00 -22.17
C ASP B 100 7.14 -8.88 -21.32
N LEU B 101 6.22 -8.18 -20.76
CA LEU B 101 6.54 -7.07 -19.93
C LEU B 101 5.74 -7.17 -18.66
N PRO B 102 6.42 -7.26 -17.53
CA PRO B 102 5.79 -7.28 -16.25
C PRO B 102 5.59 -5.87 -15.71
N MET B 103 4.62 -5.71 -14.87
CA MET B 103 4.36 -4.41 -14.34
C MET B 103 4.25 -4.43 -12.85
N SER B 104 3.03 -4.41 -12.41
CA SER B 104 2.68 -4.22 -11.06
C SER B 104 1.19 -3.91 -11.07
N PHE B 105 0.71 -3.51 -9.95
CA PHE B 105 -0.59 -3.03 -9.78
C PHE B 105 -0.65 -2.28 -8.48
N THR B 106 -1.62 -1.49 -8.34
CA THR B 106 -1.77 -0.72 -7.18
C THR B 106 -3.04 -1.14 -6.46
N LEU B 107 -2.91 -1.36 -5.20
CA LEU B 107 -3.97 -1.84 -4.37
C LEU B 107 -4.87 -0.72 -3.97
N ALA B 108 -6.07 -0.81 -4.39
CA ALA B 108 -7.05 0.12 -3.95
C ALA B 108 -7.71 -0.54 -2.77
N ILE B 109 -7.31 -0.14 -1.61
CA ILE B 109 -7.72 -0.78 -0.38
C ILE B 109 -8.84 0.04 0.22
N VAL B 110 -9.89 -0.59 0.61
CA VAL B 110 -10.93 0.15 1.25
C VAL B 110 -10.98 -0.19 2.69
N GLU B 111 -10.67 0.78 3.47
CA GLU B 111 -10.57 0.63 4.87
C GLU B 111 -11.86 1.00 5.56
N SER B 112 -12.83 0.04 5.55
CA SER B 112 -13.98 0.15 6.46
C SER B 112 -15.04 0.93 5.72
N ASP B 113 -15.02 0.76 4.37
CA ASP B 113 -15.90 1.46 3.41
C ASP B 113 -15.62 2.92 3.40
N SER B 114 -14.50 3.32 3.96
CA SER B 114 -14.27 4.71 4.06
C SER B 114 -13.00 5.15 3.35
N THR B 115 -11.87 4.84 3.90
CA THR B 115 -10.64 5.31 3.35
C THR B 115 -10.19 4.42 2.18
N ILE B 116 -10.07 5.00 1.00
CA ILE B 116 -9.50 4.27 -0.12
C ILE B 116 -8.01 4.50 -0.05
N VAL B 117 -7.25 3.46 0.22
CA VAL B 117 -5.84 3.58 0.43
C VAL B 117 -5.13 2.86 -0.69
N TYR B 118 -4.46 3.61 -1.52
CA TYR B 118 -3.70 3.01 -2.61
C TYR B 118 -2.34 2.58 -2.14
N TYR B 119 -2.05 1.33 -2.31
CA TYR B 119 -0.77 0.83 -1.94
C TYR B 119 -0.19 0.05 -3.12
N LYS B 120 0.95 0.45 -3.60
CA LYS B 120 1.51 -0.11 -4.77
C LYS B 120 2.41 -1.31 -4.40
N LEU B 121 2.34 -2.40 -5.19
CA LEU B 121 3.23 -3.57 -5.03
C LEU B 121 3.63 -4.09 -6.44
N THR B 122 4.90 -4.28 -6.67
CA THR B 122 5.46 -4.54 -7.98
C THR B 122 6.20 -5.90 -8.04
N ASP B 123 6.81 -6.17 -9.19
CA ASP B 123 7.80 -7.22 -9.33
C ASP B 123 8.88 -6.72 -10.28
N SER A 1 21.71 21.38 13.34
CA SER A 1 21.94 21.20 11.93
C SER A 1 21.28 19.89 11.43
N GLU A 2 20.37 19.37 12.25
CA GLU A 2 19.64 18.12 11.95
C GLU A 2 18.20 18.49 11.92
N ASP A 3 18.03 19.77 11.88
CA ASP A 3 16.81 20.41 12.18
C ASP A 3 15.75 20.20 11.15
N ALA A 4 16.17 20.04 9.89
CA ALA A 4 15.27 19.96 8.71
C ALA A 4 14.73 21.33 8.39
N TRP A 5 14.54 22.15 9.46
CA TRP A 5 14.10 23.55 9.42
C TRP A 5 12.64 23.62 9.03
N MET A 6 12.05 22.44 9.00
CA MET A 6 10.66 22.29 8.64
C MET A 6 9.99 21.65 9.81
N GLY A 7 10.51 20.49 10.21
CA GLY A 7 10.04 19.79 11.38
C GLY A 7 10.45 20.50 12.65
N THR A 8 11.74 20.42 12.97
CA THR A 8 12.36 21.10 14.13
C THR A 8 11.85 20.54 15.45
N HIS A 9 11.73 19.24 15.49
CA HIS A 9 11.27 18.51 16.65
C HIS A 9 12.40 17.61 17.12
N PRO A 10 12.73 17.64 18.43
CA PRO A 10 13.85 16.84 19.01
C PRO A 10 13.87 15.37 18.55
N LYS A 11 12.72 14.73 18.61
CA LYS A 11 12.60 13.32 18.21
C LYS A 11 12.82 13.09 16.71
N TYR A 12 12.52 14.08 15.90
CA TYR A 12 12.79 14.03 14.47
C TYR A 12 14.32 14.07 14.28
N LEU A 13 14.96 14.95 15.03
CA LEU A 13 16.41 15.10 15.01
C LEU A 13 17.10 13.85 15.58
N GLU A 14 16.51 13.32 16.62
CA GLU A 14 16.91 12.05 17.26
C GLU A 14 17.02 10.94 16.16
N MET A 15 16.01 10.90 15.30
CA MET A 15 16.00 9.95 14.19
C MET A 15 17.06 10.31 13.15
N MET A 16 17.22 11.59 12.95
CA MET A 16 18.12 12.16 11.95
C MET A 16 19.60 11.72 12.15
N GLU A 17 19.96 11.30 13.37
CA GLU A 17 21.31 10.81 13.64
C GLU A 17 21.60 9.40 13.07
N LEU A 18 20.62 8.77 12.46
CA LEU A 18 20.85 7.47 11.83
C LEU A 18 21.71 7.55 10.52
N ASP A 19 22.06 6.39 9.98
CA ASP A 19 23.07 6.25 8.88
C ASP A 19 22.66 6.71 7.47
N ILE A 20 21.67 7.59 7.34
CA ILE A 20 21.19 8.11 6.02
C ILE A 20 20.25 9.26 6.27
N GLY A 21 19.13 8.92 6.84
CA GLY A 21 18.12 9.87 7.22
C GLY A 21 17.70 10.71 6.07
N ASP A 22 16.79 10.21 5.28
CA ASP A 22 16.39 10.85 4.08
C ASP A 22 15.16 11.67 4.43
N ALA A 23 15.11 12.92 4.01
CA ALA A 23 14.02 13.86 4.36
C ALA A 23 12.61 13.28 4.23
N THR A 24 12.34 12.59 3.15
CA THR A 24 11.02 12.02 2.94
C THR A 24 10.78 10.88 3.95
N GLN A 25 11.73 9.97 4.06
CA GLN A 25 11.65 8.87 5.00
C GLN A 25 11.50 9.32 6.43
N VAL A 26 12.36 10.21 6.85
CA VAL A 26 12.34 10.71 8.23
C VAL A 26 11.00 11.34 8.59
N TYR A 27 10.40 12.06 7.65
CA TYR A 27 9.10 12.66 7.87
C TYR A 27 8.03 11.60 8.11
N VAL A 28 7.99 10.58 7.25
CA VAL A 28 6.99 9.52 7.36
C VAL A 28 7.26 8.65 8.59
N ALA A 29 8.53 8.35 8.81
CA ALA A 29 8.94 7.57 9.94
C ALA A 29 8.60 8.28 11.24
N PHE A 30 8.79 9.60 11.28
CA PHE A 30 8.44 10.42 12.44
C PHE A 30 6.96 10.30 12.74
N LEU A 31 6.16 10.35 11.68
CA LEU A 31 4.71 10.22 11.79
C LEU A 31 4.34 8.92 12.49
N VAL A 32 4.86 7.82 11.99
CA VAL A 32 4.49 6.56 12.55
C VAL A 32 5.16 6.35 13.92
N TYR A 33 6.39 6.89 14.09
CA TYR A 33 7.11 6.87 15.38
C TYR A 33 6.24 7.41 16.50
N LEU A 34 5.69 8.60 16.30
CA LEU A 34 4.76 9.19 17.26
C LEU A 34 3.47 8.40 17.40
N ASP A 35 3.09 7.70 16.35
CA ASP A 35 1.85 6.92 16.43
C ASP A 35 2.07 5.69 17.31
N LEU A 36 3.10 4.90 17.03
CA LEU A 36 3.35 3.71 17.84
C LEU A 36 3.72 4.06 19.25
N MET A 37 4.47 5.13 19.44
CA MET A 37 4.91 5.49 20.77
C MET A 37 3.81 6.18 21.56
N GLU A 38 3.17 7.15 20.97
CA GLU A 38 2.18 7.92 21.70
C GLU A 38 0.74 7.49 21.54
N SER A 39 0.44 6.68 20.58
CA SER A 39 -0.91 6.26 20.40
C SER A 39 -1.05 4.79 20.75
N LYS A 40 -0.21 3.94 20.16
CA LYS A 40 -0.23 2.50 20.47
C LYS A 40 0.58 2.22 21.73
N SER A 41 1.36 3.24 22.15
CA SER A 41 2.32 3.18 23.24
C SER A 41 3.01 1.83 23.49
N TRP A 42 4.04 1.51 22.73
CA TRP A 42 4.82 0.32 23.03
C TRP A 42 6.07 0.65 23.81
N HIS A 43 6.76 -0.39 24.26
CA HIS A 43 8.00 -0.20 25.04
C HIS A 43 9.12 0.41 24.23
N GLU A 44 9.23 0.06 22.99
CA GLU A 44 10.37 0.46 22.24
C GLU A 44 10.05 0.53 20.78
N VAL A 45 10.51 1.57 20.14
CA VAL A 45 10.36 1.78 18.73
C VAL A 45 11.70 2.33 18.25
N ASN A 46 12.35 1.67 17.31
CA ASN A 46 13.70 2.09 16.93
C ASN A 46 13.68 2.47 15.50
N CYS A 47 14.56 3.35 15.13
CA CYS A 47 14.63 3.83 13.81
C CYS A 47 15.94 3.41 13.21
N VAL A 48 15.89 2.71 12.12
CA VAL A 48 17.06 2.19 11.49
C VAL A 48 17.12 2.68 10.08
N GLY A 49 18.24 3.22 9.72
CA GLY A 49 18.46 3.64 8.39
C GLY A 49 19.20 2.57 7.65
N LEU A 50 18.58 2.01 6.65
CA LEU A 50 19.19 0.94 5.93
C LEU A 50 19.70 1.50 4.59
N PRO A 51 21.03 1.79 4.50
CA PRO A 51 21.67 2.48 3.36
C PRO A 51 21.48 1.81 2.00
N GLU A 52 21.53 0.48 1.96
CA GLU A 52 21.46 -0.26 0.69
C GLU A 52 20.13 0.01 -0.02
N LEU A 53 19.07 0.05 0.73
CA LEU A 53 17.74 0.25 0.20
C LEU A 53 17.38 1.72 0.30
N GLN A 54 18.20 2.41 1.07
CA GLN A 54 18.03 3.81 1.42
C GLN A 54 16.63 4.10 1.94
N LEU A 55 16.28 3.37 2.96
CA LEU A 55 15.02 3.55 3.62
C LEU A 55 15.20 3.55 5.10
N ILE A 56 14.18 3.91 5.79
CA ILE A 56 14.19 3.90 7.22
C ILE A 56 13.20 2.86 7.63
N CYS A 57 13.52 2.10 8.62
CA CYS A 57 12.65 1.07 9.03
C CYS A 57 12.59 1.09 10.54
N LEU A 58 11.42 0.98 11.06
CA LEU A 58 11.22 1.02 12.47
C LEU A 58 10.96 -0.33 13.01
N VAL A 59 11.85 -0.81 13.79
CA VAL A 59 11.70 -2.09 14.38
C VAL A 59 11.75 -1.83 15.85
N GLY A 60 10.71 -2.17 16.55
CA GLY A 60 10.71 -1.91 17.94
C GLY A 60 10.41 -3.11 18.76
N THR A 61 10.58 -2.96 20.03
CA THR A 61 10.31 -3.99 20.93
C THR A 61 8.97 -3.65 21.56
N GLU A 62 7.91 -4.36 21.17
CA GLU A 62 6.60 -4.06 21.66
C GLU A 62 6.53 -4.36 23.15
N ILE A 63 7.16 -5.44 23.54
CA ILE A 63 7.28 -5.81 24.92
C ILE A 63 8.76 -6.16 25.17
N GLU A 64 9.43 -5.39 26.05
CA GLU A 64 10.88 -5.60 26.28
C GLU A 64 11.25 -7.05 26.58
N GLY A 65 12.06 -7.58 25.72
CA GLY A 65 12.53 -8.93 25.82
C GLY A 65 12.24 -9.63 24.53
N GLU A 66 11.07 -9.35 24.02
CA GLU A 66 10.63 -9.86 22.75
C GLU A 66 10.94 -8.80 21.70
N GLY A 67 9.98 -8.40 20.90
CA GLY A 67 10.25 -7.39 19.92
C GLY A 67 10.26 -7.99 18.55
N LEU A 68 9.09 -8.14 17.98
CA LEU A 68 8.92 -8.81 16.70
C LEU A 68 8.25 -7.88 15.72
N GLN A 69 8.08 -6.63 16.10
CA GLN A 69 7.34 -5.73 15.27
C GLN A 69 8.25 -4.87 14.46
N THR A 70 8.00 -4.90 13.22
CA THR A 70 8.66 -4.12 12.26
C THR A 70 7.62 -3.23 11.59
N VAL A 71 7.84 -2.01 11.53
CA VAL A 71 6.93 -1.15 10.93
C VAL A 71 7.70 -0.32 9.97
N VAL A 72 7.32 -0.32 8.75
CA VAL A 72 8.13 0.34 7.80
C VAL A 72 7.33 1.50 7.22
N PRO A 73 7.80 2.73 7.46
CA PRO A 73 7.15 3.94 6.96
C PRO A 73 7.06 3.93 5.44
N THR A 74 5.84 3.99 4.95
CA THR A 74 5.60 3.90 3.55
C THR A 74 4.45 4.85 3.12
N PRO A 75 4.72 5.78 2.21
CA PRO A 75 3.72 6.73 1.73
C PRO A 75 2.84 6.15 0.64
N ILE A 76 1.69 6.72 0.49
CA ILE A 76 0.74 6.38 -0.54
C ILE A 76 1.24 6.87 -1.93
N THR A 77 2.26 7.70 -1.91
CA THR A 77 2.84 8.24 -3.12
C THR A 77 4.07 7.38 -3.56
N ALA A 78 4.36 6.33 -2.79
CA ALA A 78 5.44 5.42 -3.12
C ALA A 78 4.86 4.05 -3.36
N SER A 79 5.71 3.10 -3.65
CA SER A 79 5.24 1.81 -3.94
C SER A 79 5.89 0.72 -3.09
N LEU A 80 5.10 -0.29 -2.79
CA LEU A 80 5.56 -1.53 -2.23
C LEU A 80 5.82 -2.38 -3.45
N SER A 81 6.35 -3.58 -3.29
CA SER A 81 6.59 -4.50 -4.39
C SER A 81 6.90 -5.83 -3.77
N HIS A 82 6.64 -6.98 -4.45
CA HIS A 82 7.11 -8.24 -3.85
C HIS A 82 8.62 -8.31 -3.89
N ASN A 83 9.21 -7.57 -4.81
CA ASN A 83 10.66 -7.41 -4.89
C ASN A 83 11.10 -6.58 -3.68
N ARG A 84 10.30 -5.58 -3.32
CA ARG A 84 10.59 -4.76 -2.15
C ARG A 84 10.33 -5.57 -0.90
N ILE A 85 9.36 -6.47 -0.96
CA ILE A 85 9.11 -7.39 0.12
C ILE A 85 10.38 -8.14 0.40
N ARG A 86 11.00 -8.63 -0.67
CA ARG A 86 12.26 -9.32 -0.58
C ARG A 86 13.32 -8.42 0.12
N GLU A 87 13.28 -7.12 -0.18
CA GLU A 87 14.20 -6.16 0.39
C GLU A 87 13.87 -5.92 1.87
N ILE A 88 12.57 -5.69 2.15
CA ILE A 88 12.12 -5.42 3.51
C ILE A 88 12.37 -6.63 4.40
N LEU A 89 12.04 -7.83 3.89
CA LEU A 89 12.38 -9.09 4.57
C LEU A 89 13.85 -9.12 5.00
N LYS A 90 14.74 -8.79 4.08
CA LYS A 90 16.17 -8.84 4.36
C LYS A 90 16.53 -7.80 5.42
N ALA A 91 15.94 -6.63 5.28
CA ALA A 91 16.19 -5.52 6.19
C ALA A 91 15.74 -5.84 7.60
N SER A 92 14.47 -6.16 7.77
CA SER A 92 13.91 -6.43 9.08
C SER A 92 14.54 -7.64 9.77
N ARG A 93 14.75 -8.69 9.01
CA ARG A 93 15.36 -9.91 9.53
C ARG A 93 16.82 -9.68 9.95
N LYS A 94 17.47 -8.71 9.31
CA LYS A 94 18.82 -8.29 9.67
C LYS A 94 18.84 -7.64 11.06
N LEU A 95 17.88 -6.76 11.31
CA LEU A 95 17.78 -6.07 12.60
C LEU A 95 17.14 -6.95 13.64
N GLN A 96 16.50 -7.99 13.19
CA GLN A 96 15.78 -8.87 14.07
C GLN A 96 16.75 -9.84 14.75
N GLY A 97 17.98 -9.90 14.26
CA GLY A 97 18.95 -10.79 14.83
C GLY A 97 19.00 -12.08 14.09
N ASP A 98 17.92 -12.83 14.15
CA ASP A 98 17.81 -14.04 13.37
C ASP A 98 17.38 -13.65 11.97
N PRO A 99 18.27 -13.73 11.00
CA PRO A 99 17.98 -13.31 9.67
C PRO A 99 17.40 -14.42 8.78
N ASP A 100 16.97 -15.52 9.39
CA ASP A 100 16.47 -16.64 8.58
C ASP A 100 15.02 -16.98 8.92
N LEU A 101 14.58 -16.55 10.08
CA LEU A 101 13.23 -16.81 10.54
C LEU A 101 12.20 -16.07 9.66
N PRO A 102 11.14 -16.77 9.19
CA PRO A 102 10.09 -16.15 8.38
C PRO A 102 9.31 -15.12 9.17
N MET A 103 9.49 -13.87 8.81
CA MET A 103 8.81 -12.80 9.49
C MET A 103 7.74 -12.21 8.56
N SER A 104 6.88 -11.46 9.16
CA SER A 104 5.89 -10.71 8.47
C SER A 104 6.12 -9.26 8.82
N PHE A 105 5.62 -8.34 8.06
CA PHE A 105 5.91 -6.98 8.37
C PHE A 105 4.69 -6.11 8.25
N THR A 106 4.63 -5.13 9.09
CA THR A 106 3.54 -4.22 9.11
C THR A 106 3.89 -2.96 8.34
N LEU A 107 3.18 -2.75 7.29
CA LEU A 107 3.33 -1.57 6.49
C LEU A 107 2.57 -0.42 7.08
N ALA A 108 3.26 0.65 7.27
CA ALA A 108 2.67 1.84 7.74
C ALA A 108 2.45 2.73 6.56
N ILE A 109 1.24 2.75 6.12
CA ILE A 109 0.89 3.44 4.91
C ILE A 109 0.38 4.81 5.27
N VAL A 110 1.06 5.82 4.78
CA VAL A 110 0.64 7.14 5.11
C VAL A 110 0.23 7.92 3.91
N GLU A 111 -0.89 8.56 4.05
CA GLU A 111 -1.47 9.40 3.05
C GLU A 111 -0.62 10.61 2.72
N SER A 112 0.19 11.04 3.67
CA SER A 112 0.93 12.28 3.58
C SER A 112 -0.01 13.45 3.78
N ASP A 113 -0.37 13.61 5.03
CA ASP A 113 -1.33 14.59 5.56
C ASP A 113 -1.54 14.27 7.01
N SER A 114 -1.98 13.03 7.27
CA SER A 114 -2.24 12.57 8.63
C SER A 114 -2.68 11.10 8.68
N THR A 115 -3.35 10.61 7.62
CA THR A 115 -3.88 9.25 7.63
C THR A 115 -2.76 8.20 7.63
N ILE A 116 -2.63 7.49 8.76
CA ILE A 116 -1.67 6.41 8.92
C ILE A 116 -2.45 5.11 8.94
N VAL A 117 -2.21 4.25 7.97
CA VAL A 117 -2.93 3.00 7.83
C VAL A 117 -1.97 1.84 8.03
N TYR A 118 -2.16 1.11 9.10
CA TYR A 118 -1.36 -0.07 9.34
C TYR A 118 -1.97 -1.27 8.63
N TYR A 119 -1.23 -1.79 7.68
CA TYR A 119 -1.69 -2.91 6.89
C TYR A 119 -0.56 -3.93 6.82
N LYS A 120 -0.80 -5.15 7.24
CA LYS A 120 0.26 -6.13 7.22
C LYS A 120 0.44 -6.80 5.91
N LEU A 121 1.50 -7.49 5.84
CA LEU A 121 1.90 -8.24 4.73
C LEU A 121 2.63 -9.44 5.25
N THR A 122 2.37 -10.62 4.71
CA THR A 122 3.13 -11.73 5.24
C THR A 122 3.75 -12.63 4.20
N ASP A 123 4.77 -13.34 4.63
CA ASP A 123 5.54 -14.20 3.79
C ASP A 123 6.08 -15.35 4.62
N SER B 1 -29.19 -8.05 -11.03
CA SER B 1 -28.28 -6.94 -11.24
C SER B 1 -27.53 -6.64 -9.93
N GLU B 2 -27.70 -7.57 -8.95
CA GLU B 2 -27.06 -7.49 -7.63
C GLU B 2 -27.52 -6.33 -6.81
N ASP B 3 -27.03 -5.17 -7.12
CA ASP B 3 -27.31 -4.03 -6.34
C ASP B 3 -28.61 -3.38 -6.68
N ALA B 4 -29.56 -3.70 -5.88
CA ALA B 4 -30.86 -3.10 -5.87
C ALA B 4 -31.17 -2.78 -4.43
N TRP B 5 -30.11 -2.79 -3.64
CA TRP B 5 -30.20 -2.65 -2.21
C TRP B 5 -29.56 -1.36 -1.67
N MET B 6 -28.49 -0.90 -2.30
CA MET B 6 -27.79 0.27 -1.79
C MET B 6 -27.59 1.34 -2.83
N GLY B 7 -27.19 0.94 -4.00
CA GLY B 7 -26.82 1.89 -4.98
C GLY B 7 -27.86 2.17 -6.00
N THR B 8 -27.90 1.31 -7.00
CA THR B 8 -28.71 1.46 -8.20
C THR B 8 -28.24 2.69 -8.96
N HIS B 9 -27.04 2.57 -9.47
CA HIS B 9 -26.38 3.63 -10.17
C HIS B 9 -25.98 3.13 -11.54
N PRO B 10 -26.27 3.90 -12.60
CA PRO B 10 -25.97 3.53 -13.99
C PRO B 10 -24.52 3.01 -14.20
N LYS B 11 -23.56 3.69 -13.62
CA LYS B 11 -22.16 3.30 -13.77
C LYS B 11 -21.81 1.98 -13.04
N TYR B 12 -22.52 1.70 -11.96
CA TYR B 12 -22.41 0.42 -11.28
C TYR B 12 -22.93 -0.66 -12.22
N LEU B 13 -24.06 -0.36 -12.84
CA LEU B 13 -24.69 -1.24 -13.82
C LEU B 13 -23.81 -1.41 -15.09
N GLU B 14 -23.15 -0.32 -15.52
CA GLU B 14 -22.11 -0.39 -16.58
C GLU B 14 -21.11 -1.49 -16.28
N MET B 15 -20.64 -1.48 -15.04
CA MET B 15 -19.65 -2.43 -14.60
C MET B 15 -20.23 -3.84 -14.57
N MET B 16 -21.49 -3.97 -14.19
CA MET B 16 -22.15 -5.28 -14.06
C MET B 16 -22.10 -6.09 -15.36
N GLU B 17 -22.07 -5.41 -16.50
CA GLU B 17 -22.04 -6.08 -17.81
C GLU B 17 -20.75 -6.86 -18.10
N LEU B 18 -19.78 -6.79 -17.21
CA LEU B 18 -18.57 -7.57 -17.39
C LEU B 18 -18.78 -9.09 -17.15
N ASP B 19 -17.75 -9.87 -17.34
CA ASP B 19 -17.84 -11.34 -17.42
C ASP B 19 -17.93 -12.11 -16.07
N ILE B 20 -18.48 -11.52 -14.99
CA ILE B 20 -18.60 -12.21 -13.64
C ILE B 20 -19.36 -11.31 -12.67
N GLY B 21 -18.83 -10.12 -12.55
CA GLY B 21 -19.34 -9.05 -11.67
C GLY B 21 -19.89 -9.54 -10.33
N ASP B 22 -19.03 -9.66 -9.35
CA ASP B 22 -19.45 -10.10 -8.02
C ASP B 22 -19.89 -8.91 -7.25
N ALA B 23 -20.93 -9.06 -6.48
CA ALA B 23 -21.50 -7.98 -5.67
C ALA B 23 -20.45 -7.26 -4.80
N THR B 24 -19.55 -8.01 -4.18
CA THR B 24 -18.54 -7.40 -3.34
C THR B 24 -17.49 -6.66 -4.19
N GLN B 25 -16.99 -7.33 -5.23
CA GLN B 25 -16.04 -6.71 -6.14
C GLN B 25 -16.56 -5.47 -6.82
N VAL B 26 -17.72 -5.58 -7.42
CA VAL B 26 -18.35 -4.45 -8.10
C VAL B 26 -18.47 -3.24 -7.18
N TYR B 27 -18.99 -3.44 -5.98
CA TYR B 27 -19.10 -2.36 -4.98
C TYR B 27 -17.76 -1.66 -4.72
N VAL B 28 -16.70 -2.43 -4.50
CA VAL B 28 -15.38 -1.83 -4.21
C VAL B 28 -14.84 -1.18 -5.46
N ALA B 29 -14.99 -1.87 -6.56
CA ALA B 29 -14.53 -1.37 -7.84
C ALA B 29 -15.22 -0.08 -8.21
N PHE B 30 -16.52 0.00 -7.94
CA PHE B 30 -17.31 1.20 -8.17
C PHE B 30 -16.75 2.36 -7.36
N LEU B 31 -16.40 2.09 -6.11
CA LEU B 31 -15.83 3.09 -5.23
C LEU B 31 -14.57 3.70 -5.85
N VAL B 32 -13.63 2.85 -6.26
CA VAL B 32 -12.38 3.35 -6.81
C VAL B 32 -12.60 3.93 -8.23
N TYR B 33 -13.52 3.32 -8.98
CA TYR B 33 -13.93 3.80 -10.32
C TYR B 33 -14.32 5.28 -10.25
N LEU B 34 -15.14 5.63 -9.28
CA LEU B 34 -15.53 7.02 -9.10
C LEU B 34 -14.40 7.87 -8.58
N ASP B 35 -13.48 7.26 -7.85
CA ASP B 35 -12.36 8.05 -7.33
C ASP B 35 -11.41 8.42 -8.46
N LEU B 36 -10.95 7.44 -9.22
CA LEU B 36 -10.04 7.69 -10.34
C LEU B 36 -10.66 8.57 -11.43
N MET B 37 -11.93 8.47 -11.61
CA MET B 37 -12.60 9.20 -12.68
C MET B 37 -13.04 10.59 -12.27
N GLU B 38 -13.58 10.71 -11.08
CA GLU B 38 -14.17 11.97 -10.64
C GLU B 38 -13.25 12.75 -9.73
N SER B 39 -12.19 12.12 -9.25
CA SER B 39 -11.28 12.81 -8.39
C SER B 39 -9.94 12.99 -9.11
N LYS B 40 -9.30 11.88 -9.51
CA LYS B 40 -8.00 11.96 -10.20
C LYS B 40 -8.20 12.25 -11.69
N SER B 41 -9.47 12.16 -12.11
CA SER B 41 -9.91 12.42 -13.49
C SER B 41 -8.98 11.78 -14.56
N TRP B 42 -8.60 10.49 -14.39
CA TRP B 42 -7.71 9.85 -15.38
C TRP B 42 -8.39 9.71 -16.74
N HIS B 43 -7.58 9.69 -17.80
CA HIS B 43 -8.08 9.63 -19.17
C HIS B 43 -8.99 8.43 -19.45
N GLU B 44 -8.63 7.30 -18.93
CA GLU B 44 -9.36 6.09 -19.24
C GLU B 44 -9.26 5.12 -18.08
N VAL B 45 -10.40 4.66 -17.61
CA VAL B 45 -10.48 3.67 -16.53
C VAL B 45 -11.48 2.59 -16.97
N ASN B 46 -11.09 1.32 -16.96
CA ASN B 46 -11.96 0.25 -17.45
C ASN B 46 -12.11 -0.78 -16.38
N CYS B 47 -13.17 -1.53 -16.44
CA CYS B 47 -13.43 -2.53 -15.46
C CYS B 47 -13.44 -3.88 -16.13
N VAL B 48 -12.56 -4.73 -15.72
CA VAL B 48 -12.42 -6.04 -16.31
C VAL B 48 -12.71 -7.11 -15.27
N GLY B 49 -13.59 -8.02 -15.60
CA GLY B 49 -13.83 -9.13 -14.76
C GLY B 49 -12.98 -10.29 -15.18
N LEU B 50 -12.15 -10.75 -14.30
CA LEU B 50 -11.24 -11.81 -14.64
C LEU B 50 -11.74 -13.09 -13.92
N PRO B 51 -12.41 -14.00 -14.68
CA PRO B 51 -13.03 -15.21 -14.11
C PRO B 51 -12.04 -16.18 -13.45
N GLU B 52 -10.88 -16.37 -14.09
CA GLU B 52 -9.80 -17.26 -13.61
C GLU B 52 -9.31 -16.85 -12.20
N LEU B 53 -9.54 -15.61 -11.88
CA LEU B 53 -9.15 -15.03 -10.59
C LEU B 53 -10.34 -14.63 -9.74
N GLN B 54 -11.53 -14.65 -10.36
CA GLN B 54 -12.82 -14.36 -9.71
C GLN B 54 -12.82 -12.91 -9.14
N LEU B 55 -12.15 -12.03 -9.83
CA LEU B 55 -12.04 -10.66 -9.36
C LEU B 55 -12.29 -9.63 -10.44
N ILE B 56 -12.35 -8.39 -10.03
CA ILE B 56 -12.51 -7.30 -10.93
C ILE B 56 -11.23 -6.50 -10.86
N CYS B 57 -10.82 -6.01 -11.97
CA CYS B 57 -9.59 -5.30 -12.08
C CYS B 57 -9.82 -4.10 -12.97
N LEU B 58 -9.29 -2.98 -12.57
CA LEU B 58 -9.45 -1.75 -13.31
C LEU B 58 -8.17 -1.34 -13.94
N VAL B 59 -8.15 -1.38 -15.23
CA VAL B 59 -6.98 -1.02 -15.98
C VAL B 59 -7.38 0.04 -16.96
N GLY B 60 -6.56 1.03 -17.13
CA GLY B 60 -6.89 2.04 -18.04
C GLY B 60 -5.70 2.77 -18.53
N THR B 61 -5.94 3.86 -19.15
CA THR B 61 -4.94 4.64 -19.72
C THR B 61 -4.86 5.94 -18.90
N GLU B 62 -3.84 6.05 -18.04
CA GLU B 62 -3.65 7.22 -17.17
C GLU B 62 -3.66 8.49 -18.03
N ILE B 63 -2.80 8.50 -19.04
CA ILE B 63 -2.71 9.55 -20.05
C ILE B 63 -2.64 8.81 -21.36
N GLU B 64 -3.49 9.17 -22.28
CA GLU B 64 -3.51 8.53 -23.59
C GLU B 64 -2.12 8.50 -24.23
N GLY B 65 -1.75 7.33 -24.74
CA GLY B 65 -0.46 7.16 -25.34
C GLY B 65 0.59 6.64 -24.37
N GLU B 66 0.48 7.03 -23.11
CA GLU B 66 1.47 6.64 -22.10
C GLU B 66 0.81 5.87 -20.97
N GLY B 67 -0.30 5.22 -21.28
CA GLY B 67 -1.06 4.49 -20.32
C GLY B 67 -0.35 3.34 -19.63
N LEU B 68 -0.04 3.55 -18.38
CA LEU B 68 0.51 2.57 -17.48
C LEU B 68 -0.22 2.75 -16.17
N GLN B 69 -1.35 2.09 -16.06
CA GLN B 69 -2.17 2.23 -14.88
C GLN B 69 -2.97 0.97 -14.67
N THR B 70 -2.92 0.46 -13.50
CA THR B 70 -3.70 -0.66 -13.09
C THR B 70 -4.10 -0.37 -11.68
N VAL B 71 -5.33 -0.63 -11.33
CA VAL B 71 -5.80 -0.39 -10.00
C VAL B 71 -6.73 -1.52 -9.66
N VAL B 72 -6.41 -2.26 -8.64
CA VAL B 72 -7.21 -3.39 -8.33
C VAL B 72 -7.93 -3.19 -7.01
N PRO B 73 -9.29 -3.14 -7.06
CA PRO B 73 -10.13 -2.97 -5.87
C PRO B 73 -9.89 -4.07 -4.84
N THR B 74 -9.52 -3.67 -3.64
CA THR B 74 -9.16 -4.60 -2.58
C THR B 74 -9.61 -4.04 -1.19
N PRO B 75 -10.33 -4.85 -0.41
CA PRO B 75 -10.81 -4.44 0.95
C PRO B 75 -9.70 -4.48 2.05
N ILE B 76 -9.86 -3.66 3.11
CA ILE B 76 -8.95 -3.56 4.29
C ILE B 76 -8.92 -4.86 5.11
N THR B 77 -10.01 -5.62 5.08
CA THR B 77 -10.17 -6.81 5.93
C THR B 77 -9.22 -7.97 5.48
N ALA B 78 -8.32 -7.68 4.59
CA ALA B 78 -7.37 -8.62 4.10
C ALA B 78 -5.95 -8.30 4.65
N SER B 79 -4.98 -8.83 3.97
CA SER B 79 -3.55 -8.66 4.26
C SER B 79 -2.86 -9.09 2.97
N LEU B 80 -1.65 -8.66 2.72
CA LEU B 80 -1.07 -8.92 1.40
C LEU B 80 -0.39 -10.29 1.32
N SER B 81 -0.57 -10.94 0.15
CA SER B 81 0.00 -12.22 -0.09
C SER B 81 0.63 -12.25 -1.49
N HIS B 82 1.92 -12.57 -1.56
CA HIS B 82 2.67 -12.60 -2.83
C HIS B 82 2.11 -13.60 -3.87
N ASN B 83 1.37 -14.60 -3.44
CA ASN B 83 0.75 -15.57 -4.37
C ASN B 83 -0.36 -14.88 -5.18
N ARG B 84 -1.07 -13.95 -4.55
CA ARG B 84 -2.06 -13.18 -5.28
C ARG B 84 -1.37 -12.20 -6.18
N ILE B 85 -0.21 -11.71 -5.77
CA ILE B 85 0.58 -10.84 -6.63
C ILE B 85 0.84 -11.55 -7.94
N ARG B 86 1.25 -12.81 -7.83
CA ARG B 86 1.43 -13.66 -9.00
C ARG B 86 0.15 -13.65 -9.87
N GLU B 87 -1.00 -13.75 -9.21
CA GLU B 87 -2.28 -13.74 -9.90
C GLU B 87 -2.56 -12.35 -10.54
N ILE B 88 -2.31 -11.27 -9.78
CA ILE B 88 -2.61 -9.92 -10.27
C ILE B 88 -1.69 -9.56 -11.41
N LEU B 89 -0.39 -9.87 -11.28
CA LEU B 89 0.56 -9.72 -12.40
C LEU B 89 0.00 -10.35 -13.68
N LYS B 90 -0.36 -11.62 -13.62
CA LYS B 90 -0.89 -12.34 -14.78
C LYS B 90 -2.15 -11.65 -15.35
N ALA B 91 -2.96 -11.13 -14.44
CA ALA B 91 -4.20 -10.49 -14.82
C ALA B 91 -3.95 -9.18 -15.52
N SER B 92 -3.24 -8.27 -14.88
CA SER B 92 -3.04 -6.93 -15.40
C SER B 92 -2.24 -6.96 -16.69
N ARG B 93 -1.23 -7.82 -16.71
CA ARG B 93 -0.36 -7.98 -17.86
C ARG B 93 -1.11 -8.55 -19.05
N LYS B 94 -2.13 -9.38 -18.79
CA LYS B 94 -2.91 -9.89 -19.90
C LYS B 94 -3.76 -8.77 -20.51
N LEU B 95 -4.20 -7.83 -19.67
CA LEU B 95 -4.98 -6.69 -20.19
C LEU B 95 -4.06 -5.62 -20.79
N GLN B 96 -2.80 -5.63 -20.38
CA GLN B 96 -1.81 -4.74 -20.99
C GLN B 96 -1.49 -5.18 -22.38
N GLY B 97 -1.56 -6.45 -22.59
CA GLY B 97 -1.23 -6.99 -23.87
C GLY B 97 0.21 -7.47 -23.95
N ASP B 98 0.91 -7.45 -22.83
CA ASP B 98 2.33 -7.81 -22.83
C ASP B 98 2.56 -9.30 -22.61
N PRO B 99 3.65 -9.87 -23.18
CA PRO B 99 4.09 -11.24 -22.91
C PRO B 99 4.94 -11.29 -21.61
N ASP B 100 5.89 -10.35 -21.48
CA ASP B 100 6.68 -10.25 -20.27
C ASP B 100 7.33 -8.88 -20.12
N LEU B 101 6.53 -7.94 -19.75
CA LEU B 101 7.04 -6.63 -19.44
C LEU B 101 6.98 -6.34 -17.94
N PRO B 102 8.14 -5.92 -17.35
CA PRO B 102 8.22 -5.54 -15.94
C PRO B 102 7.35 -4.32 -15.66
N MET B 103 6.30 -4.54 -14.92
CA MET B 103 5.35 -3.51 -14.63
C MET B 103 5.10 -3.49 -13.10
N SER B 104 3.93 -3.10 -12.69
CA SER B 104 3.62 -2.91 -11.32
C SER B 104 2.12 -2.78 -11.19
N PHE B 105 1.62 -2.63 -9.98
CA PHE B 105 0.22 -2.46 -9.80
C PHE B 105 -0.10 -1.62 -8.55
N THR B 106 -1.19 -0.91 -8.61
CA THR B 106 -1.62 -0.07 -7.54
C THR B 106 -2.82 -0.72 -6.82
N LEU B 107 -2.62 -1.05 -5.59
CA LEU B 107 -3.67 -1.60 -4.79
C LEU B 107 -4.56 -0.51 -4.26
N ALA B 108 -5.81 -0.67 -4.50
CA ALA B 108 -6.79 0.22 -3.97
C ALA B 108 -7.37 -0.45 -2.77
N ILE B 109 -6.98 0.03 -1.62
CA ILE B 109 -7.32 -0.60 -0.37
C ILE B 109 -8.49 0.17 0.23
N VAL B 110 -9.60 -0.48 0.40
CA VAL B 110 -10.76 0.24 0.90
C VAL B 110 -11.29 -0.28 2.21
N GLU B 111 -11.71 0.66 3.02
CA GLU B 111 -12.43 0.45 4.28
C GLU B 111 -13.88 0.01 3.91
N SER B 112 -14.16 0.28 2.64
CA SER B 112 -15.40 -0.03 1.92
C SER B 112 -16.53 0.93 2.34
N ASP B 113 -16.51 1.35 3.60
CA ASP B 113 -17.43 2.36 4.10
C ASP B 113 -17.23 3.64 3.33
N SER B 114 -15.95 3.96 3.05
CA SER B 114 -15.62 5.11 2.24
C SER B 114 -14.11 5.20 1.98
N THR B 115 -13.27 5.00 3.01
CA THR B 115 -11.83 5.24 2.87
C THR B 115 -11.16 4.40 1.79
N ILE B 116 -10.56 5.08 0.83
CA ILE B 116 -9.84 4.48 -0.26
C ILE B 116 -8.35 4.83 -0.12
N VAL B 117 -7.52 3.83 0.00
CA VAL B 117 -6.10 4.00 0.18
C VAL B 117 -5.34 3.41 -1.00
N TYR B 118 -4.75 4.27 -1.79
CA TYR B 118 -3.95 3.81 -2.91
C TYR B 118 -2.56 3.50 -2.48
N TYR B 119 -2.19 2.27 -2.61
CA TYR B 119 -0.91 1.83 -2.18
C TYR B 119 -0.34 0.93 -3.26
N LYS B 120 0.82 1.24 -3.79
CA LYS B 120 1.32 0.43 -4.88
C LYS B 120 2.07 -0.75 -4.41
N LEU B 121 2.32 -1.60 -5.37
CA LEU B 121 3.04 -2.79 -5.24
C LEU B 121 3.65 -3.08 -6.63
N THR B 122 4.94 -3.24 -6.73
CA THR B 122 5.54 -3.50 -8.02
C THR B 122 6.01 -4.96 -8.04
N ASP B 123 6.19 -5.49 -9.20
CA ASP B 123 6.73 -6.80 -9.33
C ASP B 123 8.16 -6.87 -8.85
N SER A 1 14.07 24.59 22.99
CA SER A 1 12.84 25.40 22.91
C SER A 1 13.11 26.77 22.27
N GLU A 2 14.39 27.07 21.99
CA GLU A 2 14.77 28.25 21.21
C GLU A 2 14.42 27.94 19.81
N ASP A 3 14.59 26.70 19.56
CA ASP A 3 14.27 26.06 18.39
C ASP A 3 12.84 25.62 18.54
N ALA A 4 12.05 26.05 17.66
CA ALA A 4 10.63 25.71 17.67
C ALA A 4 10.10 25.80 16.27
N TRP A 5 10.96 25.54 15.30
CA TRP A 5 10.60 25.80 13.93
C TRP A 5 10.55 24.53 13.08
N MET A 6 11.71 24.04 12.66
CA MET A 6 11.77 22.90 11.73
C MET A 6 12.06 21.58 12.41
N GLY A 7 12.55 21.64 13.63
CA GLY A 7 12.94 20.41 14.29
C GLY A 7 13.19 20.63 15.73
N THR A 8 12.15 20.96 16.42
CA THR A 8 12.23 21.25 17.83
C THR A 8 11.87 20.05 18.68
N HIS A 9 11.09 19.15 18.12
CA HIS A 9 10.60 18.06 18.90
C HIS A 9 11.66 17.04 19.10
N PRO A 10 11.95 16.69 20.37
CA PRO A 10 12.99 15.70 20.76
C PRO A 10 12.92 14.45 19.91
N LYS A 11 11.73 13.97 19.68
CA LYS A 11 11.57 12.79 18.89
C LYS A 11 11.73 12.95 17.39
N TYR A 12 11.40 14.13 16.87
CA TYR A 12 11.69 14.42 15.48
C TYR A 12 13.19 14.55 15.32
N LEU A 13 13.81 15.34 16.21
CA LEU A 13 15.25 15.53 16.18
C LEU A 13 15.99 14.18 16.36
N GLU A 14 15.46 13.37 17.26
CA GLU A 14 15.95 11.99 17.51
C GLU A 14 16.03 11.23 16.17
N MET A 15 14.99 11.36 15.39
CA MET A 15 14.87 10.73 14.08
C MET A 15 15.73 11.46 13.02
N MET A 16 15.85 12.73 13.18
CA MET A 16 16.57 13.63 12.26
C MET A 16 18.06 13.26 12.29
N GLU A 17 18.53 12.94 13.48
CA GLU A 17 19.91 12.55 13.76
C GLU A 17 20.28 11.16 13.14
N LEU A 18 19.28 10.48 12.60
CA LEU A 18 19.46 9.23 11.85
C LEU A 18 20.41 9.40 10.66
N ASP A 19 21.27 8.38 10.46
CA ASP A 19 22.35 8.30 9.43
C ASP A 19 21.89 8.39 7.96
N ILE A 20 20.77 9.03 7.72
CA ILE A 20 20.21 9.23 6.39
C ILE A 20 19.32 10.44 6.55
N GLY A 21 18.16 10.17 7.13
CA GLY A 21 17.19 11.15 7.52
C GLY A 21 16.98 12.26 6.51
N ASP A 22 16.16 12.02 5.51
CA ASP A 22 15.87 13.02 4.48
C ASP A 22 14.59 13.69 4.89
N ALA A 23 14.37 14.93 4.48
CA ALA A 23 13.17 15.68 4.87
C ALA A 23 11.86 14.93 4.59
N THR A 24 11.80 14.19 3.49
CA THR A 24 10.59 13.47 3.15
C THR A 24 10.53 12.16 3.95
N GLN A 25 11.66 11.46 4.02
CA GLN A 25 11.79 10.22 4.76
C GLN A 25 11.42 10.45 6.23
N VAL A 26 12.02 11.46 6.85
CA VAL A 26 11.76 11.79 8.23
C VAL A 26 10.31 12.13 8.43
N TYR A 27 9.73 12.88 7.49
CA TYR A 27 8.31 13.20 7.52
C TYR A 27 7.44 11.94 7.66
N VAL A 28 7.68 10.95 6.83
CA VAL A 28 6.88 9.74 6.82
C VAL A 28 7.12 8.93 8.09
N ALA A 29 8.38 8.72 8.39
CA ALA A 29 8.76 7.95 9.54
C ALA A 29 8.26 8.59 10.84
N PHE A 30 8.36 9.92 10.93
CA PHE A 30 7.90 10.67 12.10
C PHE A 30 6.42 10.45 12.34
N LEU A 31 5.64 10.52 11.29
CA LEU A 31 4.21 10.31 11.42
C LEU A 31 3.86 8.92 11.90
N VAL A 32 4.52 7.89 11.37
CA VAL A 32 4.21 6.54 11.81
C VAL A 32 4.77 6.28 13.23
N TYR A 33 5.96 6.83 13.50
CA TYR A 33 6.58 6.80 14.84
C TYR A 33 5.59 7.32 15.89
N LEU A 34 5.01 8.48 15.63
CA LEU A 34 3.99 9.03 16.52
C LEU A 34 2.75 8.17 16.60
N ASP A 35 2.45 7.46 15.54
CA ASP A 35 1.27 6.61 15.60
C ASP A 35 1.58 5.42 16.49
N LEU A 36 2.66 4.72 16.21
CA LEU A 36 3.09 3.59 17.03
C LEU A 36 3.14 3.92 18.49
N MET A 37 3.76 5.01 18.82
CA MET A 37 3.93 5.37 20.22
C MET A 37 2.68 5.96 20.88
N GLU A 38 2.00 6.86 20.19
CA GLU A 38 0.89 7.59 20.80
C GLU A 38 -0.48 7.04 20.45
N SER A 39 -0.55 6.25 19.43
CA SER A 39 -1.81 5.72 18.99
C SER A 39 -1.82 4.22 19.25
N LYS A 40 -0.86 3.51 18.65
CA LYS A 40 -0.74 2.09 18.76
C LYS A 40 -0.08 1.68 20.10
N SER A 41 0.44 2.66 20.84
CA SER A 41 1.08 2.45 22.14
C SER A 41 2.16 1.33 22.15
N TRP A 42 3.27 1.58 21.49
CA TRP A 42 4.42 0.70 21.54
C TRP A 42 5.27 0.95 22.76
N HIS A 43 5.84 -0.12 23.28
CA HIS A 43 6.74 -0.05 24.43
C HIS A 43 8.06 0.60 24.04
N GLU A 44 8.47 0.39 22.85
CA GLU A 44 9.75 0.86 22.41
C GLU A 44 9.77 0.94 20.94
N VAL A 45 10.21 2.03 20.44
CA VAL A 45 10.25 2.23 19.03
C VAL A 45 11.64 2.74 18.68
N ASN A 46 12.36 2.01 17.87
CA ASN A 46 13.65 2.45 17.44
C ASN A 46 13.72 2.58 15.96
N CYS A 47 14.52 3.47 15.50
CA CYS A 47 14.53 3.84 14.12
C CYS A 47 15.92 3.71 13.60
N VAL A 48 16.07 3.03 12.49
CA VAL A 48 17.40 2.74 11.96
C VAL A 48 17.44 2.95 10.45
N GLY A 49 18.55 3.44 9.97
CA GLY A 49 18.72 3.69 8.58
C GLY A 49 19.84 2.88 7.97
N LEU A 50 19.57 2.38 6.80
CA LEU A 50 20.53 1.62 6.04
C LEU A 50 20.83 2.35 4.73
N PRO A 51 21.83 3.25 4.76
CA PRO A 51 22.16 4.24 3.68
C PRO A 51 22.42 3.68 2.29
N GLU A 52 22.85 2.45 2.18
CA GLU A 52 23.18 1.89 0.87
C GLU A 52 21.92 1.65 0.06
N LEU A 53 20.92 1.13 0.72
CA LEU A 53 19.63 0.91 0.10
C LEU A 53 18.78 2.12 0.35
N GLN A 54 19.28 2.95 1.27
CA GLN A 54 18.64 4.16 1.75
C GLN A 54 17.26 3.83 2.32
N LEU A 55 17.16 2.66 2.90
CA LEU A 55 15.94 2.19 3.48
C LEU A 55 15.98 2.41 4.95
N ILE A 56 14.93 2.91 5.47
CA ILE A 56 14.81 3.07 6.87
C ILE A 56 13.90 1.98 7.36
N CYS A 57 14.19 1.43 8.48
CA CYS A 57 13.37 0.41 9.06
C CYS A 57 13.18 0.75 10.50
N LEU A 58 11.96 0.85 10.87
CA LEU A 58 11.61 1.19 12.19
C LEU A 58 11.25 -0.11 12.92
N VAL A 59 12.01 -0.44 13.93
CA VAL A 59 11.85 -1.70 14.63
C VAL A 59 11.84 -1.45 16.12
N GLY A 60 10.99 -2.10 16.85
CA GLY A 60 11.05 -1.98 18.30
C GLY A 60 10.32 -3.07 19.01
N THR A 61 9.99 -2.82 20.25
CA THR A 61 9.27 -3.75 21.01
C THR A 61 7.84 -3.27 21.17
N GLU A 62 6.93 -3.93 20.46
CA GLU A 62 5.51 -3.66 20.61
C GLU A 62 5.19 -4.03 22.07
N ILE A 63 5.86 -5.10 22.50
CA ILE A 63 5.88 -5.58 23.86
C ILE A 63 7.34 -5.87 24.16
N GLU A 64 7.88 -5.31 25.23
CA GLU A 64 9.28 -5.58 25.62
C GLU A 64 9.58 -7.08 25.68
N GLY A 65 10.47 -7.51 24.82
CA GLY A 65 10.90 -8.88 24.78
C GLY A 65 10.54 -9.48 23.45
N GLU A 66 9.52 -8.94 22.84
CA GLU A 66 9.06 -9.35 21.53
C GLU A 66 9.55 -8.35 20.49
N GLY A 67 10.74 -7.83 20.71
CA GLY A 67 11.39 -6.95 19.76
C GLY A 67 11.83 -7.70 18.54
N LEU A 68 10.91 -7.88 17.67
CA LEU A 68 11.10 -8.62 16.45
C LEU A 68 10.02 -8.17 15.48
N GLN A 69 9.46 -7.02 15.76
CA GLN A 69 8.42 -6.47 14.96
C GLN A 69 9.06 -5.48 14.07
N THR A 70 8.80 -5.59 12.82
CA THR A 70 9.37 -4.69 11.90
C THR A 70 8.23 -3.92 11.28
N VAL A 71 8.36 -2.63 11.19
CA VAL A 71 7.37 -1.80 10.58
C VAL A 71 8.13 -0.84 9.71
N VAL A 72 7.75 -0.70 8.48
CA VAL A 72 8.55 0.11 7.63
C VAL A 72 7.66 1.17 7.02
N PRO A 73 8.04 2.45 7.17
CA PRO A 73 7.28 3.56 6.62
C PRO A 73 7.17 3.48 5.09
N THR A 74 5.97 3.48 4.59
CA THR A 74 5.74 3.33 3.18
C THR A 74 4.61 4.30 2.69
N PRO A 75 4.96 5.24 1.79
CA PRO A 75 4.01 6.21 1.21
C PRO A 75 3.06 5.57 0.21
N ILE A 76 1.93 6.22 -0.01
CA ILE A 76 0.94 5.85 -1.02
C ILE A 76 1.59 5.72 -2.43
N THR A 77 2.72 6.38 -2.62
CA THR A 77 3.36 6.41 -3.91
C THR A 77 4.56 5.44 -3.98
N ALA A 78 4.86 4.72 -2.90
CA ALA A 78 5.97 3.77 -2.93
C ALA A 78 5.44 2.46 -3.37
N SER A 79 6.30 1.57 -3.70
CA SER A 79 5.85 0.35 -4.21
C SER A 79 6.30 -0.83 -3.38
N LEU A 80 5.37 -1.71 -3.12
CA LEU A 80 5.64 -2.95 -2.47
C LEU A 80 5.86 -3.99 -3.56
N SER A 81 6.61 -4.99 -3.30
CA SER A 81 6.95 -6.03 -4.26
C SER A 81 7.67 -7.05 -3.52
N HIS A 82 7.64 -8.31 -3.94
CA HIS A 82 8.46 -9.32 -3.26
C HIS A 82 9.95 -8.97 -3.40
N ASN A 83 10.26 -8.17 -4.40
CA ASN A 83 11.62 -7.69 -4.59
C ASN A 83 11.91 -6.63 -3.55
N ARG A 84 10.94 -5.75 -3.37
CA ARG A 84 11.05 -4.65 -2.42
C ARG A 84 11.04 -5.25 -1.00
N ILE A 85 10.26 -6.30 -0.83
CA ILE A 85 10.24 -7.09 0.40
C ILE A 85 11.60 -7.72 0.65
N ARG A 86 12.19 -8.26 -0.42
CA ARG A 86 13.51 -8.91 -0.38
C ARG A 86 14.51 -7.91 0.20
N GLU A 87 14.34 -6.63 -0.17
CA GLU A 87 15.24 -5.59 0.27
C GLU A 87 15.05 -5.41 1.77
N ILE A 88 13.79 -5.31 2.17
CA ILE A 88 13.41 -5.05 3.54
C ILE A 88 13.74 -6.22 4.46
N LEU A 89 13.35 -7.43 4.08
CA LEU A 89 13.68 -8.63 4.85
C LEU A 89 15.16 -8.71 5.16
N LYS A 90 15.99 -8.61 4.13
CA LYS A 90 17.44 -8.72 4.31
C LYS A 90 17.94 -7.58 5.20
N ALA A 91 17.36 -6.42 5.00
CA ALA A 91 17.67 -5.22 5.77
C ALA A 91 17.37 -5.43 7.26
N SER A 92 16.14 -5.78 7.55
CA SER A 92 15.70 -5.96 8.91
C SER A 92 16.32 -7.21 9.59
N ARG A 93 16.58 -8.28 8.83
CA ARG A 93 17.23 -9.47 9.41
C ARG A 93 18.67 -9.15 9.80
N LYS A 94 19.23 -8.20 9.08
CA LYS A 94 20.56 -7.70 9.31
C LYS A 94 20.55 -6.85 10.57
N LEU A 95 19.44 -6.18 10.79
CA LEU A 95 19.27 -5.32 11.92
C LEU A 95 18.91 -6.11 13.16
N GLN A 96 18.13 -7.19 12.99
CA GLN A 96 17.81 -8.03 14.12
C GLN A 96 19.02 -8.65 14.68
N GLY A 97 19.96 -8.97 13.82
CA GLY A 97 21.19 -9.51 14.31
C GLY A 97 21.33 -10.97 14.03
N ASP A 98 20.25 -11.58 13.64
CA ASP A 98 20.28 -12.99 13.35
C ASP A 98 20.18 -13.25 11.87
N PRO A 99 21.29 -13.83 11.31
CA PRO A 99 21.52 -14.04 9.87
C PRO A 99 20.29 -14.23 8.97
N ASP A 100 19.48 -15.23 9.23
CA ASP A 100 18.36 -15.53 8.34
C ASP A 100 17.10 -15.82 9.14
N LEU A 101 16.99 -15.20 10.30
CA LEU A 101 15.83 -15.37 11.17
C LEU A 101 14.50 -14.99 10.43
N PRO A 102 13.51 -15.94 10.36
CA PRO A 102 12.22 -15.74 9.65
C PRO A 102 11.34 -14.68 10.34
N MET A 103 10.90 -13.70 9.58
CA MET A 103 10.15 -12.60 10.15
C MET A 103 9.15 -11.97 9.11
N SER A 104 8.62 -10.85 9.45
CA SER A 104 7.65 -10.14 8.64
C SER A 104 7.69 -8.67 9.01
N PHE A 105 6.92 -7.86 8.34
CA PHE A 105 6.89 -6.47 8.64
C PHE A 105 5.53 -5.90 8.36
N THR A 106 5.19 -4.93 9.13
CA THR A 106 3.94 -4.27 8.96
C THR A 106 4.17 -3.01 8.15
N LEU A 107 3.39 -2.85 7.14
CA LEU A 107 3.47 -1.75 6.26
C LEU A 107 2.75 -0.59 6.85
N ALA A 108 3.49 0.43 7.14
CA ALA A 108 2.91 1.63 7.62
C ALA A 108 2.63 2.51 6.43
N ILE A 109 1.40 2.50 6.00
CA ILE A 109 0.99 3.19 4.80
C ILE A 109 0.49 4.58 5.17
N VAL A 110 1.04 5.59 4.55
CA VAL A 110 0.69 6.95 4.94
C VAL A 110 0.14 7.77 3.80
N GLU A 111 -0.98 8.43 4.05
CA GLU A 111 -1.59 9.34 3.12
C GLU A 111 -1.29 10.79 3.60
N SER A 112 -1.51 11.77 2.74
CA SER A 112 -1.14 13.14 2.99
C SER A 112 -1.88 13.81 4.18
N ASP A 113 -2.91 13.15 4.69
CA ASP A 113 -3.68 13.68 5.84
C ASP A 113 -3.15 13.17 7.16
N SER A 114 -1.89 12.72 7.15
CA SER A 114 -1.21 12.18 8.35
C SER A 114 -1.90 10.90 8.82
N THR A 115 -2.50 10.19 7.90
CA THR A 115 -3.19 8.97 8.19
C THR A 115 -2.30 7.75 7.95
N ILE A 116 -2.19 6.91 8.95
CA ILE A 116 -1.36 5.73 8.89
C ILE A 116 -2.23 4.49 8.89
N VAL A 117 -2.07 3.68 7.89
CA VAL A 117 -2.83 2.48 7.71
C VAL A 117 -1.89 1.30 7.84
N TYR A 118 -2.05 0.54 8.89
CA TYR A 118 -1.24 -0.63 9.10
C TYR A 118 -1.74 -1.78 8.27
N TYR A 119 -0.87 -2.32 7.49
CA TYR A 119 -1.18 -3.46 6.68
C TYR A 119 -0.08 -4.49 6.89
N LYS A 120 -0.43 -5.65 7.38
CA LYS A 120 0.53 -6.61 7.76
C LYS A 120 0.85 -7.49 6.54
N LEU A 121 2.10 -7.74 6.33
CA LEU A 121 2.53 -8.54 5.23
C LEU A 121 3.35 -9.68 5.73
N THR A 122 3.21 -10.88 5.10
CA THR A 122 4.12 -11.92 5.60
C THR A 122 4.80 -12.63 4.43
N ASP A 123 5.88 -13.32 4.70
CA ASP A 123 6.63 -14.00 3.64
C ASP A 123 6.65 -15.50 3.85
N SER B 1 -34.35 -5.99 -12.14
CA SER B 1 -33.03 -5.46 -11.86
C SER B 1 -32.97 -5.03 -10.40
N GLU B 2 -31.86 -5.32 -9.76
CA GLU B 2 -31.70 -4.97 -8.36
C GLU B 2 -31.18 -3.57 -8.18
N ASP B 3 -30.33 -3.17 -9.06
CA ASP B 3 -29.68 -1.91 -8.95
C ASP B 3 -30.55 -0.78 -9.50
N ALA B 4 -31.37 -0.25 -8.64
CA ALA B 4 -32.24 0.85 -9.00
C ALA B 4 -32.20 1.92 -7.93
N TRP B 5 -31.38 1.69 -6.92
CA TRP B 5 -31.26 2.60 -5.80
C TRP B 5 -30.36 3.74 -6.26
N MET B 6 -29.11 3.42 -6.45
CA MET B 6 -28.11 4.32 -6.97
C MET B 6 -27.47 3.71 -8.20
N GLY B 7 -28.03 2.57 -8.61
CA GLY B 7 -27.51 1.83 -9.75
C GLY B 7 -27.91 2.47 -11.04
N THR B 8 -28.69 3.48 -10.92
CA THR B 8 -29.21 4.24 -12.02
C THR B 8 -28.14 5.20 -12.54
N HIS B 9 -27.02 5.22 -11.85
CA HIS B 9 -25.90 6.01 -12.24
C HIS B 9 -25.20 5.35 -13.39
N PRO B 10 -25.04 6.07 -14.52
CA PRO B 10 -24.38 5.56 -15.74
C PRO B 10 -23.08 4.83 -15.48
N LYS B 11 -22.29 5.34 -14.54
CA LYS B 11 -21.01 4.71 -14.18
C LYS B 11 -21.23 3.41 -13.43
N TYR B 12 -22.17 3.39 -12.49
CA TYR B 12 -22.45 2.17 -11.75
C TYR B 12 -23.02 1.12 -12.68
N LEU B 13 -24.03 1.51 -13.45
CA LEU B 13 -24.64 0.60 -14.42
C LEU B 13 -23.59 0.07 -15.43
N GLU B 14 -22.71 0.98 -15.87
CA GLU B 14 -21.55 0.64 -16.73
C GLU B 14 -20.78 -0.52 -16.09
N MET B 15 -20.58 -0.41 -14.79
CA MET B 15 -19.87 -1.39 -14.03
C MET B 15 -20.72 -2.65 -13.76
N MET B 16 -22.03 -2.47 -13.62
CA MET B 16 -22.95 -3.62 -13.46
C MET B 16 -22.91 -4.53 -14.66
N GLU B 17 -22.84 -3.91 -15.81
CA GLU B 17 -22.82 -4.58 -17.11
C GLU B 17 -21.57 -5.54 -17.27
N LEU B 18 -20.64 -5.44 -16.30
CA LEU B 18 -19.42 -6.28 -16.17
C LEU B 18 -19.84 -7.77 -16.21
N ASP B 19 -19.01 -8.61 -16.77
CA ASP B 19 -19.29 -10.05 -16.94
C ASP B 19 -19.18 -10.87 -15.65
N ILE B 20 -19.40 -10.25 -14.51
CA ILE B 20 -19.37 -10.90 -13.21
C ILE B 20 -20.26 -10.02 -12.34
N GLY B 21 -19.70 -8.86 -12.04
CA GLY B 21 -20.34 -7.78 -11.30
C GLY B 21 -21.24 -8.27 -10.16
N ASP B 22 -20.68 -8.44 -9.00
CA ASP B 22 -21.44 -8.90 -7.83
C ASP B 22 -21.73 -7.68 -7.00
N ALA B 23 -22.84 -7.70 -6.27
CA ALA B 23 -23.25 -6.54 -5.45
C ALA B 23 -22.15 -6.02 -4.53
N THR B 24 -21.34 -6.91 -3.97
CA THR B 24 -20.29 -6.49 -3.08
C THR B 24 -19.09 -6.02 -3.93
N GLN B 25 -18.72 -6.83 -4.91
CA GLN B 25 -17.66 -6.49 -5.84
C GLN B 25 -17.87 -5.12 -6.52
N VAL B 26 -19.07 -4.92 -7.07
CA VAL B 26 -19.39 -3.67 -7.75
C VAL B 26 -19.28 -2.53 -6.76
N TYR B 27 -19.78 -2.75 -5.55
CA TYR B 27 -19.64 -1.77 -4.47
C TYR B 27 -18.20 -1.28 -4.31
N VAL B 28 -17.26 -2.20 -4.16
CA VAL B 28 -15.88 -1.82 -3.94
C VAL B 28 -15.31 -1.17 -5.16
N ALA B 29 -15.50 -1.80 -6.28
CA ALA B 29 -14.98 -1.30 -7.53
C ALA B 29 -15.53 0.08 -7.88
N PHE B 30 -16.81 0.30 -7.62
CA PHE B 30 -17.47 1.56 -7.88
C PHE B 30 -16.84 2.68 -7.07
N LEU B 31 -16.58 2.42 -5.80
CA LEU B 31 -15.95 3.41 -4.96
C LEU B 31 -14.56 3.80 -5.43
N VAL B 32 -13.74 2.81 -5.81
CA VAL B 32 -12.40 3.16 -6.27
C VAL B 32 -12.46 3.81 -7.67
N TYR B 33 -13.36 3.32 -8.52
CA TYR B 33 -13.62 3.89 -9.84
C TYR B 33 -13.92 5.40 -9.74
N LEU B 34 -14.76 5.77 -8.78
CA LEU B 34 -15.06 7.18 -8.54
C LEU B 34 -13.88 7.92 -7.97
N ASP B 35 -13.01 7.23 -7.25
CA ASP B 35 -11.86 7.92 -6.69
C ASP B 35 -10.87 8.20 -7.80
N LEU B 36 -10.52 7.20 -8.58
CA LEU B 36 -9.65 7.36 -9.75
C LEU B 36 -10.10 8.47 -10.67
N MET B 37 -11.37 8.51 -10.95
CA MET B 37 -11.87 9.46 -11.91
C MET B 37 -12.11 10.85 -11.31
N GLU B 38 -12.60 10.90 -10.09
CA GLU B 38 -13.01 12.16 -9.50
C GLU B 38 -11.99 12.72 -8.50
N SER B 39 -11.04 11.92 -8.04
CA SER B 39 -10.03 12.39 -7.11
C SER B 39 -8.68 12.41 -7.82
N LYS B 40 -8.20 11.23 -8.28
CA LYS B 40 -6.94 11.11 -9.02
C LYS B 40 -7.03 11.69 -10.42
N SER B 41 -8.26 11.96 -10.88
CA SER B 41 -8.49 12.53 -12.21
C SER B 41 -7.86 11.69 -13.35
N TRP B 42 -7.99 10.35 -13.27
CA TRP B 42 -7.52 9.47 -14.34
C TRP B 42 -8.11 9.82 -15.69
N HIS B 43 -7.27 9.70 -16.70
CA HIS B 43 -7.67 9.95 -18.07
C HIS B 43 -8.71 8.93 -18.54
N GLU B 44 -8.56 7.73 -18.13
CA GLU B 44 -9.37 6.65 -18.61
C GLU B 44 -9.36 5.51 -17.63
N VAL B 45 -10.52 5.05 -17.27
CA VAL B 45 -10.63 3.98 -16.31
C VAL B 45 -11.56 2.89 -16.88
N ASN B 46 -11.00 1.75 -17.23
CA ASN B 46 -11.80 0.64 -17.79
C ASN B 46 -11.91 -0.40 -16.72
N CYS B 47 -12.96 -1.17 -16.74
CA CYS B 47 -13.18 -2.15 -15.72
C CYS B 47 -13.45 -3.47 -16.39
N VAL B 48 -12.68 -4.49 -16.04
CA VAL B 48 -12.81 -5.80 -16.69
C VAL B 48 -12.88 -6.91 -15.65
N GLY B 49 -13.71 -7.90 -15.91
CA GLY B 49 -13.80 -9.04 -15.06
C GLY B 49 -13.28 -10.28 -15.74
N LEU B 50 -12.76 -11.17 -14.94
CA LEU B 50 -12.17 -12.39 -15.45
C LEU B 50 -12.75 -13.58 -14.75
N PRO B 51 -13.61 -14.34 -15.47
CA PRO B 51 -14.23 -15.55 -14.93
C PRO B 51 -13.19 -16.62 -14.54
N GLU B 52 -12.13 -16.73 -15.34
CA GLU B 52 -11.03 -17.69 -15.11
C GLU B 52 -10.44 -17.57 -13.70
N LEU B 53 -10.37 -16.37 -13.22
CA LEU B 53 -9.81 -16.12 -11.88
C LEU B 53 -10.82 -15.57 -10.89
N GLN B 54 -12.03 -15.27 -11.39
CA GLN B 54 -13.14 -14.74 -10.60
C GLN B 54 -12.76 -13.35 -10.02
N LEU B 55 -11.85 -12.70 -10.70
CA LEU B 55 -11.28 -11.43 -10.26
C LEU B 55 -11.68 -10.31 -11.20
N ILE B 56 -11.75 -9.13 -10.68
CA ILE B 56 -11.99 -7.95 -11.45
C ILE B 56 -10.73 -7.12 -11.40
N CYS B 57 -10.36 -6.56 -12.49
CA CYS B 57 -9.17 -5.81 -12.56
C CYS B 57 -9.54 -4.50 -13.24
N LEU B 58 -9.15 -3.41 -12.66
CA LEU B 58 -9.54 -2.14 -13.17
C LEU B 58 -8.29 -1.52 -13.80
N VAL B 59 -8.29 -1.39 -15.10
CA VAL B 59 -7.13 -0.93 -15.82
C VAL B 59 -7.51 0.19 -16.75
N GLY B 60 -6.72 1.21 -16.78
CA GLY B 60 -6.97 2.29 -17.66
C GLY B 60 -5.73 3.05 -17.94
N THR B 61 -5.88 4.22 -18.46
CA THR B 61 -4.78 5.02 -18.74
C THR B 61 -4.79 6.18 -17.78
N GLU B 62 -3.81 6.20 -16.87
CA GLU B 62 -3.69 7.26 -15.89
C GLU B 62 -3.54 8.57 -16.65
N ILE B 63 -2.67 8.51 -17.65
CA ILE B 63 -2.44 9.55 -18.61
C ILE B 63 -2.34 8.82 -19.95
N GLU B 64 -3.08 9.26 -20.95
CA GLU B 64 -3.03 8.64 -22.28
C GLU B 64 -1.59 8.56 -22.81
N GLY B 65 -1.26 7.43 -23.38
CA GLY B 65 0.07 7.22 -23.88
C GLY B 65 0.95 6.49 -22.87
N GLU B 66 0.86 6.91 -21.62
CA GLU B 66 1.66 6.34 -20.55
C GLU B 66 0.84 5.26 -19.80
N GLY B 67 -0.29 4.87 -20.38
CA GLY B 67 -1.14 3.90 -19.76
C GLY B 67 -0.54 2.53 -19.75
N LEU B 68 -0.47 1.97 -18.57
CA LEU B 68 0.17 0.68 -18.33
C LEU B 68 0.00 0.43 -16.82
N GLN B 69 -1.07 1.00 -16.26
CA GLN B 69 -1.30 0.99 -14.83
C GLN B 69 -2.41 0.02 -14.51
N THR B 70 -2.19 -0.81 -13.55
CA THR B 70 -3.21 -1.70 -13.10
C THR B 70 -3.59 -1.33 -11.65
N VAL B 71 -4.87 -1.30 -11.35
CA VAL B 71 -5.33 -1.01 -10.02
C VAL B 71 -6.40 -2.02 -9.69
N VAL B 72 -6.30 -2.65 -8.58
CA VAL B 72 -7.24 -3.70 -8.31
C VAL B 72 -7.92 -3.45 -6.98
N PRO B 73 -9.26 -3.38 -6.98
CA PRO B 73 -10.05 -3.16 -5.76
C PRO B 73 -9.79 -4.26 -4.73
N THR B 74 -9.45 -3.86 -3.54
CA THR B 74 -9.12 -4.79 -2.50
C THR B 74 -9.65 -4.30 -1.13
N PRO B 75 -10.44 -5.15 -0.42
CA PRO B 75 -10.92 -4.85 0.95
C PRO B 75 -9.72 -4.73 1.90
N ILE B 76 -9.78 -3.80 2.85
CA ILE B 76 -8.67 -3.42 3.72
C ILE B 76 -8.00 -4.58 4.51
N THR B 77 -8.75 -5.59 4.93
CA THR B 77 -8.15 -6.55 5.83
C THR B 77 -7.20 -7.56 5.12
N ALA B 78 -7.77 -8.54 4.41
CA ALA B 78 -7.04 -9.60 3.62
C ALA B 78 -5.65 -10.05 4.20
N SER B 79 -4.62 -9.22 3.91
CA SER B 79 -3.13 -9.36 4.27
C SER B 79 -2.31 -9.74 3.05
N LEU B 80 -1.08 -9.24 2.94
CA LEU B 80 -0.38 -9.32 1.67
C LEU B 80 0.37 -10.65 1.47
N SER B 81 0.06 -11.27 0.27
CA SER B 81 0.60 -12.53 -0.17
C SER B 81 0.86 -12.55 -1.71
N HIS B 82 2.09 -12.91 -2.05
CA HIS B 82 2.55 -13.03 -3.47
C HIS B 82 1.72 -14.00 -4.34
N ASN B 83 1.09 -14.98 -3.74
CA ASN B 83 0.30 -15.93 -4.54
C ASN B 83 -0.96 -15.25 -5.08
N ARG B 84 -1.51 -14.33 -4.29
CA ARG B 84 -2.69 -13.57 -4.69
C ARG B 84 -2.25 -12.59 -5.80
N ILE B 85 -1.02 -12.11 -5.69
CA ILE B 85 -0.40 -11.28 -6.70
C ILE B 85 -0.24 -12.05 -8.01
N ARG B 86 0.23 -13.30 -7.89
CA ARG B 86 0.41 -14.20 -9.05
C ARG B 86 -0.90 -14.26 -9.84
N GLU B 87 -2.00 -14.35 -9.11
CA GLU B 87 -3.33 -14.36 -9.68
C GLU B 87 -3.56 -13.09 -10.48
N ILE B 88 -3.22 -11.96 -9.87
CA ILE B 88 -3.52 -10.66 -10.43
C ILE B 88 -2.63 -10.36 -11.63
N LEU B 89 -1.31 -10.53 -11.47
CA LEU B 89 -0.37 -10.34 -12.58
C LEU B 89 -0.78 -11.10 -13.82
N LYS B 90 -0.94 -12.41 -13.70
CA LYS B 90 -1.32 -13.25 -14.84
C LYS B 90 -2.66 -12.77 -15.43
N ALA B 91 -3.50 -12.27 -14.56
CA ALA B 91 -4.79 -11.76 -14.92
C ALA B 91 -4.66 -10.46 -15.74
N SER B 92 -3.92 -9.48 -15.24
CA SER B 92 -3.88 -8.22 -15.90
C SER B 92 -2.94 -8.24 -17.09
N ARG B 93 -1.92 -9.13 -17.07
CA ARG B 93 -1.03 -9.28 -18.23
C ARG B 93 -1.81 -9.84 -19.40
N LYS B 94 -2.72 -10.78 -19.11
CA LYS B 94 -3.53 -11.33 -20.18
C LYS B 94 -4.48 -10.26 -20.72
N LEU B 95 -4.86 -9.31 -19.85
CA LEU B 95 -5.73 -8.21 -20.23
C LEU B 95 -4.95 -7.13 -20.99
N GLN B 96 -3.68 -7.03 -20.68
CA GLN B 96 -2.78 -6.07 -21.27
C GLN B 96 -2.36 -6.56 -22.65
N GLY B 97 -2.49 -7.86 -22.84
CA GLY B 97 -2.13 -8.50 -24.08
C GLY B 97 -0.63 -8.56 -24.28
N ASP B 98 0.12 -8.41 -23.18
CA ASP B 98 1.58 -8.33 -23.27
C ASP B 98 2.23 -9.70 -23.16
N PRO B 99 3.43 -9.87 -23.74
CA PRO B 99 4.22 -11.07 -23.52
C PRO B 99 4.84 -11.04 -22.13
N ASP B 100 5.50 -9.92 -21.84
CA ASP B 100 6.15 -9.73 -20.56
C ASP B 100 6.60 -8.29 -20.39
N LEU B 101 5.66 -7.42 -20.20
CA LEU B 101 5.98 -6.05 -19.85
C LEU B 101 6.14 -5.88 -18.35
N PRO B 102 7.06 -5.01 -17.90
CA PRO B 102 7.22 -4.74 -16.49
C PRO B 102 6.06 -3.88 -16.00
N MET B 103 5.21 -4.46 -15.22
CA MET B 103 4.05 -3.77 -14.76
C MET B 103 3.92 -3.99 -13.25
N SER B 104 2.76 -3.78 -12.74
CA SER B 104 2.49 -3.78 -11.35
C SER B 104 1.05 -3.49 -11.17
N PHE B 105 0.66 -3.18 -9.96
CA PHE B 105 -0.68 -2.81 -9.67
C PHE B 105 -0.75 -2.02 -8.41
N THR B 106 -1.71 -1.22 -8.32
CA THR B 106 -1.89 -0.42 -7.19
C THR B 106 -3.04 -1.01 -6.41
N LEU B 107 -2.84 -1.20 -5.16
CA LEU B 107 -3.84 -1.76 -4.30
C LEU B 107 -4.78 -0.69 -3.88
N ALA B 108 -5.98 -0.79 -4.36
CA ALA B 108 -7.00 0.12 -3.96
C ALA B 108 -7.64 -0.47 -2.73
N ILE B 109 -7.25 0.05 -1.60
CA ILE B 109 -7.65 -0.49 -0.33
C ILE B 109 -8.84 0.29 0.20
N VAL B 110 -9.93 -0.38 0.38
CA VAL B 110 -11.13 0.28 0.86
C VAL B 110 -11.46 -0.14 2.28
N GLU B 111 -11.65 0.81 3.16
CA GLU B 111 -11.91 0.51 4.55
C GLU B 111 -13.29 1.00 5.03
N SER B 112 -13.50 1.00 6.33
CA SER B 112 -14.80 1.27 6.95
C SER B 112 -15.34 2.70 6.69
N ASP B 113 -14.46 3.66 6.56
CA ASP B 113 -14.85 5.07 6.36
C ASP B 113 -15.01 5.36 4.86
N SER B 114 -14.93 4.29 4.05
CA SER B 114 -15.07 4.37 2.59
C SER B 114 -13.85 5.07 1.99
N THR B 115 -12.75 4.97 2.69
CA THR B 115 -11.53 5.55 2.26
C THR B 115 -10.86 4.61 1.27
N ILE B 116 -10.39 5.15 0.19
CA ILE B 116 -9.64 4.40 -0.75
C ILE B 116 -8.20 4.75 -0.51
N VAL B 117 -7.42 3.80 -0.10
CA VAL B 117 -6.05 4.03 0.21
C VAL B 117 -5.22 3.34 -0.85
N TYR B 118 -4.55 4.11 -1.64
CA TYR B 118 -3.73 3.58 -2.71
C TYR B 118 -2.41 3.12 -2.21
N TYR B 119 -2.14 1.86 -2.36
CA TYR B 119 -0.90 1.34 -1.97
C TYR B 119 -0.29 0.61 -3.17
N LYS B 120 0.79 1.13 -3.70
CA LYS B 120 1.35 0.63 -4.90
C LYS B 120 2.18 -0.63 -4.61
N LEU B 121 2.04 -1.60 -5.48
CA LEU B 121 2.77 -2.83 -5.39
C LEU B 121 3.31 -3.19 -6.80
N THR B 122 4.59 -3.42 -6.89
CA THR B 122 5.26 -3.79 -8.11
C THR B 122 5.67 -5.26 -8.04
N ASP B 123 5.94 -5.89 -9.15
CA ASP B 123 6.45 -7.24 -9.11
C ASP B 123 7.61 -7.41 -10.06
N SER A 1 18.07 21.18 14.16
CA SER A 1 18.26 21.85 15.43
C SER A 1 17.58 23.23 15.44
N GLU A 2 17.51 23.86 14.29
CA GLU A 2 16.85 25.16 14.14
C GLU A 2 15.64 24.96 13.32
N ASP A 3 15.29 23.73 13.22
CA ASP A 3 14.23 23.31 12.39
C ASP A 3 12.92 23.33 13.15
N ALA A 4 12.84 24.19 14.18
CA ALA A 4 11.67 24.30 15.05
C ALA A 4 10.43 24.71 14.26
N TRP A 5 10.67 25.23 13.09
CA TRP A 5 9.63 25.60 12.15
C TRP A 5 8.89 24.36 11.65
N MET A 6 9.55 23.22 11.72
CA MET A 6 8.92 21.97 11.34
C MET A 6 8.91 21.00 12.52
N GLY A 7 9.91 21.09 13.38
CA GLY A 7 9.96 20.20 14.48
C GLY A 7 10.90 20.61 15.60
N THR A 8 12.16 20.21 15.47
CA THR A 8 13.16 20.33 16.53
C THR A 8 12.67 19.61 17.76
N HIS A 9 12.67 18.34 17.63
CA HIS A 9 12.25 17.45 18.65
C HIS A 9 13.34 16.43 18.89
N PRO A 10 13.66 16.11 20.16
CA PRO A 10 14.73 15.17 20.53
C PRO A 10 14.68 13.84 19.76
N LYS A 11 13.51 13.25 19.73
CA LYS A 11 13.33 11.96 19.08
C LYS A 11 13.41 12.09 17.54
N TYR A 12 12.99 13.24 17.03
CA TYR A 12 13.09 13.59 15.61
C TYR A 12 14.59 13.66 15.23
N LEU A 13 15.35 14.49 15.98
CA LEU A 13 16.81 14.59 15.78
C LEU A 13 17.50 13.24 15.92
N GLU A 14 17.06 12.46 16.87
CA GLU A 14 17.55 11.08 17.07
C GLU A 14 17.45 10.29 15.75
N MET A 15 16.34 10.45 15.08
CA MET A 15 16.09 9.79 13.79
C MET A 15 16.87 10.49 12.67
N MET A 16 17.00 11.77 12.79
CA MET A 16 17.71 12.59 11.82
C MET A 16 19.22 12.22 11.85
N GLU A 17 19.73 11.96 13.06
CA GLU A 17 21.12 11.56 13.32
C GLU A 17 21.45 10.11 12.79
N LEU A 18 20.46 9.47 12.21
CA LEU A 18 20.67 8.16 11.54
C LEU A 18 21.70 8.27 10.39
N ASP A 19 21.97 7.15 9.77
CA ASP A 19 23.01 7.04 8.73
C ASP A 19 22.50 7.32 7.35
N ILE A 20 21.36 7.91 7.19
CA ILE A 20 20.84 7.94 5.87
C ILE A 20 20.87 9.28 5.23
N GLY A 21 20.21 10.21 5.76
CA GLY A 21 20.18 11.51 5.14
C GLY A 21 18.95 11.68 4.25
N ASP A 22 17.79 11.35 4.78
CA ASP A 22 16.57 11.54 4.02
C ASP A 22 15.48 12.17 4.85
N ALA A 23 15.12 13.38 4.48
CA ALA A 23 14.14 14.17 5.21
C ALA A 23 12.74 13.61 5.09
N THR A 24 12.48 12.92 4.00
CA THR A 24 11.17 12.37 3.76
C THR A 24 10.95 11.16 4.65
N GLN A 25 11.98 10.32 4.77
CA GLN A 25 11.92 9.20 5.65
C GLN A 25 11.78 9.65 7.06
N VAL A 26 12.66 10.55 7.47
CA VAL A 26 12.62 11.07 8.81
C VAL A 26 11.26 11.73 9.14
N TYR A 27 10.69 12.46 8.19
CA TYR A 27 9.39 13.07 8.40
C TYR A 27 8.29 12.01 8.56
N VAL A 28 8.21 11.10 7.61
CA VAL A 28 7.14 10.11 7.62
C VAL A 28 7.33 9.13 8.78
N ALA A 29 8.57 8.76 9.03
CA ALA A 29 8.88 7.86 10.11
C ALA A 29 8.54 8.46 11.46
N PHE A 30 8.93 9.74 11.69
CA PHE A 30 8.62 10.40 12.95
C PHE A 30 7.11 10.42 13.21
N LEU A 31 6.34 10.67 12.15
CA LEU A 31 4.89 10.69 12.26
C LEU A 31 4.32 9.33 12.66
N VAL A 32 4.79 8.25 12.02
CA VAL A 32 4.24 6.94 12.34
C VAL A 32 4.79 6.45 13.69
N TYR A 33 6.06 6.76 13.97
CA TYR A 33 6.71 6.49 15.25
C TYR A 33 5.85 6.95 16.42
N LEU A 34 5.51 8.23 16.43
CA LEU A 34 4.65 8.77 17.47
C LEU A 34 3.27 8.19 17.40
N ASP A 35 2.81 7.85 16.21
CA ASP A 35 1.46 7.34 16.05
C ASP A 35 1.33 6.01 16.76
N LEU A 36 2.26 5.11 16.50
CA LEU A 36 2.30 3.82 17.17
C LEU A 36 2.32 3.98 18.67
N MET A 37 3.23 4.82 19.14
CA MET A 37 3.43 5.02 20.57
C MET A 37 2.20 5.53 21.28
N GLU A 38 1.52 6.50 20.72
CA GLU A 38 0.34 7.04 21.39
C GLU A 38 -0.97 6.46 20.97
N SER A 39 -1.02 5.64 19.96
CA SER A 39 -2.28 5.12 19.55
C SER A 39 -2.37 3.65 19.85
N LYS A 40 -1.44 2.86 19.33
CA LYS A 40 -1.46 1.43 19.53
C LYS A 40 -0.68 1.05 20.77
N SER A 41 0.04 2.03 21.36
CA SER A 41 0.92 1.82 22.53
C SER A 41 1.67 0.46 22.50
N TRP A 42 2.72 0.40 21.70
CA TRP A 42 3.53 -0.81 21.64
C TRP A 42 4.38 -1.02 22.87
N HIS A 43 4.94 -2.19 22.93
CA HIS A 43 5.88 -2.56 23.94
C HIS A 43 7.26 -2.01 23.60
N GLU A 44 7.64 -2.13 22.35
CA GLU A 44 9.00 -1.81 21.95
C GLU A 44 8.96 -1.14 20.56
N VAL A 45 9.55 0.06 20.40
CA VAL A 45 9.69 0.71 19.04
C VAL A 45 11.05 1.45 18.96
N ASN A 46 11.81 1.26 17.83
CA ASN A 46 13.13 1.91 17.64
C ASN A 46 13.28 2.28 16.20
N CYS A 47 14.31 3.06 15.89
CA CYS A 47 14.52 3.56 14.55
C CYS A 47 15.93 3.16 14.09
N VAL A 48 16.04 2.61 12.90
CA VAL A 48 17.33 2.15 12.38
C VAL A 48 17.44 2.58 10.92
N GLY A 49 18.62 3.01 10.53
CA GLY A 49 18.84 3.40 9.15
C GLY A 49 19.64 2.38 8.37
N LEU A 50 19.03 1.88 7.29
CA LEU A 50 19.73 0.96 6.40
C LEU A 50 20.11 1.70 5.12
N PRO A 51 21.33 2.25 5.07
CA PRO A 51 21.75 3.13 3.99
C PRO A 51 22.02 2.43 2.66
N GLU A 52 22.30 1.14 2.70
CA GLU A 52 22.57 0.41 1.47
C GLU A 52 21.26 0.18 0.75
N LEU A 53 20.26 -0.12 1.54
CA LEU A 53 18.91 -0.34 1.06
C LEU A 53 18.14 0.97 1.00
N GLN A 54 18.81 2.05 1.44
CA GLN A 54 18.31 3.42 1.37
C GLN A 54 17.07 3.64 2.29
N LEU A 55 16.79 2.71 3.19
CA LEU A 55 15.58 2.85 3.93
C LEU A 55 15.72 2.94 5.43
N ILE A 56 14.88 3.77 6.00
CA ILE A 56 14.77 3.92 7.43
C ILE A 56 13.74 2.91 7.88
N CYS A 57 13.99 2.19 8.94
CA CYS A 57 13.05 1.21 9.34
C CYS A 57 12.92 1.26 10.84
N LEU A 58 11.73 1.09 11.30
CA LEU A 58 11.46 1.03 12.70
C LEU A 58 11.19 -0.37 13.11
N VAL A 59 11.89 -0.84 14.09
CA VAL A 59 11.68 -2.16 14.57
C VAL A 59 11.22 -2.12 15.97
N GLY A 60 10.12 -2.72 16.21
CA GLY A 60 9.68 -2.85 17.51
C GLY A 60 9.09 -4.18 17.75
N THR A 61 8.60 -4.37 18.90
CA THR A 61 7.98 -5.57 19.19
C THR A 61 6.56 -5.29 19.62
N GLU A 62 5.63 -5.92 18.93
CA GLU A 62 4.24 -5.80 19.20
C GLU A 62 3.88 -7.12 19.89
N ILE A 63 3.63 -7.02 21.19
CA ILE A 63 3.59 -8.15 22.11
C ILE A 63 4.91 -8.92 22.07
N GLU A 64 5.83 -8.53 22.99
CA GLU A 64 7.12 -9.21 23.06
C GLU A 64 6.96 -10.74 23.10
N GLY A 65 7.46 -11.37 22.08
CA GLY A 65 7.44 -12.79 22.01
C GLY A 65 6.52 -13.28 20.91
N GLU A 66 5.42 -12.56 20.67
CA GLU A 66 4.40 -13.01 19.72
C GLU A 66 4.41 -12.19 18.41
N GLY A 67 5.17 -11.13 18.36
CA GLY A 67 5.14 -10.33 17.16
C GLY A 67 6.34 -9.44 16.97
N LEU A 68 7.40 -9.99 16.35
CA LEU A 68 8.55 -9.19 15.99
C LEU A 68 8.17 -8.40 14.78
N GLN A 69 7.84 -7.17 15.01
CA GLN A 69 7.18 -6.36 14.04
C GLN A 69 8.15 -5.30 13.47
N THR A 70 8.19 -5.21 12.18
CA THR A 70 9.02 -4.25 11.51
C THR A 70 8.11 -3.22 10.80
N VAL A 71 8.11 -1.99 11.26
CA VAL A 71 7.20 -0.95 10.78
C VAL A 71 7.96 -0.04 9.91
N VAL A 72 7.55 0.11 8.69
CA VAL A 72 8.32 0.90 7.83
C VAL A 72 7.42 1.96 7.24
N PRO A 73 7.79 3.24 7.39
CA PRO A 73 7.02 4.36 6.85
C PRO A 73 6.98 4.35 5.33
N THR A 74 5.82 4.54 4.77
CA THR A 74 5.64 4.51 3.36
C THR A 74 4.49 5.47 2.91
N PRO A 75 4.80 6.46 2.08
CA PRO A 75 3.81 7.40 1.54
C PRO A 75 3.04 6.80 0.37
N ILE A 76 1.86 7.34 0.09
CA ILE A 76 1.01 6.94 -1.04
C ILE A 76 1.77 7.03 -2.39
N THR A 77 2.84 7.78 -2.40
CA THR A 77 3.55 8.08 -3.60
C THR A 77 4.86 7.24 -3.69
N ALA A 78 5.03 6.30 -2.77
CA ALA A 78 6.21 5.43 -2.79
C ALA A 78 5.83 4.10 -3.37
N SER A 79 6.81 3.36 -3.78
CA SER A 79 6.56 2.09 -4.36
C SER A 79 6.99 0.96 -3.49
N LEU A 80 6.12 0.01 -3.40
CA LEU A 80 6.41 -1.19 -2.81
C LEU A 80 6.34 -2.16 -3.93
N SER A 81 7.09 -3.19 -3.88
CA SER A 81 7.11 -4.17 -4.93
C SER A 81 7.44 -5.45 -4.23
N HIS A 82 7.14 -6.59 -4.81
CA HIS A 82 7.51 -7.85 -4.15
C HIS A 82 9.03 -7.99 -3.99
N ASN A 83 9.79 -7.30 -4.81
CA ASN A 83 11.24 -7.28 -4.65
C ASN A 83 11.61 -6.33 -3.50
N ARG A 84 10.87 -5.23 -3.41
CA ARG A 84 11.12 -4.19 -2.41
C ARG A 84 10.85 -4.76 -1.01
N ILE A 85 9.76 -5.53 -0.87
CA ILE A 85 9.45 -6.18 0.41
C ILE A 85 10.55 -7.15 0.80
N ARG A 86 11.10 -7.79 -0.20
CA ARG A 86 12.14 -8.76 -0.05
C ARG A 86 13.41 -8.07 0.50
N GLU A 87 13.60 -6.79 0.13
CA GLU A 87 14.72 -6.01 0.61
C GLU A 87 14.45 -5.60 2.05
N ILE A 88 13.18 -5.30 2.34
CA ILE A 88 12.75 -4.94 3.69
C ILE A 88 13.03 -6.09 4.62
N LEU A 89 12.61 -7.28 4.20
CA LEU A 89 12.90 -8.50 4.92
C LEU A 89 14.38 -8.61 5.15
N LYS A 90 15.15 -8.53 4.08
CA LYS A 90 16.63 -8.59 4.13
C LYS A 90 17.20 -7.63 5.19
N ALA A 91 16.73 -6.40 5.17
CA ALA A 91 17.12 -5.37 6.14
C ALA A 91 16.80 -5.83 7.56
N SER A 92 15.57 -6.23 7.75
CA SER A 92 15.08 -6.64 9.03
C SER A 92 15.77 -7.91 9.51
N ARG A 93 15.99 -8.84 8.60
CA ARG A 93 16.58 -10.12 8.92
C ARG A 93 18.00 -9.98 9.49
N LYS A 94 18.84 -9.16 8.87
CA LYS A 94 20.19 -8.98 9.38
C LYS A 94 20.16 -8.23 10.70
N LEU A 95 19.18 -7.36 10.83
CA LEU A 95 19.04 -6.52 12.00
C LEU A 95 18.48 -7.30 13.20
N GLN A 96 17.54 -8.20 12.95
CA GLN A 96 16.93 -8.98 14.01
C GLN A 96 17.85 -10.03 14.57
N GLY A 97 18.73 -10.57 13.75
CA GLY A 97 19.56 -11.63 14.24
C GLY A 97 19.28 -12.97 13.60
N ASP A 98 18.55 -12.96 12.51
CA ASP A 98 18.32 -14.19 11.73
C ASP A 98 18.50 -13.90 10.27
N PRO A 99 19.55 -14.47 9.65
CA PRO A 99 20.02 -14.10 8.29
C PRO A 99 18.96 -14.09 7.20
N ASP A 100 18.16 -15.13 7.15
CA ASP A 100 17.21 -15.24 6.03
C ASP A 100 15.91 -15.91 6.47
N LEU A 101 15.55 -15.73 7.72
CA LEU A 101 14.32 -16.34 8.23
C LEU A 101 13.04 -15.46 8.02
N PRO A 102 11.95 -16.10 7.52
CA PRO A 102 10.62 -15.45 7.22
C PRO A 102 9.93 -14.64 8.37
N MET A 103 9.67 -13.35 8.09
CA MET A 103 8.91 -12.45 9.00
C MET A 103 7.68 -11.81 8.23
N SER A 104 7.09 -10.84 8.87
CA SER A 104 5.98 -10.02 8.38
C SER A 104 6.26 -8.59 8.83
N PHE A 105 5.73 -7.61 8.14
CA PHE A 105 5.98 -6.24 8.48
C PHE A 105 4.80 -5.38 8.03
N THR A 106 4.53 -4.38 8.81
CA THR A 106 3.42 -3.47 8.62
C THR A 106 3.86 -2.21 7.91
N LEU A 107 3.16 -1.94 6.85
CA LEU A 107 3.35 -0.76 6.08
C LEU A 107 2.59 0.36 6.74
N ALA A 108 3.30 1.39 7.08
CA ALA A 108 2.70 2.54 7.65
C ALA A 108 2.50 3.51 6.52
N ILE A 109 1.31 3.55 6.03
CA ILE A 109 0.99 4.27 4.84
C ILE A 109 0.53 5.66 5.18
N VAL A 110 1.08 6.64 4.52
CA VAL A 110 0.64 7.98 4.78
C VAL A 110 0.06 8.60 3.57
N GLU A 111 -1.14 9.08 3.75
CA GLU A 111 -2.00 9.67 2.76
C GLU A 111 -1.42 10.96 2.13
N SER A 112 -0.29 11.43 2.68
CA SER A 112 0.45 12.63 2.25
C SER A 112 0.02 13.88 3.00
N ASP A 113 -1.25 13.97 3.34
CA ASP A 113 -1.73 15.11 4.11
C ASP A 113 -1.62 14.89 5.60
N SER A 114 -2.25 13.82 6.11
CA SER A 114 -2.35 13.63 7.57
C SER A 114 -2.81 12.20 7.95
N THR A 115 -3.35 11.46 7.01
CA THR A 115 -3.92 10.17 7.35
C THR A 115 -2.88 9.05 7.30
N ILE A 116 -2.69 8.36 8.41
CA ILE A 116 -1.80 7.22 8.50
C ILE A 116 -2.66 5.95 8.45
N VAL A 117 -2.29 5.01 7.62
CA VAL A 117 -3.05 3.78 7.43
C VAL A 117 -2.12 2.57 7.57
N TYR A 118 -2.38 1.73 8.53
CA TYR A 118 -1.59 0.52 8.71
C TYR A 118 -2.19 -0.67 7.99
N TYR A 119 -1.37 -1.35 7.22
CA TYR A 119 -1.83 -2.47 6.41
C TYR A 119 -0.84 -3.63 6.54
N LYS A 120 -1.35 -4.86 6.63
CA LYS A 120 -0.45 -5.99 6.82
C LYS A 120 0.09 -6.63 5.54
N LEU A 121 1.42 -6.81 5.53
CA LEU A 121 2.05 -7.50 4.45
C LEU A 121 2.83 -8.69 5.01
N THR A 122 2.52 -9.88 4.51
CA THR A 122 3.12 -11.06 5.01
C THR A 122 3.76 -11.81 3.86
N ASP A 123 5.01 -12.13 3.99
CA ASP A 123 5.72 -12.81 2.91
C ASP A 123 5.78 -14.31 3.14
N SER B 1 -38.04 1.55 -12.47
CA SER B 1 -36.85 0.78 -12.32
C SER B 1 -36.40 0.17 -13.65
N GLU B 2 -35.65 0.95 -14.40
CA GLU B 2 -35.09 0.50 -15.67
C GLU B 2 -33.60 0.32 -15.54
N ASP B 3 -33.12 0.66 -14.40
CA ASP B 3 -31.70 0.60 -14.10
C ASP B 3 -31.49 0.17 -12.65
N ALA B 4 -32.56 0.12 -11.93
CA ALA B 4 -32.56 -0.17 -10.51
C ALA B 4 -32.87 -1.62 -10.27
N TRP B 5 -32.76 -2.44 -11.32
CA TRP B 5 -33.00 -3.88 -11.22
C TRP B 5 -32.03 -4.45 -10.20
N MET B 6 -30.81 -3.99 -10.32
CA MET B 6 -29.71 -4.44 -9.51
C MET B 6 -29.15 -3.27 -8.69
N GLY B 7 -28.90 -2.15 -9.37
CA GLY B 7 -28.39 -0.99 -8.69
C GLY B 7 -29.18 0.24 -9.08
N THR B 8 -28.64 1.01 -10.03
CA THR B 8 -29.27 2.22 -10.57
C THR B 8 -28.30 3.01 -11.46
N HIS B 9 -27.03 2.96 -11.16
CA HIS B 9 -26.11 3.78 -11.93
C HIS B 9 -25.63 3.03 -13.16
N PRO B 10 -25.70 3.68 -14.35
CA PRO B 10 -25.30 3.09 -15.65
C PRO B 10 -23.92 2.42 -15.61
N LYS B 11 -22.97 3.10 -15.02
CA LYS B 11 -21.62 2.61 -14.96
C LYS B 11 -21.50 1.49 -13.92
N TYR B 12 -22.29 1.58 -12.85
CA TYR B 12 -22.39 0.52 -11.85
C TYR B 12 -22.96 -0.76 -12.52
N LEU B 13 -24.13 -0.63 -13.16
CA LEU B 13 -24.71 -1.74 -13.93
C LEU B 13 -23.75 -2.30 -14.98
N GLU B 14 -23.00 -1.42 -15.60
CA GLU B 14 -21.97 -1.80 -16.57
C GLU B 14 -21.00 -2.79 -15.91
N MET B 15 -20.65 -2.51 -14.68
CA MET B 15 -19.76 -3.34 -13.90
C MET B 15 -20.47 -4.62 -13.41
N MET B 16 -21.77 -4.52 -13.13
CA MET B 16 -22.53 -5.70 -12.67
C MET B 16 -22.68 -6.69 -13.80
N GLU B 17 -22.81 -6.15 -14.99
CA GLU B 17 -22.97 -6.92 -16.22
C GLU B 17 -21.66 -7.68 -16.60
N LEU B 18 -20.64 -7.55 -15.76
CA LEU B 18 -19.39 -8.29 -15.93
C LEU B 18 -19.62 -9.79 -15.72
N ASP B 19 -18.59 -10.57 -15.99
CA ASP B 19 -18.66 -12.03 -15.90
C ASP B 19 -18.54 -12.54 -14.48
N ILE B 20 -18.62 -11.70 -13.48
CA ILE B 20 -18.37 -12.18 -12.16
C ILE B 20 -19.44 -11.68 -11.28
N GLY B 21 -20.23 -12.53 -10.85
CA GLY B 21 -21.28 -12.19 -9.92
C GLY B 21 -20.76 -11.92 -8.51
N ASP B 22 -20.15 -10.74 -8.29
CA ASP B 22 -19.71 -10.40 -6.95
C ASP B 22 -20.05 -8.98 -6.59
N ALA B 23 -20.97 -8.82 -5.64
CA ALA B 23 -21.47 -7.53 -5.23
C ALA B 23 -20.42 -6.76 -4.44
N THR B 24 -19.51 -7.46 -3.79
CA THR B 24 -18.50 -6.80 -2.99
C THR B 24 -17.50 -6.12 -3.93
N GLN B 25 -17.09 -6.85 -4.97
CA GLN B 25 -16.20 -6.33 -5.96
C GLN B 25 -16.80 -5.19 -6.66
N VAL B 26 -18.01 -5.37 -7.14
CA VAL B 26 -18.70 -4.32 -7.85
C VAL B 26 -18.87 -3.06 -6.98
N TYR B 27 -19.14 -3.24 -5.70
CA TYR B 27 -19.29 -2.09 -4.80
C TYR B 27 -17.97 -1.37 -4.61
N VAL B 28 -16.93 -2.10 -4.26
CA VAL B 28 -15.64 -1.49 -3.96
C VAL B 28 -15.02 -0.94 -5.24
N ALA B 29 -15.19 -1.67 -6.33
CA ALA B 29 -14.67 -1.25 -7.60
C ALA B 29 -15.34 0.02 -8.10
N PHE B 30 -16.67 0.10 -7.99
CA PHE B 30 -17.40 1.28 -8.43
C PHE B 30 -16.92 2.52 -7.65
N LEU B 31 -16.70 2.33 -6.36
CA LEU B 31 -16.20 3.41 -5.51
C LEU B 31 -14.82 3.89 -5.94
N VAL B 32 -13.89 2.98 -6.22
CA VAL B 32 -12.54 3.40 -6.58
C VAL B 32 -12.52 3.93 -8.03
N TYR B 33 -13.34 3.30 -8.90
CA TYR B 33 -13.55 3.73 -10.29
C TYR B 33 -13.88 5.20 -10.37
N LEU B 34 -14.89 5.62 -9.62
CA LEU B 34 -15.26 7.02 -9.58
C LEU B 34 -14.22 7.84 -8.91
N ASP B 35 -13.54 7.28 -7.93
CA ASP B 35 -12.56 8.03 -7.16
C ASP B 35 -11.43 8.45 -8.08
N LEU B 36 -10.90 7.49 -8.83
CA LEU B 36 -9.86 7.75 -9.80
C LEU B 36 -10.28 8.81 -10.79
N MET B 37 -11.49 8.69 -11.29
CA MET B 37 -11.95 9.61 -12.32
C MET B 37 -12.18 11.03 -11.80
N GLU B 38 -12.61 11.18 -10.55
CA GLU B 38 -12.84 12.54 -9.99
C GLU B 38 -11.53 13.14 -9.51
N SER B 39 -10.56 12.28 -9.20
CA SER B 39 -9.38 12.73 -8.50
C SER B 39 -8.19 12.75 -9.42
N LYS B 40 -7.81 11.59 -9.95
CA LYS B 40 -6.66 11.53 -10.83
C LYS B 40 -7.06 11.91 -12.22
N SER B 41 -8.39 11.95 -12.48
CA SER B 41 -8.93 12.30 -13.78
C SER B 41 -8.20 11.59 -14.94
N TRP B 42 -8.05 10.27 -14.85
CA TRP B 42 -7.37 9.54 -15.92
C TRP B 42 -8.15 9.57 -17.20
N HIS B 43 -7.40 9.50 -18.30
CA HIS B 43 -7.96 9.43 -19.64
C HIS B 43 -9.03 8.37 -19.76
N GLU B 44 -8.78 7.21 -19.22
CA GLU B 44 -9.72 6.13 -19.40
C GLU B 44 -9.53 5.14 -18.28
N VAL B 45 -10.60 4.64 -17.74
CA VAL B 45 -10.53 3.63 -16.71
C VAL B 45 -11.58 2.59 -17.06
N ASN B 46 -11.21 1.31 -17.12
CA ASN B 46 -12.15 0.31 -17.60
C ASN B 46 -12.25 -0.78 -16.60
N CYS B 47 -13.30 -1.55 -16.70
CA CYS B 47 -13.56 -2.61 -15.77
C CYS B 47 -13.68 -3.94 -16.49
N VAL B 48 -12.89 -4.91 -16.06
CA VAL B 48 -12.86 -6.23 -16.68
C VAL B 48 -13.00 -7.29 -15.59
N GLY B 49 -13.83 -8.27 -15.81
CA GLY B 49 -13.96 -9.34 -14.88
C GLY B 49 -13.18 -10.58 -15.27
N LEU B 50 -12.37 -11.07 -14.34
CA LEU B 50 -11.60 -12.29 -14.53
C LEU B 50 -12.14 -13.37 -13.61
N PRO B 51 -13.10 -14.19 -14.08
CA PRO B 51 -13.78 -15.21 -13.27
C PRO B 51 -12.84 -16.34 -12.85
N GLU B 52 -11.77 -16.50 -13.62
CA GLU B 52 -10.72 -17.48 -13.34
C GLU B 52 -10.17 -17.29 -11.91
N LEU B 53 -10.11 -16.03 -11.50
CA LEU B 53 -9.62 -15.67 -10.18
C LEU B 53 -10.70 -15.01 -9.32
N GLN B 54 -11.93 -14.90 -9.89
CA GLN B 54 -13.12 -14.27 -9.21
C GLN B 54 -12.74 -12.80 -8.86
N LEU B 55 -11.91 -12.27 -9.71
CA LEU B 55 -11.22 -11.01 -9.54
C LEU B 55 -11.76 -9.96 -10.53
N ILE B 56 -12.22 -8.85 -10.00
CA ILE B 56 -12.64 -7.72 -10.83
C ILE B 56 -11.45 -6.82 -10.93
N CYS B 57 -11.17 -6.34 -12.09
CA CYS B 57 -9.99 -5.59 -12.32
C CYS B 57 -10.27 -4.40 -13.19
N LEU B 58 -9.65 -3.31 -12.86
CA LEU B 58 -9.75 -2.12 -13.61
C LEU B 58 -8.43 -1.79 -14.22
N VAL B 59 -8.41 -1.64 -15.48
CA VAL B 59 -7.21 -1.27 -16.17
C VAL B 59 -7.41 0.14 -16.64
N GLY B 60 -6.57 1.02 -16.18
CA GLY B 60 -6.72 2.39 -16.54
C GLY B 60 -5.74 2.82 -17.59
N THR B 61 -6.20 3.63 -18.48
CA THR B 61 -5.40 4.16 -19.46
C THR B 61 -4.88 5.49 -18.95
N GLU B 62 -3.65 5.47 -18.47
CA GLU B 62 -2.99 6.65 -18.06
C GLU B 62 -2.33 7.28 -19.25
N ILE B 63 -2.95 8.33 -19.74
CA ILE B 63 -2.59 8.96 -21.01
C ILE B 63 -2.86 8.04 -22.21
N GLU B 64 -3.82 8.45 -23.03
CA GLU B 64 -4.13 7.77 -24.30
C GLU B 64 -2.83 7.46 -25.07
N GLY B 65 -2.72 6.22 -25.51
CA GLY B 65 -1.49 5.74 -26.08
C GLY B 65 -0.80 4.80 -25.11
N GLU B 66 -0.96 5.10 -23.84
CA GLU B 66 -0.44 4.30 -22.75
C GLU B 66 -1.59 3.46 -22.17
N GLY B 67 -1.55 3.17 -20.89
CA GLY B 67 -2.52 2.28 -20.29
C GLY B 67 -1.85 1.02 -19.77
N LEU B 68 -1.06 1.20 -18.73
CA LEU B 68 -0.26 0.11 -18.12
C LEU B 68 -0.44 0.01 -16.65
N GLN B 69 -1.27 0.84 -16.07
CA GLN B 69 -1.52 0.69 -14.68
C GLN B 69 -2.80 -0.05 -14.48
N THR B 70 -2.71 -1.00 -13.66
CA THR B 70 -3.81 -1.77 -13.29
C THR B 70 -4.23 -1.29 -11.89
N VAL B 71 -5.53 -1.21 -11.64
CA VAL B 71 -6.08 -0.73 -10.36
C VAL B 71 -7.08 -1.73 -9.88
N VAL B 72 -6.81 -2.34 -8.76
CA VAL B 72 -7.66 -3.39 -8.32
C VAL B 72 -8.19 -3.06 -6.94
N PRO B 73 -9.53 -3.05 -6.78
CA PRO B 73 -10.19 -2.77 -5.50
C PRO B 73 -9.87 -3.82 -4.45
N THR B 74 -9.54 -3.39 -3.26
CA THR B 74 -9.18 -4.28 -2.19
C THR B 74 -9.57 -3.67 -0.80
N PRO B 75 -10.36 -4.40 -0.01
CA PRO B 75 -10.75 -3.96 1.35
C PRO B 75 -9.60 -4.14 2.39
N ILE B 76 -9.62 -3.33 3.46
CA ILE B 76 -8.60 -3.36 4.57
C ILE B 76 -8.64 -4.68 5.36
N THR B 77 -9.80 -5.34 5.36
CA THR B 77 -10.00 -6.56 6.15
C THR B 77 -9.19 -7.76 5.55
N ALA B 78 -8.45 -7.46 4.51
CA ALA B 78 -7.63 -8.43 3.87
C ALA B 78 -6.17 -8.23 4.31
N SER B 79 -5.30 -8.88 3.63
CA SER B 79 -3.87 -8.80 3.84
C SER B 79 -3.23 -9.07 2.49
N LEU B 80 -1.97 -8.88 2.35
CA LEU B 80 -1.36 -9.03 1.05
C LEU B 80 -0.44 -10.24 0.98
N SER B 81 -0.69 -11.09 -0.02
CA SER B 81 0.12 -12.22 -0.23
C SER B 81 0.72 -12.20 -1.64
N HIS B 82 2.00 -12.49 -1.72
CA HIS B 82 2.75 -12.46 -2.99
C HIS B 82 2.22 -13.43 -4.07
N ASN B 83 1.56 -14.50 -3.67
CA ASN B 83 0.92 -15.40 -4.64
C ASN B 83 -0.26 -14.73 -5.30
N ARG B 84 -0.98 -13.94 -4.51
CA ARG B 84 -2.19 -13.28 -4.98
C ARG B 84 -1.81 -12.21 -6.01
N ILE B 85 -0.69 -11.52 -5.77
CA ILE B 85 -0.25 -10.49 -6.71
C ILE B 85 0.16 -11.12 -8.05
N ARG B 86 0.79 -12.31 -8.01
CA ARG B 86 1.10 -13.06 -9.25
C ARG B 86 -0.16 -13.32 -10.05
N GLU B 87 -1.25 -13.65 -9.37
CA GLU B 87 -2.51 -13.90 -10.04
C GLU B 87 -3.05 -12.63 -10.66
N ILE B 88 -2.73 -11.50 -10.02
CA ILE B 88 -3.15 -10.20 -10.52
C ILE B 88 -2.36 -9.87 -11.77
N LEU B 89 -1.05 -10.05 -11.70
CA LEU B 89 -0.21 -9.89 -12.86
C LEU B 89 -0.68 -10.78 -13.99
N LYS B 90 -0.87 -12.06 -13.69
CA LYS B 90 -1.34 -13.08 -14.64
C LYS B 90 -2.63 -12.61 -15.36
N ALA B 91 -3.53 -12.05 -14.57
CA ALA B 91 -4.80 -11.52 -15.05
C ALA B 91 -4.56 -10.33 -15.98
N SER B 92 -3.71 -9.44 -15.56
CA SER B 92 -3.45 -8.22 -16.26
C SER B 92 -2.61 -8.49 -17.52
N ARG B 93 -1.64 -9.40 -17.40
CA ARG B 93 -0.74 -9.74 -18.51
C ARG B 93 -1.50 -10.31 -19.71
N LYS B 94 -2.39 -11.28 -19.46
CA LYS B 94 -3.19 -11.83 -20.56
C LYS B 94 -4.10 -10.77 -21.16
N LEU B 95 -4.61 -9.89 -20.32
CA LEU B 95 -5.53 -8.85 -20.74
C LEU B 95 -4.81 -7.72 -21.51
N GLN B 96 -3.64 -7.39 -21.05
CA GLN B 96 -2.85 -6.29 -21.58
C GLN B 96 -2.20 -6.64 -22.90
N GLY B 97 -1.80 -7.90 -23.06
CA GLY B 97 -1.03 -8.30 -24.24
C GLY B 97 0.33 -7.61 -24.33
N ASP B 98 0.72 -6.92 -23.25
CA ASP B 98 1.90 -6.05 -23.21
C ASP B 98 3.24 -6.82 -23.21
N PRO B 99 4.10 -6.54 -24.18
CA PRO B 99 5.43 -7.10 -24.23
C PRO B 99 6.53 -6.09 -23.82
N ASP B 100 7.21 -6.35 -22.68
CA ASP B 100 8.41 -5.59 -22.22
C ASP B 100 8.10 -4.34 -21.48
N LEU B 101 6.85 -4.04 -21.38
CA LEU B 101 6.40 -2.91 -20.65
C LEU B 101 6.36 -3.21 -19.16
N PRO B 102 7.09 -2.42 -18.34
CA PRO B 102 7.10 -2.62 -16.89
C PRO B 102 5.72 -2.39 -16.32
N MET B 103 5.19 -3.36 -15.63
CA MET B 103 3.89 -3.19 -15.11
C MET B 103 3.95 -2.94 -13.63
N SER B 104 2.90 -2.42 -13.14
CA SER B 104 2.72 -2.15 -11.78
C SER B 104 1.25 -2.06 -11.57
N PHE B 105 0.82 -2.16 -10.38
CA PHE B 105 -0.55 -2.07 -10.14
C PHE B 105 -0.75 -1.36 -8.84
N THR B 106 -1.84 -0.66 -8.71
CA THR B 106 -2.13 0.10 -7.52
C THR B 106 -3.30 -0.54 -6.72
N LEU B 107 -3.07 -0.81 -5.48
CA LEU B 107 -4.04 -1.37 -4.61
C LEU B 107 -4.94 -0.26 -4.15
N ALA B 108 -6.19 -0.38 -4.46
CA ALA B 108 -7.15 0.57 -4.03
C ALA B 108 -7.76 0.02 -2.78
N ILE B 109 -7.30 0.52 -1.67
CA ILE B 109 -7.62 -0.02 -0.38
C ILE B 109 -8.77 0.75 0.25
N VAL B 110 -9.79 0.04 0.73
CA VAL B 110 -10.93 0.72 1.36
C VAL B 110 -11.34 0.12 2.69
N GLU B 111 -11.86 0.98 3.58
CA GLU B 111 -12.57 0.52 4.77
C GLU B 111 -13.32 1.59 5.52
N SER B 112 -12.73 2.07 6.65
CA SER B 112 -13.33 2.94 7.67
C SER B 112 -14.62 3.64 7.29
N ASP B 113 -14.53 4.68 6.54
CA ASP B 113 -15.73 5.33 6.11
C ASP B 113 -15.67 5.51 4.63
N SER B 114 -15.58 4.36 3.93
CA SER B 114 -15.45 4.31 2.49
C SER B 114 -14.17 5.03 2.10
N THR B 115 -13.21 4.98 3.02
CA THR B 115 -11.95 5.62 2.89
C THR B 115 -11.11 4.86 1.89
N ILE B 116 -10.68 5.54 0.88
CA ILE B 116 -9.93 4.91 -0.17
C ILE B 116 -8.47 5.34 -0.09
N VAL B 117 -7.59 4.37 -0.02
CA VAL B 117 -6.17 4.59 0.14
C VAL B 117 -5.43 3.87 -0.99
N TYR B 118 -4.73 4.61 -1.80
CA TYR B 118 -3.96 4.03 -2.90
C TYR B 118 -2.55 3.76 -2.49
N TYR B 119 -2.09 2.59 -2.80
CA TYR B 119 -0.76 2.20 -2.41
C TYR B 119 -0.12 1.47 -3.59
N LYS B 120 1.16 1.72 -3.86
CA LYS B 120 1.81 1.07 -4.99
C LYS B 120 2.48 -0.25 -4.66
N LEU B 121 2.30 -1.19 -5.58
CA LEU B 121 2.93 -2.46 -5.56
C LEU B 121 3.42 -2.73 -6.97
N THR B 122 4.67 -2.94 -7.08
CA THR B 122 5.32 -3.09 -8.32
C THR B 122 5.75 -4.53 -8.63
N ASP B 123 5.57 -4.89 -9.92
CA ASP B 123 6.01 -6.14 -10.53
C ASP B 123 7.49 -6.38 -10.32
N SER A 1 15.99 24.87 25.94
CA SER A 1 16.55 24.34 24.72
C SER A 1 16.02 22.94 24.45
N GLU A 2 15.63 22.70 23.22
CA GLU A 2 15.10 21.42 22.80
C GLU A 2 15.79 21.07 21.50
N ASP A 3 15.41 21.82 20.48
CA ASP A 3 15.98 21.75 19.17
C ASP A 3 15.33 22.77 18.28
N ALA A 4 16.14 23.36 17.48
CA ALA A 4 15.77 24.35 16.50
C ALA A 4 17.00 24.62 15.70
N TRP A 5 17.93 23.65 15.73
CA TRP A 5 19.24 23.86 15.19
C TRP A 5 19.39 23.16 13.85
N MET A 6 19.38 21.84 13.86
CA MET A 6 19.53 21.06 12.64
C MET A 6 18.19 20.62 12.13
N GLY A 7 17.29 20.31 13.04
CA GLY A 7 15.96 19.94 12.68
C GLY A 7 15.01 20.98 13.18
N THR A 8 14.33 20.65 14.25
CA THR A 8 13.44 21.58 14.95
C THR A 8 12.64 20.85 16.03
N HIS A 9 12.38 19.62 15.82
CA HIS A 9 11.67 18.83 16.77
C HIS A 9 12.63 17.72 17.19
N PRO A 10 12.99 17.62 18.50
CA PRO A 10 13.99 16.65 19.04
C PRO A 10 13.88 15.24 18.44
N LYS A 11 12.67 14.71 18.38
CA LYS A 11 12.46 13.39 17.80
C LYS A 11 12.73 13.34 16.31
N TYR A 12 12.41 14.40 15.62
CA TYR A 12 12.70 14.51 14.20
C TYR A 12 14.22 14.63 14.02
N LEU A 13 14.84 15.54 14.80
CA LEU A 13 16.30 15.67 14.82
C LEU A 13 16.95 14.30 15.06
N GLU A 14 16.52 13.64 16.11
CA GLU A 14 16.99 12.32 16.50
C GLU A 14 16.85 11.30 15.36
N MET A 15 15.78 11.40 14.61
CA MET A 15 15.57 10.52 13.49
C MET A 15 16.47 10.88 12.30
N MET A 16 16.73 12.14 12.10
CA MET A 16 17.58 12.52 10.99
C MET A 16 19.07 12.29 11.29
N GLU A 17 19.41 12.21 12.58
CA GLU A 17 20.80 11.91 12.98
C GLU A 17 21.15 10.42 12.87
N LEU A 18 20.13 9.61 12.59
CA LEU A 18 20.28 8.14 12.33
C LEU A 18 21.45 7.79 11.40
N ASP A 19 21.61 6.49 11.21
CA ASP A 19 22.62 5.87 10.33
C ASP A 19 22.48 6.32 8.89
N ILE A 20 21.41 7.03 8.61
CA ILE A 20 20.94 7.46 7.32
C ILE A 20 19.74 8.32 7.65
N GLY A 21 18.86 8.41 6.75
CA GLY A 21 17.71 9.17 6.94
C GLY A 21 17.74 10.32 6.04
N ASP A 22 16.98 10.23 5.04
CA ASP A 22 16.92 11.22 4.02
C ASP A 22 15.59 11.95 4.23
N ALA A 23 15.57 13.27 4.01
CA ALA A 23 14.45 14.18 4.41
C ALA A 23 13.05 13.68 4.08
N THR A 24 12.84 13.10 2.92
CA THR A 24 11.51 12.70 2.55
C THR A 24 11.06 11.47 3.35
N GLN A 25 11.91 10.44 3.48
CA GLN A 25 11.44 9.31 4.18
C GLN A 25 11.37 9.61 5.66
N VAL A 26 12.33 10.42 6.15
CA VAL A 26 12.33 10.87 7.55
C VAL A 26 11.01 11.50 7.92
N TYR A 27 10.46 12.31 7.04
CA TYR A 27 9.18 12.92 7.28
C TYR A 27 8.08 11.86 7.41
N VAL A 28 8.13 10.85 6.55
CA VAL A 28 7.13 9.79 6.57
C VAL A 28 7.32 8.90 7.80
N ALA A 29 8.56 8.58 8.09
CA ALA A 29 8.92 7.77 9.24
C ALA A 29 8.51 8.46 10.52
N PHE A 30 8.71 9.77 10.57
CA PHE A 30 8.33 10.58 11.70
C PHE A 30 6.81 10.49 11.91
N LEU A 31 6.07 10.56 10.80
CA LEU A 31 4.62 10.47 10.84
C LEU A 31 4.17 9.18 11.50
N VAL A 32 4.72 8.03 11.08
CA VAL A 32 4.29 6.78 11.66
C VAL A 32 4.82 6.62 13.09
N TYR A 33 6.06 7.09 13.33
CA TYR A 33 6.68 7.09 14.66
C TYR A 33 5.77 7.75 15.70
N LEU A 34 5.29 8.93 15.39
CA LEU A 34 4.34 9.60 16.29
C LEU A 34 2.98 8.93 16.32
N ASP A 35 2.61 8.26 15.24
CA ASP A 35 1.33 7.55 15.20
C ASP A 35 1.40 6.39 16.18
N LEU A 36 2.44 5.56 16.06
CA LEU A 36 2.68 4.44 16.96
C LEU A 36 2.68 4.87 18.40
N MET A 37 3.33 5.96 18.68
CA MET A 37 3.40 6.46 20.04
C MET A 37 2.07 7.02 20.55
N GLU A 38 1.51 7.96 19.83
CA GLU A 38 0.41 8.77 20.35
C GLU A 38 -0.97 8.29 19.96
N SER A 39 -1.10 7.59 18.87
CA SER A 39 -2.41 7.18 18.43
C SER A 39 -2.59 5.68 18.53
N LYS A 40 -1.65 4.92 17.96
CA LYS A 40 -1.69 3.47 18.02
C LYS A 40 -1.18 2.97 19.37
N SER A 41 -0.51 3.87 20.11
CA SER A 41 0.09 3.58 21.41
C SER A 41 0.80 2.20 21.56
N TRP A 42 1.95 2.08 20.94
CA TRP A 42 2.80 0.92 21.12
C TRP A 42 3.52 0.97 22.45
N HIS A 43 3.70 -0.18 23.04
CA HIS A 43 4.47 -0.32 24.27
C HIS A 43 5.95 -0.01 24.05
N GLU A 44 6.43 -0.32 22.89
CA GLU A 44 7.84 -0.18 22.61
C GLU A 44 8.05 0.06 21.12
N VAL A 45 8.68 1.17 20.77
CA VAL A 45 8.97 1.50 19.37
C VAL A 45 10.42 1.94 19.24
N ASN A 46 11.13 1.39 18.27
CA ASN A 46 12.47 1.81 18.02
C ASN A 46 12.58 2.19 16.60
N CYS A 47 13.50 3.03 16.32
CA CYS A 47 13.71 3.55 15.03
C CYS A 47 15.10 3.13 14.58
N VAL A 48 15.16 2.36 13.50
CA VAL A 48 16.41 1.79 13.04
C VAL A 48 16.63 2.18 11.59
N GLY A 49 17.80 2.69 11.30
CA GLY A 49 18.15 3.06 9.95
C GLY A 49 19.04 2.03 9.30
N LEU A 50 18.57 1.47 8.21
CA LEU A 50 19.33 0.46 7.48
C LEU A 50 19.84 1.03 6.14
N PRO A 51 21.15 1.47 6.16
CA PRO A 51 21.82 2.23 5.05
C PRO A 51 21.79 1.63 3.65
N GLU A 52 21.92 0.33 3.51
CA GLU A 52 21.98 -0.23 2.17
C GLU A 52 20.62 -0.21 1.48
N LEU A 53 19.59 -0.47 2.24
CA LEU A 53 18.22 -0.44 1.70
C LEU A 53 17.65 0.97 1.81
N GLN A 54 18.34 1.77 2.62
CA GLN A 54 18.01 3.16 2.91
C GLN A 54 16.64 3.33 3.50
N LEU A 55 16.27 2.41 4.33
CA LEU A 55 14.97 2.47 4.94
C LEU A 55 15.14 2.78 6.38
N ILE A 56 14.14 3.33 6.98
CA ILE A 56 14.09 3.39 8.40
C ILE A 56 13.01 2.39 8.75
N CYS A 57 13.18 1.66 9.78
CA CYS A 57 12.24 0.66 10.13
C CYS A 57 12.00 0.73 11.61
N LEU A 58 10.78 0.67 11.98
CA LEU A 58 10.40 0.74 13.35
C LEU A 58 10.09 -0.61 13.86
N VAL A 59 10.91 -1.07 14.74
CA VAL A 59 10.79 -2.37 15.30
C VAL A 59 10.68 -2.20 16.78
N GLY A 60 9.65 -2.70 17.33
CA GLY A 60 9.51 -2.63 18.73
C GLY A 60 8.59 -3.67 19.21
N THR A 61 8.10 -3.50 20.36
CA THR A 61 7.25 -4.44 20.95
C THR A 61 5.91 -3.74 21.13
N GLU A 62 5.00 -3.96 20.19
CA GLU A 62 3.67 -3.34 20.24
C GLU A 62 2.99 -3.72 21.53
N ILE A 63 3.07 -4.99 21.81
CA ILE A 63 2.52 -5.57 22.98
C ILE A 63 3.66 -6.30 23.62
N GLU A 64 4.03 -5.92 24.84
CA GLU A 64 5.08 -6.67 25.52
C GLU A 64 4.66 -8.14 25.65
N GLY A 65 5.60 -9.02 25.45
CA GLY A 65 5.31 -10.43 25.37
C GLY A 65 5.55 -10.91 23.97
N GLU A 66 5.35 -10.02 23.00
CA GLU A 66 5.64 -10.30 21.61
C GLU A 66 7.00 -9.73 21.24
N GLY A 67 7.24 -9.59 19.97
CA GLY A 67 8.49 -9.08 19.46
C GLY A 67 8.72 -9.56 18.05
N LEU A 68 7.69 -9.41 17.22
CA LEU A 68 7.73 -9.90 15.83
C LEU A 68 7.13 -8.88 14.88
N GLN A 69 6.68 -7.77 15.39
CA GLN A 69 6.08 -6.75 14.55
C GLN A 69 7.05 -5.66 14.23
N THR A 70 7.13 -5.39 12.99
CA THR A 70 7.97 -4.42 12.42
C THR A 70 7.16 -3.60 11.44
N VAL A 71 7.15 -2.31 11.61
CA VAL A 71 6.42 -1.43 10.72
C VAL A 71 7.40 -0.61 9.94
N VAL A 72 7.18 -0.49 8.68
CA VAL A 72 8.06 0.27 7.87
C VAL A 72 7.27 1.38 7.16
N PRO A 73 7.67 2.63 7.37
CA PRO A 73 7.00 3.79 6.75
C PRO A 73 7.13 3.78 5.24
N THR A 74 6.05 4.07 4.57
CA THR A 74 6.03 4.09 3.15
C THR A 74 5.07 5.20 2.66
N PRO A 75 5.56 6.12 1.79
CA PRO A 75 4.71 7.18 1.23
C PRO A 75 3.68 6.60 0.29
N ILE A 76 2.55 7.26 0.17
CA ILE A 76 1.46 6.82 -0.68
C ILE A 76 1.92 6.69 -2.19
N THR A 77 2.96 7.41 -2.55
CA THR A 77 3.42 7.40 -3.93
C THR A 77 4.70 6.50 -4.06
N ALA A 78 4.87 5.57 -3.13
CA ALA A 78 5.98 4.63 -3.22
C ALA A 78 5.54 3.36 -3.88
N SER A 79 6.49 2.63 -4.36
CA SER A 79 6.22 1.41 -4.98
C SER A 79 6.69 0.22 -4.13
N LEU A 80 5.77 -0.65 -3.83
CA LEU A 80 6.06 -1.88 -3.18
C LEU A 80 6.44 -2.84 -4.26
N SER A 81 6.88 -3.98 -3.91
CA SER A 81 7.19 -5.00 -4.83
C SER A 81 7.28 -6.27 -4.06
N HIS A 82 7.09 -7.40 -4.70
CA HIS A 82 7.35 -8.66 -3.99
C HIS A 82 8.83 -8.78 -3.60
N ASN A 83 9.68 -7.98 -4.22
CA ASN A 83 11.07 -7.92 -3.82
C ASN A 83 11.19 -7.17 -2.50
N ARG A 84 10.37 -6.11 -2.34
CA ARG A 84 10.33 -5.31 -1.09
C ARG A 84 10.21 -6.16 0.13
N ILE A 85 9.34 -7.15 0.10
CA ILE A 85 9.25 -8.01 1.25
C ILE A 85 10.56 -8.78 1.51
N ARG A 86 11.11 -9.43 0.48
CA ARG A 86 12.35 -10.23 0.65
C ARG A 86 13.52 -9.40 1.17
N GLU A 87 13.60 -8.14 0.74
CA GLU A 87 14.69 -7.30 1.17
C GLU A 87 14.50 -6.86 2.63
N ILE A 88 13.26 -6.52 2.97
CA ILE A 88 12.94 -6.09 4.31
C ILE A 88 13.03 -7.26 5.29
N LEU A 89 12.59 -8.46 4.86
CA LEU A 89 12.76 -9.68 5.68
C LEU A 89 14.20 -9.84 6.07
N LYS A 90 15.10 -9.78 5.08
CA LYS A 90 16.55 -9.91 5.27
C LYS A 90 17.06 -8.92 6.33
N ALA A 91 16.58 -7.72 6.22
CA ALA A 91 16.92 -6.65 7.13
C ALA A 91 16.40 -6.96 8.55
N SER A 92 15.12 -7.18 8.67
CA SER A 92 14.47 -7.37 9.95
C SER A 92 14.94 -8.65 10.63
N ARG A 93 15.12 -9.72 9.86
CA ARG A 93 15.59 -10.99 10.41
C ARG A 93 16.98 -10.86 10.97
N LYS A 94 17.78 -9.99 10.32
CA LYS A 94 19.13 -9.75 10.74
C LYS A 94 19.11 -9.22 12.16
N LEU A 95 18.23 -8.27 12.43
CA LEU A 95 18.14 -7.80 13.79
C LEU A 95 17.31 -8.58 14.78
N GLN A 96 16.45 -9.45 14.33
CA GLN A 96 15.59 -10.13 15.29
C GLN A 96 16.02 -11.51 15.77
N GLY A 97 16.65 -12.34 14.95
CA GLY A 97 16.95 -13.68 15.50
C GLY A 97 17.44 -14.76 14.57
N ASP A 98 16.65 -15.82 14.39
CA ASP A 98 17.04 -17.10 13.70
C ASP A 98 17.38 -16.96 12.20
N PRO A 99 18.43 -17.72 11.72
CA PRO A 99 18.88 -17.75 10.32
C PRO A 99 17.77 -17.89 9.25
N ASP A 100 17.36 -16.73 8.78
CA ASP A 100 16.42 -16.48 7.66
C ASP A 100 15.23 -17.38 7.52
N LEU A 101 14.38 -17.35 8.48
CA LEU A 101 13.11 -18.01 8.33
C LEU A 101 12.11 -16.99 7.79
N PRO A 102 11.10 -17.41 6.99
CA PRO A 102 10.13 -16.50 6.38
C PRO A 102 9.47 -15.57 7.39
N MET A 103 9.82 -14.31 7.29
CA MET A 103 9.35 -13.32 8.18
C MET A 103 8.21 -12.52 7.54
N SER A 104 7.80 -11.47 8.20
CA SER A 104 6.72 -10.61 7.77
C SER A 104 6.79 -9.29 8.53
N PHE A 105 6.09 -8.29 8.04
CA PHE A 105 6.12 -6.97 8.60
C PHE A 105 4.85 -6.25 8.27
N THR A 106 4.58 -5.22 8.97
CA THR A 106 3.45 -4.43 8.73
C THR A 106 3.87 -3.17 7.98
N LEU A 107 3.35 -3.04 6.79
CA LEU A 107 3.64 -1.95 5.92
C LEU A 107 2.72 -0.78 6.34
N ALA A 108 3.24 0.41 6.28
CA ALA A 108 2.47 1.57 6.68
C ALA A 108 2.40 2.55 5.53
N ILE A 109 1.21 2.82 5.03
CA ILE A 109 1.05 3.75 3.94
C ILE A 109 0.63 5.09 4.53
N VAL A 110 1.29 6.12 4.13
CA VAL A 110 0.86 7.42 4.56
C VAL A 110 0.11 8.11 3.46
N GLU A 111 -1.15 8.31 3.71
CA GLU A 111 -2.03 9.02 2.83
C GLU A 111 -1.59 10.47 2.92
N SER A 112 -1.82 11.25 1.86
CA SER A 112 -1.26 12.60 1.65
C SER A 112 -1.03 13.40 2.95
N ASP A 113 0.19 13.21 3.51
CA ASP A 113 0.68 13.88 4.73
C ASP A 113 -0.22 13.69 5.95
N SER A 114 -1.11 12.72 5.93
CA SER A 114 -2.01 12.65 7.03
C SER A 114 -2.38 11.25 7.53
N THR A 115 -3.02 10.44 6.73
CA THR A 115 -3.56 9.21 7.28
C THR A 115 -2.52 8.08 7.25
N ILE A 116 -2.16 7.59 8.43
CA ILE A 116 -1.26 6.45 8.53
C ILE A 116 -2.11 5.20 8.47
N VAL A 117 -1.92 4.41 7.45
CA VAL A 117 -2.73 3.24 7.23
C VAL A 117 -1.85 2.00 7.32
N TYR A 118 -2.11 1.18 8.29
CA TYR A 118 -1.39 -0.06 8.46
C TYR A 118 -1.95 -1.13 7.56
N TYR A 119 -1.07 -1.87 6.94
CA TYR A 119 -1.44 -2.94 6.08
C TYR A 119 -0.35 -3.99 6.17
N LYS A 120 -0.67 -5.21 6.56
CA LYS A 120 0.34 -6.14 6.77
C LYS A 120 0.62 -6.95 5.50
N LEU A 121 1.86 -7.24 5.31
CA LEU A 121 2.31 -7.98 4.20
C LEU A 121 3.06 -9.19 4.77
N THR A 122 2.73 -10.38 4.31
CA THR A 122 3.36 -11.56 4.86
C THR A 122 3.92 -12.43 3.73
N ASP A 123 4.96 -13.17 4.03
CA ASP A 123 5.64 -13.99 3.02
C ASP A 123 4.88 -15.26 2.68
N SER B 1 -24.67 8.67 -0.18
CA SER B 1 -25.27 8.73 -1.49
C SER B 1 -26.68 8.19 -1.44
N GLU B 2 -27.40 8.29 -2.54
CA GLU B 2 -28.74 7.73 -2.63
C GLU B 2 -28.56 6.27 -2.87
N ASP B 3 -27.97 5.94 -3.99
CA ASP B 3 -27.57 4.61 -4.21
C ASP B 3 -26.17 4.54 -4.70
N ALA B 4 -25.39 3.83 -3.97
CA ALA B 4 -24.01 3.59 -4.31
C ALA B 4 -23.57 2.34 -3.58
N TRP B 5 -24.54 1.54 -3.21
CA TRP B 5 -24.26 0.38 -2.41
C TRP B 5 -25.30 -0.71 -2.57
N MET B 6 -26.57 -0.33 -2.58
CA MET B 6 -27.66 -1.28 -2.68
C MET B 6 -27.66 -1.91 -4.05
N GLY B 7 -27.59 -1.10 -5.08
CA GLY B 7 -27.50 -1.68 -6.40
C GLY B 7 -28.55 -1.25 -7.37
N THR B 8 -28.64 0.01 -7.62
CA THR B 8 -29.54 0.50 -8.64
C THR B 8 -28.88 1.63 -9.46
N HIS B 9 -27.77 2.13 -8.93
CA HIS B 9 -27.00 3.20 -9.54
C HIS B 9 -26.44 2.64 -10.85
N PRO B 10 -26.74 3.29 -12.00
CA PRO B 10 -26.35 2.81 -13.36
C PRO B 10 -24.92 2.27 -13.44
N LYS B 11 -23.96 3.01 -12.91
CA LYS B 11 -22.56 2.56 -12.93
C LYS B 11 -22.33 1.33 -12.06
N TYR B 12 -23.02 1.25 -10.94
CA TYR B 12 -22.94 0.08 -10.09
C TYR B 12 -23.56 -1.12 -10.80
N LEU B 13 -24.75 -0.89 -11.37
CA LEU B 13 -25.45 -1.90 -12.16
C LEU B 13 -24.52 -2.40 -13.29
N GLU B 14 -23.97 -1.44 -14.01
CA GLU B 14 -22.99 -1.66 -15.10
C GLU B 14 -21.87 -2.58 -14.61
N MET B 15 -21.39 -2.33 -13.41
CA MET B 15 -20.30 -3.08 -12.83
C MET B 15 -20.73 -4.48 -12.38
N MET B 16 -21.94 -4.63 -11.88
CA MET B 16 -22.37 -5.95 -11.47
C MET B 16 -22.75 -6.84 -12.68
N GLU B 17 -23.06 -6.20 -13.82
CA GLU B 17 -23.40 -6.94 -15.05
C GLU B 17 -22.15 -7.45 -15.78
N LEU B 18 -20.99 -7.08 -15.24
CA LEU B 18 -19.67 -7.57 -15.73
C LEU B 18 -19.60 -9.10 -15.93
N ASP B 19 -18.45 -9.52 -16.40
CA ASP B 19 -18.10 -10.93 -16.66
C ASP B 19 -18.17 -11.76 -15.37
N ILE B 20 -18.34 -11.08 -14.25
CA ILE B 20 -18.29 -11.58 -12.90
C ILE B 20 -18.67 -10.38 -12.06
N GLY B 21 -18.21 -10.35 -10.87
CA GLY B 21 -18.54 -9.30 -10.01
C GLY B 21 -19.41 -9.79 -8.94
N ASP B 22 -18.85 -9.90 -7.81
CA ASP B 22 -19.55 -10.39 -6.68
C ASP B 22 -19.76 -9.18 -5.75
N ALA B 23 -20.88 -9.15 -5.03
CA ALA B 23 -21.37 -7.95 -4.29
C ALA B 23 -20.33 -7.17 -3.43
N THR B 24 -19.51 -7.87 -2.67
CA THR B 24 -18.58 -7.19 -1.77
C THR B 24 -17.47 -6.51 -2.59
N GLN B 25 -16.91 -7.27 -3.52
CA GLN B 25 -15.87 -6.84 -4.40
C GLN B 25 -16.40 -5.65 -5.22
N VAL B 26 -17.59 -5.84 -5.81
CA VAL B 26 -18.26 -4.79 -6.60
C VAL B 26 -18.37 -3.48 -5.85
N TYR B 27 -18.71 -3.55 -4.57
CA TYR B 27 -18.81 -2.37 -3.76
C TYR B 27 -17.46 -1.66 -3.63
N VAL B 28 -16.41 -2.43 -3.44
CA VAL B 28 -15.07 -1.87 -3.30
C VAL B 28 -14.60 -1.32 -4.64
N ALA B 29 -14.86 -2.08 -5.68
CA ALA B 29 -14.50 -1.68 -7.02
C ALA B 29 -15.21 -0.41 -7.42
N PHE B 30 -16.47 -0.29 -7.03
CA PHE B 30 -17.26 0.89 -7.28
C PHE B 30 -16.65 2.09 -6.57
N LEU B 31 -16.22 1.88 -5.33
CA LEU B 31 -15.58 2.93 -4.55
C LEU B 31 -14.39 3.52 -5.26
N VAL B 32 -13.48 2.66 -5.74
CA VAL B 32 -12.28 3.17 -6.41
C VAL B 32 -12.64 3.73 -7.80
N TYR B 33 -13.58 3.09 -8.48
CA TYR B 33 -14.09 3.54 -9.79
C TYR B 33 -14.53 5.01 -9.74
N LEU B 34 -15.35 5.37 -8.77
CA LEU B 34 -15.77 6.77 -8.63
C LEU B 34 -14.66 7.64 -8.12
N ASP B 35 -13.73 7.05 -7.38
CA ASP B 35 -12.62 7.82 -6.84
C ASP B 35 -11.73 8.27 -8.00
N LEU B 36 -11.35 7.33 -8.87
CA LEU B 36 -10.57 7.62 -10.08
C LEU B 36 -11.25 8.68 -10.95
N MET B 37 -12.54 8.58 -11.07
CA MET B 37 -13.29 9.49 -11.89
C MET B 37 -13.43 10.87 -11.27
N GLU B 38 -13.88 10.93 -10.04
CA GLU B 38 -14.30 12.19 -9.44
C GLU B 38 -13.26 12.82 -8.54
N SER B 39 -12.31 12.06 -8.05
CA SER B 39 -11.32 12.60 -7.14
C SER B 39 -9.98 12.67 -7.85
N LYS B 40 -9.50 11.52 -8.29
CA LYS B 40 -8.24 11.40 -9.01
C LYS B 40 -8.38 12.02 -10.42
N SER B 41 -9.64 12.18 -10.88
CA SER B 41 -10.01 12.69 -12.21
C SER B 41 -9.08 12.27 -13.38
N TRP B 42 -9.37 11.15 -14.03
CA TRP B 42 -8.59 10.75 -15.19
C TRP B 42 -9.39 10.75 -16.49
N HIS B 43 -8.65 10.68 -17.58
CA HIS B 43 -9.20 10.67 -18.94
C HIS B 43 -9.92 9.37 -19.29
N GLU B 44 -9.37 8.27 -18.85
CA GLU B 44 -9.88 6.98 -19.25
C GLU B 44 -9.71 5.97 -18.12
N VAL B 45 -10.80 5.42 -17.70
CA VAL B 45 -10.82 4.38 -16.69
C VAL B 45 -11.79 3.30 -17.16
N ASN B 46 -11.37 2.04 -17.17
CA ASN B 46 -12.22 0.96 -17.62
C ASN B 46 -12.29 -0.05 -16.53
N CYS B 47 -13.33 -0.81 -16.51
CA CYS B 47 -13.50 -1.78 -15.49
C CYS B 47 -13.57 -3.15 -16.14
N VAL B 48 -12.64 -3.98 -15.84
CA VAL B 48 -12.55 -5.28 -16.47
C VAL B 48 -12.70 -6.37 -15.44
N GLY B 49 -13.58 -7.30 -15.68
CA GLY B 49 -13.76 -8.39 -14.77
C GLY B 49 -13.02 -9.60 -15.27
N LEU B 50 -12.16 -10.15 -14.44
CA LEU B 50 -11.38 -11.29 -14.83
C LEU B 50 -11.73 -12.53 -14.06
N PRO B 51 -12.49 -13.44 -14.71
CA PRO B 51 -12.99 -14.69 -14.12
C PRO B 51 -11.92 -15.54 -13.41
N GLU B 52 -10.78 -15.75 -14.08
CA GLU B 52 -9.68 -16.61 -13.56
C GLU B 52 -9.20 -16.22 -12.14
N LEU B 53 -9.31 -14.96 -11.83
CA LEU B 53 -8.88 -14.46 -10.52
C LEU B 53 -10.07 -13.94 -9.72
N GLN B 54 -11.22 -13.93 -10.38
CA GLN B 54 -12.45 -13.32 -9.89
C GLN B 54 -12.25 -11.93 -9.33
N LEU B 55 -11.60 -11.11 -10.11
CA LEU B 55 -11.36 -9.75 -9.75
C LEU B 55 -11.68 -8.78 -10.82
N ILE B 56 -11.94 -7.60 -10.38
CA ILE B 56 -12.24 -6.52 -11.23
C ILE B 56 -11.02 -5.64 -11.19
N CYS B 57 -10.61 -5.19 -12.30
CA CYS B 57 -9.43 -4.41 -12.40
C CYS B 57 -9.71 -3.23 -13.26
N LEU B 58 -9.21 -2.11 -12.88
CA LEU B 58 -9.44 -0.90 -13.60
C LEU B 58 -8.23 -0.50 -14.34
N VAL B 59 -8.31 -0.63 -15.63
CA VAL B 59 -7.23 -0.33 -16.50
C VAL B 59 -7.67 0.77 -17.40
N GLY B 60 -6.92 1.80 -17.45
CA GLY B 60 -7.27 2.88 -18.30
C GLY B 60 -6.10 3.69 -18.69
N THR B 61 -6.39 4.83 -19.24
CA THR B 61 -5.41 5.72 -19.69
C THR B 61 -5.55 7.00 -18.86
N GLU B 62 -4.58 7.26 -17.99
CA GLU B 62 -4.62 8.44 -17.10
C GLU B 62 -4.72 9.70 -17.94
N ILE B 63 -3.88 9.77 -18.92
CA ILE B 63 -3.80 10.85 -19.86
C ILE B 63 -3.60 10.20 -21.19
N GLU B 64 -4.43 10.52 -22.16
CA GLU B 64 -4.32 9.88 -23.47
C GLU B 64 -2.93 10.04 -24.06
N GLY B 65 -2.45 8.96 -24.63
CA GLY B 65 -1.10 8.92 -25.14
C GLY B 65 -0.12 8.34 -24.14
N GLU B 66 -0.22 8.76 -22.89
CA GLU B 66 0.71 8.33 -21.83
C GLU B 66 0.09 7.18 -21.02
N GLY B 67 -0.93 6.53 -21.58
CA GLY B 67 -1.71 5.49 -20.91
C GLY B 67 -0.97 4.42 -20.18
N LEU B 68 -1.00 4.53 -18.87
CA LEU B 68 -0.52 3.53 -17.97
C LEU B 68 -1.27 3.61 -16.67
N GLN B 69 -2.16 2.66 -16.45
CA GLN B 69 -2.86 2.60 -15.19
C GLN B 69 -3.56 1.28 -15.01
N THR B 70 -3.15 0.54 -14.03
CA THR B 70 -3.88 -0.61 -13.59
C THR B 70 -4.04 -0.54 -12.08
N VAL B 71 -5.22 -0.25 -11.66
CA VAL B 71 -5.53 -0.20 -10.26
C VAL B 71 -6.48 -1.32 -9.95
N VAL B 72 -6.24 -2.01 -8.89
CA VAL B 72 -7.09 -3.09 -8.52
C VAL B 72 -7.63 -2.87 -7.12
N PRO B 73 -8.96 -2.82 -6.98
CA PRO B 73 -9.63 -2.60 -5.70
C PRO B 73 -9.35 -3.74 -4.71
N THR B 74 -9.09 -3.37 -3.48
CA THR B 74 -8.78 -4.31 -2.44
C THR B 74 -9.31 -3.78 -1.09
N PRO B 75 -10.10 -4.59 -0.36
CA PRO B 75 -10.62 -4.21 0.98
C PRO B 75 -9.47 -4.13 1.99
N ILE B 76 -9.56 -3.23 2.99
CA ILE B 76 -8.50 -3.06 4.00
C ILE B 76 -8.48 -4.29 4.94
N THR B 77 -9.57 -5.03 4.97
CA THR B 77 -9.72 -6.19 5.82
C THR B 77 -9.05 -7.44 5.13
N ALA B 78 -8.04 -7.18 4.34
CA ALA B 78 -7.27 -8.21 3.66
C ALA B 78 -5.79 -8.09 4.04
N SER B 79 -5.00 -9.01 3.55
CA SER B 79 -3.55 -9.02 3.77
C SER B 79 -2.88 -9.37 2.46
N LEU B 80 -1.66 -8.93 2.25
CA LEU B 80 -1.04 -9.06 0.94
C LEU B 80 -0.07 -10.25 0.83
N SER B 81 -0.07 -10.87 -0.38
CA SER B 81 0.80 -11.97 -0.66
C SER B 81 1.54 -11.70 -1.98
N HIS B 82 2.80 -12.07 -2.04
CA HIS B 82 3.58 -11.97 -3.29
C HIS B 82 2.97 -12.73 -4.48
N ASN B 83 2.16 -13.73 -4.21
CA ASN B 83 1.46 -14.44 -5.29
C ASN B 83 0.49 -13.49 -5.99
N ARG B 84 -0.15 -12.60 -5.19
CA ARG B 84 -1.10 -11.61 -5.71
C ARG B 84 -0.56 -10.82 -6.87
N ILE B 85 0.64 -10.30 -6.77
CA ILE B 85 1.17 -9.58 -7.88
C ILE B 85 1.32 -10.45 -9.12
N ARG B 86 1.94 -11.59 -8.92
CA ARG B 86 2.25 -12.53 -9.96
C ARG B 86 0.99 -12.94 -10.77
N GLU B 87 -0.10 -13.21 -10.06
CA GLU B 87 -1.37 -13.58 -10.69
C GLU B 87 -1.98 -12.37 -11.44
N ILE B 88 -1.85 -11.17 -10.88
CA ILE B 88 -2.44 -9.99 -11.46
C ILE B 88 -1.63 -9.53 -12.68
N LEU B 89 -0.29 -9.67 -12.60
CA LEU B 89 0.58 -9.43 -13.76
C LEU B 89 0.10 -10.23 -14.94
N LYS B 90 -0.06 -11.55 -14.73
CA LYS B 90 -0.54 -12.47 -15.76
C LYS B 90 -1.85 -11.98 -16.39
N ALA B 91 -2.69 -11.49 -15.54
CA ALA B 91 -3.99 -10.96 -15.93
C ALA B 91 -3.82 -9.68 -16.77
N SER B 92 -3.13 -8.71 -16.23
CA SER B 92 -3.02 -7.42 -16.84
C SER B 92 -2.19 -7.46 -18.12
N ARG B 93 -1.12 -8.27 -18.13
CA ARG B 93 -0.28 -8.41 -19.31
C ARG B 93 -1.10 -8.99 -20.45
N LYS B 94 -1.99 -9.93 -20.09
CA LYS B 94 -2.88 -10.58 -21.03
C LYS B 94 -3.78 -9.55 -21.74
N LEU B 95 -4.16 -8.50 -21.03
CA LEU B 95 -4.96 -7.41 -21.66
C LEU B 95 -4.07 -6.41 -22.43
N GLN B 96 -2.90 -6.09 -21.88
CA GLN B 96 -2.16 -4.94 -22.40
C GLN B 96 -1.16 -5.19 -23.50
N GLY B 97 -0.47 -6.32 -23.50
CA GLY B 97 0.63 -6.47 -24.46
C GLY B 97 1.62 -5.35 -24.25
N ASP B 98 2.44 -5.43 -23.21
CA ASP B 98 3.25 -4.26 -22.73
C ASP B 98 4.25 -3.75 -23.75
N PRO B 99 4.34 -2.42 -23.92
CA PRO B 99 5.35 -1.78 -24.79
C PRO B 99 6.77 -1.82 -24.15
N ASP B 100 7.18 -3.05 -23.85
CA ASP B 100 8.50 -3.41 -23.26
C ASP B 100 8.87 -2.56 -22.04
N LEU B 101 8.10 -2.67 -20.98
CA LEU B 101 8.43 -1.95 -19.77
C LEU B 101 8.04 -2.77 -18.57
N PRO B 102 8.68 -2.54 -17.41
CA PRO B 102 8.18 -3.09 -16.18
C PRO B 102 6.98 -2.26 -15.84
N MET B 103 5.83 -2.83 -15.95
CA MET B 103 4.66 -2.04 -15.85
C MET B 103 4.05 -2.13 -14.46
N SER B 104 3.30 -3.20 -14.18
CA SER B 104 2.88 -3.56 -12.79
C SER B 104 1.59 -2.86 -12.42
N PHE B 105 1.26 -2.72 -11.16
CA PHE B 105 -0.05 -2.22 -10.86
C PHE B 105 -0.06 -1.43 -9.61
N THR B 106 -1.09 -0.68 -9.46
CA THR B 106 -1.27 0.09 -8.31
C THR B 106 -2.39 -0.55 -7.50
N LEU B 107 -2.07 -0.98 -6.33
CA LEU B 107 -3.01 -1.62 -5.44
C LEU B 107 -3.80 -0.52 -4.75
N ALA B 108 -5.06 -0.75 -4.51
CA ALA B 108 -5.90 0.24 -3.88
C ALA B 108 -6.53 -0.33 -2.64
N ILE B 109 -6.26 0.28 -1.50
CA ILE B 109 -6.81 -0.20 -0.26
C ILE B 109 -7.98 0.68 0.12
N VAL B 110 -9.10 0.07 0.43
CA VAL B 110 -10.24 0.84 0.87
C VAL B 110 -10.43 0.74 2.36
N GLU B 111 -10.36 1.87 2.98
CA GLU B 111 -10.49 2.02 4.40
C GLU B 111 -12.01 2.01 4.70
N SER B 112 -12.37 1.67 5.93
CA SER B 112 -13.76 1.49 6.34
C SER B 112 -14.63 2.74 6.09
N ASP B 113 -14.06 3.92 6.29
CA ASP B 113 -14.78 5.18 6.05
C ASP B 113 -14.73 5.61 4.59
N SER B 114 -14.48 4.65 3.70
CA SER B 114 -14.51 4.85 2.24
C SER B 114 -13.32 5.67 1.76
N THR B 115 -12.23 5.61 2.48
CA THR B 115 -11.04 6.27 2.05
C THR B 115 -10.29 5.33 1.08
N ILE B 116 -10.01 5.82 -0.09
CA ILE B 116 -9.30 5.04 -1.09
C ILE B 116 -7.84 5.40 -1.03
N VAL B 117 -7.00 4.44 -0.73
CA VAL B 117 -5.60 4.66 -0.57
C VAL B 117 -4.85 3.86 -1.62
N TYR B 118 -4.24 4.55 -2.53
CA TYR B 118 -3.44 3.91 -3.55
C TYR B 118 -2.12 3.51 -2.97
N TYR B 119 -1.56 2.47 -3.49
CA TYR B 119 -0.27 2.03 -3.09
C TYR B 119 0.25 1.12 -4.18
N LYS B 120 1.32 1.48 -4.83
CA LYS B 120 1.75 0.72 -5.92
C LYS B 120 2.55 -0.48 -5.50
N LEU B 121 2.48 -1.52 -6.28
CA LEU B 121 3.21 -2.72 -6.06
C LEU B 121 3.80 -3.12 -7.44
N THR B 122 5.11 -3.27 -7.52
CA THR B 122 5.79 -3.56 -8.74
C THR B 122 6.51 -4.93 -8.65
N ASP B 123 6.85 -5.53 -9.78
CA ASP B 123 7.53 -6.83 -9.78
C ASP B 123 9.00 -6.71 -9.40
#